data_1K5D
#
_entry.id   1K5D
#
_cell.length_a   101.551
_cell.length_b   103.109
_cell.length_c   120.177
_cell.angle_alpha   71.59
_cell.angle_beta   80.55
_cell.angle_gamma   67.78
#
_symmetry.space_group_name_H-M   'P 1'
#
loop_
_entity.id
_entity.type
_entity.pdbx_description
1 polymer 'GTP-binding nuclear protein RAN'
2 polymer 'Ran-specific GTPase-activating protein'
3 polymer 'Ran GTPase activating protein 1'
4 non-polymer 'MAGNESIUM ION'
5 non-polymer 'PHOSPHOAMINOPHOSPHONIC ACID-GUANYLATE ESTER'
6 water water
#
loop_
_entity_poly.entity_id
_entity_poly.type
_entity_poly.pdbx_seq_one_letter_code
_entity_poly.pdbx_strand_id
1 'polypeptide(L)'
;MAAQGEPQVQFKLVLVGDGGTGKTTFVKRHLTGEFEKKYVATLGVEVHPLVFHTNRGPIKFNVWDTAGQEKFGGLRDGYY
IQAQCAIIMFDVTSRVTYKNVPNWHRDLVRVCENIPIVLCGNKVDIKDRKVKAKSIVFHRKKNLQYYDISAKSNYNFEKP
FLWLARKLIGDPNLEFVAMPALAPPEVVMDPALAAQYEHDLEVAQTTALPDEDDDL
;
A,D,G,J
2 'polypeptide(L)'
;MAAAKDTHEDHDTSTENTDESNHDPQFEPIVSLPEQEIKTLEEDEEELFKMRAKLFRFASENDLPEWKERGTGDVKLLKH
KEKGAIRLLMRRDKTLKICANHYITPMMELKPNAGSDRAWVWNTHADFADECPKPELLAIRFLNAENAQKFKTKFEECRK
EIEEREKKAGSGKNDHAEKVAEKLEALSVKEETKEDAEEKQ
;
B,E,H,K
3 'polypeptide(L)'
;MARFSIEGKSLKLDAITTEDEKSVFAVLLEDDSVKEIVLSGNTIGTEAARWLSENIASKKDLEIAEFSDIFTGRVKDEIP
EALRLLLQALLKCPKLHTVRLSDNAFGPTAQEPLIDFLSKHTPLEHLYLHNNGLGPQAGAKIARALQELAVNKKAKNAPP
LRSIICGRNRLENGSMKEWAKTFQSHRLLHTVKMVQNGIRPEGIEHLLLEGLAYCQELKVLDLQDNTFTHLGSSALAIAL
KSWPNLRELGLNDCLLSARGAAAVVDAFSKLENIGLQTLRLQYNEIELDAVRTLKTVIDEKMPDLLFLELNGNRFSEEDD
VVDEIREVFSTRGRGELDELDDMEELTDEEEEDEEEEAESQSPEPETSEEEKEDKELADELSKAHI
;
C,F,I,L
#
# COMPACT_ATOMS: atom_id res chain seq x y z
N GLN A 8 37.99 75.06 25.54
CA GLN A 8 38.16 73.66 25.07
C GLN A 8 37.42 72.68 25.97
N VAL A 9 36.22 72.28 25.55
CA VAL A 9 35.37 71.36 26.29
C VAL A 9 35.86 69.91 26.14
N GLN A 10 35.66 69.11 27.19
CA GLN A 10 36.04 67.67 27.20
C GLN A 10 34.96 66.76 27.78
N PHE A 11 34.79 65.59 27.17
CA PHE A 11 33.78 64.64 27.61
C PHE A 11 34.34 63.23 27.74
N LYS A 12 34.17 62.61 28.92
CA LYS A 12 34.66 61.25 29.11
C LYS A 12 33.62 60.29 28.58
N LEU A 13 33.96 59.56 27.53
CA LEU A 13 33.02 58.59 26.97
C LEU A 13 33.54 57.17 27.16
N VAL A 14 32.68 56.30 27.69
CA VAL A 14 33.06 54.92 27.94
C VAL A 14 32.61 54.06 26.76
N LEU A 15 33.55 53.33 26.16
CA LEU A 15 33.22 52.44 25.04
C LEU A 15 33.22 51.03 25.62
N VAL A 16 32.06 50.38 25.52
CA VAL A 16 31.83 49.06 26.11
C VAL A 16 31.17 48.05 25.18
N GLY A 17 31.33 46.76 25.49
CA GLY A 17 30.72 45.71 24.66
C GLY A 17 31.51 44.40 24.62
N ASP A 18 30.93 43.35 24.05
CA ASP A 18 31.62 42.06 23.98
C ASP A 18 32.87 42.06 23.10
N GLY A 19 33.74 41.07 23.34
CA GLY A 19 34.98 40.95 22.59
C GLY A 19 34.75 40.64 21.12
N GLY A 20 35.55 41.27 20.27
CA GLY A 20 35.44 41.04 18.83
C GLY A 20 34.31 41.80 18.14
N THR A 21 33.67 42.71 18.85
CA THR A 21 32.58 43.42 18.24
C THR A 21 33.00 44.59 17.36
N GLY A 22 34.19 45.14 17.60
CA GLY A 22 34.63 46.26 16.78
C GLY A 22 34.88 47.56 17.53
N LYS A 23 34.87 47.52 18.85
CA LYS A 23 35.12 48.72 19.63
C LYS A 23 36.44 49.41 19.22
N THR A 24 37.53 48.66 19.20
CA THR A 24 38.85 49.22 18.87
C THR A 24 38.99 49.63 17.40
N THR A 25 38.46 48.80 16.52
CA THR A 25 38.53 49.08 15.11
C THR A 25 37.79 50.37 14.83
N PHE A 26 36.74 50.61 15.61
CA PHE A 26 35.92 51.80 15.46
C PHE A 26 36.71 53.04 15.83
N VAL A 27 37.33 53.02 17.01
CA VAL A 27 38.12 54.14 17.45
C VAL A 27 39.28 54.41 16.49
N LYS A 28 39.93 53.33 16.04
CA LYS A 28 41.07 53.44 15.14
C LYS A 28 40.75 54.24 13.87
N ARG A 29 39.61 53.93 13.26
CA ARG A 29 39.17 54.62 12.07
C ARG A 29 39.00 56.12 12.30
N HIS A 30 38.45 56.48 13.45
CA HIS A 30 38.22 57.88 13.76
C HIS A 30 39.48 58.68 14.04
N LEU A 31 40.53 58.04 14.52
CA LEU A 31 41.71 58.83 14.77
C LEU A 31 42.85 58.57 13.78
N THR A 32 42.55 57.87 12.69
CA THR A 32 43.57 57.57 11.72
C THR A 32 43.02 57.49 10.32
N GLY A 33 41.89 56.84 10.17
CA GLY A 33 41.29 56.70 8.85
C GLY A 33 41.50 55.29 8.35
N GLU A 34 42.38 54.56 9.02
CA GLU A 34 42.67 53.18 8.62
C GLU A 34 41.59 52.23 9.10
N PHE A 35 41.61 51.03 8.54
CA PHE A 35 40.65 50.00 8.93
C PHE A 35 41.46 48.80 9.34
N GLU A 36 41.70 48.65 10.64
CA GLU A 36 42.46 47.50 11.14
C GLU A 36 41.69 46.18 10.99
N LYS A 37 42.28 45.25 10.24
CA LYS A 37 41.65 43.95 10.03
C LYS A 37 42.15 42.80 10.91
N LYS A 38 43.12 43.09 11.76
CA LYS A 38 43.66 42.07 12.65
C LYS A 38 43.04 42.24 14.03
N TYR A 39 42.47 41.18 14.58
CA TYR A 39 41.90 41.28 15.91
C TYR A 39 43.00 41.13 16.95
N VAL A 40 43.24 42.19 17.71
CA VAL A 40 44.26 42.17 18.75
C VAL A 40 43.61 42.67 20.03
N ALA A 41 43.14 41.75 20.85
CA ALA A 41 42.44 42.07 22.09
C ALA A 41 43.09 43.20 22.90
N THR A 42 42.23 43.98 23.54
CA THR A 42 42.62 45.13 24.37
C THR A 42 42.69 44.68 25.82
N LEU A 43 43.77 45.01 26.51
CA LEU A 43 43.93 44.60 27.90
C LEU A 43 43.60 45.75 28.84
N GLY A 44 42.58 45.58 29.66
CA GLY A 44 42.19 46.62 30.59
C GLY A 44 41.43 47.72 29.87
N VAL A 45 42.09 48.86 29.70
CA VAL A 45 41.49 49.99 29.02
C VAL A 45 42.55 50.87 28.38
N GLU A 46 42.22 51.46 27.24
CA GLU A 46 43.13 52.36 26.53
C GLU A 46 42.37 53.63 26.20
N VAL A 47 42.84 54.75 26.77
CA VAL A 47 42.22 56.05 26.55
C VAL A 47 42.73 56.72 25.27
N HIS A 48 41.82 57.06 24.36
CA HIS A 48 42.17 57.72 23.08
C HIS A 48 41.37 59.01 22.89
N PRO A 49 42.06 60.13 22.70
CA PRO A 49 41.41 61.43 22.50
C PRO A 49 41.00 61.70 21.05
N LEU A 50 39.77 62.14 20.84
CA LEU A 50 39.25 62.48 19.51
C LEU A 50 38.60 63.87 19.57
N VAL A 51 39.01 64.79 18.70
CA VAL A 51 38.37 66.10 18.70
C VAL A 51 37.60 66.29 17.40
N PHE A 52 36.55 67.11 17.50
CA PHE A 52 35.68 67.43 16.37
C PHE A 52 35.39 68.91 16.40
N HIS A 53 35.26 69.52 15.23
CA HIS A 53 34.95 70.93 15.17
C HIS A 53 33.48 71.09 14.85
N THR A 54 32.79 71.89 15.66
CA THR A 54 31.37 72.14 15.49
C THR A 54 31.08 73.64 15.36
N ASN A 55 29.85 73.96 15.00
CA ASN A 55 29.44 75.33 14.85
C ASN A 55 29.51 76.07 16.19
N ARG A 56 29.76 75.34 17.27
CA ARG A 56 29.87 75.95 18.59
C ARG A 56 31.28 75.78 19.16
N GLY A 57 32.23 75.49 18.27
CA GLY A 57 33.59 75.31 18.70
C GLY A 57 34.09 73.88 18.69
N PRO A 58 35.38 73.67 18.98
CA PRO A 58 35.95 72.33 19.00
C PRO A 58 35.67 71.63 20.33
N ILE A 59 35.31 70.35 20.26
CA ILE A 59 35.05 69.59 21.47
C ILE A 59 35.88 68.32 21.41
N LYS A 60 36.33 67.85 22.58
CA LYS A 60 37.13 66.64 22.63
C LYS A 60 36.49 65.49 23.42
N PHE A 61 36.45 64.31 22.82
CA PHE A 61 35.93 63.12 23.48
C PHE A 61 37.12 62.26 23.91
N ASN A 62 37.27 62.04 25.22
CA ASN A 62 38.34 61.16 25.68
C ASN A 62 37.70 59.77 25.74
N VAL A 63 37.85 59.00 24.68
CA VAL A 63 37.26 57.67 24.62
C VAL A 63 37.99 56.63 25.44
N TRP A 64 37.27 55.91 26.30
CA TRP A 64 37.85 54.85 27.11
C TRP A 64 37.47 53.50 26.51
N ASP A 65 38.31 53.00 25.62
CA ASP A 65 38.08 51.72 24.98
C ASP A 65 38.38 50.65 26.02
N THR A 66 37.35 49.91 26.44
CA THR A 66 37.54 48.88 27.48
C THR A 66 37.61 47.48 26.89
N ALA A 67 38.02 46.53 27.73
CA ALA A 67 38.16 45.15 27.31
C ALA A 67 36.86 44.36 27.49
N GLY A 68 36.51 43.58 26.47
CA GLY A 68 35.28 42.82 26.54
C GLY A 68 35.33 41.46 27.20
N GLN A 69 36.48 41.08 27.76
CA GLN A 69 36.59 39.79 28.42
C GLN A 69 36.36 39.90 29.92
N GLU A 70 36.56 41.10 30.47
CA GLU A 70 36.36 41.34 31.89
C GLU A 70 34.88 41.20 32.28
N LYS A 71 34.60 40.42 33.32
CA LYS A 71 33.23 40.23 33.78
C LYS A 71 32.64 41.53 34.30
N PHE A 72 31.32 41.67 34.20
CA PHE A 72 30.64 42.87 34.66
C PHE A 72 30.85 42.87 36.17
N GLY A 73 31.06 44.03 36.77
CA GLY A 73 31.28 44.04 38.22
C GLY A 73 31.88 45.31 38.80
N GLY A 74 32.03 45.33 40.12
CA GLY A 74 32.57 46.49 40.79
C GLY A 74 34.04 46.71 40.50
N LEU A 75 34.69 45.66 40.02
CA LEU A 75 36.10 45.76 39.69
C LEU A 75 36.31 46.71 38.51
N ARG A 76 35.30 46.89 37.66
CA ARG A 76 35.49 47.81 36.58
C ARG A 76 34.71 49.12 36.75
N ASP A 77 34.73 49.65 37.96
CA ASP A 77 34.04 50.90 38.25
C ASP A 77 34.85 52.11 37.84
N GLY A 78 36.18 51.99 37.93
CA GLY A 78 37.05 53.08 37.57
C GLY A 78 36.80 53.58 36.16
N TYR A 79 36.45 52.69 35.24
CA TYR A 79 36.19 53.09 33.87
C TYR A 79 34.92 53.96 33.83
N TYR A 80 33.92 53.55 34.60
CA TYR A 80 32.65 54.26 34.61
C TYR A 80 32.62 55.55 35.41
N ILE A 81 33.22 55.54 36.60
CA ILE A 81 33.22 56.72 37.46
C ILE A 81 33.43 58.03 36.66
N GLN A 82 32.58 59.02 36.92
CA GLN A 82 32.61 60.33 36.26
C GLN A 82 32.50 60.34 34.74
N ALA A 83 31.93 59.29 34.16
CA ALA A 83 31.75 59.26 32.70
C ALA A 83 30.65 60.27 32.40
N GLN A 84 30.51 60.66 31.12
CA GLN A 84 29.49 61.62 30.78
C GLN A 84 28.65 61.19 29.60
N CYS A 85 29.02 60.07 29.03
CA CYS A 85 28.30 59.50 27.91
C CYS A 85 28.92 58.12 27.69
N ALA A 86 28.34 57.32 26.80
CA ALA A 86 28.87 55.98 26.57
C ALA A 86 28.36 55.39 25.27
N ILE A 87 29.04 54.36 24.80
CA ILE A 87 28.63 53.64 23.60
C ILE A 87 28.69 52.16 23.92
N ILE A 88 27.60 51.45 23.66
CA ILE A 88 27.55 50.01 23.91
C ILE A 88 27.56 49.38 22.54
N MET A 89 28.52 48.49 22.28
CA MET A 89 28.59 47.89 20.97
C MET A 89 28.31 46.38 20.92
N PHE A 90 27.76 45.92 19.81
CA PHE A 90 27.49 44.50 19.60
C PHE A 90 27.61 44.20 18.12
N ASP A 91 27.76 42.93 17.79
CA ASP A 91 27.94 42.48 16.42
C ASP A 91 26.68 41.86 15.87
N VAL A 92 26.16 42.50 14.84
CA VAL A 92 24.94 42.08 14.17
C VAL A 92 24.97 40.64 13.64
N THR A 93 26.16 40.05 13.59
CA THR A 93 26.28 38.67 13.10
C THR A 93 26.41 37.66 14.24
N SER A 94 26.27 38.15 15.48
CA SER A 94 26.36 37.29 16.64
C SER A 94 25.21 37.55 17.65
N ARG A 95 24.25 36.64 17.72
CA ARG A 95 23.14 36.82 18.64
C ARG A 95 23.61 36.88 20.09
N VAL A 96 24.62 36.06 20.43
CA VAL A 96 25.14 36.03 21.79
C VAL A 96 25.61 37.41 22.18
N THR A 97 26.27 38.06 21.24
CA THR A 97 26.79 39.40 21.43
C THR A 97 25.71 40.40 21.79
N TYR A 98 24.54 40.22 21.18
CA TYR A 98 23.37 41.08 21.40
C TYR A 98 22.74 40.77 22.77
N LYS A 99 22.57 39.48 23.06
CA LYS A 99 21.99 39.05 24.31
C LYS A 99 22.76 39.62 25.49
N ASN A 100 24.00 40.03 25.28
CA ASN A 100 24.78 40.59 26.38
C ASN A 100 24.59 42.09 26.63
N VAL A 101 23.98 42.79 25.68
CA VAL A 101 23.77 44.25 25.83
C VAL A 101 23.16 44.63 27.17
N PRO A 102 22.06 43.98 27.58
CA PRO A 102 21.41 44.27 28.85
C PRO A 102 22.38 44.22 30.03
N ASN A 103 23.38 43.34 29.96
CA ASN A 103 24.34 43.25 31.05
C ASN A 103 25.30 44.45 31.04
N TRP A 104 25.70 44.88 29.85
CA TRP A 104 26.59 46.03 29.78
C TRP A 104 25.80 47.25 30.18
N HIS A 105 24.56 47.34 29.70
CA HIS A 105 23.72 48.47 30.08
C HIS A 105 23.07 48.07 31.37
N ARG A 106 23.72 48.35 32.48
CA ARG A 106 23.19 47.98 33.79
C ARG A 106 24.38 48.17 34.66
N ASP A 107 25.48 47.57 34.22
CA ASP A 107 26.74 47.70 34.93
C ASP A 107 26.98 49.20 34.80
N LEU A 108 26.73 49.73 33.61
CA LEU A 108 26.90 51.15 33.33
C LEU A 108 26.06 52.07 34.19
N VAL A 109 24.73 51.96 34.06
CA VAL A 109 23.82 52.81 34.81
C VAL A 109 23.92 52.60 36.31
N ARG A 110 24.54 51.51 36.73
CA ARG A 110 24.70 51.27 38.15
C ARG A 110 25.53 52.37 38.79
N VAL A 111 26.46 52.94 38.05
CA VAL A 111 27.28 53.98 38.64
C VAL A 111 27.14 55.33 37.95
N CYS A 112 26.66 55.33 36.71
CA CYS A 112 26.50 56.58 35.98
C CYS A 112 25.08 57.12 36.03
N GLU A 113 24.11 56.22 36.17
CA GLU A 113 22.71 56.59 36.23
C GLU A 113 22.23 57.19 34.91
N ASN A 114 21.74 58.42 34.97
CA ASN A 114 21.23 59.05 33.76
C ASN A 114 22.27 59.80 32.92
N ILE A 115 22.71 59.17 31.82
CA ILE A 115 23.67 59.78 30.90
C ILE A 115 23.35 59.26 29.52
N PRO A 116 23.59 60.08 28.48
CA PRO A 116 23.34 59.70 27.07
C PRO A 116 24.10 58.44 26.70
N ILE A 117 23.40 57.47 26.12
CA ILE A 117 24.04 56.22 25.73
C ILE A 117 23.50 55.81 24.37
N VAL A 118 24.39 55.46 23.45
CA VAL A 118 23.93 55.02 22.14
C VAL A 118 24.39 53.58 21.92
N LEU A 119 23.49 52.78 21.37
CA LEU A 119 23.73 51.37 21.11
C LEU A 119 24.04 51.21 19.63
N CYS A 120 25.16 50.56 19.31
CA CYS A 120 25.59 50.37 17.93
C CYS A 120 25.63 48.93 17.44
N GLY A 121 24.95 48.67 16.34
CA GLY A 121 24.98 47.34 15.77
C GLY A 121 26.05 47.38 14.70
N ASN A 122 27.23 46.83 15.00
CA ASN A 122 28.32 46.87 14.03
C ASN A 122 28.34 45.69 13.08
N LYS A 123 29.11 45.85 12.00
CA LYS A 123 29.28 44.86 10.95
C LYS A 123 28.10 44.66 10.03
N VAL A 124 27.31 45.71 9.82
CA VAL A 124 26.14 45.60 8.95
C VAL A 124 26.55 45.35 7.53
N ASP A 125 27.85 45.42 7.25
CA ASP A 125 28.33 45.15 5.90
C ASP A 125 28.30 43.66 5.59
N ILE A 126 28.42 42.81 6.62
CA ILE A 126 28.41 41.36 6.40
C ILE A 126 27.04 40.86 5.94
N LYS A 127 27.06 40.00 4.93
CA LYS A 127 25.87 39.43 4.33
C LYS A 127 24.93 38.61 5.26
N ASP A 128 25.45 37.58 5.91
CA ASP A 128 24.66 36.71 6.77
C ASP A 128 24.29 37.32 8.11
N ARG A 129 23.42 38.33 8.08
CA ARG A 129 22.99 39.02 9.29
C ARG A 129 22.03 38.21 10.17
N LYS A 130 22.21 38.27 11.48
CA LYS A 130 21.37 37.54 12.42
C LYS A 130 20.39 38.43 13.18
N VAL A 131 20.88 39.53 13.73
CA VAL A 131 20.04 40.45 14.48
C VAL A 131 19.59 41.56 13.54
N LYS A 132 18.37 41.43 13.02
CA LYS A 132 17.79 42.40 12.09
C LYS A 132 17.32 43.66 12.82
N ALA A 133 17.42 44.81 12.14
CA ALA A 133 17.02 46.09 12.73
C ALA A 133 15.63 46.08 13.35
N LYS A 134 14.75 45.23 12.82
CA LYS A 134 13.40 45.12 13.32
C LYS A 134 13.45 44.67 14.78
N SER A 135 14.05 43.50 15.00
CA SER A 135 14.20 42.90 16.33
C SER A 135 14.63 43.86 17.44
N ILE A 136 15.57 44.76 17.15
CA ILE A 136 16.07 45.71 18.14
C ILE A 136 14.95 46.52 18.81
N VAL A 137 14.83 46.36 20.13
CA VAL A 137 13.80 47.07 20.89
C VAL A 137 14.36 47.60 22.20
N PHE A 138 15.45 46.98 22.67
CA PHE A 138 16.07 47.37 23.92
C PHE A 138 16.19 48.87 24.13
N HIS A 139 16.51 49.61 23.06
CA HIS A 139 16.66 51.04 23.20
C HIS A 139 15.36 51.72 23.60
N ARG A 140 14.24 51.05 23.38
CA ARG A 140 12.94 51.60 23.74
C ARG A 140 12.71 51.53 25.25
N LYS A 141 13.05 50.38 25.84
CA LYS A 141 12.89 50.18 27.27
C LYS A 141 13.89 50.99 28.08
N LYS A 142 15.10 51.16 27.54
CA LYS A 142 16.15 51.88 28.23
C LYS A 142 16.49 53.32 27.82
N ASN A 143 15.64 53.94 27.00
CA ASN A 143 15.87 55.31 26.56
C ASN A 143 17.27 55.54 25.97
N LEU A 144 17.62 54.70 24.99
CA LEU A 144 18.91 54.77 24.31
C LEU A 144 18.68 55.09 22.84
N GLN A 145 19.73 55.57 22.18
CA GLN A 145 19.65 55.87 20.76
C GLN A 145 20.26 54.66 20.09
N TYR A 146 19.77 54.29 18.93
CA TYR A 146 20.32 53.15 18.23
C TYR A 146 20.84 53.49 16.84
N TYR A 147 21.86 52.76 16.38
CA TYR A 147 22.42 52.98 15.06
C TYR A 147 23.06 51.75 14.45
N ASP A 148 22.80 51.53 13.17
CA ASP A 148 23.43 50.42 12.47
C ASP A 148 24.73 51.09 12.04
N ILE A 149 25.85 50.39 12.15
CA ILE A 149 27.10 51.01 11.70
C ILE A 149 28.00 49.93 11.12
N SER A 150 29.07 50.38 10.46
CA SER A 150 30.05 49.49 9.89
C SER A 150 31.39 50.18 9.85
N ALA A 151 32.25 49.84 10.81
CA ALA A 151 33.56 50.44 10.85
C ALA A 151 34.28 50.16 9.53
N LYS A 152 33.89 49.10 8.84
CA LYS A 152 34.51 48.73 7.58
C LYS A 152 34.07 49.54 6.36
N SER A 153 32.79 49.88 6.28
CA SER A 153 32.30 50.65 5.14
C SER A 153 32.08 52.09 5.54
N ASN A 154 32.12 52.36 6.84
CA ASN A 154 31.92 53.69 7.38
C ASN A 154 30.44 54.08 7.52
N TYR A 155 29.55 53.17 7.14
CA TYR A 155 28.13 53.42 7.26
C TYR A 155 27.77 53.99 8.64
N ASN A 156 27.28 55.23 8.67
CA ASN A 156 26.88 55.87 9.91
C ASN A 156 27.99 55.99 10.94
N PHE A 157 29.23 55.79 10.51
CA PHE A 157 30.32 55.84 11.47
C PHE A 157 30.41 57.12 12.28
N GLU A 158 29.84 58.23 11.82
CA GLU A 158 29.93 59.47 12.60
C GLU A 158 28.69 59.83 13.41
N LYS A 159 27.64 59.04 13.28
CA LYS A 159 26.42 59.34 14.03
C LYS A 159 26.57 59.31 15.56
N PRO A 160 27.13 58.23 16.13
CA PRO A 160 27.27 58.17 17.59
C PRO A 160 27.83 59.42 18.25
N PHE A 161 28.95 59.92 17.74
CA PHE A 161 29.60 61.12 18.29
C PHE A 161 28.77 62.37 18.10
N LEU A 162 28.08 62.43 16.96
CA LEU A 162 27.25 63.59 16.67
C LEU A 162 26.04 63.65 17.60
N TRP A 163 25.32 62.53 17.72
CA TRP A 163 24.15 62.48 18.60
C TRP A 163 24.57 62.87 20.00
N LEU A 164 25.56 62.18 20.54
CA LEU A 164 26.04 62.47 21.88
C LEU A 164 26.36 63.96 22.10
N ALA A 165 27.00 64.57 21.11
CA ALA A 165 27.39 65.98 21.21
C ALA A 165 26.16 66.87 21.37
N ARG A 166 25.12 66.59 20.59
CA ARG A 166 23.88 67.35 20.64
C ARG A 166 23.17 67.25 21.99
N LYS A 167 23.19 66.06 22.61
CA LYS A 167 22.56 65.88 23.90
C LYS A 167 23.37 66.57 24.98
N LEU A 168 24.69 66.41 24.93
CA LEU A 168 25.54 67.02 25.94
C LEU A 168 25.57 68.55 25.83
N ILE A 169 25.76 69.06 24.61
CA ILE A 169 25.82 70.50 24.36
C ILE A 169 24.45 71.16 24.46
N GLY A 170 23.41 70.43 24.08
CA GLY A 170 22.07 70.98 24.15
C GLY A 170 21.59 71.71 22.90
N ASP A 171 22.14 71.36 21.74
CA ASP A 171 21.75 71.97 20.47
C ASP A 171 21.34 70.86 19.50
N PRO A 172 20.02 70.66 19.31
CA PRO A 172 19.53 69.63 18.40
C PRO A 172 20.05 69.80 16.98
N ASN A 173 20.60 70.96 16.68
CA ASN A 173 21.10 71.22 15.33
C ASN A 173 22.60 71.44 15.20
N LEU A 174 23.35 70.98 16.20
CA LEU A 174 24.81 71.12 16.16
C LEU A 174 25.31 70.26 15.00
N GLU A 175 26.33 70.73 14.30
CA GLU A 175 26.86 69.95 13.18
C GLU A 175 28.37 70.07 13.05
N PHE A 176 29.00 69.07 12.44
CA PHE A 176 30.45 69.09 12.26
C PHE A 176 30.81 70.09 11.16
N VAL A 177 31.93 70.77 11.31
CA VAL A 177 32.33 71.76 10.32
C VAL A 177 33.83 71.85 10.08
N ALA A 178 34.17 72.14 8.83
CA ALA A 178 35.55 72.32 8.38
C ALA A 178 36.63 71.69 9.25
N MET A 179 37.47 72.56 9.80
CA MET A 179 38.61 72.22 10.66
C MET A 179 39.69 73.16 10.18
N PRO A 180 40.17 74.05 11.06
CA PRO A 180 41.22 74.99 10.65
C PRO A 180 42.37 74.26 9.96
N ALA A 181 42.76 74.74 8.78
CA ALA A 181 43.83 74.11 8.03
C ALA A 181 45.12 74.91 8.15
N LEU A 182 45.76 74.82 9.30
CA LEU A 182 47.01 75.53 9.55
C LEU A 182 48.05 75.27 8.48
N ALA A 183 49.06 76.14 8.40
CA ALA A 183 50.12 76.01 7.40
C ALA A 183 51.12 74.94 7.79
N PRO A 184 51.54 74.12 6.82
CA PRO A 184 52.51 73.04 7.02
C PRO A 184 53.90 73.61 7.28
N PRO A 185 54.82 72.79 7.82
CA PRO A 185 56.18 73.24 8.09
C PRO A 185 56.99 73.59 6.83
N GLU A 186 58.06 74.33 7.04
CA GLU A 186 58.97 74.78 5.99
C GLU A 186 59.29 73.79 4.87
N VAL A 187 60.14 72.82 5.18
CA VAL A 187 60.59 71.80 4.23
C VAL A 187 61.69 72.33 3.32
N VAL A 188 62.92 72.28 3.81
CA VAL A 188 64.08 72.74 3.05
C VAL A 188 65.01 71.54 2.89
N MET A 189 66.15 71.57 3.58
CA MET A 189 67.13 70.48 3.56
C MET A 189 67.33 69.81 2.19
N ASP A 190 68.20 68.80 2.16
CA ASP A 190 68.51 68.05 0.93
C ASP A 190 69.84 67.30 0.97
N PRO A 191 70.90 67.91 1.54
CA PRO A 191 72.23 67.29 1.64
C PRO A 191 72.26 65.78 1.91
N ALA A 192 72.66 65.41 3.11
CA ALA A 192 72.74 64.01 3.50
C ALA A 192 71.34 63.39 3.60
N LEU A 193 70.33 64.26 3.59
CA LEU A 193 68.95 63.84 3.69
C LEU A 193 68.42 63.19 2.41
N ALA A 194 68.85 63.71 1.26
CA ALA A 194 68.41 63.17 -0.03
C ALA A 194 68.88 61.74 -0.26
N ALA A 195 68.83 61.32 -1.52
CA ALA A 195 69.27 59.99 -1.94
C ALA A 195 68.39 58.83 -1.47
N GLN A 196 68.74 58.25 -0.31
CA GLN A 196 68.03 57.11 0.25
C GLN A 196 66.50 57.22 0.30
N TYR A 197 65.97 58.37 -0.13
CA TYR A 197 64.53 58.58 -0.15
C TYR A 197 63.92 57.73 -1.26
N GLU A 198 64.41 57.95 -2.48
CA GLU A 198 63.93 57.24 -3.66
C GLU A 198 63.92 55.73 -3.44
N HIS A 199 64.77 55.27 -2.53
CA HIS A 199 64.87 53.85 -2.20
C HIS A 199 63.51 53.33 -1.74
N ASP A 200 62.84 54.11 -0.91
CA ASP A 200 61.52 53.74 -0.39
C ASP A 200 60.43 54.00 -1.41
N LEU A 201 60.49 55.17 -2.04
CA LEU A 201 59.50 55.57 -3.05
C LEU A 201 59.23 54.48 -4.09
N GLU A 202 60.22 53.63 -4.33
CA GLU A 202 60.08 52.54 -5.28
C GLU A 202 59.33 51.40 -4.60
N VAL A 203 59.77 51.08 -3.39
CA VAL A 203 59.18 50.02 -2.59
C VAL A 203 57.69 50.30 -2.39
N ALA A 204 57.26 51.46 -2.88
CA ALA A 204 55.87 51.87 -2.76
C ALA A 204 55.16 51.91 -4.11
N GLN A 205 55.83 52.40 -5.13
CA GLN A 205 55.22 52.47 -6.45
C GLN A 205 55.08 51.07 -7.04
N THR A 206 55.57 50.07 -6.29
CA THR A 206 55.49 48.68 -6.72
C THR A 206 54.41 47.92 -5.96
N THR A 207 54.35 48.10 -4.64
CA THR A 207 53.36 47.43 -3.80
C THR A 207 51.94 47.88 -4.17
N ALA A 208 51.17 46.98 -4.79
CA ALA A 208 49.81 47.30 -5.20
C ALA A 208 48.92 47.79 -4.06
N LEU A 209 47.83 48.45 -4.43
CA LEU A 209 46.87 49.00 -3.47
C LEU A 209 45.65 48.10 -3.34
N PRO A 210 45.21 47.87 -2.11
CA PRO A 210 44.04 47.03 -1.84
C PRO A 210 42.80 47.47 -2.63
N ASP A 211 42.54 46.80 -3.75
CA ASP A 211 41.41 47.15 -4.60
C ASP A 211 40.09 46.82 -3.91
N GLU A 212 39.53 47.80 -3.21
CA GLU A 212 38.27 47.63 -2.50
C GLU A 212 37.16 48.44 -3.18
N ASP A 213 37.55 49.35 -4.06
CA ASP A 213 36.59 50.19 -4.78
C ASP A 213 35.99 49.42 -5.95
N ASN B 22 14.52 55.22 22.33
CA ASN B 22 13.11 55.68 22.20
C ASN B 22 12.90 56.58 20.97
N HIS B 23 11.82 57.35 20.99
CA HIS B 23 11.49 58.26 19.90
C HIS B 23 12.52 59.39 19.92
N ASP B 24 12.88 59.81 21.12
CA ASP B 24 13.89 60.86 21.32
C ASP B 24 14.15 61.13 22.79
N PRO B 25 15.14 60.43 23.36
CA PRO B 25 15.50 60.60 24.79
C PRO B 25 15.81 62.06 25.09
N GLN B 26 15.37 62.52 26.27
CA GLN B 26 15.58 63.91 26.67
C GLN B 26 16.54 64.00 27.86
N PHE B 27 17.50 64.92 27.76
CA PHE B 27 18.48 65.12 28.82
C PHE B 27 18.74 66.62 29.00
N GLU B 28 19.28 66.97 30.16
CA GLU B 28 19.61 68.36 30.46
C GLU B 28 21.06 68.57 30.04
N PRO B 29 21.34 69.66 29.30
CA PRO B 29 22.70 69.94 28.85
C PRO B 29 23.71 69.98 30.00
N ILE B 30 24.94 69.57 29.70
CA ILE B 30 26.01 69.56 30.70
C ILE B 30 26.79 70.87 30.61
N VAL B 31 26.76 71.48 29.42
CA VAL B 31 27.46 72.75 29.19
C VAL B 31 26.66 73.64 28.27
N SER B 32 27.03 74.91 28.26
CA SER B 32 26.37 75.89 27.40
C SER B 32 27.47 76.54 26.54
N LEU B 33 27.38 76.35 25.24
CA LEU B 33 28.39 76.92 24.35
C LEU B 33 27.81 77.90 23.34
N PRO B 34 28.36 79.12 23.28
CA PRO B 34 27.91 80.16 22.35
C PRO B 34 28.10 79.78 20.89
N GLU B 35 27.25 80.37 20.04
CA GLU B 35 27.34 80.15 18.61
C GLU B 35 28.72 80.67 18.25
N GLN B 36 29.42 80.01 17.33
CA GLN B 36 30.77 80.47 16.99
C GLN B 36 31.08 80.40 15.51
N GLU B 37 31.97 81.29 15.05
CA GLU B 37 32.35 81.32 13.65
C GLU B 37 33.81 80.87 13.47
N ILE B 38 34.00 79.68 12.91
CA ILE B 38 35.35 79.17 12.71
C ILE B 38 35.85 79.47 11.29
N LYS B 39 37.13 79.81 11.21
CA LYS B 39 37.76 80.12 9.95
C LYS B 39 38.34 78.84 9.37
N THR B 40 38.36 78.74 8.05
CA THR B 40 38.91 77.56 7.39
C THR B 40 40.41 77.66 7.33
N LEU B 41 40.91 78.90 7.45
CA LEU B 41 42.35 79.20 7.33
C LEU B 41 42.71 78.80 5.92
N GLU B 42 41.79 79.16 5.02
CA GLU B 42 41.91 78.84 3.62
C GLU B 42 41.20 79.98 2.86
N GLU B 43 41.03 81.13 3.52
CA GLU B 43 40.36 82.30 2.92
C GLU B 43 41.28 83.10 2.00
N ASP B 44 42.55 83.20 2.38
CA ASP B 44 43.54 83.92 1.58
C ASP B 44 43.99 82.91 0.52
N GLU B 45 43.11 81.92 0.33
CA GLU B 45 43.20 80.77 -0.58
C GLU B 45 43.73 80.94 -2.00
N GLU B 46 43.03 80.24 -2.89
CA GLU B 46 43.29 80.19 -4.32
C GLU B 46 42.36 79.09 -4.82
N GLU B 47 42.85 77.86 -4.78
CA GLU B 47 42.11 76.67 -5.21
C GLU B 47 42.19 76.46 -6.71
N LEU B 48 43.29 75.85 -7.12
CA LEU B 48 43.57 75.56 -8.52
C LEU B 48 42.90 74.25 -8.92
N PHE B 49 42.84 73.32 -7.99
CA PHE B 49 42.25 72.00 -8.27
C PHE B 49 41.42 71.45 -7.09
N LYS B 50 40.31 70.80 -7.42
CA LYS B 50 39.44 70.19 -6.43
C LYS B 50 38.79 68.95 -7.02
N MET B 51 38.91 67.80 -6.34
CA MET B 51 38.33 66.57 -6.86
C MET B 51 38.25 65.42 -5.86
N ARG B 52 37.14 64.69 -5.88
CA ARG B 52 36.91 63.54 -5.00
C ARG B 52 38.00 62.48 -5.18
N ALA B 53 38.38 61.79 -4.10
CA ALA B 53 39.42 60.76 -4.19
C ALA B 53 39.62 60.01 -2.87
N LYS B 54 40.41 58.94 -2.91
CA LYS B 54 40.71 58.15 -1.71
C LYS B 54 42.22 58.16 -1.50
N LEU B 55 42.64 58.55 -0.30
CA LEU B 55 44.05 58.64 0.03
C LEU B 55 44.55 57.44 0.85
N PHE B 56 45.83 57.11 0.67
CA PHE B 56 46.46 56.00 1.39
C PHE B 56 47.78 56.39 2.03
N ARG B 57 47.98 55.91 3.25
CA ARG B 57 49.18 56.15 4.04
C ARG B 57 49.97 54.88 3.78
N PHE B 58 51.29 54.92 3.92
CA PHE B 58 52.04 53.69 3.68
C PHE B 58 52.76 53.15 4.91
N ALA B 59 52.60 51.85 5.13
CA ALA B 59 53.19 51.11 6.24
C ALA B 59 53.63 52.00 7.39
N SER B 60 54.85 51.78 7.86
CA SER B 60 55.42 52.56 8.96
C SER B 60 56.55 51.75 9.57
N GLU B 61 56.61 51.75 10.90
CA GLU B 61 57.64 51.01 11.62
C GLU B 61 57.09 49.60 11.84
N ASN B 62 56.12 49.21 11.01
CA ASN B 62 55.50 47.90 11.12
C ASN B 62 56.39 46.77 10.56
N ASP B 63 57.24 47.13 9.60
CA ASP B 63 58.12 46.15 8.98
C ASP B 63 57.28 45.27 8.08
N LEU B 64 55.98 45.54 8.05
CA LEU B 64 55.06 44.79 7.20
C LEU B 64 54.50 45.81 6.22
N PRO B 65 55.32 46.25 5.26
CA PRO B 65 54.92 47.23 4.24
C PRO B 65 53.49 47.01 3.74
N GLU B 66 52.59 47.90 4.16
CA GLU B 66 51.20 47.81 3.76
C GLU B 66 50.57 49.18 3.57
N TRP B 67 49.53 49.22 2.75
CA TRP B 67 48.82 50.46 2.51
C TRP B 67 47.58 50.57 3.39
N LYS B 68 47.60 51.53 4.31
CA LYS B 68 46.48 51.78 5.20
C LYS B 68 45.70 52.97 4.66
N GLU B 69 44.38 52.90 4.67
CA GLU B 69 43.56 54.00 4.19
C GLU B 69 43.77 55.21 5.09
N ARG B 70 43.83 56.41 4.50
CA ARG B 70 44.01 57.60 5.31
C ARG B 70 42.81 58.53 5.23
N GLY B 71 41.98 58.33 4.21
CA GLY B 71 40.80 59.17 4.07
C GLY B 71 40.22 59.21 2.68
N THR B 72 38.93 59.53 2.60
CA THR B 72 38.20 59.64 1.33
C THR B 72 37.50 61.00 1.27
N GLY B 73 37.81 61.78 0.24
CA GLY B 73 37.19 63.08 0.12
C GLY B 73 37.73 63.90 -1.03
N ASP B 74 37.61 65.22 -0.90
CA ASP B 74 38.09 66.13 -1.93
C ASP B 74 39.52 66.58 -1.73
N VAL B 75 40.37 66.32 -2.72
CA VAL B 75 41.75 66.77 -2.66
C VAL B 75 41.71 68.16 -3.25
N LYS B 76 42.59 69.05 -2.80
CA LYS B 76 42.59 70.39 -3.34
C LYS B 76 43.98 70.96 -3.38
N LEU B 77 44.24 71.72 -4.44
CA LEU B 77 45.53 72.36 -4.59
C LEU B 77 45.27 73.83 -4.29
N LEU B 78 46.15 74.44 -3.51
CA LEU B 78 45.97 75.84 -3.15
C LEU B 78 47.27 76.62 -3.21
N LYS B 79 47.24 77.80 -3.81
CA LYS B 79 48.41 78.67 -3.89
C LYS B 79 48.08 79.93 -3.09
N HIS B 80 49.06 80.46 -2.37
CA HIS B 80 48.79 81.65 -1.58
C HIS B 80 48.88 82.91 -2.44
N LYS B 81 48.01 83.87 -2.16
CA LYS B 81 48.00 85.11 -2.90
C LYS B 81 49.12 86.02 -2.41
N GLU B 82 49.24 86.15 -1.09
CA GLU B 82 50.26 86.99 -0.46
C GLU B 82 51.67 86.47 -0.72
N LYS B 83 51.76 85.19 -1.09
CA LYS B 83 53.04 84.57 -1.36
C LYS B 83 52.87 83.69 -2.58
N GLY B 84 53.76 82.71 -2.76
CA GLY B 84 53.64 81.84 -3.92
C GLY B 84 53.37 80.41 -3.55
N ALA B 85 53.60 80.07 -2.28
CA ALA B 85 53.40 78.72 -1.75
C ALA B 85 52.17 78.01 -2.28
N ILE B 86 52.32 76.73 -2.60
CA ILE B 86 51.21 75.90 -3.06
C ILE B 86 51.21 74.64 -2.20
N ARG B 87 50.02 74.16 -1.83
CA ARG B 87 49.94 72.95 -1.00
C ARG B 87 48.81 72.02 -1.37
N LEU B 88 48.88 70.80 -0.83
CA LEU B 88 47.85 69.80 -1.06
C LEU B 88 47.07 69.75 0.25
N LEU B 89 45.74 69.72 0.14
CA LEU B 89 44.85 69.71 1.32
C LEU B 89 43.65 68.81 1.09
N MET B 90 43.46 67.82 1.97
CA MET B 90 42.32 66.91 1.84
C MET B 90 41.58 66.73 3.17
N ARG B 91 40.26 66.60 3.09
CA ARG B 91 39.41 66.42 4.27
C ARG B 91 38.47 65.22 4.11
N ARG B 92 38.26 64.46 5.18
CA ARG B 92 37.37 63.29 5.14
C ARG B 92 35.87 63.63 5.10
N ASP B 93 35.10 62.77 4.44
CA ASP B 93 33.67 62.97 4.35
C ASP B 93 33.03 62.89 5.73
N LYS B 94 31.88 63.53 5.86
CA LYS B 94 31.11 63.55 7.10
C LYS B 94 31.81 64.13 8.32
N THR B 95 33.01 63.65 8.59
CA THR B 95 33.74 64.11 9.76
C THR B 95 34.46 65.43 9.50
N LEU B 96 34.86 65.61 8.24
CA LEU B 96 35.57 66.82 7.82
C LEU B 96 36.97 67.02 8.44
N LYS B 97 37.54 65.98 9.03
CA LYS B 97 38.89 66.08 9.60
C LYS B 97 39.87 66.14 8.42
N ILE B 98 40.98 66.84 8.61
CA ILE B 98 42.00 66.93 7.56
C ILE B 98 42.79 65.62 7.53
N CYS B 99 43.03 65.06 6.35
CA CYS B 99 43.79 63.82 6.26
C CYS B 99 45.06 63.94 5.41
N ALA B 100 45.38 65.18 5.01
CA ALA B 100 46.56 65.47 4.22
C ALA B 100 46.69 66.98 4.05
N ASN B 101 47.85 67.51 4.42
CA ASN B 101 48.11 68.94 4.34
C ASN B 101 49.61 69.19 4.34
N HIS B 102 50.17 69.40 3.15
CA HIS B 102 51.61 69.65 3.01
C HIS B 102 51.89 70.50 1.76
N TYR B 103 53.04 71.17 1.77
CA TYR B 103 53.44 72.02 0.65
C TYR B 103 53.99 71.17 -0.49
N ILE B 104 53.86 71.69 -1.71
CA ILE B 104 54.37 71.00 -2.88
C ILE B 104 55.77 71.55 -3.16
N THR B 105 56.79 70.73 -2.93
CA THR B 105 58.16 71.15 -3.17
C THR B 105 58.61 70.90 -4.60
N PRO B 106 59.76 71.47 -4.99
CA PRO B 106 60.30 71.30 -6.35
C PRO B 106 60.55 69.84 -6.69
N MET B 107 61.19 69.14 -5.75
CA MET B 107 61.54 67.73 -5.91
C MET B 107 60.38 66.82 -5.49
N MET B 108 59.27 66.91 -6.21
CA MET B 108 58.08 66.11 -5.90
C MET B 108 57.31 65.80 -7.18
N GLU B 109 57.03 64.52 -7.43
CA GLU B 109 56.33 64.11 -8.64
C GLU B 109 55.10 63.24 -8.35
N LEU B 110 54.81 62.29 -9.23
CA LEU B 110 53.67 61.40 -9.07
C LEU B 110 53.88 60.02 -9.73
N LYS B 111 55.00 59.38 -9.41
CA LYS B 111 55.32 58.07 -9.96
C LYS B 111 54.13 57.13 -9.83
N PRO B 112 53.73 56.45 -10.92
CA PRO B 112 52.59 55.52 -10.92
C PRO B 112 52.75 54.36 -9.93
N ASN B 113 51.64 53.71 -9.61
CA ASN B 113 51.64 52.60 -8.68
C ASN B 113 51.44 51.24 -9.33
N ALA B 114 52.52 50.47 -9.46
CA ALA B 114 52.47 49.14 -10.07
C ALA B 114 51.46 49.13 -11.21
N GLY B 115 50.36 48.41 -11.02
CA GLY B 115 49.33 48.35 -12.04
C GLY B 115 48.53 49.64 -11.98
N SER B 116 47.21 49.53 -12.02
CA SER B 116 46.33 50.68 -11.95
C SER B 116 46.66 51.76 -12.99
N ASP B 117 45.75 52.72 -13.11
CA ASP B 117 45.90 53.83 -14.05
C ASP B 117 45.21 55.06 -13.47
N ARG B 118 44.76 54.94 -12.21
CA ARG B 118 44.09 56.03 -11.51
C ARG B 118 44.81 56.31 -10.19
N ALA B 119 46.02 55.79 -10.04
CA ALA B 119 46.77 55.96 -8.80
C ALA B 119 48.15 56.54 -8.94
N TRP B 120 48.46 57.50 -8.07
CA TRP B 120 49.77 58.15 -8.06
C TRP B 120 50.34 57.97 -6.67
N VAL B 121 51.66 57.96 -6.55
CA VAL B 121 52.31 57.81 -5.25
C VAL B 121 53.46 58.82 -5.16
N TRP B 122 53.60 59.45 -4.01
CA TRP B 122 54.66 60.45 -3.83
C TRP B 122 55.16 60.46 -2.41
N ASN B 123 56.08 61.38 -2.15
CA ASN B 123 56.69 61.51 -0.83
C ASN B 123 56.50 62.94 -0.34
N THR B 124 56.61 63.15 0.97
CA THR B 124 56.52 64.47 1.60
C THR B 124 57.37 64.40 2.85
N HIS B 125 58.20 65.41 3.05
CA HIS B 125 59.07 65.41 4.22
C HIS B 125 58.34 65.94 5.44
N ALA B 126 57.14 66.48 5.25
CA ALA B 126 56.38 67.02 6.36
C ALA B 126 54.89 67.20 6.12
N ASP B 127 54.10 66.17 6.42
CA ASP B 127 52.66 66.28 6.27
C ASP B 127 52.25 66.84 7.61
N PHE B 128 51.17 67.61 7.64
CA PHE B 128 50.72 68.23 8.89
C PHE B 128 49.25 67.92 9.19
N ALA B 129 48.78 66.76 8.73
CA ALA B 129 47.42 66.34 8.93
C ALA B 129 47.09 66.24 10.41
N ASP B 130 48.08 65.86 11.21
CA ASP B 130 47.85 65.73 12.64
C ASP B 130 48.42 66.91 13.40
N GLU B 131 48.63 68.00 12.70
CA GLU B 131 49.18 69.21 13.30
C GLU B 131 50.46 68.87 14.07
N CYS B 132 51.19 67.91 13.50
CA CYS B 132 52.45 67.42 14.03
C CYS B 132 53.27 67.06 12.79
N PRO B 133 54.49 67.63 12.67
CA PRO B 133 55.37 67.38 11.52
C PRO B 133 55.72 65.90 11.33
N LYS B 134 55.27 65.29 10.23
CA LYS B 134 55.57 63.88 10.00
C LYS B 134 55.81 63.51 8.55
N PRO B 135 56.94 62.83 8.26
CA PRO B 135 57.27 62.40 6.90
C PRO B 135 56.15 61.48 6.47
N GLU B 136 55.83 61.42 5.18
CA GLU B 136 54.74 60.56 4.76
C GLU B 136 54.96 60.09 3.36
N LEU B 137 54.49 58.88 3.07
CA LEU B 137 54.61 58.29 1.75
C LEU B 137 53.17 57.98 1.36
N LEU B 138 52.55 58.95 0.69
CA LEU B 138 51.15 58.84 0.30
C LEU B 138 50.88 58.13 -0.98
N ALA B 139 49.62 58.12 -1.37
CA ALA B 139 49.15 57.48 -2.60
C ALA B 139 47.67 57.81 -2.72
N ILE B 140 47.27 58.38 -3.83
CA ILE B 140 45.87 58.75 -4.02
C ILE B 140 45.27 58.14 -5.28
N ARG B 141 44.04 57.64 -5.15
CA ARG B 141 43.33 57.00 -6.25
C ARG B 141 42.12 57.83 -6.67
N PHE B 142 41.76 57.76 -7.95
CA PHE B 142 40.62 58.50 -8.49
C PHE B 142 39.66 57.54 -9.16
N LEU B 143 38.45 58.02 -9.45
CA LEU B 143 37.46 57.17 -10.10
C LEU B 143 37.89 56.69 -11.50
N ASN B 144 38.29 57.63 -12.35
CA ASN B 144 38.72 57.31 -13.71
C ASN B 144 40.20 57.63 -13.89
N ALA B 145 40.82 56.96 -14.84
CA ALA B 145 42.24 57.20 -15.13
C ALA B 145 42.36 58.54 -15.81
N GLU B 146 41.23 59.06 -16.27
CA GLU B 146 41.20 60.36 -16.93
C GLU B 146 41.25 61.45 -15.87
N ASN B 147 40.73 61.16 -14.69
CA ASN B 147 40.74 62.11 -13.58
C ASN B 147 42.14 62.12 -13.00
N ALA B 148 42.75 60.93 -12.95
CA ALA B 148 44.09 60.81 -12.42
C ALA B 148 45.01 61.72 -13.24
N GLN B 149 44.70 61.86 -14.53
CA GLN B 149 45.50 62.71 -15.39
C GLN B 149 45.23 64.19 -15.12
N LYS B 150 43.96 64.54 -14.99
CA LYS B 150 43.57 65.92 -14.72
C LYS B 150 44.24 66.40 -13.43
N PHE B 151 44.36 65.50 -12.46
CA PHE B 151 45.01 65.82 -11.19
C PHE B 151 46.52 65.86 -11.40
N LYS B 152 47.04 64.85 -12.09
CA LYS B 152 48.47 64.73 -12.39
C LYS B 152 48.99 65.94 -13.14
N THR B 153 48.28 66.31 -14.21
CA THR B 153 48.67 67.45 -15.02
C THR B 153 48.71 68.72 -14.19
N LYS B 154 47.64 68.95 -13.43
CA LYS B 154 47.53 70.13 -12.56
C LYS B 154 48.65 70.15 -11.54
N PHE B 155 48.93 68.99 -10.96
CA PHE B 155 49.98 68.84 -9.96
C PHE B 155 51.34 69.19 -10.58
N GLU B 156 51.60 68.63 -11.75
CA GLU B 156 52.85 68.88 -12.45
C GLU B 156 53.16 70.36 -12.61
N GLU B 157 52.22 71.12 -13.16
CA GLU B 157 52.43 72.55 -13.36
C GLU B 157 52.59 73.34 -12.06
N CYS B 158 51.82 72.98 -11.03
CA CYS B 158 51.94 73.65 -9.73
C CYS B 158 53.35 73.43 -9.22
N ARG B 159 53.86 72.22 -9.45
CA ARG B 159 55.20 71.86 -9.02
C ARG B 159 56.22 72.66 -9.83
N LYS B 160 55.90 72.89 -11.10
CA LYS B 160 56.75 73.65 -12.02
C LYS B 160 56.86 75.09 -11.54
N GLU B 161 55.72 75.74 -11.38
CA GLU B 161 55.65 77.12 -10.92
C GLU B 161 56.45 77.28 -9.64
N ILE B 162 56.32 76.31 -8.74
CA ILE B 162 57.04 76.37 -7.49
C ILE B 162 58.53 76.23 -7.73
N GLU B 163 58.93 75.36 -8.65
CA GLU B 163 60.35 75.19 -8.94
C GLU B 163 60.95 76.51 -9.39
N GLU B 164 60.24 77.22 -10.26
CA GLU B 164 60.70 78.50 -10.74
C GLU B 164 60.85 79.42 -9.53
N ARG B 165 59.73 79.68 -8.85
CA ARG B 165 59.70 80.54 -7.68
C ARG B 165 61.08 80.86 -7.12
N GLU B 166 61.50 80.17 -6.06
CA GLU B 166 62.80 80.45 -5.46
C GLU B 166 63.90 80.56 -6.52
N LYS B 167 64.53 81.74 -6.56
CA LYS B 167 65.60 82.01 -7.52
C LYS B 167 65.20 81.59 -8.94
N ALA C 2 41.13 20.30 51.95
CA ALA C 2 42.13 20.54 50.90
C ALA C 2 41.53 21.51 49.87
N ARG C 3 41.17 22.71 50.32
CA ARG C 3 40.55 23.69 49.43
C ARG C 3 40.76 25.15 49.81
N PHE C 4 41.47 25.89 48.97
CA PHE C 4 41.69 27.31 49.23
C PHE C 4 40.88 28.13 48.23
N SER C 5 40.22 29.18 48.72
CA SER C 5 39.43 30.02 47.84
C SER C 5 39.21 31.44 48.31
N ILE C 6 39.29 32.40 47.39
CA ILE C 6 39.01 33.80 47.73
C ILE C 6 38.07 34.29 46.64
N GLU C 7 37.24 33.37 46.16
CA GLU C 7 36.27 33.67 45.13
C GLU C 7 35.42 34.92 45.40
N GLY C 8 35.19 35.68 44.33
CA GLY C 8 34.38 36.89 44.40
C GLY C 8 34.64 37.90 45.51
N LYS C 9 35.88 37.97 46.02
CA LYS C 9 36.17 38.93 47.08
C LYS C 9 36.55 40.32 46.57
N SER C 10 36.59 40.46 45.25
CA SER C 10 36.90 41.76 44.63
C SER C 10 38.10 42.45 45.27
N LEU C 11 39.18 41.68 45.49
CA LEU C 11 40.37 42.24 46.08
C LEU C 11 41.26 42.81 44.99
N LYS C 12 41.88 43.95 45.26
CA LYS C 12 42.80 44.55 44.31
C LYS C 12 44.20 44.14 44.80
N LEU C 13 44.68 42.99 44.33
CA LEU C 13 45.94 42.45 44.78
C LEU C 13 47.18 42.93 44.02
N ASP C 14 47.83 43.97 44.54
CA ASP C 14 49.03 44.48 43.89
C ASP C 14 50.34 43.85 44.36
N ALA C 15 50.54 43.68 45.67
CA ALA C 15 51.81 43.13 46.13
C ALA C 15 51.86 41.99 47.16
N ILE C 16 50.93 41.96 48.10
CA ILE C 16 50.98 40.90 49.13
C ILE C 16 52.30 41.00 49.87
N THR C 17 52.42 41.99 50.75
CA THR C 17 53.64 42.18 51.52
C THR C 17 53.38 42.51 52.99
N THR C 18 52.34 43.29 53.27
CA THR C 18 52.04 43.64 54.65
C THR C 18 51.67 42.38 55.44
N GLU C 19 51.62 42.47 56.77
CA GLU C 19 51.24 41.34 57.60
C GLU C 19 49.81 40.99 57.17
N ASP C 20 48.99 42.02 56.98
CA ASP C 20 47.63 41.82 56.50
C ASP C 20 47.92 41.34 55.09
N GLU C 21 46.94 41.31 54.20
CA GLU C 21 47.25 40.84 52.84
C GLU C 21 47.71 39.38 52.93
N LYS C 22 48.89 39.16 53.51
CA LYS C 22 49.43 37.82 53.66
C LYS C 22 48.46 36.95 54.44
N SER C 23 47.79 37.54 55.44
CA SER C 23 46.81 36.81 56.24
C SER C 23 45.75 36.21 55.34
N VAL C 24 45.38 36.97 54.29
CA VAL C 24 44.35 36.53 53.33
C VAL C 24 44.66 35.16 52.77
N PHE C 25 45.94 34.88 52.61
CA PHE C 25 46.36 33.61 52.07
C PHE C 25 46.94 32.69 53.13
N ALA C 26 46.53 32.90 54.37
CA ALA C 26 47.02 32.09 55.47
C ALA C 26 46.76 30.59 55.23
N VAL C 27 45.53 30.22 54.90
CA VAL C 27 45.21 28.83 54.65
C VAL C 27 46.08 28.25 53.54
N LEU C 28 46.29 29.05 52.48
CA LEU C 28 47.10 28.59 51.35
C LEU C 28 48.54 28.30 51.80
N LEU C 29 48.98 28.94 52.88
CA LEU C 29 50.33 28.73 53.37
C LEU C 29 50.55 27.57 54.33
N GLU C 30 49.62 27.38 55.27
CA GLU C 30 49.80 26.30 56.23
C GLU C 30 49.35 24.95 55.73
N ASP C 31 48.62 24.91 54.63
CA ASP C 31 48.12 23.63 54.11
C ASP C 31 48.67 23.23 52.75
N ASP C 32 49.68 22.36 52.73
CA ASP C 32 50.26 21.92 51.46
C ASP C 32 49.46 20.79 50.84
N SER C 33 48.37 20.39 51.48
CA SER C 33 47.51 19.30 50.99
C SER C 33 46.39 19.76 50.06
N VAL C 34 46.27 21.07 49.88
CA VAL C 34 45.24 21.66 49.02
C VAL C 34 45.11 20.96 47.68
N LYS C 35 43.87 20.66 47.27
CA LYS C 35 43.61 19.98 46.00
C LYS C 35 43.01 20.93 44.97
N GLU C 36 42.48 22.06 45.46
CA GLU C 36 41.85 23.03 44.58
C GLU C 36 42.14 24.45 45.05
N ILE C 37 42.47 25.32 44.09
CA ILE C 37 42.73 26.71 44.38
C ILE C 37 41.85 27.55 43.46
N VAL C 38 41.13 28.50 44.06
CA VAL C 38 40.22 29.36 43.30
C VAL C 38 40.57 30.82 43.55
N LEU C 39 40.93 31.54 42.49
CA LEU C 39 41.31 32.94 42.63
C LEU C 39 40.34 33.92 41.95
N SER C 40 39.38 33.38 41.22
CA SER C 40 38.40 34.19 40.50
C SER C 40 37.76 35.34 41.29
N GLY C 41 37.44 36.44 40.58
CA GLY C 41 36.80 37.58 41.20
C GLY C 41 37.72 38.58 41.87
N ASN C 42 38.99 38.59 41.47
CA ASN C 42 39.97 39.53 42.03
C ASN C 42 40.93 39.99 40.92
N THR C 43 41.78 40.99 41.22
CA THR C 43 42.76 41.49 40.23
C THR C 43 44.16 41.32 40.75
N ILE C 44 44.87 40.39 40.13
CA ILE C 44 46.23 40.07 40.53
C ILE C 44 47.29 40.84 39.74
N GLY C 45 48.10 41.61 40.46
CA GLY C 45 49.18 42.35 39.84
C GLY C 45 50.41 41.46 39.67
N THR C 46 51.48 41.98 39.08
CA THR C 46 52.66 41.16 38.86
C THR C 46 53.35 40.69 40.15
N GLU C 47 53.62 41.62 41.05
CA GLU C 47 54.28 41.26 42.29
C GLU C 47 53.51 40.22 43.08
N ALA C 48 52.20 40.37 43.17
CA ALA C 48 51.38 39.42 43.89
C ALA C 48 51.44 38.09 43.17
N ALA C 49 51.50 38.12 41.84
CA ALA C 49 51.56 36.89 41.07
C ALA C 49 52.82 36.14 41.46
N ARG C 50 53.92 36.88 41.57
CA ARG C 50 55.22 36.32 41.93
C ARG C 50 55.19 35.63 43.30
N TRP C 51 54.53 36.27 44.27
CA TRP C 51 54.43 35.72 45.60
C TRP C 51 53.55 34.45 45.59
N LEU C 52 52.50 34.46 44.77
CA LEU C 52 51.62 33.31 44.69
C LEU C 52 52.28 32.14 43.98
N SER C 53 53.11 32.42 42.97
CA SER C 53 53.79 31.35 42.24
C SER C 53 54.63 30.48 43.17
N GLU C 54 55.42 31.14 44.01
CA GLU C 54 56.27 30.47 44.95
C GLU C 54 55.43 29.53 45.82
N ASN C 55 54.30 30.04 46.31
CA ASN C 55 53.42 29.26 47.17
C ASN C 55 52.50 28.24 46.49
N ILE C 56 52.36 28.33 45.18
CA ILE C 56 51.50 27.40 44.44
C ILE C 56 52.27 26.18 43.97
N ALA C 57 53.56 26.37 43.67
CA ALA C 57 54.38 25.27 43.19
C ALA C 57 54.63 24.22 44.29
N SER C 58 54.39 24.61 45.53
CA SER C 58 54.59 23.70 46.66
C SER C 58 53.40 22.74 46.81
N LYS C 59 52.27 23.08 46.21
CA LYS C 59 51.09 22.25 46.31
C LYS C 59 51.17 21.09 45.34
N LYS C 60 51.87 20.04 45.76
CA LYS C 60 52.06 18.88 44.90
C LYS C 60 50.86 17.98 44.69
N ASP C 61 49.79 18.18 45.44
CA ASP C 61 48.61 17.34 45.25
C ASP C 61 47.45 18.08 44.59
N LEU C 62 47.73 19.29 44.13
CA LEU C 62 46.75 20.15 43.46
C LEU C 62 46.17 19.45 42.22
N GLU C 63 44.84 19.44 42.13
CA GLU C 63 44.13 18.82 41.02
C GLU C 63 43.37 19.81 40.14
N ILE C 64 42.84 20.87 40.76
CA ILE C 64 42.09 21.90 40.04
C ILE C 64 42.60 23.32 40.31
N ALA C 65 42.69 24.12 39.25
CA ALA C 65 43.10 25.51 39.39
C ALA C 65 42.10 26.39 38.66
N GLU C 66 41.41 27.24 39.43
CA GLU C 66 40.42 28.14 38.83
C GLU C 66 41.02 29.54 38.76
N PHE C 67 41.60 29.87 37.62
CA PHE C 67 42.21 31.18 37.45
C PHE C 67 41.41 32.07 36.51
N SER C 68 40.13 31.76 36.36
CA SER C 68 39.26 32.55 35.50
C SER C 68 38.99 33.91 36.13
N ASP C 69 38.88 34.94 35.30
CA ASP C 69 38.60 36.28 35.82
C ASP C 69 39.51 36.73 36.96
N ILE C 70 40.78 36.98 36.68
CA ILE C 70 41.71 37.44 37.71
C ILE C 70 42.57 38.66 37.30
N PHE C 71 42.30 39.22 36.14
CA PHE C 71 43.09 40.35 35.64
C PHE C 71 42.29 41.61 35.25
N THR C 72 41.07 41.79 35.73
CA THR C 72 40.35 42.97 35.28
C THR C 72 41.03 44.26 35.68
N GLY C 73 41.20 45.16 34.72
CA GLY C 73 41.84 46.42 35.01
C GLY C 73 43.34 46.37 34.75
N ARG C 74 43.86 45.19 34.48
CA ARG C 74 45.29 45.06 34.24
C ARG C 74 45.61 45.34 32.78
N VAL C 75 46.66 46.12 32.56
CA VAL C 75 47.06 46.51 31.22
C VAL C 75 48.10 45.60 30.57
N LYS C 76 48.37 45.79 29.28
CA LYS C 76 49.31 44.93 28.60
C LYS C 76 50.68 44.98 29.23
N ASP C 77 50.84 45.89 30.18
CA ASP C 77 52.09 46.06 30.91
C ASP C 77 52.29 44.97 31.96
N GLU C 78 51.19 44.44 32.49
CA GLU C 78 51.25 43.45 33.57
C GLU C 78 50.80 42.03 33.30
N ILE C 79 49.68 41.87 32.60
CA ILE C 79 49.15 40.54 32.35
C ILE C 79 50.13 39.50 31.81
N PRO C 80 50.89 39.84 30.78
CA PRO C 80 51.82 38.82 30.26
C PRO C 80 52.84 38.32 31.29
N GLU C 81 53.38 39.23 32.09
CA GLU C 81 54.36 38.87 33.11
C GLU C 81 53.72 37.95 34.17
N ALA C 82 52.68 38.47 34.82
CA ALA C 82 51.96 37.73 35.85
C ALA C 82 51.55 36.34 35.39
N LEU C 83 50.96 36.26 34.21
CA LEU C 83 50.52 34.99 33.66
C LEU C 83 51.65 33.98 33.54
N ARG C 84 52.83 34.48 33.16
CA ARG C 84 54.00 33.65 32.99
C ARG C 84 54.39 33.06 34.34
N LEU C 85 54.38 33.89 35.38
CA LEU C 85 54.73 33.44 36.72
C LEU C 85 53.79 32.36 37.21
N LEU C 86 52.49 32.60 37.06
CA LEU C 86 51.49 31.65 37.52
C LEU C 86 51.58 30.32 36.78
N LEU C 87 51.55 30.35 35.46
CA LEU C 87 51.59 29.10 34.72
C LEU C 87 52.91 28.37 34.91
N GLN C 88 53.93 29.08 35.36
CA GLN C 88 55.23 28.47 35.56
C GLN C 88 55.13 27.55 36.79
N ALA C 89 54.40 28.04 37.78
CA ALA C 89 54.23 27.28 38.99
C ALA C 89 53.33 26.06 38.73
N LEU C 90 52.30 26.24 37.90
CA LEU C 90 51.41 25.12 37.61
C LEU C 90 52.08 23.94 36.91
N LEU C 91 53.10 24.22 36.11
CA LEU C 91 53.77 23.13 35.41
C LEU C 91 54.37 22.15 36.41
N LYS C 92 54.65 22.65 37.61
CA LYS C 92 55.26 21.85 38.66
C LYS C 92 54.29 21.04 39.51
N CYS C 93 53.03 20.96 39.10
CA CYS C 93 52.01 20.19 39.82
C CYS C 93 51.67 18.95 38.99
N PRO C 94 52.12 17.77 39.45
CA PRO C 94 51.89 16.50 38.75
C PRO C 94 50.47 15.96 38.68
N LYS C 95 49.58 16.40 39.57
CA LYS C 95 48.20 15.88 39.53
C LYS C 95 47.14 16.82 38.94
N LEU C 96 47.57 18.02 38.52
CA LEU C 96 46.68 19.05 37.96
C LEU C 96 46.04 18.66 36.64
N HIS C 97 44.83 18.10 36.69
CA HIS C 97 44.14 17.65 35.48
C HIS C 97 43.15 18.67 34.90
N THR C 98 42.81 19.69 35.69
CA THR C 98 41.86 20.70 35.25
C THR C 98 42.35 22.13 35.46
N VAL C 99 42.37 22.93 34.40
CA VAL C 99 42.79 24.31 34.53
C VAL C 99 41.83 25.21 33.76
N ARG C 100 41.37 26.26 34.44
CA ARG C 100 40.45 27.24 33.88
C ARG C 100 41.12 28.59 33.83
N LEU C 101 41.15 29.18 32.64
CA LEU C 101 41.79 30.49 32.47
C LEU C 101 40.86 31.49 31.79
N SER C 102 39.56 31.20 31.80
CA SER C 102 38.58 32.03 31.14
C SER C 102 38.37 33.44 31.65
N ASP C 103 37.79 34.25 30.77
CA ASP C 103 37.47 35.64 31.06
C ASP C 103 38.65 36.51 31.45
N ASN C 104 39.72 36.38 30.69
CA ASN C 104 40.93 37.17 30.90
C ASN C 104 41.32 37.71 29.52
N ALA C 105 41.61 39.01 29.46
CA ALA C 105 41.97 39.63 28.18
C ALA C 105 43.36 39.17 27.82
N PHE C 106 43.46 38.25 26.87
CA PHE C 106 44.76 37.75 26.48
C PHE C 106 45.20 38.18 25.09
N GLY C 107 44.55 37.65 24.07
CA GLY C 107 44.94 38.01 22.71
C GLY C 107 46.40 37.64 22.47
N PRO C 108 46.96 37.96 21.29
CA PRO C 108 48.35 37.64 20.97
C PRO C 108 49.33 38.19 21.99
N THR C 109 49.05 39.36 22.50
CA THR C 109 49.93 39.99 23.47
C THR C 109 50.25 39.19 24.74
N ALA C 110 49.63 38.03 24.90
CA ALA C 110 49.90 37.21 26.08
C ALA C 110 49.93 35.75 25.72
N GLN C 111 50.15 35.46 24.45
CA GLN C 111 50.19 34.09 23.97
C GLN C 111 51.43 33.32 24.38
N GLU C 112 52.48 34.03 24.76
CA GLU C 112 53.71 33.35 25.15
C GLU C 112 53.51 32.32 26.26
N PRO C 113 53.18 32.77 27.48
CA PRO C 113 52.97 31.84 28.59
C PRO C 113 52.03 30.69 28.24
N LEU C 114 50.92 31.04 27.59
CA LEU C 114 49.93 30.05 27.19
C LEU C 114 50.56 28.95 26.35
N ILE C 115 51.12 29.34 25.20
CA ILE C 115 51.73 28.38 24.29
C ILE C 115 52.73 27.48 25.01
N ASP C 116 53.51 28.09 25.90
CA ASP C 116 54.50 27.37 26.66
C ASP C 116 53.82 26.27 27.45
N PHE C 117 52.93 26.69 28.37
CA PHE C 117 52.18 25.79 29.25
C PHE C 117 51.42 24.65 28.56
N LEU C 118 50.47 25.02 27.70
CA LEU C 118 49.64 24.03 27.01
C LEU C 118 50.37 22.98 26.20
N SER C 119 51.67 23.17 25.98
CA SER C 119 52.38 22.17 25.19
C SER C 119 53.24 21.25 26.05
N LYS C 120 53.41 21.59 27.32
CA LYS C 120 54.24 20.77 28.18
C LYS C 120 53.56 20.21 29.43
N HIS C 121 52.31 20.57 29.66
CA HIS C 121 51.62 20.06 30.84
C HIS C 121 50.85 18.78 30.55
N THR C 122 51.58 17.66 30.53
CA THR C 122 51.01 16.35 30.23
C THR C 122 49.86 15.84 31.12
N PRO C 123 49.75 16.33 32.37
CA PRO C 123 48.67 15.89 33.27
C PRO C 123 47.26 16.39 32.87
N LEU C 124 47.22 17.48 32.11
CA LEU C 124 45.98 18.11 31.66
C LEU C 124 44.91 17.20 31.07
N GLU C 125 43.67 17.36 31.55
CA GLU C 125 42.53 16.58 31.06
C GLU C 125 41.29 17.41 30.69
N HIS C 126 41.15 18.56 31.35
CA HIS C 126 40.01 19.46 31.11
C HIS C 126 40.52 20.88 31.01
N LEU C 127 40.41 21.43 29.79
CA LEU C 127 40.87 22.79 29.51
C LEU C 127 39.74 23.80 29.28
N TYR C 128 39.78 24.89 30.04
CA TYR C 128 38.79 25.95 29.90
C TYR C 128 39.50 27.23 29.47
N LEU C 129 39.41 27.55 28.18
CA LEU C 129 40.06 28.74 27.64
C LEU C 129 38.95 29.49 26.89
N HIS C 130 37.95 29.89 27.68
CA HIS C 130 36.78 30.55 27.18
C HIS C 130 36.78 32.06 27.36
N ASN C 131 36.35 32.76 26.30
CA ASN C 131 36.27 34.21 26.32
C ASN C 131 37.63 34.81 26.64
N ASN C 132 38.62 34.60 25.79
CA ASN C 132 39.94 35.16 26.07
C ASN C 132 40.48 36.12 25.01
N GLY C 133 39.70 36.31 23.95
CA GLY C 133 40.09 37.20 22.88
C GLY C 133 41.34 36.75 22.15
N LEU C 134 41.52 35.44 22.03
CA LEU C 134 42.67 34.90 21.34
C LEU C 134 42.85 35.51 19.95
N GLY C 135 41.92 35.22 19.04
CA GLY C 135 42.02 35.74 17.68
C GLY C 135 42.47 34.60 16.79
N PRO C 136 42.40 34.73 15.46
CA PRO C 136 42.81 33.62 14.58
C PRO C 136 44.32 33.34 14.57
N GLN C 137 45.12 34.36 14.86
CA GLN C 137 46.57 34.18 14.87
C GLN C 137 46.99 33.35 16.08
N ALA C 138 46.76 33.89 17.27
CA ALA C 138 47.10 33.18 18.49
C ALA C 138 46.29 31.90 18.61
N GLY C 139 45.08 31.91 18.05
CA GLY C 139 44.26 30.73 18.11
C GLY C 139 44.90 29.60 17.36
N ALA C 140 45.55 29.90 16.24
CA ALA C 140 46.19 28.84 15.49
C ALA C 140 47.40 28.34 16.28
N LYS C 141 48.10 29.26 16.93
CA LYS C 141 49.27 28.89 17.71
C LYS C 141 48.90 28.02 18.91
N ILE C 142 47.77 28.32 19.57
CA ILE C 142 47.31 27.55 20.71
C ILE C 142 47.00 26.15 20.20
N ALA C 143 46.36 26.10 19.04
CA ALA C 143 46.01 24.81 18.45
C ALA C 143 47.25 23.97 18.20
N ARG C 144 48.35 24.60 17.75
CA ARG C 144 49.57 23.88 17.46
C ARG C 144 50.22 23.42 18.74
N ALA C 145 50.17 24.28 19.75
CA ALA C 145 50.74 23.94 21.04
C ALA C 145 50.10 22.67 21.58
N LEU C 146 48.79 22.54 21.37
CA LEU C 146 48.05 21.40 21.82
C LEU C 146 48.43 20.13 21.07
N GLN C 147 48.87 20.27 19.82
CA GLN C 147 49.31 19.12 19.03
C GLN C 147 50.58 18.61 19.69
N GLU C 148 51.43 19.55 20.12
CA GLU C 148 52.66 19.17 20.78
C GLU C 148 52.27 18.33 21.98
N LEU C 149 51.38 18.86 22.81
CA LEU C 149 50.93 18.17 24.02
C LEU C 149 50.62 16.71 23.78
N ALA C 150 49.98 16.41 22.66
CA ALA C 150 49.64 15.02 22.37
C ALA C 150 50.90 14.19 22.28
N VAL C 151 51.94 14.74 21.66
CA VAL C 151 53.20 14.01 21.50
C VAL C 151 53.90 13.79 22.84
N ASN C 152 53.95 14.84 23.65
CA ASN C 152 54.58 14.74 24.96
C ASN C 152 53.79 13.84 25.90
N LYS C 153 52.49 13.73 25.66
CA LYS C 153 51.65 12.89 26.50
C LYS C 153 51.95 11.43 26.18
N LYS C 154 52.02 11.12 24.89
CA LYS C 154 52.31 9.76 24.43
C LYS C 154 53.66 9.25 24.92
N ALA C 155 54.61 10.15 25.07
CA ALA C 155 55.93 9.79 25.54
C ALA C 155 55.99 9.58 27.04
N LYS C 156 54.89 9.82 27.74
CA LYS C 156 54.87 9.63 29.18
C LYS C 156 53.65 8.86 29.63
N ASN C 157 53.03 8.12 28.72
CA ASN C 157 51.83 7.34 29.04
C ASN C 157 50.91 8.15 29.96
N ALA C 158 50.57 9.36 29.54
CA ALA C 158 49.70 10.25 30.31
C ALA C 158 48.24 10.04 29.90
N PRO C 159 47.31 10.45 30.77
CA PRO C 159 45.88 10.32 30.48
C PRO C 159 45.52 11.20 29.29
N PRO C 160 44.53 10.77 28.49
CA PRO C 160 44.08 11.53 27.30
C PRO C 160 43.47 12.87 27.71
N LEU C 161 43.37 13.80 26.76
CA LEU C 161 42.75 15.07 27.04
C LEU C 161 41.28 14.74 26.87
N ARG C 162 40.43 15.23 27.77
CA ARG C 162 38.99 14.94 27.68
C ARG C 162 38.11 16.11 27.29
N SER C 163 38.45 17.31 27.76
CA SER C 163 37.65 18.49 27.50
C SER C 163 38.37 19.74 27.00
N ILE C 164 37.77 20.37 26.00
CA ILE C 164 38.29 21.62 25.45
C ILE C 164 37.11 22.59 25.33
N ILE C 165 37.09 23.61 26.17
CA ILE C 165 36.06 24.66 26.15
C ILE C 165 36.74 25.94 25.65
N CYS C 166 36.57 26.25 24.37
CA CYS C 166 37.25 27.39 23.78
C CYS C 166 36.39 28.27 22.88
N GLY C 167 35.51 29.05 23.48
CA GLY C 167 34.65 29.88 22.66
C GLY C 167 34.73 31.35 22.97
N ARG C 168 34.11 32.14 22.10
CA ARG C 168 34.10 33.59 22.21
C ARG C 168 35.54 34.09 22.08
N ASN C 169 36.29 33.48 21.16
CA ASN C 169 37.68 33.85 20.89
C ASN C 169 37.93 34.25 19.43
N ARG C 170 36.90 34.37 18.61
CA ARG C 170 37.10 34.72 17.21
C ARG C 170 38.17 33.86 16.54
N LEU C 171 38.09 32.55 16.72
CA LEU C 171 39.06 31.64 16.09
C LEU C 171 38.91 31.79 14.59
N GLU C 172 37.71 32.16 14.15
CA GLU C 172 37.38 32.37 12.74
C GLU C 172 37.81 31.23 11.83
N ASN C 173 37.61 31.42 10.53
CA ASN C 173 38.00 30.42 9.54
C ASN C 173 39.52 30.22 9.52
N GLY C 174 40.22 31.31 9.80
CA GLY C 174 41.67 31.31 9.79
C GLY C 174 42.44 30.22 10.54
N SER C 175 41.93 29.76 11.68
CA SER C 175 42.65 28.75 12.44
C SER C 175 42.06 27.36 12.40
N MET C 176 41.11 27.13 11.49
CA MET C 176 40.49 25.82 11.42
C MET C 176 41.34 24.70 10.82
N LYS C 177 42.33 25.03 9.99
CA LYS C 177 43.16 23.97 9.41
C LYS C 177 43.97 23.36 10.56
N GLU C 178 44.42 24.25 11.44
CA GLU C 178 45.22 23.85 12.55
C GLU C 178 44.39 23.17 13.64
N TRP C 179 43.18 23.67 13.89
CA TRP C 179 42.32 23.07 14.91
C TRP C 179 41.86 21.67 14.48
N ALA C 180 41.60 21.51 13.20
CA ALA C 180 41.20 20.21 12.71
C ALA C 180 42.32 19.24 13.07
N LYS C 181 43.56 19.70 12.90
CA LYS C 181 44.71 18.85 13.20
C LYS C 181 44.81 18.56 14.70
N THR C 182 44.37 19.50 15.52
CA THR C 182 44.42 19.28 16.96
C THR C 182 43.46 18.14 17.35
N PHE C 183 42.25 18.17 16.78
CA PHE C 183 41.26 17.14 17.06
C PHE C 183 41.71 15.80 16.53
N GLN C 184 42.66 15.81 15.58
CA GLN C 184 43.18 14.56 15.04
C GLN C 184 44.17 13.99 16.04
N SER C 185 44.75 14.89 16.84
CA SER C 185 45.73 14.52 17.84
C SER C 185 45.12 14.01 19.13
N HIS C 186 43.87 14.38 19.38
CA HIS C 186 43.19 13.94 20.60
C HIS C 186 41.86 13.30 20.25
N ARG C 187 41.90 12.03 19.86
CA ARG C 187 40.69 11.33 19.47
C ARG C 187 39.93 10.67 20.57
N LEU C 188 40.19 11.02 21.82
CA LEU C 188 39.47 10.44 22.93
C LEU C 188 38.74 11.53 23.73
N LEU C 189 38.50 12.66 23.07
CA LEU C 189 37.82 13.79 23.69
C LEU C 189 36.35 13.45 23.97
N HIS C 190 35.82 13.95 25.09
CA HIS C 190 34.43 13.73 25.46
C HIS C 190 33.58 15.01 25.27
N THR C 191 34.14 16.15 25.63
CA THR C 191 33.46 17.43 25.53
C THR C 191 34.24 18.48 24.76
N VAL C 192 33.59 19.11 23.79
CA VAL C 192 34.21 20.20 23.06
C VAL C 192 33.15 21.23 22.72
N LYS C 193 33.44 22.46 23.07
CA LYS C 193 32.55 23.58 22.81
C LYS C 193 33.34 24.75 22.21
N MET C 194 33.05 25.08 20.97
CA MET C 194 33.72 26.16 20.30
C MET C 194 32.68 27.15 19.85
N VAL C 195 31.95 27.61 20.85
CA VAL C 195 30.87 28.55 20.70
C VAL C 195 31.30 29.96 20.32
N GLN C 196 30.47 30.60 19.49
CA GLN C 196 30.65 32.00 19.07
C GLN C 196 32.07 32.42 18.66
N ASN C 197 32.64 31.79 17.63
CA ASN C 197 33.99 32.11 17.20
C ASN C 197 34.10 32.73 15.80
N GLY C 198 33.01 33.26 15.27
CA GLY C 198 33.08 33.84 13.95
C GLY C 198 33.44 32.84 12.86
N ILE C 199 33.37 31.55 13.16
CA ILE C 199 33.69 30.54 12.15
C ILE C 199 32.58 30.55 11.11
N ARG C 200 32.94 30.52 9.82
CA ARG C 200 31.93 30.54 8.74
C ARG C 200 31.80 29.17 8.04
N PRO C 201 30.87 29.05 7.07
CA PRO C 201 30.67 27.77 6.37
C PRO C 201 31.88 26.92 5.98
N GLU C 202 32.84 27.48 5.24
CA GLU C 202 33.99 26.67 4.87
C GLU C 202 34.70 26.23 6.16
N GLY C 203 34.71 27.10 7.17
CA GLY C 203 35.34 26.78 8.44
C GLY C 203 34.68 25.57 9.09
N ILE C 204 33.37 25.66 9.31
CA ILE C 204 32.63 24.58 9.93
C ILE C 204 32.78 23.30 9.13
N GLU C 205 32.73 23.41 7.80
CA GLU C 205 32.85 22.23 6.96
C GLU C 205 34.16 21.49 7.22
N HIS C 206 35.25 22.22 7.29
CA HIS C 206 36.57 21.63 7.52
C HIS C 206 36.63 21.05 8.93
N LEU C 207 36.38 21.90 9.91
CA LEU C 207 36.39 21.48 11.31
C LEU C 207 35.66 20.15 11.52
N LEU C 208 34.46 20.02 10.95
CA LEU C 208 33.70 18.78 11.10
C LEU C 208 34.29 17.57 10.42
N LEU C 209 34.42 17.61 9.10
CA LEU C 209 34.96 16.49 8.32
C LEU C 209 36.44 16.17 8.48
N GLU C 210 37.22 17.15 8.93
CA GLU C 210 38.65 16.94 9.09
C GLU C 210 39.07 16.92 10.56
N GLY C 211 38.16 17.36 11.44
CA GLY C 211 38.45 17.41 12.86
C GLY C 211 37.57 16.55 13.73
N LEU C 212 36.52 17.13 14.30
CA LEU C 212 35.63 16.39 15.18
C LEU C 212 35.23 15.00 14.67
N ALA C 213 35.16 14.83 13.36
CA ALA C 213 34.79 13.54 12.82
C ALA C 213 35.68 12.37 13.24
N TYR C 214 36.86 12.65 13.78
CA TYR C 214 37.78 11.60 14.22
C TYR C 214 37.64 11.26 15.70
N CYS C 215 36.88 12.09 16.42
CA CYS C 215 36.64 11.90 17.85
C CYS C 215 35.43 10.99 18.10
N GLN C 216 35.62 9.70 17.89
CA GLN C 216 34.55 8.71 18.04
C GLN C 216 33.92 8.59 19.43
N GLU C 217 34.54 9.18 20.45
CA GLU C 217 34.03 9.09 21.83
C GLU C 217 33.28 10.32 22.32
N LEU C 218 33.13 11.28 21.42
CA LEU C 218 32.49 12.55 21.71
C LEU C 218 31.14 12.42 22.40
N LYS C 219 30.93 13.16 23.48
CA LYS C 219 29.66 13.12 24.21
C LYS C 219 28.89 14.43 24.12
N VAL C 220 29.60 15.55 24.26
CA VAL C 220 28.97 16.86 24.20
C VAL C 220 29.60 17.71 23.10
N LEU C 221 28.78 18.35 22.27
CA LEU C 221 29.29 19.18 21.19
C LEU C 221 28.43 20.42 21.04
N ASP C 222 29.03 21.60 21.23
CA ASP C 222 28.29 22.85 21.11
C ASP C 222 29.02 23.85 20.18
N LEU C 223 28.40 24.15 19.04
CA LEU C 223 28.96 25.08 18.06
C LEU C 223 28.04 26.31 17.89
N GLN C 224 27.26 26.59 18.93
CA GLN C 224 26.33 27.71 18.92
C GLN C 224 26.88 29.04 18.41
N ASP C 225 26.07 29.72 17.63
CA ASP C 225 26.36 31.03 17.08
C ASP C 225 27.50 31.20 16.08
N ASN C 226 27.69 30.22 15.22
CA ASN C 226 28.69 30.35 14.18
C ASN C 226 27.83 30.44 12.92
N THR C 227 28.33 30.12 11.74
CA THR C 227 27.48 30.19 10.57
C THR C 227 27.64 28.95 9.73
N PHE C 228 26.63 28.10 9.72
CA PHE C 228 26.69 26.88 8.95
C PHE C 228 26.20 26.99 7.51
N THR C 229 24.95 27.43 7.34
CA THR C 229 24.30 27.52 6.02
C THR C 229 24.32 26.12 5.42
N HIS C 230 24.02 25.97 4.14
CA HIS C 230 23.99 24.63 3.57
C HIS C 230 25.31 23.89 3.62
N LEU C 231 26.40 24.61 3.43
CA LEU C 231 27.73 23.99 3.43
C LEU C 231 28.04 23.27 4.76
N GLY C 232 27.96 24.02 5.86
CA GLY C 232 28.25 23.45 7.16
C GLY C 232 27.23 22.38 7.53
N SER C 233 25.98 22.60 7.10
CA SER C 233 24.91 21.66 7.40
C SER C 233 25.15 20.29 6.80
N SER C 234 25.61 20.27 5.54
CA SER C 234 25.87 19.00 4.89
C SER C 234 27.04 18.31 5.56
N ALA C 235 27.98 19.11 6.06
CA ALA C 235 29.14 18.54 6.76
C ALA C 235 28.65 17.90 8.06
N LEU C 236 27.72 18.57 8.74
CA LEU C 236 27.19 18.04 9.99
C LEU C 236 26.40 16.76 9.72
N ALA C 237 25.65 16.76 8.62
CA ALA C 237 24.87 15.61 8.28
C ALA C 237 25.76 14.39 8.05
N ILE C 238 26.90 14.59 7.38
CA ILE C 238 27.79 13.48 7.09
C ILE C 238 28.56 13.01 8.33
N ALA C 239 28.81 13.93 9.25
CA ALA C 239 29.56 13.60 10.43
C ALA C 239 28.82 12.89 11.57
N LEU C 240 27.53 13.15 11.74
CA LEU C 240 26.79 12.55 12.84
C LEU C 240 26.98 11.07 13.08
N LYS C 241 27.12 10.28 12.02
CA LYS C 241 27.30 8.85 12.18
C LYS C 241 28.65 8.48 12.82
N SER C 242 29.45 9.48 13.16
CA SER C 242 30.75 9.21 13.75
C SER C 242 30.74 9.35 15.27
N TRP C 243 29.64 9.86 15.81
CA TRP C 243 29.54 10.03 17.26
C TRP C 243 28.44 9.15 17.90
N PRO C 244 28.67 7.83 17.95
CA PRO C 244 27.77 6.82 18.49
C PRO C 244 27.24 7.12 19.90
N ASN C 245 28.03 7.83 20.71
CA ASN C 245 27.64 8.17 22.07
C ASN C 245 27.32 9.63 22.26
N LEU C 246 26.91 10.33 21.20
CA LEU C 246 26.59 11.74 21.36
C LEU C 246 25.41 11.88 22.32
N ARG C 247 25.46 12.84 23.25
CA ARG C 247 24.37 13.06 24.20
C ARG C 247 23.81 14.49 24.15
N GLU C 248 24.64 15.44 23.75
CA GLU C 248 24.19 16.82 23.68
C GLU C 248 24.68 17.46 22.39
N LEU C 249 23.77 18.01 21.61
CA LEU C 249 24.11 18.66 20.37
C LEU C 249 23.55 20.08 20.40
N GLY C 250 24.42 21.06 20.55
CA GLY C 250 23.98 22.45 20.60
C GLY C 250 24.24 23.20 19.30
N LEU C 251 23.17 23.55 18.59
CA LEU C 251 23.29 24.27 17.34
C LEU C 251 22.46 25.55 17.33
N ASN C 252 22.26 26.18 18.47
CA ASN C 252 21.47 27.41 18.49
C ASN C 252 22.18 28.53 17.73
N ASP C 253 21.41 29.42 17.10
CA ASP C 253 21.98 30.58 16.41
C ASP C 253 22.95 30.25 15.27
N CYS C 254 22.80 29.08 14.65
CA CYS C 254 23.71 28.70 13.57
C CYS C 254 23.24 28.95 12.15
N LEU C 255 22.05 29.54 11.98
CA LEU C 255 21.53 29.78 10.64
C LEU C 255 21.74 28.53 9.80
N LEU C 256 21.25 27.39 10.29
CA LEU C 256 21.39 26.14 9.56
C LEU C 256 20.77 26.28 8.19
N SER C 257 19.76 27.15 8.08
CA SER C 257 19.04 27.36 6.83
C SER C 257 17.97 26.25 6.72
N ALA C 258 16.89 26.52 5.99
CA ALA C 258 15.81 25.54 5.88
C ALA C 258 16.23 24.24 5.24
N ARG C 259 16.96 24.31 4.12
CA ARG C 259 17.41 23.11 3.42
C ARG C 259 18.45 22.36 4.25
N GLY C 260 19.27 23.09 4.98
CA GLY C 260 20.30 22.48 5.80
C GLY C 260 19.69 21.69 6.94
N ALA C 261 18.74 22.31 7.63
CA ALA C 261 18.07 21.68 8.76
C ALA C 261 17.39 20.39 8.30
N ALA C 262 16.76 20.42 7.15
CA ALA C 262 16.10 19.25 6.61
C ALA C 262 17.11 18.12 6.42
N ALA C 263 18.30 18.47 5.96
CA ALA C 263 19.35 17.48 5.72
C ALA C 263 19.84 16.86 7.03
N VAL C 264 19.94 17.67 8.09
CA VAL C 264 20.38 17.17 9.38
C VAL C 264 19.30 16.26 9.98
N VAL C 265 18.04 16.70 9.93
CA VAL C 265 16.96 15.90 10.46
C VAL C 265 16.94 14.59 9.71
N ASP C 266 17.26 14.64 8.42
CA ASP C 266 17.26 13.41 7.63
C ASP C 266 18.39 12.49 8.12
N ALA C 267 19.51 13.09 8.50
CA ALA C 267 20.63 12.30 9.00
C ALA C 267 20.24 11.56 10.27
N PHE C 268 19.69 12.26 11.25
CA PHE C 268 19.29 11.64 12.50
C PHE C 268 18.39 10.44 12.22
N SER C 269 17.54 10.61 11.20
CA SER C 269 16.62 9.58 10.79
C SER C 269 17.27 8.25 10.43
N LYS C 270 18.51 8.29 9.93
CA LYS C 270 19.22 7.08 9.53
C LYS C 270 20.09 6.47 10.62
N LEU C 271 20.27 7.18 11.73
CA LEU C 271 21.08 6.66 12.82
C LEU C 271 20.32 5.61 13.61
N GLU C 272 21.06 4.74 14.28
CA GLU C 272 20.44 3.72 15.11
C GLU C 272 20.94 3.89 16.54
N ASN C 273 20.21 3.34 17.49
CA ASN C 273 20.59 3.44 18.89
C ASN C 273 20.95 4.86 19.28
N ILE C 274 20.10 5.82 18.96
CA ILE C 274 20.36 7.21 19.32
C ILE C 274 20.11 7.41 20.81
N GLY C 275 21.14 7.88 21.52
CA GLY C 275 21.02 8.14 22.95
C GLY C 275 21.06 9.63 23.20
N LEU C 276 20.82 10.42 22.16
CA LEU C 276 20.84 11.86 22.29
C LEU C 276 19.92 12.27 23.44
N GLN C 277 20.34 13.21 24.28
CA GLN C 277 19.51 13.66 25.39
C GLN C 277 19.08 15.12 25.34
N THR C 278 19.83 15.96 24.65
CA THR C 278 19.45 17.35 24.54
C THR C 278 19.81 17.84 23.15
N LEU C 279 18.83 18.42 22.46
CA LEU C 279 18.99 18.90 21.10
C LEU C 279 18.57 20.36 21.00
N ARG C 280 19.53 21.24 20.76
CA ARG C 280 19.28 22.69 20.66
C ARG C 280 19.31 23.19 19.21
N LEU C 281 18.15 23.59 18.69
CA LEU C 281 18.04 24.06 17.30
C LEU C 281 17.40 25.45 17.10
N GLN C 282 17.49 26.33 18.09
CA GLN C 282 16.90 27.66 17.96
C GLN C 282 17.45 28.46 16.80
N TYR C 283 16.73 29.52 16.43
CA TYR C 283 17.10 30.42 15.35
C TYR C 283 17.88 29.84 14.18
N ASN C 284 17.30 28.86 13.49
CA ASN C 284 17.99 28.25 12.36
C ASN C 284 17.22 28.33 11.05
N GLU C 285 16.14 29.10 11.05
CA GLU C 285 15.30 29.26 9.86
C GLU C 285 14.67 27.92 9.48
N ILE C 286 14.51 27.05 10.47
CA ILE C 286 13.92 25.74 10.21
C ILE C 286 12.44 25.92 9.87
N GLU C 287 11.97 25.20 8.86
CA GLU C 287 10.58 25.29 8.45
C GLU C 287 9.70 24.11 8.85
N LEU C 288 8.41 24.40 9.00
CA LEU C 288 7.39 23.45 9.40
C LEU C 288 7.58 22.02 8.89
N ASP C 289 7.89 21.88 7.61
CA ASP C 289 8.09 20.55 7.01
C ASP C 289 9.16 19.74 7.72
N ALA C 290 10.31 20.35 7.96
CA ALA C 290 11.40 19.65 8.65
C ALA C 290 11.00 19.36 10.10
N VAL C 291 10.30 20.31 10.72
CA VAL C 291 9.86 20.13 12.11
C VAL C 291 8.91 18.93 12.20
N ARG C 292 8.11 18.72 11.16
CA ARG C 292 7.19 17.59 11.15
C ARG C 292 7.98 16.29 11.27
N THR C 293 8.88 16.06 10.33
CA THR C 293 9.70 14.85 10.35
C THR C 293 10.54 14.73 11.64
N LEU C 294 11.04 15.85 12.14
CA LEU C 294 11.83 15.78 13.36
C LEU C 294 10.95 15.23 14.47
N LYS C 295 9.69 15.67 14.51
CA LYS C 295 8.79 15.21 15.55
C LYS C 295 8.68 13.70 15.54
N THR C 296 8.44 13.13 14.37
CA THR C 296 8.31 11.69 14.28
C THR C 296 9.64 10.95 14.47
N VAL C 297 10.76 11.60 14.16
CA VAL C 297 12.05 10.95 14.35
C VAL C 297 12.30 10.88 15.86
N ILE C 298 11.87 11.92 16.57
CA ILE C 298 12.04 11.95 18.00
C ILE C 298 11.15 10.93 18.68
N ASP C 299 9.97 10.71 18.09
CA ASP C 299 9.00 9.77 18.66
C ASP C 299 9.48 8.35 18.52
N GLU C 300 9.83 7.95 17.31
CA GLU C 300 10.28 6.60 17.06
C GLU C 300 11.75 6.28 17.39
N LYS C 301 12.64 7.27 17.28
CA LYS C 301 14.05 6.98 17.50
C LYS C 301 14.87 7.67 18.57
N MET C 302 14.31 8.64 19.29
CA MET C 302 15.07 9.33 20.32
C MET C 302 14.40 9.15 21.67
N PRO C 303 14.39 7.93 22.17
CA PRO C 303 13.77 7.60 23.46
C PRO C 303 14.34 8.23 24.69
N ASP C 304 15.51 8.87 24.60
CA ASP C 304 16.11 9.50 25.79
C ASP C 304 16.07 11.02 25.77
N LEU C 305 15.49 11.59 24.72
CA LEU C 305 15.44 13.04 24.61
C LEU C 305 14.73 13.70 25.80
N LEU C 306 15.45 14.57 26.50
CA LEU C 306 14.90 15.29 27.66
C LEU C 306 14.70 16.78 27.41
N PHE C 307 15.30 17.31 26.35
CA PHE C 307 15.18 18.73 26.05
C PHE C 307 15.24 19.00 24.57
N LEU C 308 14.32 19.83 24.08
CA LEU C 308 14.28 20.19 22.67
C LEU C 308 14.16 21.69 22.68
N GLU C 309 14.70 22.35 21.66
CA GLU C 309 14.64 23.82 21.58
C GLU C 309 14.45 24.24 20.14
N LEU C 310 13.29 24.81 19.85
CA LEU C 310 12.98 25.23 18.49
C LEU C 310 12.57 26.70 18.35
N ASN C 311 12.70 27.47 19.43
CA ASN C 311 12.34 28.88 19.37
C ASN C 311 13.12 29.66 18.31
N GLY C 312 12.45 30.64 17.70
CA GLY C 312 13.12 31.47 16.72
C GLY C 312 13.14 30.96 15.28
N ASN C 313 12.53 29.80 15.04
CA ASN C 313 12.53 29.26 13.68
C ASN C 313 11.41 29.81 12.79
N ARG C 314 11.32 29.29 11.57
CA ARG C 314 10.32 29.76 10.62
C ARG C 314 9.02 28.94 10.57
N PHE C 315 8.38 28.75 11.72
CA PHE C 315 7.10 28.05 11.74
C PHE C 315 6.26 28.65 12.85
N SER C 316 4.94 28.51 12.76
CA SER C 316 4.05 29.10 13.76
C SER C 316 3.98 28.42 15.11
N GLU C 317 4.01 29.22 16.17
CA GLU C 317 3.93 28.67 17.51
C GLU C 317 2.61 27.91 17.63
N GLU C 318 1.68 28.22 16.73
CA GLU C 318 0.34 27.62 16.72
C GLU C 318 0.18 26.36 15.90
N ASP C 319 1.16 26.00 15.07
CA ASP C 319 1.05 24.81 14.23
C ASP C 319 0.74 23.51 14.98
N ASP C 320 0.22 22.53 14.25
CA ASP C 320 -0.15 21.26 14.84
C ASP C 320 0.99 20.51 15.50
N VAL C 321 2.12 20.41 14.79
CA VAL C 321 3.30 19.70 15.31
C VAL C 321 3.67 20.08 16.72
N VAL C 322 3.50 21.34 17.08
CA VAL C 322 3.85 21.77 18.42
C VAL C 322 3.14 20.93 19.47
N ASP C 323 1.84 20.68 19.25
CA ASP C 323 1.08 19.88 20.20
C ASP C 323 1.46 18.41 20.09
N GLU C 324 1.72 17.95 18.88
CA GLU C 324 2.10 16.56 18.68
C GLU C 324 3.42 16.26 19.41
N ILE C 325 4.35 17.21 19.36
CA ILE C 325 5.63 17.06 20.05
C ILE C 325 5.36 16.98 21.55
N ARG C 326 4.59 17.95 22.05
CA ARG C 326 4.27 17.97 23.47
C ARG C 326 3.58 16.66 23.87
N GLU C 327 2.79 16.10 22.95
CA GLU C 327 2.07 14.86 23.22
C GLU C 327 3.03 13.71 23.47
N VAL C 328 4.09 13.67 22.68
CA VAL C 328 5.11 12.63 22.78
C VAL C 328 5.75 12.65 24.16
N PHE C 329 6.16 13.82 24.60
CA PHE C 329 6.80 13.95 25.90
C PHE C 329 5.81 13.66 27.04
N SER C 330 4.55 14.01 26.84
CA SER C 330 3.52 13.78 27.87
C SER C 330 3.32 12.28 28.04
N THR C 331 3.15 11.60 26.92
CA THR C 331 2.93 10.16 26.92
C THR C 331 4.07 9.40 27.59
N ARG C 332 5.27 9.94 27.49
CA ARG C 332 6.44 9.31 28.08
C ARG C 332 6.64 9.69 29.53
N GLY C 333 6.12 10.85 29.92
CA GLY C 333 6.31 11.29 31.29
C GLY C 333 7.71 11.84 31.41
N ARG C 334 8.35 12.07 30.27
CA ARG C 334 9.71 12.57 30.21
C ARG C 334 9.96 13.24 28.84
N GLY C 335 10.42 14.48 28.86
CA GLY C 335 10.67 15.21 27.63
C GLY C 335 10.45 16.69 27.90
N GLU C 336 10.67 17.58 26.95
CA GLU C 336 10.46 19.00 27.23
C GLU C 336 10.80 19.95 26.08
N LEU C 337 9.79 20.68 25.59
CA LEU C 337 9.99 21.64 24.51
C LEU C 337 10.10 23.00 25.17
N ASP C 338 10.70 23.97 24.48
CA ASP C 338 10.89 25.30 25.04
C ASP C 338 9.75 26.26 24.66
N GLU C 339 9.78 27.46 25.24
CA GLU C 339 8.77 28.49 24.96
C GLU C 339 8.98 29.08 23.58
N LEU C 340 8.03 28.84 22.67
CA LEU C 340 8.14 29.33 21.30
C LEU C 340 7.63 30.77 21.13
N ASP C 341 8.10 31.67 21.99
CA ASP C 341 7.67 33.06 21.95
C ASP C 341 8.43 34.03 21.05
N ASP C 342 9.06 33.56 19.98
CA ASP C 342 9.80 34.48 19.11
C ASP C 342 10.04 33.93 17.72
N MET C 343 9.06 33.25 17.16
CA MET C 343 9.23 32.67 15.82
C MET C 343 9.57 33.73 14.77
N GLU C 344 10.40 33.34 13.82
CA GLU C 344 10.84 34.25 12.76
C GLU C 344 9.78 34.52 11.71
N GLU C 345 9.99 35.61 10.98
CA GLU C 345 9.09 36.05 9.91
C GLU C 345 7.79 36.58 10.44
N GLN D 8 20.06 -11.94 -55.24
CA GLN D 8 20.03 -11.42 -53.84
C GLN D 8 21.02 -12.17 -52.95
N VAL D 9 22.18 -11.56 -52.73
CA VAL D 9 23.23 -12.11 -51.90
C VAL D 9 22.94 -11.94 -50.40
N GLN D 10 23.38 -12.92 -49.60
CA GLN D 10 23.21 -12.90 -48.14
C GLN D 10 24.47 -13.28 -47.36
N PHE D 11 24.70 -12.60 -46.24
CA PHE D 11 25.88 -12.86 -45.43
C PHE D 11 25.54 -12.97 -43.96
N LYS D 12 25.92 -14.08 -43.34
CA LYS D 12 25.65 -14.26 -41.92
C LYS D 12 26.73 -13.56 -41.11
N LEU D 13 26.37 -12.52 -40.39
CA LEU D 13 27.33 -11.79 -39.58
C LEU D 13 27.03 -11.98 -38.08
N VAL D 14 28.06 -12.35 -37.32
CA VAL D 14 27.90 -12.56 -35.90
C VAL D 14 28.31 -11.31 -35.14
N LEU D 15 27.41 -10.78 -34.33
CA LEU D 15 27.69 -9.58 -33.53
C LEU D 15 27.98 -10.08 -32.11
N VAL D 16 29.15 -9.76 -31.61
CA VAL D 16 29.62 -10.26 -30.33
C VAL D 16 30.26 -9.20 -29.44
N GLY D 17 30.33 -9.45 -28.13
CA GLY D 17 30.95 -8.49 -27.22
C GLY D 17 30.35 -8.49 -25.83
N ASP D 18 30.98 -7.80 -24.88
CA ASP D 18 30.46 -7.74 -23.52
C ASP D 18 29.09 -7.06 -23.37
N GLY D 19 28.42 -7.32 -22.25
CA GLY D 19 27.11 -6.75 -22.00
C GLY D 19 27.15 -5.26 -21.79
N GLY D 20 26.15 -4.57 -22.32
CA GLY D 20 26.09 -3.13 -22.16
C GLY D 20 27.02 -2.34 -23.08
N THR D 21 27.65 -3.01 -24.04
CA THR D 21 28.55 -2.30 -24.91
C THR D 21 27.85 -1.55 -26.05
N GLY D 22 26.65 -1.97 -26.44
CA GLY D 22 25.94 -1.27 -27.49
C GLY D 22 25.61 -2.10 -28.71
N LYS D 23 25.81 -3.42 -28.61
CA LYS D 23 25.52 -4.29 -29.73
C LYS D 23 24.10 -4.09 -30.27
N THR D 24 23.11 -4.19 -29.39
CA THR D 24 21.71 -4.06 -29.79
C THR D 24 21.32 -2.65 -30.22
N THR D 25 21.80 -1.65 -29.49
CA THR D 25 21.51 -0.28 -29.81
C THR D 25 22.07 0.03 -31.19
N PHE D 26 23.19 -0.61 -31.54
CA PHE D 26 23.81 -0.40 -32.83
C PHE D 26 22.88 -0.93 -33.92
N VAL D 27 22.47 -2.19 -33.79
CA VAL D 27 21.59 -2.78 -34.79
C VAL D 27 20.30 -2.01 -34.93
N LYS D 28 19.72 -1.61 -33.80
CA LYS D 28 18.47 -0.88 -33.78
C LYS D 28 18.52 0.37 -34.66
N ARG D 29 19.60 1.14 -34.53
CA ARG D 29 19.75 2.35 -35.31
C ARG D 29 19.76 2.08 -36.80
N HIS D 30 20.40 0.99 -37.20
CA HIS D 30 20.48 0.65 -38.61
C HIS D 30 19.19 0.16 -39.20
N LEU D 31 18.31 -0.42 -38.42
CA LEU D 31 17.07 -0.88 -39.03
C LEU D 31 15.87 -0.04 -38.68
N THR D 32 16.11 1.10 -38.03
CA THR D 32 15.02 1.96 -37.62
C THR D 32 15.35 3.45 -37.66
N GLY D 33 16.56 3.78 -37.22
CA GLY D 33 16.99 5.15 -37.19
C GLY D 33 16.90 5.70 -35.78
N GLU D 34 16.20 4.96 -34.92
CA GLU D 34 16.03 5.39 -33.54
C GLU D 34 17.29 5.12 -32.72
N PHE D 35 17.35 5.71 -31.55
CA PHE D 35 18.47 5.50 -30.65
C PHE D 35 17.89 5.06 -29.31
N GLU D 36 17.87 3.76 -29.08
CA GLU D 36 17.33 3.23 -27.84
C GLU D 36 18.22 3.56 -26.66
N LYS D 37 17.67 4.25 -25.66
CA LYS D 37 18.45 4.61 -24.49
C LYS D 37 18.21 3.73 -23.26
N LYS D 38 17.33 2.75 -23.37
CA LYS D 38 17.06 1.85 -22.26
C LYS D 38 17.83 0.56 -22.47
N TYR D 39 18.63 0.17 -21.49
CA TYR D 39 19.36 -1.08 -21.61
C TYR D 39 18.45 -2.24 -21.26
N VAL D 40 18.16 -3.08 -22.25
CA VAL D 40 17.33 -4.26 -22.06
C VAL D 40 18.11 -5.45 -22.60
N ALA D 41 18.80 -6.16 -21.72
CA ALA D 41 19.61 -7.32 -22.10
C ALA D 41 18.95 -8.28 -23.08
N THR D 42 19.77 -8.81 -23.98
CA THR D 42 19.33 -9.74 -25.02
C THR D 42 19.50 -11.16 -24.50
N LEU D 43 18.49 -12.00 -24.66
CA LEU D 43 18.60 -13.38 -24.18
C LEU D 43 18.90 -14.33 -25.33
N GLY D 44 20.06 -14.98 -25.26
CA GLY D 44 20.45 -15.91 -26.31
C GLY D 44 20.92 -15.18 -27.55
N VAL D 45 20.11 -15.19 -28.59
CA VAL D 45 20.44 -14.49 -29.80
C VAL D 45 19.19 -14.06 -30.55
N GLU D 46 19.28 -12.90 -31.21
CA GLU D 46 18.18 -12.37 -32.01
C GLU D 46 18.72 -12.04 -33.38
N VAL D 47 18.17 -12.68 -34.41
CA VAL D 47 18.59 -12.46 -35.79
C VAL D 47 17.82 -11.29 -36.46
N HIS D 48 18.54 -10.28 -36.94
CA HIS D 48 17.92 -9.10 -37.58
C HIS D 48 18.50 -8.89 -38.96
N PRO D 49 17.66 -8.84 -40.00
CA PRO D 49 18.10 -8.62 -41.38
C PRO D 49 18.26 -7.14 -41.77
N LEU D 50 19.39 -6.80 -42.39
CA LEU D 50 19.68 -5.45 -42.82
C LEU D 50 20.15 -5.48 -44.28
N VAL D 51 19.50 -4.71 -45.15
CA VAL D 51 19.97 -4.70 -46.54
C VAL D 51 20.51 -3.33 -46.88
N PHE D 52 21.43 -3.32 -47.84
CA PHE D 52 22.07 -2.10 -48.33
C PHE D 52 22.19 -2.18 -49.83
N HIS D 53 22.04 -1.04 -50.50
CA HIS D 53 22.15 -1.03 -51.93
C HIS D 53 23.54 -0.53 -52.31
N THR D 54 24.22 -1.29 -53.15
CA THR D 54 25.58 -0.94 -53.60
C THR D 54 25.63 -0.86 -55.11
N ASN D 55 26.74 -0.34 -55.63
CA ASN D 55 26.94 -0.21 -57.06
C ASN D 55 26.95 -1.59 -57.72
N ARG D 56 26.94 -2.66 -56.92
CA ARG D 56 26.95 -4.00 -57.48
C ARG D 56 25.68 -4.73 -57.09
N GLY D 57 24.67 -3.96 -56.71
CA GLY D 57 23.40 -4.55 -56.34
C GLY D 57 23.10 -4.54 -54.85
N PRO D 58 21.90 -4.98 -54.45
CA PRO D 58 21.51 -5.01 -53.03
C PRO D 58 22.07 -6.26 -52.34
N ILE D 59 22.57 -6.09 -51.12
CA ILE D 59 23.11 -7.21 -50.37
C ILE D 59 22.46 -7.20 -49.00
N LYS D 60 22.28 -8.39 -48.43
CA LYS D 60 21.64 -8.47 -47.12
C LYS D 60 22.52 -9.11 -46.05
N PHE D 61 22.63 -8.43 -44.90
CA PHE D 61 23.40 -8.96 -43.78
C PHE D 61 22.43 -9.51 -42.75
N ASN D 62 22.48 -10.80 -42.46
CA ASN D 62 21.62 -11.36 -41.41
C ASN D 62 22.44 -11.27 -40.13
N VAL D 63 22.24 -10.20 -39.37
CA VAL D 63 22.96 -9.98 -38.14
C VAL D 63 22.48 -10.83 -36.96
N TRP D 64 23.40 -11.55 -36.34
CA TRP D 64 23.08 -12.37 -35.19
C TRP D 64 23.57 -11.64 -33.95
N ASP D 65 22.68 -10.86 -33.34
CA ASP D 65 23.01 -10.12 -32.14
C ASP D 65 22.99 -11.14 -31.00
N THR D 66 24.16 -11.39 -30.39
CA THR D 66 24.24 -12.37 -29.31
C THR D 66 24.27 -11.73 -27.93
N ALA D 67 24.11 -12.56 -26.90
CA ALA D 67 24.10 -12.09 -25.51
C ALA D 67 25.49 -12.06 -24.92
N GLY D 68 25.83 -10.95 -24.26
CA GLY D 68 27.15 -10.80 -23.68
C GLY D 68 27.37 -11.39 -22.31
N GLN D 69 26.38 -12.08 -21.75
CA GLN D 69 26.53 -12.68 -20.44
C GLN D 69 26.94 -14.15 -20.53
N GLU D 70 26.67 -14.77 -21.68
CA GLU D 70 27.02 -16.17 -21.88
C GLU D 70 28.52 -16.35 -21.91
N LYS D 71 29.05 -17.30 -21.15
CA LYS D 71 30.49 -17.58 -21.13
C LYS D 71 30.97 -18.09 -22.49
N PHE D 72 32.23 -17.81 -22.80
CA PHE D 72 32.81 -18.27 -24.05
C PHE D 72 32.82 -19.79 -23.96
N GLY D 73 32.55 -20.47 -25.07
CA GLY D 73 32.55 -21.93 -25.02
C GLY D 73 31.86 -22.64 -26.17
N GLY D 74 31.89 -23.97 -26.14
CA GLY D 74 31.29 -24.76 -27.19
C GLY D 74 29.78 -24.67 -27.19
N LEU D 75 29.21 -24.24 -26.07
CA LEU D 75 27.77 -24.11 -25.99
C LEU D 75 27.28 -23.03 -26.96
N ARG D 76 28.12 -22.05 -27.28
CA ARG D 76 27.67 -21.04 -28.24
C ARG D 76 28.30 -21.19 -29.62
N ASP D 77 28.37 -22.42 -30.11
CA ASP D 77 28.93 -22.68 -31.44
C ASP D 77 27.91 -22.43 -32.53
N GLY D 78 26.64 -22.69 -32.21
CA GLY D 78 25.56 -22.51 -33.17
C GLY D 78 25.55 -21.11 -33.76
N TYR D 79 25.87 -20.10 -32.95
CA TYR D 79 25.89 -18.74 -33.44
C TYR D 79 27.00 -18.58 -34.48
N TYR D 80 28.16 -19.16 -34.19
CA TYR D 80 29.32 -19.07 -35.08
C TYR D 80 29.27 -19.94 -36.33
N ILE D 81 28.87 -21.18 -36.18
CA ILE D 81 28.84 -22.10 -37.31
C ILE D 81 28.35 -21.41 -38.62
N GLN D 82 29.09 -21.61 -39.70
CA GLN D 82 28.77 -21.03 -41.00
C GLN D 82 28.69 -19.51 -41.10
N ALA D 83 29.29 -18.81 -40.15
CA ALA D 83 29.30 -17.35 -40.20
C ALA D 83 30.20 -16.95 -41.38
N GLN D 84 30.13 -15.69 -41.81
CA GLN D 84 30.95 -15.26 -42.93
C GLN D 84 31.67 -13.98 -42.65
N CYS D 85 31.37 -13.38 -41.50
CA CYS D 85 32.01 -12.15 -41.07
C CYS D 85 31.53 -11.95 -39.63
N ALA D 86 32.04 -10.92 -38.96
CA ALA D 86 31.65 -10.71 -37.58
C ALA D 86 32.08 -9.33 -37.13
N ILE D 87 31.51 -8.89 -36.01
CA ILE D 87 31.83 -7.62 -35.40
C ILE D 87 32.01 -7.88 -33.90
N ILE D 88 33.11 -7.42 -33.34
CA ILE D 88 33.39 -7.58 -31.92
C ILE D 88 33.28 -6.20 -31.32
N MET D 89 32.40 -6.02 -30.34
CA MET D 89 32.25 -4.68 -29.78
C MET D 89 32.72 -4.53 -28.36
N PHE D 90 33.14 -3.32 -28.01
CA PHE D 90 33.58 -3.04 -26.66
C PHE D 90 33.29 -1.57 -26.40
N ASP D 91 33.28 -1.19 -25.13
CA ASP D 91 32.98 0.17 -24.69
C ASP D 91 34.23 0.94 -24.28
N VAL D 92 34.50 1.99 -25.02
CA VAL D 92 35.65 2.85 -24.77
C VAL D 92 35.73 3.46 -23.38
N THR D 93 34.66 3.35 -22.60
CA THR D 93 34.66 3.90 -21.24
C THR D 93 34.83 2.80 -20.18
N SER D 94 35.06 1.58 -20.64
CA SER D 94 35.25 0.44 -19.75
C SER D 94 36.47 -0.41 -20.16
N ARG D 95 37.56 -0.30 -19.40
CA ARG D 95 38.76 -1.07 -19.70
C ARG D 95 38.47 -2.56 -19.63
N VAL D 96 37.65 -2.98 -18.66
CA VAL D 96 37.31 -4.40 -18.51
C VAL D 96 36.72 -4.93 -19.79
N THR D 97 35.87 -4.11 -20.38
CA THR D 97 35.21 -4.45 -21.61
C THR D 97 36.21 -4.73 -22.73
N TYR D 98 37.27 -3.93 -22.74
CA TYR D 98 38.34 -4.05 -23.74
C TYR D 98 39.18 -5.30 -23.50
N LYS D 99 39.57 -5.50 -22.24
CA LYS D 99 40.36 -6.66 -21.84
C LYS D 99 39.71 -7.95 -22.28
N ASN D 100 38.40 -7.94 -22.50
CA ASN D 100 37.72 -9.16 -22.91
C ASN D 100 37.75 -9.46 -24.39
N VAL D 101 38.12 -8.47 -25.22
CA VAL D 101 38.16 -8.67 -26.67
C VAL D 101 38.90 -9.94 -27.11
N PRO D 102 40.11 -10.16 -26.58
CA PRO D 102 40.87 -11.36 -26.96
C PRO D 102 40.08 -12.64 -26.71
N ASN D 103 39.22 -12.66 -25.70
CA ASN D 103 38.44 -13.88 -25.45
C ASN D 103 37.33 -14.06 -26.47
N TRP D 104 36.71 -12.96 -26.91
CA TRP D 104 35.66 -13.05 -27.93
C TRP D 104 36.35 -13.41 -29.24
N HIS D 105 37.49 -12.78 -29.51
CA HIS D 105 38.21 -13.10 -30.72
C HIS D 105 39.10 -14.27 -30.36
N ARG D 106 38.57 -15.47 -30.50
CA ARG D 106 39.31 -16.68 -30.16
C ARG D 106 38.25 -17.72 -30.16
N ASP D 107 37.18 -17.40 -29.44
CA ASP D 107 36.03 -18.27 -29.38
C ASP D 107 35.59 -18.23 -30.86
N LEU D 108 35.59 -17.03 -31.44
CA LEU D 108 35.21 -16.86 -32.82
C LEU D 108 36.04 -17.67 -33.81
N VAL D 109 37.33 -17.35 -33.90
CA VAL D 109 38.23 -18.02 -34.85
C VAL D 109 38.36 -19.51 -34.58
N ARG D 110 37.96 -19.94 -33.38
CA ARG D 110 38.04 -21.36 -33.08
C ARG D 110 37.17 -22.16 -34.02
N VAL D 111 36.05 -21.59 -34.48
CA VAL D 111 35.19 -22.35 -35.38
C VAL D 111 35.08 -21.71 -36.76
N CYS D 112 35.35 -20.41 -36.87
CA CYS D 112 35.26 -19.74 -38.17
C CYS D 112 36.58 -19.62 -38.90
N GLU D 113 37.66 -19.59 -38.14
CA GLU D 113 39.00 -19.47 -38.69
C GLU D 113 39.20 -18.14 -39.39
N ASN D 114 39.51 -18.19 -40.68
CA ASN D 114 39.76 -16.96 -41.42
C ASN D 114 38.53 -16.33 -42.06
N ILE D 115 38.03 -15.27 -41.42
CA ILE D 115 36.87 -14.52 -41.92
C ILE D 115 37.06 -13.07 -41.48
N PRO D 116 36.60 -12.11 -42.30
CA PRO D 116 36.69 -10.67 -42.01
C PRO D 116 36.06 -10.32 -40.67
N ILE D 117 36.80 -9.62 -39.81
CA ILE D 117 36.29 -9.27 -38.51
C ILE D 117 36.67 -7.84 -38.21
N VAL D 118 35.72 -7.02 -37.80
CA VAL D 118 36.04 -5.63 -37.47
C VAL D 118 35.78 -5.39 -35.99
N LEU D 119 36.69 -4.67 -35.34
CA LEU D 119 36.60 -4.37 -33.91
C LEU D 119 36.12 -2.93 -33.74
N CYS D 120 35.04 -2.75 -32.97
CA CYS D 120 34.44 -1.43 -32.75
C CYS D 120 34.52 -0.89 -31.34
N GLY D 121 35.07 0.32 -31.22
CA GLY D 121 35.14 0.95 -29.91
C GLY D 121 33.95 1.88 -29.85
N ASN D 122 32.89 1.46 -29.16
CA ASN D 122 31.69 2.27 -29.08
C ASN D 122 31.71 3.29 -27.95
N LYS D 123 30.75 4.22 -28.02
CA LYS D 123 30.58 5.29 -27.04
C LYS D 123 31.67 6.36 -27.04
N VAL D 124 32.26 6.62 -28.20
CA VAL D 124 33.31 7.63 -28.28
C VAL D 124 32.73 9.02 -28.03
N ASP D 125 31.42 9.12 -27.94
CA ASP D 125 30.79 10.41 -27.66
C ASP D 125 30.96 10.81 -26.18
N ILE D 126 31.09 9.83 -25.28
CA ILE D 126 31.26 10.12 -23.85
C ILE D 126 32.60 10.78 -23.57
N LYS D 127 32.56 11.81 -22.73
CA LYS D 127 33.74 12.59 -22.35
C LYS D 127 34.89 11.85 -21.65
N ASP D 128 34.59 11.18 -20.53
CA ASP D 128 35.62 10.46 -19.76
C ASP D 128 36.07 9.14 -20.38
N ARG D 129 36.80 9.24 -21.49
CA ARG D 129 37.28 8.06 -22.21
C ARG D 129 38.47 7.38 -21.51
N LYS D 130 38.48 6.04 -21.49
CA LYS D 130 39.53 5.27 -20.84
C LYS D 130 40.48 4.60 -21.82
N VAL D 131 39.92 3.94 -22.83
CA VAL D 131 40.72 3.26 -23.84
C VAL D 131 40.90 4.20 -25.04
N LYS D 132 42.05 4.87 -25.09
CA LYS D 132 42.37 5.81 -26.16
C LYS D 132 42.78 5.08 -27.44
N ALA D 133 42.40 5.66 -28.59
CA ALA D 133 42.70 5.07 -29.90
C ALA D 133 44.16 4.66 -30.05
N LYS D 134 45.05 5.34 -29.35
CA LYS D 134 46.47 5.03 -29.40
C LYS D 134 46.69 3.60 -28.90
N SER D 135 46.28 3.36 -27.65
CA SER D 135 46.40 2.06 -26.99
C SER D 135 46.01 0.85 -27.84
N ILE D 136 44.93 0.97 -28.61
CA ILE D 136 44.45 -0.13 -29.45
C ILE D 136 45.52 -0.68 -30.38
N VAL D 137 45.87 -1.96 -30.20
CA VAL D 137 46.88 -2.62 -31.01
C VAL D 137 46.44 -4.02 -31.41
N PHE D 138 45.52 -4.58 -30.63
CA PHE D 138 45.03 -5.93 -30.88
C PHE D 138 44.75 -6.23 -32.37
N HIS D 139 44.18 -5.27 -33.08
CA HIS D 139 43.86 -5.50 -34.49
C HIS D 139 45.11 -5.76 -35.32
N ARG D 140 46.27 -5.35 -34.82
CA ARG D 140 47.52 -5.56 -35.53
C ARG D 140 47.96 -7.03 -35.44
N LYS D 141 47.85 -7.58 -34.23
CA LYS D 141 48.24 -8.97 -34.00
C LYS D 141 47.25 -9.95 -34.64
N LYS D 142 45.97 -9.58 -34.66
CA LYS D 142 44.94 -10.46 -35.21
C LYS D 142 44.36 -10.17 -36.61
N ASN D 143 45.00 -9.28 -37.36
CA ASN D 143 44.53 -8.95 -38.71
C ASN D 143 43.04 -8.57 -38.76
N LEU D 144 42.68 -7.59 -37.91
CA LEU D 144 41.32 -7.09 -37.83
C LEU D 144 41.29 -5.62 -38.24
N GLN D 145 40.11 -5.14 -38.60
CA GLN D 145 39.93 -3.73 -38.95
C GLN D 145 39.39 -3.07 -37.68
N TYR D 146 39.79 -1.85 -37.41
CA TYR D 146 39.31 -1.17 -36.22
C TYR D 146 38.56 0.12 -36.53
N TYR D 147 37.59 0.47 -35.69
CA TYR D 147 36.82 1.69 -35.89
C TYR D 147 36.28 2.27 -34.60
N ASP D 148 36.39 3.58 -34.45
CA ASP D 148 35.82 4.27 -33.30
C ASP D 148 34.39 4.48 -33.82
N ILE D 149 33.39 4.28 -32.98
CA ILE D 149 32.01 4.52 -33.42
C ILE D 149 31.20 5.04 -32.27
N SER D 150 30.01 5.53 -32.58
CA SER D 150 29.07 6.00 -31.58
C SER D 150 27.66 5.81 -32.07
N ALA D 151 27.00 4.78 -31.59
CA ALA D 151 25.63 4.54 -32.00
C ALA D 151 24.79 5.77 -31.69
N LYS D 152 25.20 6.54 -30.69
CA LYS D 152 24.47 7.73 -30.30
C LYS D 152 24.62 8.94 -31.21
N SER D 153 25.83 9.20 -31.68
CA SER D 153 26.07 10.34 -32.54
C SER D 153 26.16 9.91 -34.00
N ASN D 154 26.25 8.60 -34.22
CA ASN D 154 26.35 8.01 -35.55
C ASN D 154 27.76 8.06 -36.15
N TYR D 155 28.71 8.56 -35.37
CA TYR D 155 30.09 8.63 -35.82
C TYR D 155 30.57 7.29 -36.38
N ASN D 156 30.88 7.26 -37.67
CA ASN D 156 31.35 6.05 -38.33
C ASN D 156 30.39 4.88 -38.25
N PHE D 157 29.15 5.13 -37.87
CA PHE D 157 28.21 4.03 -37.75
C PHE D 157 28.05 3.15 -38.99
N GLU D 158 28.38 3.64 -40.18
CA GLU D 158 28.24 2.80 -41.37
C GLU D 158 29.51 2.13 -41.86
N LYS D 159 30.64 2.43 -41.24
CA LYS D 159 31.90 1.85 -41.66
C LYS D 159 32.01 0.32 -41.56
N PRO D 160 31.66 -0.26 -40.40
CA PRO D 160 31.75 -1.72 -40.27
C PRO D 160 31.11 -2.50 -41.42
N PHE D 161 29.87 -2.17 -41.76
CA PHE D 161 29.17 -2.88 -42.83
C PHE D 161 29.79 -2.64 -44.19
N LEU D 162 30.32 -1.44 -44.39
CA LEU D 162 30.93 -1.10 -45.66
C LEU D 162 32.24 -1.85 -45.86
N TRP D 163 33.08 -1.85 -44.84
CA TRP D 163 34.37 -2.54 -44.92
C TRP D 163 34.12 -4.02 -45.21
N LEU D 164 33.29 -4.65 -44.38
CA LEU D 164 32.98 -6.06 -44.55
C LEU D 164 32.49 -6.40 -45.95
N ALA D 165 31.65 -5.53 -46.52
CA ALA D 165 31.10 -5.77 -47.86
C ALA D 165 32.21 -5.81 -48.91
N ARG D 166 33.14 -4.87 -48.79
CA ARG D 166 34.27 -4.79 -49.71
C ARG D 166 35.15 -6.06 -49.65
N LYS D 167 35.38 -6.57 -48.45
CA LYS D 167 36.19 -7.77 -48.31
C LYS D 167 35.46 -8.96 -48.85
N LEU D 168 34.18 -9.09 -48.51
CA LEU D 168 33.41 -10.24 -48.98
C LEU D 168 33.15 -10.20 -50.48
N ILE D 169 32.75 -9.04 -51.01
CA ILE D 169 32.46 -8.90 -52.44
C ILE D 169 33.72 -8.85 -53.28
N GLY D 170 34.79 -8.30 -52.72
CA GLY D 170 36.05 -8.22 -53.43
C GLY D 170 36.23 -6.96 -54.25
N ASP D 171 35.60 -5.87 -53.86
CA ASP D 171 35.72 -4.60 -54.58
C ASP D 171 36.14 -3.52 -53.59
N PRO D 172 37.43 -3.14 -53.59
CA PRO D 172 37.94 -2.12 -52.67
C PRO D 172 37.22 -0.78 -52.80
N ASN D 173 36.48 -0.62 -53.88
CA ASN D 173 35.77 0.64 -54.13
C ASN D 173 34.24 0.55 -54.13
N LEU D 174 33.70 -0.52 -53.56
CA LEU D 174 32.26 -0.68 -53.47
C LEU D 174 31.73 0.45 -52.60
N GLU D 175 30.55 0.99 -52.93
CA GLU D 175 29.98 2.07 -52.13
C GLU D 175 28.45 1.98 -52.04
N PHE D 176 27.87 2.56 -50.99
CA PHE D 176 26.44 2.54 -50.82
C PHE D 176 25.81 3.54 -51.79
N VAL D 177 24.64 3.20 -52.31
CA VAL D 177 23.98 4.09 -53.25
C VAL D 177 22.46 4.12 -53.12
N ALA D 178 21.89 5.29 -53.45
CA ALA D 178 20.46 5.56 -53.45
C ALA D 178 19.61 4.58 -52.65
N MET D 179 18.73 3.89 -53.38
CA MET D 179 17.79 2.90 -52.86
C MET D 179 16.54 3.16 -53.66
N PRO D 180 16.09 2.20 -54.46
CA PRO D 180 14.89 2.43 -55.24
C PRO D 180 13.76 2.99 -54.38
N ALA D 181 13.15 4.08 -54.85
CA ALA D 181 12.05 4.71 -54.12
C ALA D 181 10.70 4.38 -54.72
N LEU D 182 10.24 3.15 -54.51
CA LEU D 182 8.94 2.70 -55.03
C LEU D 182 7.82 3.66 -54.66
N ALA D 183 6.71 3.54 -55.38
CA ALA D 183 5.55 4.40 -55.14
C ALA D 183 4.75 3.94 -53.93
N PRO D 184 4.32 4.90 -53.10
CA PRO D 184 3.53 4.62 -51.89
C PRO D 184 2.13 4.15 -52.24
N PRO D 185 1.41 3.54 -51.29
CA PRO D 185 0.06 3.05 -51.54
C PRO D 185 -0.95 4.17 -51.82
N GLU D 186 -2.08 3.78 -52.40
CA GLU D 186 -3.19 4.68 -52.75
C GLU D 186 -3.52 5.80 -51.77
N VAL D 187 -4.19 5.44 -50.68
CA VAL D 187 -4.62 6.37 -49.64
C VAL D 187 -5.89 7.11 -50.05
N VAL D 188 -7.03 6.46 -49.82
CA VAL D 188 -8.34 7.03 -50.13
C VAL D 188 -9.11 7.12 -48.82
N MET D 189 -10.14 6.29 -48.67
CA MET D 189 -10.96 6.23 -47.45
C MET D 189 -11.26 7.60 -46.81
N ASP D 190 -11.98 7.57 -45.68
CA ASP D 190 -12.35 8.79 -44.95
C ASP D 190 -13.55 8.60 -44.03
N PRO D 191 -14.59 7.86 -44.47
CA PRO D 191 -15.80 7.63 -43.67
C PRO D 191 -15.60 7.43 -42.16
N ALA D 192 -15.77 6.20 -41.69
CA ALA D 192 -15.61 5.89 -40.26
C ALA D 192 -14.15 6.00 -39.85
N LEU D 193 -13.28 6.11 -40.85
CA LEU D 193 -11.85 6.22 -40.62
C LEU D 193 -11.42 7.59 -40.10
N ALA D 194 -12.06 8.64 -40.60
CA ALA D 194 -11.74 10.01 -40.17
C ALA D 194 -12.06 10.24 -38.70
N ALA D 195 -12.13 11.53 -38.32
CA ALA D 195 -12.44 11.95 -36.96
C ALA D 195 -11.37 11.66 -35.91
N GLN D 196 -11.47 10.50 -35.26
CA GLN D 196 -10.54 10.10 -34.21
C GLN D 196 -9.04 10.25 -34.53
N TYR D 197 -8.73 10.67 -35.74
CA TYR D 197 -7.34 10.88 -36.15
C TYR D 197 -6.79 12.12 -35.45
N GLU D 198 -7.46 13.24 -35.63
CA GLU D 198 -7.08 14.51 -35.04
C GLU D 198 -6.84 14.38 -33.54
N HIS D 199 -7.48 13.38 -32.93
CA HIS D 199 -7.34 13.12 -31.50
C HIS D 199 -5.88 12.87 -31.15
N ASP D 200 -5.20 12.10 -31.99
CA ASP D 200 -3.80 11.77 -31.79
C ASP D 200 -2.90 12.92 -32.24
N LEU D 201 -3.23 13.48 -33.41
CA LEU D 201 -2.45 14.58 -33.98
C LEU D 201 -2.18 15.70 -32.97
N GLU D 202 -3.06 15.86 -32.00
CA GLU D 202 -2.89 16.88 -30.97
C GLU D 202 -1.92 16.38 -29.92
N VAL D 203 -2.14 15.14 -29.50
CA VAL D 203 -1.31 14.47 -28.50
C VAL D 203 0.15 14.46 -28.98
N ALA D 204 0.36 14.94 -30.20
CA ALA D 204 1.69 14.98 -30.80
C ALA D 204 2.20 16.40 -30.98
N GLN D 205 1.32 17.30 -31.42
CA GLN D 205 1.74 18.68 -31.62
C GLN D 205 1.98 19.35 -30.28
N THR D 206 1.73 18.60 -29.20
CA THR D 206 1.91 19.10 -27.84
C THR D 206 3.19 18.55 -27.21
N THR D 207 3.39 17.24 -27.35
CA THR D 207 4.57 16.58 -26.78
C THR D 207 5.85 17.11 -27.43
N ALA D 208 6.65 17.85 -26.66
CA ALA D 208 7.89 18.43 -27.18
C ALA D 208 8.86 17.39 -27.76
N LEU D 209 9.80 17.88 -28.58
CA LEU D 209 10.79 17.02 -29.22
C LEU D 209 12.13 17.11 -28.49
N PRO D 210 12.78 15.95 -28.26
CA PRO D 210 14.08 15.89 -27.59
C PRO D 210 15.10 16.81 -28.24
N ASP D 211 15.28 17.98 -27.66
CA ASP D 211 16.24 18.96 -28.19
C ASP D 211 17.68 18.48 -28.03
N GLU D 212 18.18 17.79 -29.06
CA GLU D 212 19.54 17.28 -29.04
C GLU D 212 20.44 18.04 -30.00
N ASP D 213 19.81 18.82 -30.88
CA ASP D 213 20.54 19.62 -31.87
C ASP D 213 21.07 20.91 -31.23
N ASN E 22 45.17 -4.81 -38.86
CA ASN E 22 46.48 -4.53 -39.51
C ASN E 22 46.41 -3.33 -40.45
N HIS E 23 47.39 -3.26 -41.36
CA HIS E 23 47.46 -2.18 -42.35
C HIS E 23 46.29 -2.38 -43.32
N ASP E 24 46.03 -3.64 -43.66
CA ASP E 24 44.93 -4.00 -44.57
C ASP E 24 44.82 -5.50 -44.74
N PRO E 25 44.02 -6.17 -43.90
CA PRO E 25 43.83 -7.62 -43.97
C PRO E 25 43.39 -8.04 -45.38
N GLN E 26 43.91 -9.17 -45.86
CA GLN E 26 43.57 -9.65 -47.20
C GLN E 26 42.75 -10.93 -47.13
N PHE E 27 41.67 -10.98 -47.92
CA PHE E 27 40.80 -12.16 -47.97
C PHE E 27 40.37 -12.46 -49.41
N GLU E 28 39.96 -13.70 -49.64
CA GLU E 28 39.50 -14.09 -50.96
C GLU E 28 37.99 -13.86 -50.99
N PRO E 29 37.48 -13.21 -52.04
CA PRO E 29 36.05 -12.95 -52.15
C PRO E 29 35.20 -14.22 -52.03
N ILE E 30 34.02 -14.07 -51.45
CA ILE E 30 33.08 -15.18 -51.28
C ILE E 30 32.13 -15.24 -52.46
N VAL E 31 31.93 -14.10 -53.11
CA VAL E 31 31.05 -14.01 -54.29
C VAL E 31 31.61 -13.03 -55.30
N SER E 32 31.08 -13.11 -56.52
CA SER E 32 31.50 -12.25 -57.61
C SER E 32 30.24 -11.56 -58.16
N LEU E 33 30.17 -10.24 -57.99
CA LEU E 33 28.99 -9.51 -58.44
C LEU E 33 29.31 -8.47 -59.52
N PRO E 34 28.59 -8.54 -60.64
CA PRO E 34 28.79 -7.62 -61.76
C PRO E 34 28.46 -6.17 -61.41
N GLU E 35 29.10 -5.25 -62.12
CA GLU E 35 28.86 -3.83 -61.94
C GLU E 35 27.38 -3.69 -62.29
N GLN E 36 26.67 -2.82 -61.58
CA GLN E 36 25.26 -2.66 -61.85
C GLN E 36 24.76 -1.23 -61.79
N GLU E 37 23.73 -0.93 -62.58
CA GLU E 37 23.16 0.41 -62.61
C GLU E 37 21.78 0.42 -61.97
N ILE E 38 21.67 1.01 -60.78
CA ILE E 38 20.38 1.09 -60.11
C ILE E 38 19.66 2.41 -60.39
N LYS E 39 18.36 2.33 -60.53
CA LYS E 39 17.53 3.49 -60.80
C LYS E 39 17.05 4.05 -59.47
N THR E 40 16.88 5.36 -59.40
CA THR E 40 16.41 6.00 -58.17
C THR E 40 14.91 5.88 -58.08
N LEU E 41 14.27 5.64 -59.23
CA LEU E 41 12.82 5.56 -59.35
C LEU E 41 12.33 6.94 -58.95
N GLU E 42 13.08 7.92 -59.44
CA GLU E 42 12.83 9.32 -59.17
C GLU E 42 13.28 10.10 -60.41
N GLU E 43 13.37 9.42 -61.55
CA GLU E 43 13.80 10.04 -62.81
C GLU E 43 12.69 10.82 -63.53
N ASP E 44 11.47 10.29 -63.44
CA ASP E 44 10.29 10.92 -64.04
C ASP E 44 9.84 11.97 -62.99
N GLU E 45 10.82 12.30 -62.15
CA GLU E 45 10.76 13.24 -61.03
C GLU E 45 10.03 14.57 -61.16
N GLU E 46 10.69 15.57 -60.58
CA GLU E 46 10.27 16.96 -60.53
C GLU E 46 11.27 17.60 -59.58
N GLU E 47 10.94 17.57 -58.28
CA GLU E 47 11.78 18.14 -57.23
C GLU E 47 11.54 19.63 -57.04
N LEU E 48 10.47 19.94 -56.32
CA LEU E 48 10.06 21.29 -56.03
C LEU E 48 10.83 21.84 -54.83
N PHE E 49 11.15 20.96 -53.89
CA PHE E 49 11.85 21.37 -52.68
C PHE E 49 12.87 20.34 -52.21
N LYS E 50 14.01 20.83 -51.72
CA LYS E 50 15.07 19.98 -51.19
C LYS E 50 15.79 20.70 -50.06
N MET E 51 15.91 20.06 -48.90
CA MET E 51 16.58 20.71 -47.77
C MET E 51 16.91 19.78 -46.61
N ARG E 52 18.11 19.98 -46.05
CA ARG E 52 18.59 19.19 -44.91
C ARG E 52 17.63 19.29 -43.72
N ALA E 53 17.52 18.21 -42.94
CA ALA E 53 16.62 18.19 -41.79
C ALA E 53 16.69 16.87 -40.98
N LYS E 54 16.05 16.85 -39.82
CA LYS E 54 16.00 15.67 -38.97
C LYS E 54 14.54 15.27 -38.76
N LEU E 55 14.23 14.02 -39.09
CA LEU E 55 12.86 13.52 -38.96
C LEU E 55 12.61 12.71 -37.69
N PHE E 56 11.38 12.73 -37.20
CA PHE E 56 11.01 12.00 -36.00
C PHE E 56 9.74 11.18 -36.17
N ARG E 57 9.77 9.96 -35.65
CA ARG E 57 8.65 9.03 -35.67
C ARG E 57 7.99 9.25 -34.32
N PHE E 58 6.71 8.95 -34.18
CA PHE E 58 6.10 9.15 -32.87
C PHE E 58 5.63 7.87 -32.21
N ALA E 59 5.96 7.74 -30.93
CA ALA E 59 5.61 6.59 -30.09
C ALA E 59 5.21 5.37 -30.89
N SER E 60 4.08 4.77 -30.51
CA SER E 60 3.58 3.57 -31.18
C SER E 60 2.65 2.86 -30.20
N GLU E 61 2.76 1.54 -30.15
CA GLU E 61 1.95 0.74 -29.25
C GLU E 61 2.69 0.64 -27.91
N ASN E 62 3.59 1.59 -27.68
CA ASN E 62 4.38 1.63 -26.46
C ASN E 62 3.58 2.11 -25.26
N ASP E 63 2.57 2.95 -25.52
CA ASP E 63 1.76 3.51 -24.47
C ASP E 63 2.58 4.55 -23.72
N LEU E 64 3.82 4.72 -24.16
CA LEU E 64 4.71 5.70 -23.56
C LEU E 64 5.01 6.71 -24.67
N PRO E 65 4.01 7.53 -25.03
CA PRO E 65 4.16 8.54 -26.08
C PRO E 65 5.52 9.21 -26.06
N GLU E 66 6.35 8.90 -27.05
CA GLU E 66 7.69 9.48 -27.15
C GLU E 66 8.10 9.67 -28.60
N TRP E 67 9.02 10.61 -28.81
CA TRP E 67 9.52 10.88 -30.15
C TRP E 67 10.84 10.15 -30.40
N LYS E 68 10.80 9.19 -31.31
CA LYS E 68 11.98 8.41 -31.68
C LYS E 68 12.53 8.99 -32.98
N GLU E 69 13.85 9.13 -33.08
CA GLU E 69 14.46 9.66 -34.30
C GLU E 69 14.22 8.69 -35.44
N ARG E 70 13.94 9.21 -36.63
CA ARG E 70 13.71 8.33 -37.79
C ARG E 70 14.75 8.52 -38.87
N GLY E 71 15.46 9.66 -38.83
CA GLY E 71 16.49 9.91 -39.81
C GLY E 71 16.88 11.36 -39.98
N THR E 72 18.10 11.57 -40.46
CA THR E 72 18.63 12.92 -40.69
C THR E 72 19.13 13.01 -42.13
N GLY E 73 18.60 13.94 -42.89
CA GLY E 73 19.03 14.08 -44.28
C GLY E 73 18.23 15.12 -45.05
N ASP E 74 18.21 14.96 -46.37
CA ASP E 74 17.49 15.89 -47.23
C ASP E 74 16.06 15.48 -47.48
N VAL E 75 15.13 16.38 -47.17
CA VAL E 75 13.72 16.11 -47.40
C VAL E 75 13.51 16.64 -48.80
N LYS E 76 12.61 16.03 -49.55
CA LYS E 76 12.35 16.49 -50.89
C LYS E 76 10.90 16.35 -51.27
N LEU E 77 10.41 17.34 -52.01
CA LEU E 77 9.05 17.31 -52.49
C LEU E 77 9.14 17.00 -53.98
N LEU E 78 8.31 16.08 -54.45
CA LEU E 78 8.35 15.69 -55.85
C LEU E 78 6.95 15.55 -56.44
N LYS E 79 6.78 16.10 -57.63
CA LYS E 79 5.50 16.00 -58.33
C LYS E 79 5.77 15.18 -59.60
N HIS E 80 4.83 14.32 -59.98
CA HIS E 80 5.04 13.51 -61.17
C HIS E 80 4.67 14.28 -62.43
N LYS E 81 5.44 14.06 -63.49
CA LYS E 81 5.20 14.74 -64.75
C LYS E 81 4.04 14.07 -65.49
N GLU E 82 4.07 12.75 -65.55
CA GLU E 82 3.04 11.96 -66.24
C GLU E 82 1.69 12.08 -65.53
N LYS E 83 1.72 12.49 -64.28
CA LYS E 83 0.51 12.65 -63.49
C LYS E 83 0.64 13.93 -62.67
N GLY E 84 -0.15 14.05 -61.60
CA GLY E 84 -0.07 15.26 -60.79
C GLY E 84 0.45 14.98 -59.38
N ALA E 85 0.40 13.72 -58.98
CA ALA E 85 0.84 13.26 -57.68
C ALA E 85 2.08 13.97 -57.13
N ILE E 86 2.05 14.31 -55.85
CA ILE E 86 3.18 14.95 -55.19
C ILE E 86 3.45 14.15 -53.91
N ARG E 87 4.73 13.97 -53.56
CA ARG E 87 5.07 13.21 -52.38
C ARG E 87 6.27 13.75 -51.62
N LEU E 88 6.43 13.27 -50.39
CA LEU E 88 7.55 13.65 -49.54
C LEU E 88 8.50 12.45 -49.55
N LEU E 89 9.80 12.71 -49.73
CA LEU E 89 10.80 11.67 -49.78
C LEU E 89 12.07 12.09 -49.07
N MET E 90 12.51 11.28 -48.11
CA MET E 90 13.73 11.59 -47.35
C MET E 90 14.66 10.37 -47.24
N ARG E 91 15.97 10.62 -47.29
CA ARG E 91 16.97 9.55 -47.18
C ARG E 91 18.04 9.89 -46.12
N ARG E 92 18.48 8.88 -45.37
CA ARG E 92 19.48 9.08 -44.32
C ARG E 92 20.88 9.30 -44.87
N ASP E 93 21.67 10.06 -44.13
CA ASP E 93 23.05 10.33 -44.53
C ASP E 93 23.87 9.04 -44.51
N LYS E 94 24.94 9.02 -45.30
CA LYS E 94 25.85 7.89 -45.35
C LYS E 94 25.25 6.57 -45.78
N THR E 95 24.14 6.18 -45.15
CA THR E 95 23.54 4.90 -45.47
C THR E 95 22.65 5.02 -46.68
N LEU E 96 22.04 6.19 -46.84
CA LEU E 96 21.15 6.45 -47.96
C LEU E 96 19.82 5.68 -47.97
N LYS E 97 19.45 5.07 -46.85
CA LYS E 97 18.18 4.34 -46.75
C LYS E 97 17.05 5.39 -46.70
N ILE E 98 15.89 5.03 -47.25
CA ILE E 98 14.75 5.95 -47.24
C ILE E 98 14.15 5.92 -45.84
N CYS E 99 13.82 7.09 -45.28
CA CYS E 99 13.23 7.13 -43.94
C CYS E 99 11.86 7.81 -43.92
N ALA E 100 11.36 8.13 -45.12
CA ALA E 100 10.06 8.78 -45.28
C ALA E 100 9.72 8.84 -46.78
N ASN E 101 8.54 8.32 -47.11
CA ASN E 101 8.09 8.29 -48.49
C ASN E 101 6.58 8.10 -48.53
N HIS E 102 5.84 9.20 -48.71
CA HIS E 102 4.39 9.16 -48.78
C HIS E 102 3.83 10.31 -49.61
N TYR E 103 2.62 10.14 -50.13
CA TYR E 103 1.98 11.17 -50.94
C TYR E 103 1.42 12.27 -50.06
N ILE E 104 1.31 13.47 -50.63
CA ILE E 104 0.73 14.61 -49.91
C ILE E 104 -0.73 14.70 -50.27
N THR E 105 -1.60 14.37 -49.33
CA THR E 105 -3.04 14.41 -49.57
C THR E 105 -3.63 15.80 -49.30
N PRO E 106 -4.89 16.02 -49.73
CA PRO E 106 -5.56 17.31 -49.52
C PRO E 106 -5.68 17.68 -48.05
N MET E 107 -6.09 16.70 -47.24
CA MET E 107 -6.27 16.88 -45.80
C MET E 107 -4.96 16.65 -45.04
N MET E 108 -3.96 17.49 -45.30
CA MET E 108 -2.64 17.36 -44.66
C MET E 108 -2.01 18.74 -44.50
N GLU E 109 -1.61 19.08 -43.28
CA GLU E 109 -1.02 20.38 -42.98
C GLU E 109 0.34 20.28 -42.28
N LEU E 110 0.63 21.25 -41.42
CA LEU E 110 1.89 21.27 -40.67
C LEU E 110 1.76 21.96 -39.31
N LYS E 111 0.79 21.53 -38.51
CA LYS E 111 0.57 22.10 -37.18
C LYS E 111 1.89 22.16 -36.40
N PRO E 112 2.22 23.32 -35.82
CA PRO E 112 3.46 23.49 -35.04
C PRO E 112 3.57 22.54 -33.84
N ASN E 113 4.78 22.39 -33.34
CA ASN E 113 5.05 21.51 -32.21
C ASN E 113 5.35 22.24 -30.91
N ALA E 114 4.36 22.27 -30.01
CA ALA E 114 4.51 22.95 -28.71
C ALA E 114 5.37 24.20 -28.87
N GLY E 115 6.57 24.18 -28.29
CA GLY E 115 7.45 25.32 -28.41
C GLY E 115 8.08 25.31 -29.79
N SER E 116 9.39 25.51 -29.85
CA SER E 116 10.11 25.50 -31.11
C SER E 116 9.52 26.44 -32.17
N ASP E 117 10.28 26.62 -33.25
CA ASP E 117 9.87 27.48 -34.35
C ASP E 117 10.47 26.94 -35.65
N ARG E 118 11.07 25.76 -35.56
CA ARG E 118 11.68 25.09 -36.71
C ARG E 118 11.11 23.68 -36.84
N ALA E 119 10.01 23.41 -36.15
CA ALA E 119 9.42 22.08 -36.20
C ALA E 119 7.94 22.04 -36.59
N TRP E 120 7.61 21.09 -37.47
CA TRP E 120 6.24 20.89 -37.94
C TRP E 120 5.89 19.44 -37.64
N VAL E 121 4.60 19.17 -37.47
CA VAL E 121 4.16 17.81 -37.20
C VAL E 121 2.93 17.52 -38.06
N TRP E 122 2.86 16.34 -38.65
CA TRP E 122 1.72 15.99 -39.46
C TRP E 122 1.37 14.52 -39.38
N ASN E 123 0.38 14.10 -40.15
CA ASN E 123 -0.07 12.73 -40.15
C ASN E 123 -0.03 12.19 -41.58
N THR E 124 0.02 10.86 -41.72
CA THR E 124 0.03 10.19 -43.02
C THR E 124 -0.63 8.86 -42.81
N HIS E 125 -1.57 8.52 -43.68
CA HIS E 125 -2.27 7.24 -43.54
C HIS E 125 -1.46 6.08 -44.12
N ALA E 126 -0.38 6.41 -44.82
CA ALA E 126 0.44 5.35 -45.42
C ALA E 126 1.84 5.77 -45.80
N ASP E 127 2.79 5.62 -44.88
CA ASP E 127 4.18 5.93 -45.19
C ASP E 127 4.69 4.62 -45.78
N PHE E 128 5.67 4.68 -46.66
CA PHE E 128 6.18 3.47 -47.29
C PHE E 128 7.70 3.36 -47.18
N ALA E 129 8.24 3.95 -46.12
CA ALA E 129 9.68 3.95 -45.88
C ALA E 129 10.23 2.52 -45.77
N ASP E 130 9.40 1.62 -45.25
CA ASP E 130 9.84 0.24 -45.10
C ASP E 130 9.21 -0.63 -46.16
N GLU E 131 8.77 0.00 -47.26
CA GLU E 131 8.15 -0.73 -48.35
C GLU E 131 7.02 -1.62 -47.82
N CYS E 132 6.35 -1.12 -46.79
CA CYS E 132 5.23 -1.78 -46.13
C CYS E 132 4.31 -0.64 -45.70
N PRO E 133 3.03 -0.68 -46.11
CA PRO E 133 2.05 0.36 -45.77
C PRO E 133 1.88 0.58 -44.27
N LYS E 134 2.25 1.76 -43.78
CA LYS E 134 2.13 2.02 -42.35
C LYS E 134 1.76 3.44 -41.98
N PRO E 135 0.69 3.60 -41.17
CA PRO E 135 0.25 4.93 -40.74
C PRO E 135 1.41 5.54 -39.99
N GLU E 136 1.55 6.85 -40.03
CA GLU E 136 2.66 7.46 -39.32
C GLU E 136 2.34 8.85 -38.85
N LEU E 137 2.91 9.23 -37.71
CA LEU E 137 2.71 10.55 -37.15
C LEU E 137 4.12 11.13 -37.06
N LEU E 138 4.53 11.82 -38.11
CA LEU E 138 5.88 12.38 -38.21
C LEU E 138 6.07 13.73 -37.57
N ALA E 139 7.27 14.27 -37.74
CA ALA E 139 7.65 15.57 -37.20
C ALA E 139 9.04 15.84 -37.73
N ILE E 140 9.23 16.98 -38.38
CA ILE E 140 10.53 17.31 -38.94
C ILE E 140 11.05 18.66 -38.45
N ARG E 141 12.33 18.71 -38.12
CA ARG E 141 12.98 19.92 -37.61
C ARG E 141 13.99 20.45 -38.61
N PHE E 142 14.19 21.77 -38.62
CA PHE E 142 15.15 22.40 -39.53
C PHE E 142 16.14 23.24 -38.73
N LEU E 143 17.22 23.65 -39.37
CA LEU E 143 18.23 24.46 -38.69
C LEU E 143 17.69 25.81 -38.20
N ASN E 144 17.09 26.57 -39.10
CA ASN E 144 16.52 27.87 -38.75
C ASN E 144 15.01 27.85 -38.86
N ALA E 145 14.35 28.76 -38.14
CA ALA E 145 12.90 28.86 -38.19
C ALA E 145 12.50 29.45 -39.54
N GLU E 146 13.49 30.02 -40.22
CA GLU E 146 13.27 30.62 -41.54
C GLU E 146 13.22 29.51 -42.59
N ASN E 147 13.93 28.42 -42.33
CA ASN E 147 13.93 27.28 -43.23
C ASN E 147 12.63 26.52 -43.03
N ALA E 148 12.19 26.45 -41.78
CA ALA E 148 10.93 25.77 -41.46
C ALA E 148 9.81 26.41 -42.26
N GLN E 149 9.92 27.72 -42.49
CA GLN E 149 8.92 28.45 -43.25
C GLN E 149 9.04 28.16 -44.74
N LYS E 150 10.27 28.16 -45.25
CA LYS E 150 10.51 27.89 -46.66
C LYS E 150 9.96 26.51 -47.01
N PHE E 151 10.07 25.56 -46.08
CA PHE E 151 9.55 24.20 -46.28
C PHE E 151 8.03 24.22 -46.12
N LYS E 152 7.57 24.90 -45.07
CA LYS E 152 6.14 25.01 -44.77
C LYS E 152 5.38 25.65 -45.93
N THR E 153 5.88 26.78 -46.41
CA THR E 153 5.25 27.49 -47.52
C THR E 153 5.17 26.60 -48.76
N LYS E 154 6.28 25.97 -49.10
CA LYS E 154 6.36 25.08 -50.25
C LYS E 154 5.38 23.92 -50.08
N PHE E 155 5.33 23.37 -48.86
CA PHE E 155 4.44 22.25 -48.55
C PHE E 155 2.99 22.67 -48.75
N GLU E 156 2.64 23.83 -48.20
CA GLU E 156 1.29 24.37 -48.28
C GLU E 156 0.75 24.44 -49.70
N GLU E 157 1.45 25.18 -50.56
CA GLU E 157 1.04 25.33 -51.95
C GLU E 157 0.83 23.97 -52.59
N CYS E 158 1.73 23.04 -52.32
CA CYS E 158 1.63 21.69 -52.88
C CYS E 158 0.39 20.99 -52.37
N ARG E 159 0.05 21.22 -51.11
CA ARG E 159 -1.12 20.61 -50.50
C ARG E 159 -2.40 21.11 -51.17
N LYS E 160 -2.38 22.39 -51.55
CA LYS E 160 -3.51 23.02 -52.22
C LYS E 160 -3.57 22.53 -53.66
N GLU E 161 -2.47 22.73 -54.39
CA GLU E 161 -2.35 22.33 -55.79
C GLU E 161 -2.85 20.90 -56.02
N ILE E 162 -2.83 20.11 -54.96
CA ILE E 162 -3.27 18.71 -55.04
C ILE E 162 -4.75 18.58 -54.68
N GLU E 163 -5.30 19.60 -54.01
CA GLU E 163 -6.71 19.57 -53.66
C GLU E 163 -7.49 20.04 -54.88
N GLU E 164 -6.75 20.60 -55.85
CA GLU E 164 -7.32 21.09 -57.09
C GLU E 164 -7.52 19.91 -58.02
N ARG E 165 -6.48 19.10 -58.15
CA ARG E 165 -6.53 17.93 -59.03
C ARG E 165 -7.92 17.30 -59.08
N GLU E 166 -8.23 16.42 -58.14
CA GLU E 166 -9.53 15.76 -58.11
C GLU E 166 -10.66 16.77 -57.93
N LYS E 167 -11.52 16.85 -58.94
CA LYS E 167 -12.66 17.76 -58.93
C LYS E 167 -12.23 19.19 -58.57
N ALA F 2 27.99 -35.48 0.38
CA ALA F 2 26.82 -34.56 0.23
C ALA F 2 27.15 -33.52 -0.82
N ARG F 3 27.43 -33.97 -2.04
CA ARG F 3 27.78 -33.06 -3.12
C ARG F 3 27.47 -33.53 -4.54
N PHE F 4 26.55 -32.85 -5.21
CA PHE F 4 26.19 -33.21 -6.58
C PHE F 4 26.72 -32.17 -7.55
N SER F 5 27.30 -32.61 -8.66
CA SER F 5 27.85 -31.68 -9.63
C SER F 5 27.97 -32.24 -11.04
N ILE F 6 27.64 -31.41 -12.03
CA ILE F 6 27.78 -31.78 -13.42
C ILE F 6 28.50 -30.61 -14.07
N GLU F 7 29.36 -29.97 -13.29
CA GLU F 7 30.12 -28.83 -13.77
C GLU F 7 30.84 -29.03 -15.10
N GLY F 8 30.81 -27.99 -15.93
CA GLY F 8 31.47 -28.04 -17.23
C GLY F 8 31.23 -29.23 -18.14
N LYS F 9 30.09 -29.89 -18.04
CA LYS F 9 29.84 -31.04 -18.91
C LYS F 9 29.20 -30.67 -20.25
N SER F 10 28.99 -29.38 -20.46
CA SER F 10 28.41 -28.88 -21.71
C SER F 10 27.22 -29.69 -22.19
N LEU F 11 26.33 -30.04 -21.27
CA LEU F 11 25.15 -30.80 -21.64
C LEU F 11 24.03 -29.89 -22.13
N LYS F 12 23.34 -30.31 -23.18
CA LYS F 12 22.20 -29.55 -23.70
C LYS F 12 20.96 -30.22 -23.09
N LEU F 13 20.59 -29.78 -21.90
CA LEU F 13 19.47 -30.34 -21.16
C LEU F 13 18.08 -29.78 -21.49
N ASP F 14 17.40 -30.41 -22.43
CA ASP F 14 16.07 -29.94 -22.80
C ASP F 14 14.92 -30.55 -21.98
N ALA F 15 14.93 -31.85 -21.74
CA ALA F 15 13.81 -32.44 -21.01
C ALA F 15 14.06 -33.41 -19.83
N ILE F 16 15.11 -34.22 -19.87
CA ILE F 16 15.35 -35.18 -18.79
C ILE F 16 14.12 -36.12 -18.69
N THR F 17 13.99 -37.03 -19.64
CA THR F 17 12.88 -37.98 -19.65
C THR F 17 13.33 -39.40 -19.94
N THR F 18 14.27 -39.59 -20.85
CA THR F 18 14.74 -40.93 -21.16
C THR F 18 15.37 -41.59 -19.92
N GLU F 19 15.60 -42.90 -19.98
CA GLU F 19 16.23 -43.61 -18.86
C GLU F 19 17.61 -42.97 -18.72
N ASP F 20 18.26 -42.72 -19.85
CA ASP F 20 19.56 -42.06 -19.87
C ASP F 20 19.14 -40.66 -19.43
N GLU F 21 19.97 -39.65 -19.55
CA GLU F 21 19.54 -38.32 -19.09
C GLU F 21 19.27 -38.40 -17.59
N LYS F 22 18.22 -39.13 -17.20
CA LYS F 22 17.88 -39.29 -15.79
C LYS F 22 19.06 -39.87 -15.03
N SER F 23 19.77 -40.81 -15.65
CA SER F 23 20.95 -41.42 -15.04
C SER F 23 21.97 -40.35 -14.62
N VAL F 24 22.09 -39.31 -15.45
CA VAL F 24 23.01 -38.20 -15.20
C VAL F 24 22.81 -37.61 -13.81
N PHE F 25 21.56 -37.58 -13.37
CA PHE F 25 21.23 -37.02 -12.07
C PHE F 25 20.92 -38.10 -11.04
N ALA F 26 21.48 -39.29 -11.26
CA ALA F 26 21.25 -40.40 -10.34
C ALA F 26 21.65 -40.02 -8.91
N VAL F 27 22.87 -39.54 -8.72
CA VAL F 27 23.31 -39.16 -7.39
C VAL F 27 22.37 -38.13 -6.77
N LEU F 28 21.91 -37.18 -7.56
CA LEU F 28 21.02 -36.15 -7.05
C LEU F 28 19.70 -36.77 -6.57
N LEU F 29 19.35 -37.95 -7.09
CA LEU F 29 18.11 -38.61 -6.70
C LEU F 29 18.17 -39.52 -5.48
N GLU F 30 19.23 -40.32 -5.37
CA GLU F 30 19.34 -41.23 -4.24
C GLU F 30 19.89 -40.60 -2.96
N ASP F 31 20.45 -39.39 -3.06
CA ASP F 31 21.03 -38.74 -1.90
C ASP F 31 20.33 -37.44 -1.48
N ASP F 32 19.46 -37.52 -0.49
CA ASP F 32 18.75 -36.33 -0.01
C ASP F 32 19.60 -35.53 1.00
N SER F 33 20.82 -35.99 1.26
CA SER F 33 21.74 -35.33 2.20
C SER F 33 22.66 -34.29 1.55
N VAL F 34 22.55 -34.14 0.24
CA VAL F 34 23.37 -33.19 -0.51
C VAL F 34 23.40 -31.80 0.10
N LYS F 35 24.60 -31.22 0.23
CA LYS F 35 24.76 -29.88 0.81
C LYS F 35 25.11 -28.83 -0.24
N GLU F 36 25.51 -29.30 -1.42
CA GLU F 36 25.89 -28.41 -2.51
C GLU F 36 25.50 -28.99 -3.86
N ILE F 37 24.96 -28.15 -4.72
CA ILE F 37 24.56 -28.57 -6.05
C ILE F 37 25.18 -27.58 -7.04
N VAL F 38 25.87 -28.12 -8.04
CA VAL F 38 26.53 -27.28 -9.04
C VAL F 38 26.04 -27.65 -10.41
N LEU F 39 25.42 -26.70 -11.11
CA LEU F 39 24.89 -26.97 -12.44
C LEU F 39 25.60 -26.22 -13.56
N SER F 40 26.53 -25.33 -13.21
CA SER F 40 27.29 -24.52 -14.18
C SER F 40 27.88 -25.29 -15.35
N GLY F 41 27.97 -24.62 -16.49
CA GLY F 41 28.54 -25.24 -17.68
C GLY F 41 27.59 -26.05 -18.54
N ASN F 42 26.28 -25.84 -18.40
CA ASN F 42 25.31 -26.58 -19.21
C ASN F 42 24.15 -25.65 -19.57
N THR F 43 23.25 -26.11 -20.43
CA THR F 43 22.09 -25.29 -20.83
C THR F 43 20.79 -25.98 -20.44
N ILE F 44 20.12 -25.41 -19.44
CA ILE F 44 18.88 -25.95 -18.94
C ILE F 44 17.62 -25.38 -19.60
N GLY F 45 16.82 -26.26 -20.20
CA GLY F 45 15.59 -25.84 -20.84
C GLY F 45 14.49 -25.79 -19.79
N THR F 46 13.29 -25.37 -20.18
CA THR F 46 12.18 -25.27 -19.22
C THR F 46 11.76 -26.61 -18.62
N GLU F 47 11.51 -27.59 -19.47
CA GLU F 47 11.10 -28.90 -18.98
C GLU F 47 12.09 -29.53 -18.02
N ALA F 48 13.38 -29.43 -18.35
CA ALA F 48 14.40 -30.00 -17.50
C ALA F 48 14.41 -29.22 -16.19
N ALA F 49 14.13 -27.91 -16.26
CA ALA F 49 14.12 -27.08 -15.06
C ALA F 49 13.03 -27.59 -14.13
N ARG F 50 11.87 -27.88 -14.71
CA ARG F 50 10.71 -28.38 -13.97
C ARG F 50 11.03 -29.70 -13.25
N TRP F 51 11.73 -30.59 -13.94
CA TRP F 51 12.11 -31.86 -13.35
C TRP F 51 13.11 -31.64 -12.22
N LEU F 52 14.02 -30.69 -12.39
CA LEU F 52 15.03 -30.44 -11.37
C LEU F 52 14.43 -29.77 -10.15
N SER F 53 13.45 -28.89 -10.35
CA SER F 53 12.81 -28.19 -9.24
C SER F 53 12.23 -29.18 -8.23
N GLU F 54 11.47 -30.15 -8.75
CA GLU F 54 10.85 -31.18 -7.95
C GLU F 54 11.90 -31.88 -7.08
N ASN F 55 13.02 -32.24 -7.70
CA ASN F 55 14.11 -32.94 -7.01
C ASN F 55 15.04 -32.08 -6.16
N ILE F 56 14.99 -30.76 -6.34
CA ILE F 56 15.84 -29.87 -5.57
C ILE F 56 15.17 -29.43 -4.27
N ALA F 57 13.84 -29.28 -4.29
CA ALA F 57 13.11 -28.87 -3.11
C ALA F 57 13.18 -29.92 -2.00
N SER F 58 13.56 -31.15 -2.36
CA SER F 58 13.65 -32.25 -1.40
C SER F 58 14.94 -32.20 -0.61
N LYS F 59 15.93 -31.48 -1.12
CA LYS F 59 17.22 -31.38 -0.42
C LYS F 59 17.11 -30.34 0.67
N LYS F 60 16.62 -30.77 1.83
CA LYS F 60 16.42 -29.88 2.97
C LYS F 60 17.70 -29.46 3.69
N ASP F 61 18.82 -30.10 3.38
CA ASP F 61 20.06 -29.71 4.04
C ASP F 61 21.01 -28.94 3.13
N LEU F 62 20.52 -28.57 1.95
CA LEU F 62 21.29 -27.83 0.97
C LEU F 62 21.77 -26.50 1.53
N GLU F 63 23.07 -26.22 1.35
CA GLU F 63 23.68 -24.98 1.83
C GLU F 63 24.17 -24.06 0.72
N ILE F 64 24.65 -24.66 -0.37
CA ILE F 64 25.15 -23.90 -1.52
C ILE F 64 24.54 -24.31 -2.86
N ALA F 65 24.17 -23.31 -3.67
CA ALA F 65 23.60 -23.57 -5.00
C ALA F 65 24.37 -22.74 -6.02
N GLU F 66 25.08 -23.43 -6.91
CA GLU F 66 25.86 -22.79 -7.96
C GLU F 66 25.08 -22.88 -9.27
N PHE F 67 24.30 -21.85 -9.56
CA PHE F 67 23.52 -21.86 -10.78
C PHE F 67 24.06 -20.88 -11.82
N SER F 68 25.33 -20.55 -11.69
CA SER F 68 25.96 -19.63 -12.62
C SER F 68 26.14 -20.29 -13.98
N ASP F 69 26.00 -19.52 -15.05
CA ASP F 69 26.19 -20.06 -16.39
C ASP F 69 25.39 -21.34 -16.68
N ILE F 70 24.06 -21.24 -16.77
CA ILE F 70 23.25 -22.42 -17.06
C ILE F 70 22.20 -22.21 -18.13
N PHE F 71 22.24 -21.05 -18.79
CA PHE F 71 21.26 -20.72 -19.84
C PHE F 71 21.80 -20.30 -21.22
N THR F 72 23.04 -20.63 -21.54
CA THR F 72 23.54 -20.16 -22.82
C THR F 72 22.76 -20.74 -23.98
N GLY F 73 22.34 -19.85 -24.89
CA GLY F 73 21.58 -20.27 -26.05
C GLY F 73 20.09 -20.20 -25.79
N ARG F 74 19.70 -19.97 -24.55
CA ARG F 74 18.28 -19.92 -24.27
C ARG F 74 17.72 -18.54 -24.56
N VAL F 75 16.57 -18.49 -25.23
CA VAL F 75 15.95 -17.22 -25.61
C VAL F 75 14.97 -16.69 -24.58
N LYS F 76 14.47 -15.47 -24.80
CA LYS F 76 13.55 -14.88 -23.82
C LYS F 76 12.28 -15.71 -23.64
N ASP F 77 12.14 -16.71 -24.49
CA ASP F 77 11.00 -17.62 -24.48
C ASP F 77 11.08 -18.63 -23.33
N GLU F 78 12.30 -18.96 -22.93
CA GLU F 78 12.52 -19.98 -21.91
C GLU F 78 13.10 -19.56 -20.55
N ILE F 79 14.14 -18.74 -20.56
CA ILE F 79 14.80 -18.35 -19.32
C ILE F 79 13.89 -17.88 -18.19
N PRO F 80 12.94 -16.97 -18.47
CA PRO F 80 12.06 -16.52 -17.37
C PRO F 80 11.26 -17.64 -16.70
N GLU F 81 10.74 -18.56 -17.50
CA GLU F 81 9.97 -19.69 -16.98
C GLU F 81 10.86 -20.58 -16.12
N ALA F 82 11.92 -21.10 -16.74
CA ALA F 82 12.85 -21.99 -16.06
C ALA F 82 13.40 -21.41 -14.75
N LEU F 83 13.79 -20.15 -14.78
CA LEU F 83 14.34 -19.50 -13.60
C LEU F 83 13.33 -19.49 -12.46
N ARG F 84 12.06 -19.28 -12.81
CA ARG F 84 10.98 -19.23 -11.83
C ARG F 84 10.88 -20.59 -11.16
N LEU F 85 10.93 -21.66 -11.95
CA LEU F 85 10.84 -23.01 -11.41
C LEU F 85 11.98 -23.32 -10.45
N LEU F 86 13.20 -23.01 -10.86
CA LEU F 86 14.35 -23.27 -10.00
C LEU F 86 14.33 -22.45 -8.72
N LEU F 87 14.15 -21.14 -8.81
CA LEU F 87 14.16 -20.34 -7.59
C LEU F 87 12.96 -20.67 -6.67
N GLN F 88 11.93 -21.29 -7.25
CA GLN F 88 10.77 -21.64 -6.46
C GLN F 88 11.17 -22.79 -5.54
N ALA F 89 11.97 -23.70 -6.07
CA ALA F 89 12.42 -24.83 -5.29
C ALA F 89 13.41 -24.39 -4.21
N LEU F 90 14.27 -23.43 -4.55
CA LEU F 90 15.26 -22.95 -3.58
C LEU F 90 14.67 -22.28 -2.34
N LEU F 91 13.53 -21.62 -2.50
CA LEU F 91 12.89 -20.97 -1.35
C LEU F 91 12.55 -22.00 -0.28
N LYS F 92 12.37 -23.25 -0.70
CA LYS F 92 12.04 -24.34 0.22
C LYS F 92 13.22 -25.01 0.92
N CYS F 93 14.39 -24.40 0.84
CA CYS F 93 15.59 -24.94 1.49
C CYS F 93 15.95 -23.99 2.63
N PRO F 94 15.75 -24.44 3.88
CA PRO F 94 16.03 -23.65 5.09
C PRO F 94 17.49 -23.37 5.43
N LYS F 95 18.43 -24.14 4.90
CA LYS F 95 19.85 -23.89 5.23
C LYS F 95 20.70 -23.23 4.11
N LEU F 96 20.06 -22.93 2.98
CA LEU F 96 20.71 -22.31 1.81
C LEU F 96 21.19 -20.88 2.08
N HIS F 97 22.46 -20.74 2.48
CA HIS F 97 23.02 -19.43 2.77
C HIS F 97 23.79 -18.80 1.61
N THR F 98 24.10 -19.60 0.60
CA THR F 98 24.84 -19.09 -0.55
C THR F 98 24.24 -19.45 -1.91
N VAL F 99 23.92 -18.44 -2.71
CA VAL F 99 23.39 -18.70 -4.04
C VAL F 99 24.11 -17.86 -5.09
N ARG F 100 24.51 -18.52 -6.17
CA ARG F 100 25.23 -17.91 -7.27
C ARG F 100 24.40 -18.01 -8.54
N LEU F 101 24.10 -16.86 -9.15
CA LEU F 101 23.29 -16.85 -10.36
C LEU F 101 23.98 -16.12 -11.50
N SER F 102 25.29 -15.93 -11.36
CA SER F 102 26.07 -15.21 -12.34
C SER F 102 26.15 -15.75 -13.76
N ASP F 103 26.51 -14.86 -14.68
CA ASP F 103 26.69 -15.17 -16.10
C ASP F 103 25.48 -15.75 -16.79
N ASN F 104 24.32 -15.14 -16.55
CA ASN F 104 23.07 -15.58 -17.17
C ASN F 104 22.41 -14.32 -17.71
N ALA F 105 21.98 -14.36 -18.96
CA ALA F 105 21.34 -13.19 -19.56
C ALA F 105 19.98 -12.99 -18.91
N PHE F 106 19.86 -12.00 -18.04
CA PHE F 106 18.58 -11.77 -17.37
C PHE F 106 17.90 -10.48 -17.79
N GLY F 107 18.45 -9.34 -17.38
CA GLY F 107 17.85 -8.07 -17.74
C GLY F 107 16.44 -8.00 -17.20
N PRO F 108 15.68 -6.93 -17.51
CA PRO F 108 14.30 -6.78 -17.03
C PRO F 108 13.41 -7.97 -17.39
N THR F 109 13.60 -8.50 -18.58
CA THR F 109 12.80 -9.60 -19.06
C THR F 109 12.80 -10.85 -18.17
N ALA F 110 13.61 -10.86 -17.11
CA ALA F 110 13.61 -12.02 -16.22
C ALA F 110 13.74 -11.59 -14.78
N GLN F 111 13.33 -10.36 -14.49
CA GLN F 111 13.38 -9.80 -13.14
C GLN F 111 12.31 -10.34 -12.19
N GLU F 112 11.24 -10.90 -12.73
CA GLU F 112 10.17 -11.42 -11.90
C GLU F 112 10.65 -12.41 -10.86
N PRO F 113 11.14 -13.60 -11.30
CA PRO F 113 11.62 -14.64 -10.37
C PRO F 113 12.64 -14.10 -9.37
N LEU F 114 13.57 -13.29 -9.86
CA LEU F 114 14.60 -12.71 -9.02
C LEU F 114 14.01 -11.89 -7.90
N ILE F 115 13.26 -10.85 -8.26
CA ILE F 115 12.64 -9.99 -7.28
C ILE F 115 11.87 -10.81 -6.24
N ASP F 116 11.14 -11.81 -6.71
CA ASP F 116 10.38 -12.66 -5.82
C ASP F 116 11.31 -13.30 -4.79
N PHE F 117 12.26 -14.09 -5.29
CA PHE F 117 13.22 -14.81 -4.48
C PHE F 117 13.98 -13.95 -3.48
N LEU F 118 14.77 -13.01 -3.98
CA LEU F 118 15.61 -12.16 -3.13
C LEU F 118 14.91 -11.40 -2.03
N SER F 119 13.59 -11.37 -2.05
CA SER F 119 12.89 -10.63 -1.00
C SER F 119 12.27 -11.55 0.04
N LYS F 120 12.27 -12.84 -0.22
CA LYS F 120 11.67 -13.78 0.73
C LYS F 120 12.59 -14.88 1.25
N HIS F 121 13.81 -14.96 0.75
CA HIS F 121 14.70 -16.01 1.21
C HIS F 121 15.56 -15.54 2.37
N THR F 122 14.98 -15.57 3.56
CA THR F 122 15.67 -15.13 4.77
C THR F 122 17.00 -15.80 5.14
N PRO F 123 17.22 -17.05 4.71
CA PRO F 123 18.48 -17.75 5.04
C PRO F 123 19.74 -17.19 4.33
N LEU F 124 19.51 -16.46 3.23
CA LEU F 124 20.58 -15.89 2.42
C LEU F 124 21.68 -15.12 3.15
N GLU F 125 22.94 -15.45 2.86
CA GLU F 125 24.08 -14.77 3.47
C GLU F 125 25.12 -14.29 2.45
N HIS F 126 25.25 -15.01 1.33
CA HIS F 126 26.20 -14.66 0.27
C HIS F 126 25.53 -14.69 -1.09
N LEU F 127 25.37 -13.51 -1.69
CA LEU F 127 24.71 -13.37 -2.98
C LEU F 127 25.63 -13.05 -4.16
N TYR F 128 25.60 -13.88 -5.18
CA TYR F 128 26.43 -13.65 -6.36
C TYR F 128 25.53 -13.39 -7.54
N LEU F 129 25.38 -12.12 -7.90
CA LEU F 129 24.52 -11.75 -9.03
C LEU F 129 25.40 -10.91 -9.95
N HIS F 130 26.44 -11.56 -10.46
CA HIS F 130 27.45 -10.92 -11.29
C HIS F 130 27.26 -11.20 -12.77
N ASN F 131 27.45 -10.15 -13.57
CA ASN F 131 27.35 -10.25 -15.01
C ASN F 131 25.99 -10.79 -15.43
N ASN F 132 24.93 -10.08 -15.10
CA ASN F 132 23.60 -10.54 -15.48
C ASN F 132 22.81 -9.59 -16.38
N GLY F 133 23.42 -8.47 -16.75
CA GLY F 133 22.77 -7.51 -17.61
C GLY F 133 21.52 -6.91 -17.02
N LEU F 134 21.48 -6.75 -15.71
CA LEU F 134 20.31 -6.20 -15.05
C LEU F 134 19.84 -4.89 -15.69
N GLY F 135 20.65 -3.84 -15.56
CA GLY F 135 20.27 -2.56 -16.12
C GLY F 135 19.85 -1.68 -14.96
N PRO F 136 19.71 -0.36 -15.14
CA PRO F 136 19.32 0.51 -14.02
C PRO F 136 17.87 0.33 -13.53
N GLN F 137 17.00 -0.12 -14.43
CA GLN F 137 15.61 -0.33 -14.05
C GLN F 137 15.49 -1.53 -13.14
N ALA F 138 15.78 -2.71 -13.66
CA ALA F 138 15.71 -3.92 -12.86
C ALA F 138 16.68 -3.82 -11.67
N GLY F 139 17.80 -3.13 -11.90
CA GLY F 139 18.78 -2.98 -10.85
C GLY F 139 18.19 -2.27 -9.65
N ALA F 140 17.34 -1.28 -9.91
CA ALA F 140 16.74 -0.57 -8.79
C ALA F 140 15.74 -1.50 -8.11
N LYS F 141 15.05 -2.31 -8.92
CA LYS F 141 14.06 -3.23 -8.38
C LYS F 141 14.69 -4.32 -7.53
N ILE F 142 15.87 -4.78 -7.93
CA ILE F 142 16.57 -5.82 -7.17
C ILE F 142 17.00 -5.19 -5.84
N ALA F 143 17.42 -3.94 -5.90
CA ALA F 143 17.83 -3.24 -4.71
C ALA F 143 16.69 -3.12 -3.72
N ARG F 144 15.49 -2.83 -4.23
CA ARG F 144 14.32 -2.68 -3.36
C ARG F 144 13.92 -4.02 -2.76
N ALA F 145 13.94 -5.06 -3.57
CA ALA F 145 13.62 -6.40 -3.12
C ALA F 145 14.52 -6.76 -1.95
N LEU F 146 15.79 -6.36 -2.02
CA LEU F 146 16.76 -6.66 -0.96
C LEU F 146 16.44 -5.87 0.32
N GLN F 147 15.78 -4.73 0.18
CA GLN F 147 15.40 -3.93 1.34
C GLN F 147 14.30 -4.73 2.06
N GLU F 148 13.42 -5.34 1.28
CA GLU F 148 12.36 -6.16 1.84
C GLU F 148 12.99 -7.26 2.67
N LEU F 149 13.94 -7.96 2.05
CA LEU F 149 14.64 -9.06 2.70
C LEU F 149 15.12 -8.71 4.10
N ALA F 150 15.60 -7.48 4.28
CA ALA F 150 16.08 -7.07 5.59
C ALA F 150 14.93 -7.09 6.59
N VAL F 151 13.75 -6.66 6.16
CA VAL F 151 12.58 -6.63 7.03
C VAL F 151 12.13 -8.03 7.38
N ASN F 152 12.06 -8.91 6.39
CA ASN F 152 11.64 -10.27 6.64
C ASN F 152 12.66 -11.04 7.46
N LYS F 153 13.92 -10.62 7.39
CA LYS F 153 14.99 -11.27 8.15
C LYS F 153 14.84 -10.93 9.62
N LYS F 154 14.58 -9.66 9.89
CA LYS F 154 14.42 -9.17 11.26
C LYS F 154 13.23 -9.82 11.95
N ALA F 155 12.19 -10.14 11.18
CA ALA F 155 11.00 -10.76 11.73
C ALA F 155 11.19 -12.24 12.00
N LYS F 156 12.34 -12.79 11.66
CA LYS F 156 12.58 -14.21 11.89
C LYS F 156 13.94 -14.46 12.54
N ASN F 157 14.53 -13.41 13.12
CA ASN F 157 15.84 -13.52 13.76
C ASN F 157 16.77 -14.35 12.87
N ALA F 158 16.90 -13.94 11.61
CA ALA F 158 17.76 -14.64 10.65
C ALA F 158 19.15 -14.04 10.63
N PRO F 159 20.13 -14.81 10.13
CA PRO F 159 21.52 -14.32 10.06
C PRO F 159 21.60 -13.13 9.11
N PRO F 160 22.52 -12.19 9.36
CA PRO F 160 22.69 -11.00 8.52
C PRO F 160 23.18 -11.38 7.14
N LEU F 161 22.99 -10.48 6.17
CA LEU F 161 23.48 -10.72 4.83
C LEU F 161 24.97 -10.32 4.93
N ARG F 162 25.85 -11.16 4.39
CA ARG F 162 27.27 -10.87 4.47
C ARG F 162 27.94 -10.43 3.18
N SER F 163 27.52 -10.98 2.06
CA SER F 163 28.14 -10.67 0.78
C SER F 163 27.21 -10.35 -0.36
N ILE F 164 27.58 -9.33 -1.13
CA ILE F 164 26.83 -8.93 -2.32
C ILE F 164 27.83 -8.68 -3.44
N ILE F 165 27.83 -9.58 -4.42
CA ILE F 165 28.72 -9.48 -5.57
C ILE F 165 27.81 -9.17 -6.75
N CYS F 166 27.77 -7.89 -7.15
CA CYS F 166 26.89 -7.49 -8.23
C CYS F 166 27.51 -6.53 -9.23
N GLY F 167 28.38 -7.05 -10.09
CA GLY F 167 29.02 -6.19 -11.06
C GLY F 167 28.74 -6.56 -12.49
N ARG F 168 29.14 -5.66 -13.38
CA ARG F 168 28.96 -5.85 -14.82
C ARG F 168 27.49 -5.92 -15.17
N ASN F 169 26.69 -5.10 -14.49
CA ASN F 169 25.24 -5.05 -14.70
C ASN F 169 24.73 -3.69 -15.12
N ARG F 170 25.62 -2.73 -15.35
CA ARG F 170 25.19 -1.38 -15.74
C ARG F 170 24.14 -0.80 -14.79
N LEU F 171 24.39 -0.90 -13.49
CA LEU F 171 23.47 -0.36 -12.50
C LEU F 171 23.38 1.15 -12.73
N GLU F 172 24.47 1.72 -13.27
CA GLU F 172 24.55 3.14 -13.58
C GLU F 172 24.13 4.05 -12.44
N ASN F 173 24.13 5.35 -12.69
CA ASN F 173 23.74 6.34 -11.68
C ASN F 173 22.27 6.15 -11.31
N GLY F 174 21.48 5.70 -12.28
CA GLY F 174 20.05 5.52 -12.08
C GLY F 174 19.56 4.76 -10.87
N SER F 175 20.27 3.71 -10.45
CA SER F 175 19.82 2.92 -9.31
C SER F 175 20.57 3.13 -8.03
N MET F 176 21.37 4.19 -7.94
CA MET F 176 22.14 4.41 -6.74
C MET F 176 21.38 4.95 -5.54
N LYS F 177 20.25 5.61 -5.74
CA LYS F 177 19.47 6.13 -4.61
C LYS F 177 18.92 4.91 -3.87
N GLU F 178 18.47 3.95 -4.66
CA GLU F 178 17.90 2.76 -4.10
C GLU F 178 18.97 1.85 -3.50
N TRP F 179 20.12 1.71 -4.16
CA TRP F 179 21.19 0.87 -3.63
C TRP F 179 21.71 1.44 -2.33
N ALA F 180 21.84 2.76 -2.25
CA ALA F 180 22.30 3.36 -1.02
C ALA F 180 21.38 2.90 0.11
N LYS F 181 20.09 2.87 -0.17
CA LYS F 181 19.12 2.46 0.83
C LYS F 181 19.27 0.99 1.16
N THR F 182 19.72 0.18 0.21
CA THR F 182 19.91 -1.23 0.50
C THR F 182 21.03 -1.44 1.51
N PHE F 183 22.13 -0.72 1.31
CA PHE F 183 23.28 -0.79 2.20
C PHE F 183 22.93 -0.25 3.58
N GLN F 184 21.87 0.55 3.66
CA GLN F 184 21.41 1.10 4.95
C GLN F 184 20.66 -0.01 5.67
N SER F 185 20.09 -0.92 4.89
CA SER F 185 19.32 -2.03 5.42
C SER F 185 20.18 -3.20 5.86
N HIS F 186 21.40 -3.29 5.37
CA HIS F 186 22.28 -4.38 5.77
C HIS F 186 23.63 -3.82 6.21
N ARG F 187 23.70 -3.37 7.46
CA ARG F 187 24.92 -2.77 7.96
C ARG F 187 25.94 -3.73 8.55
N LEU F 188 25.78 -5.01 8.28
CA LEU F 188 26.72 -6.00 8.79
C LEU F 188 27.38 -6.75 7.65
N LEU F 189 27.39 -6.14 6.47
CA LEU F 189 28.01 -6.70 5.28
C LEU F 189 29.53 -6.75 5.43
N HIS F 190 30.15 -7.80 4.91
CA HIS F 190 31.61 -7.94 4.99
C HIS F 190 32.25 -7.71 3.62
N THR F 191 31.58 -8.22 2.58
CA THR F 191 32.10 -8.10 1.23
C THR F 191 31.10 -7.50 0.26
N VAL F 192 31.53 -6.51 -0.50
CA VAL F 192 30.68 -5.91 -1.52
C VAL F 192 31.53 -5.49 -2.71
N LYS F 193 31.13 -5.96 -3.88
CA LYS F 193 31.82 -5.66 -5.12
C LYS F 193 30.83 -5.23 -6.18
N MET F 194 30.90 -3.98 -6.60
CA MET F 194 29.99 -3.47 -7.62
C MET F 194 30.81 -2.95 -8.78
N VAL F 195 31.63 -3.86 -9.26
CA VAL F 195 32.53 -3.62 -10.35
C VAL F 195 31.89 -3.37 -11.71
N GLN F 196 32.51 -2.45 -12.46
CA GLN F 196 32.11 -2.16 -13.84
C GLN F 196 30.61 -1.99 -14.09
N ASN F 197 29.97 -1.02 -13.45
CA ASN F 197 28.52 -0.80 -13.62
C ASN F 197 28.15 0.53 -14.24
N GLY F 198 29.09 1.18 -14.92
CA GLY F 198 28.80 2.46 -15.54
C GLY F 198 28.39 3.55 -14.55
N ILE F 199 28.66 3.35 -13.27
CA ILE F 199 28.32 4.36 -12.27
C ILE F 199 29.27 5.56 -12.46
N ARG F 200 28.74 6.77 -12.43
CA ARG F 200 29.56 7.98 -12.62
C ARG F 200 29.75 8.75 -11.32
N PRO F 201 30.56 9.84 -11.35
CA PRO F 201 30.83 10.66 -10.15
C PRO F 201 29.69 10.90 -9.17
N GLU F 202 28.57 11.44 -9.61
CA GLU F 202 27.46 11.70 -8.69
C GLU F 202 27.00 10.38 -8.09
N GLY F 203 27.03 9.33 -8.91
CA GLY F 203 26.63 8.01 -8.45
C GLY F 203 27.53 7.51 -7.34
N ILE F 204 28.84 7.46 -7.59
CA ILE F 204 29.79 7.01 -6.59
C ILE F 204 29.69 7.86 -5.32
N GLU F 205 29.56 9.16 -5.49
CA GLU F 205 29.46 10.06 -4.33
C GLU F 205 28.29 9.65 -3.43
N HIS F 206 27.14 9.39 -4.03
CA HIS F 206 25.96 9.01 -3.26
C HIS F 206 26.17 7.65 -2.63
N LEU F 207 26.49 6.66 -3.46
CA LEU F 207 26.74 5.32 -2.99
C LEU F 207 27.62 5.30 -1.75
N LEU F 208 28.73 6.02 -1.80
CA LEU F 208 29.63 6.04 -0.66
C LEU F 208 29.05 6.69 0.57
N LEU F 209 28.80 7.99 0.50
CA LEU F 209 28.29 8.76 1.64
C LEU F 209 26.91 8.42 2.18
N GLU F 210 26.08 7.81 1.34
CA GLU F 210 24.72 7.46 1.73
C GLU F 210 24.53 5.95 1.86
N GLY F 211 25.51 5.19 1.34
CA GLY F 211 25.42 3.74 1.39
C GLY F 211 26.50 3.03 2.16
N LEU F 212 27.55 2.61 1.48
CA LEU F 212 28.64 1.88 2.13
C LEU F 212 29.13 2.52 3.43
N ALA F 213 28.98 3.83 3.54
CA ALA F 213 29.43 4.51 4.76
C ALA F 213 28.78 4.03 6.04
N TYR F 214 27.67 3.30 5.94
CA TYR F 214 26.95 2.79 7.11
C TYR F 214 27.34 1.36 7.49
N CYS F 215 28.10 0.71 6.60
CA CYS F 215 28.58 -0.65 6.82
C CYS F 215 29.92 -0.67 7.56
N GLN F 216 29.90 -0.39 8.86
CA GLN F 216 31.07 -0.35 9.70
C GLN F 216 31.89 -1.64 9.81
N GLU F 217 31.37 -2.75 9.33
CA GLU F 217 32.08 -4.04 9.43
C GLU F 217 32.73 -4.48 8.12
N LEU F 218 32.62 -3.65 7.09
CA LEU F 218 33.13 -3.94 5.76
C LEU F 218 34.59 -4.43 5.76
N LYS F 219 34.85 -5.49 5.01
CA LYS F 219 36.19 -6.02 4.94
C LYS F 219 36.78 -5.93 3.53
N VAL F 220 35.96 -6.23 2.52
CA VAL F 220 36.39 -6.17 1.13
C VAL F 220 35.48 -5.21 0.35
N LEU F 221 36.09 -4.32 -0.43
CA LEU F 221 35.34 -3.36 -1.23
C LEU F 221 36.00 -3.17 -2.59
N ASP F 222 35.30 -3.48 -3.68
CA ASP F 222 35.86 -3.34 -5.02
C ASP F 222 34.90 -2.58 -5.93
N LEU F 223 35.30 -1.39 -6.39
CA LEU F 223 34.49 -0.56 -7.27
C LEU F 223 35.20 -0.36 -8.61
N GLN F 224 36.09 -1.28 -8.95
CA GLN F 224 36.85 -1.19 -10.17
C GLN F 224 36.06 -0.83 -11.43
N ASP F 225 36.68 0.02 -12.25
CA ASP F 225 36.16 0.44 -13.55
C ASP F 225 34.88 1.26 -13.61
N ASN F 226 34.68 2.15 -12.65
CA ASN F 226 33.54 3.02 -12.68
C ASN F 226 34.21 4.38 -12.91
N THR F 227 33.56 5.49 -12.57
CA THR F 227 34.26 6.75 -12.81
C THR F 227 34.13 7.65 -11.61
N PHE F 228 35.23 7.84 -10.90
CA PHE F 228 35.21 8.65 -9.71
C PHE F 228 35.46 10.14 -9.93
N THR F 229 36.62 10.46 -10.52
CA THR F 229 37.07 11.85 -10.75
C THR F 229 37.14 12.52 -9.38
N HIS F 230 37.29 13.83 -9.32
CA HIS F 230 37.39 14.47 -8.02
C HIS F 230 36.17 14.30 -7.12
N LEU F 231 34.98 14.31 -7.70
CA LEU F 231 33.77 14.16 -6.91
C LEU F 231 33.72 12.84 -6.12
N GLY F 232 33.88 11.73 -6.82
CA GLY F 232 33.86 10.44 -6.16
C GLY F 232 35.03 10.29 -5.21
N SER F 233 36.18 10.82 -5.61
CA SER F 233 37.38 10.72 -4.80
C SER F 233 37.25 11.39 -3.45
N SER F 234 36.57 12.52 -3.42
CA SER F 234 36.39 13.23 -2.14
C SER F 234 35.44 12.43 -1.28
N ALA F 235 34.48 11.77 -1.92
CA ALA F 235 33.51 10.97 -1.20
C ALA F 235 34.25 9.79 -0.56
N LEU F 236 35.17 9.19 -1.32
CA LEU F 236 35.96 8.07 -0.83
C LEU F 236 36.86 8.54 0.32
N ALA F 237 37.43 9.73 0.17
CA ALA F 237 38.30 10.23 1.21
C ALA F 237 37.56 10.41 2.52
N ILE F 238 36.31 10.88 2.45
CA ILE F 238 35.53 11.11 3.66
C ILE F 238 35.02 9.82 4.29
N ALA F 239 34.78 8.83 3.45
CA ALA F 239 34.25 7.57 3.93
C ALA F 239 35.23 6.56 4.57
N LEU F 240 36.49 6.54 4.13
CA LEU F 240 37.44 5.58 4.66
C LEU F 240 37.49 5.41 6.17
N LYS F 241 37.26 6.49 6.92
CA LYS F 241 37.30 6.39 8.37
C LYS F 241 36.13 5.61 8.94
N SER F 242 35.25 5.11 8.08
CA SER F 242 34.09 4.36 8.54
C SER F 242 34.32 2.85 8.45
N TRP F 243 35.42 2.44 7.86
CA TRP F 243 35.70 1.01 7.71
C TRP F 243 36.98 0.57 8.43
N PRO F 244 36.93 0.58 9.78
CA PRO F 244 38.02 0.21 10.70
C PRO F 244 38.72 -1.11 10.38
N ASN F 245 37.97 -2.05 9.79
CA ASN F 245 38.51 -3.37 9.48
C ASN F 245 38.68 -3.58 7.99
N LEU F 246 38.84 -2.52 7.21
CA LEU F 246 38.99 -2.72 5.78
C LEU F 246 40.28 -3.54 5.50
N ARG F 247 40.21 -4.51 4.59
CA ARG F 247 41.39 -5.32 4.27
C ARG F 247 41.77 -5.27 2.80
N GLU F 248 40.79 -5.04 1.93
CA GLU F 248 41.04 -4.99 0.51
C GLU F 248 40.30 -3.81 -0.11
N LEU F 249 41.02 -2.96 -0.82
CA LEU F 249 40.42 -1.81 -1.47
C LEU F 249 40.82 -1.83 -2.94
N GLY F 250 39.86 -2.19 -3.80
CA GLY F 250 40.14 -2.25 -5.22
C GLY F 250 39.59 -1.05 -5.98
N LEU F 251 40.48 -0.19 -6.48
CA LEU F 251 40.06 0.98 -7.23
C LEU F 251 40.72 1.04 -8.60
N ASN F 252 40.97 -0.10 -9.21
CA ASN F 252 41.60 -0.10 -10.54
C ASN F 252 40.65 0.48 -11.57
N ASP F 253 41.21 1.17 -12.57
CA ASP F 253 40.44 1.72 -13.68
C ASP F 253 39.38 2.74 -13.26
N CYS F 254 39.60 3.43 -12.16
CA CYS F 254 38.59 4.38 -11.70
C CYS F 254 38.78 5.83 -12.07
N LEU F 255 39.83 6.15 -12.81
CA LEU F 255 40.08 7.54 -13.16
C LEU F 255 39.96 8.40 -11.92
N LEU F 256 40.65 8.03 -10.85
CA LEU F 256 40.59 8.83 -9.63
C LEU F 256 40.97 10.26 -9.90
N SER F 257 41.84 10.46 -10.88
CA SER F 257 42.37 11.79 -11.26
C SER F 257 43.54 12.08 -10.32
N ALA F 258 44.45 12.96 -10.73
CA ALA F 258 45.61 13.28 -9.91
C ALA F 258 45.27 13.92 -8.58
N ARG F 259 44.39 14.92 -8.61
CA ARG F 259 43.99 15.62 -7.39
C ARG F 259 43.17 14.71 -6.49
N GLY F 260 42.39 13.83 -7.10
CA GLY F 260 41.58 12.92 -6.30
C GLY F 260 42.44 11.93 -5.54
N ALA F 261 43.39 11.32 -6.25
CA ALA F 261 44.31 10.35 -5.67
C ALA F 261 45.06 10.97 -4.50
N ALA F 262 45.49 12.20 -4.67
CA ALA F 262 46.22 12.87 -3.61
C ALA F 262 45.34 12.97 -2.37
N ALA F 263 44.06 13.27 -2.58
CA ALA F 263 43.11 13.39 -1.47
C ALA F 263 42.90 12.07 -0.74
N VAL F 264 42.87 10.97 -1.49
CA VAL F 264 42.69 9.65 -0.90
C VAL F 264 43.94 9.25 -0.12
N VAL F 265 45.11 9.47 -0.73
CA VAL F 265 46.35 9.12 -0.05
C VAL F 265 46.43 9.94 1.23
N ASP F 266 45.94 11.18 1.18
CA ASP F 266 45.96 12.03 2.36
C ASP F 266 45.04 11.44 3.43
N ALA F 267 43.92 10.86 3.00
CA ALA F 267 42.99 10.26 3.95
C ALA F 267 43.64 9.09 4.69
N PHE F 268 44.25 8.16 3.95
CA PHE F 268 44.92 7.02 4.56
C PHE F 268 45.89 7.50 5.62
N SER F 269 46.54 8.62 5.31
CA SER F 269 47.52 9.20 6.19
C SER F 269 46.98 9.54 7.58
N LYS F 270 45.70 9.88 7.67
CA LYS F 270 45.09 10.23 8.95
C LYS F 270 44.47 9.05 9.71
N LEU F 271 44.34 7.89 9.06
CA LEU F 271 43.77 6.72 9.74
C LEU F 271 44.76 6.11 10.71
N GLU F 272 44.24 5.41 11.71
CA GLU F 272 45.09 4.74 12.69
C GLU F 272 44.79 3.23 12.63
N ASN F 273 45.73 2.44 13.12
CA ASN F 273 45.55 0.98 13.12
C ASN F 273 45.08 0.47 11.77
N ILE F 274 45.79 0.82 10.71
CA ILE F 274 45.42 0.36 9.38
C ILE F 274 45.86 -1.09 9.19
N GLY F 275 44.88 -1.96 8.90
CA GLY F 275 45.15 -3.37 8.67
C GLY F 275 44.93 -3.70 7.20
N LEU F 276 44.91 -2.69 6.35
CA LEU F 276 44.74 -2.88 4.92
C LEU F 276 45.77 -3.90 4.43
N GLN F 277 45.34 -4.86 3.60
CA GLN F 277 46.26 -5.88 3.09
C GLN F 277 46.51 -5.85 1.59
N THR F 278 45.55 -5.32 0.83
CA THR F 278 45.73 -5.23 -0.60
C THR F 278 45.10 -3.93 -1.09
N LEU F 279 45.90 -3.14 -1.82
CA LEU F 279 45.49 -1.84 -2.33
C LEU F 279 45.71 -1.78 -3.83
N ARG F 280 44.62 -1.72 -4.60
CA ARG F 280 44.68 -1.68 -6.05
C ARG F 280 44.39 -0.28 -6.60
N LEU F 281 45.41 0.37 -7.17
CA LEU F 281 45.26 1.73 -7.71
C LEU F 281 45.69 1.94 -9.16
N GLN F 282 45.57 0.91 -9.99
CA GLN F 282 45.97 1.03 -11.40
C GLN F 282 45.16 2.06 -12.18
N TYR F 283 45.70 2.47 -13.31
CA TYR F 283 45.08 3.45 -14.22
C TYR F 283 44.22 4.52 -13.57
N ASN F 284 44.81 5.35 -12.73
CA ASN F 284 44.05 6.41 -12.07
C ASN F 284 44.61 7.80 -12.28
N GLU F 285 45.57 7.93 -13.21
CA GLU F 285 46.21 9.20 -13.50
C GLU F 285 46.93 9.73 -12.27
N ILE F 286 47.37 8.82 -11.40
CA ILE F 286 48.07 9.24 -10.19
C ILE F 286 49.45 9.77 -10.59
N GLU F 287 49.86 10.86 -9.95
CA GLU F 287 51.15 11.45 -10.26
C GLU F 287 52.21 11.22 -9.20
N LEU F 288 53.46 11.26 -9.64
CA LEU F 288 54.64 11.05 -8.82
C LEU F 288 54.55 11.61 -7.40
N ASP F 289 54.10 12.86 -7.28
CA ASP F 289 53.99 13.49 -5.95
C ASP F 289 53.14 12.68 -4.97
N ALA F 290 51.96 12.25 -5.42
CA ALA F 290 51.07 11.46 -4.58
C ALA F 290 51.72 10.11 -4.26
N VAL F 291 52.38 9.52 -5.27
CA VAL F 291 53.05 8.22 -5.08
C VAL F 291 54.15 8.31 -4.03
N ARG F 292 54.79 9.47 -3.94
CA ARG F 292 55.85 9.67 -2.97
C ARG F 292 55.24 9.53 -1.58
N THR F 293 54.24 10.35 -1.28
CA THR F 293 53.58 10.29 0.03
C THR F 293 52.97 8.90 0.31
N LEU F 294 52.39 8.28 -0.71
CA LEU F 294 51.82 6.97 -0.48
C LEU F 294 52.92 6.03 -0.02
N LYS F 295 54.11 6.14 -0.61
CA LYS F 295 55.20 5.26 -0.23
C LYS F 295 55.49 5.37 1.25
N THR F 296 55.63 6.58 1.74
CA THR F 296 55.92 6.78 3.14
C THR F 296 54.72 6.45 4.05
N VAL F 297 53.50 6.57 3.54
CA VAL F 297 52.35 6.23 4.37
C VAL F 297 52.34 4.71 4.52
N ILE F 298 52.72 4.01 3.46
CA ILE F 298 52.76 2.56 3.51
C ILE F 298 53.88 2.08 4.43
N ASP F 299 54.97 2.84 4.46
CA ASP F 299 56.10 2.46 5.28
C ASP F 299 55.79 2.60 6.76
N GLU F 300 55.30 3.77 7.15
CA GLU F 300 55.00 4.03 8.55
C GLU F 300 53.66 3.53 9.06
N LYS F 301 52.64 3.46 8.22
CA LYS F 301 51.31 3.07 8.70
C LYS F 301 50.56 1.86 8.16
N MET F 302 51.10 1.18 7.15
CA MET F 302 50.43 -0.01 6.59
C MET F 302 51.31 -1.25 6.72
N PRO F 303 51.57 -1.68 7.96
CA PRO F 303 52.40 -2.85 8.27
C PRO F 303 51.93 -4.19 7.75
N ASP F 304 50.70 -4.30 7.26
CA ASP F 304 50.21 -5.58 6.78
C ASP F 304 50.08 -5.65 5.26
N LEU F 305 50.40 -4.55 4.59
CA LEU F 305 50.25 -4.51 3.13
C LEU F 305 51.01 -5.63 2.43
N LEU F 306 50.30 -6.46 1.67
CA LEU F 306 50.91 -7.57 0.94
C LEU F 306 50.88 -7.38 -0.58
N PHE F 307 50.06 -6.45 -1.05
CA PHE F 307 49.96 -6.22 -2.48
C PHE F 307 49.67 -4.77 -2.78
N LEU F 308 50.37 -4.21 -3.75
CA LEU F 308 50.17 -2.84 -4.16
C LEU F 308 50.12 -2.91 -5.67
N GLU F 309 49.34 -2.04 -6.29
CA GLU F 309 49.23 -2.03 -7.74
C GLU F 309 49.15 -0.59 -8.24
N LEU F 310 50.18 -0.18 -8.97
CA LEU F 310 50.24 1.19 -9.49
C LEU F 310 50.43 1.28 -11.00
N ASN F 311 50.38 0.16 -11.71
CA ASN F 311 50.56 0.20 -13.16
C ASN F 311 49.53 1.11 -13.86
N GLY F 312 49.93 1.70 -14.99
CA GLY F 312 49.04 2.56 -15.75
C GLY F 312 48.89 4.01 -15.29
N ASN F 313 49.59 4.42 -14.23
CA ASN F 313 49.47 5.79 -13.75
C ASN F 313 50.37 6.79 -14.47
N ARG F 314 50.37 8.04 -13.99
CA ARG F 314 51.17 9.10 -14.62
C ARG F 314 52.55 9.37 -13.99
N PHE F 315 53.37 8.34 -13.87
CA PHE F 315 54.70 8.53 -13.33
C PHE F 315 55.61 7.51 -14.01
N SER F 316 56.91 7.77 -13.99
CA SER F 316 57.84 6.86 -14.68
C SER F 316 58.18 5.59 -13.94
N GLU F 317 58.19 4.48 -14.68
CA GLU F 317 58.54 3.20 -14.11
C GLU F 317 59.96 3.31 -13.53
N GLU F 318 60.71 4.29 -14.00
CA GLU F 318 62.09 4.51 -13.59
C GLU F 318 62.29 5.43 -12.38
N ASP F 319 61.25 6.12 -11.96
CA ASP F 319 61.38 7.05 -10.82
C ASP F 319 61.97 6.43 -9.55
N ASP F 320 62.48 7.28 -8.67
CA ASP F 320 63.10 6.83 -7.44
C ASP F 320 62.16 6.07 -6.50
N VAL F 321 60.97 6.62 -6.29
CA VAL F 321 60.00 6.00 -5.41
C VAL F 321 59.79 4.52 -5.68
N VAL F 322 59.83 4.11 -6.95
CA VAL F 322 59.61 2.71 -7.27
C VAL F 322 60.57 1.81 -6.51
N ASP F 323 61.84 2.22 -6.42
CA ASP F 323 62.82 1.42 -5.70
C ASP F 323 62.63 1.56 -4.21
N GLU F 324 62.25 2.75 -3.76
CA GLU F 324 62.03 2.98 -2.34
C GLU F 324 60.88 2.08 -1.86
N ILE F 325 59.83 1.97 -2.66
CA ILE F 325 58.70 1.13 -2.29
C ILE F 325 59.17 -0.32 -2.22
N ARG F 326 59.89 -0.77 -3.25
CA ARG F 326 60.40 -2.13 -3.26
C ARG F 326 61.32 -2.36 -2.05
N GLU F 327 62.05 -1.32 -1.64
CA GLU F 327 62.95 -1.44 -0.50
C GLU F 327 62.17 -1.75 0.79
N VAL F 328 61.03 -1.09 0.95
CA VAL F 328 60.19 -1.28 2.12
C VAL F 328 59.73 -2.73 2.24
N PHE F 329 59.27 -3.29 1.13
CA PHE F 329 58.79 -4.65 1.14
C PHE F 329 59.95 -5.62 1.35
N SER F 330 61.13 -5.30 0.82
CA SER F 330 62.31 -6.16 0.96
C SER F 330 62.73 -6.23 2.42
N THR F 331 62.84 -5.06 3.03
CA THR F 331 63.25 -4.96 4.42
C THR F 331 62.29 -5.73 5.34
N ARG F 332 61.03 -5.80 4.97
CA ARG F 332 60.02 -6.48 5.78
C ARG F 332 59.96 -7.98 5.48
N GLY F 333 60.41 -8.36 4.29
CA GLY F 333 60.35 -9.76 3.91
C GLY F 333 58.93 -10.10 3.57
N ARG F 334 58.11 -9.07 3.37
CA ARG F 334 56.70 -9.24 3.05
C ARG F 334 56.17 -7.96 2.38
N GLY F 335 55.56 -8.12 1.21
CA GLY F 335 55.03 -6.98 0.46
C GLY F 335 55.13 -7.30 -1.01
N GLU F 336 54.67 -6.43 -1.89
CA GLU F 336 54.74 -6.75 -3.32
C GLU F 336 54.12 -5.72 -4.27
N LEU F 337 54.95 -5.14 -5.13
CA LEU F 337 54.48 -4.16 -6.10
C LEU F 337 54.28 -4.92 -7.41
N ASP F 338 53.48 -4.36 -8.32
CA ASP F 338 53.21 -5.02 -9.59
C ASP F 338 54.15 -4.54 -10.71
N GLU F 339 54.05 -5.18 -11.87
CA GLU F 339 54.87 -4.82 -13.02
C GLU F 339 54.39 -3.50 -13.63
N LEU F 340 55.21 -2.46 -13.55
CA LEU F 340 54.84 -1.15 -14.08
C LEU F 340 55.14 -1.00 -15.59
N ASP F 341 54.73 -1.97 -16.39
CA ASP F 341 54.98 -1.93 -17.83
C ASP F 341 53.99 -1.19 -18.72
N ASP F 342 53.25 -0.20 -18.21
CA ASP F 342 52.29 0.49 -19.07
C ASP F 342 51.90 1.88 -18.57
N MET F 343 52.87 2.60 -18.00
CA MET F 343 52.61 3.93 -17.46
C MET F 343 51.99 4.85 -18.50
N GLU F 344 51.08 5.70 -18.05
CA GLU F 344 50.38 6.63 -18.94
C GLU F 344 51.26 7.80 -19.38
N GLU F 345 50.81 8.45 -20.45
CA GLU F 345 51.49 9.60 -21.04
C GLU F 345 52.79 9.21 -21.72
N GLN G 8 -45.25 -74.47 -24.06
CA GLN G 8 -44.67 -73.13 -23.76
C GLN G 8 -45.54 -72.02 -24.32
N VAL G 9 -46.37 -71.44 -23.44
CA VAL G 9 -47.27 -70.35 -23.80
C VAL G 9 -46.55 -69.02 -23.93
N GLN G 10 -47.05 -68.14 -24.80
CA GLN G 10 -46.46 -66.80 -25.03
C GLN G 10 -47.51 -65.69 -25.14
N PHE G 11 -47.20 -64.54 -24.56
CA PHE G 11 -48.13 -63.42 -24.59
C PHE G 11 -47.43 -62.11 -24.98
N LYS G 12 -47.95 -61.44 -26.01
CA LYS G 12 -47.36 -60.17 -26.43
C LYS G 12 -47.93 -59.07 -25.57
N LEU G 13 -47.08 -58.45 -24.77
CA LEU G 13 -47.53 -57.37 -23.92
C LEU G 13 -46.91 -56.03 -24.34
N VAL G 14 -47.76 -55.02 -24.51
CA VAL G 14 -47.30 -53.71 -24.93
C VAL G 14 -47.07 -52.82 -23.73
N LEU G 15 -45.85 -52.31 -23.57
CA LEU G 15 -45.51 -51.42 -22.48
C LEU G 15 -45.52 -49.99 -23.06
N VAL G 16 -46.39 -49.15 -22.52
CA VAL G 16 -46.62 -47.79 -23.01
C VAL G 16 -46.66 -46.73 -21.91
N GLY G 17 -46.41 -45.47 -22.29
CA GLY G 17 -46.46 -44.38 -21.32
C GLY G 17 -45.51 -43.23 -21.65
N ASP G 18 -45.66 -42.11 -20.95
CA ASP G 18 -44.80 -40.96 -21.19
C ASP G 18 -43.30 -41.20 -20.92
N GLY G 19 -42.46 -40.33 -21.50
CA GLY G 19 -41.02 -40.45 -21.35
C GLY G 19 -40.56 -40.18 -19.94
N GLY G 20 -39.59 -40.98 -19.48
CA GLY G 20 -39.07 -40.79 -18.13
C GLY G 20 -39.93 -41.36 -17.00
N THR G 21 -40.97 -42.11 -17.34
CA THR G 21 -41.81 -42.65 -16.31
C THR G 21 -41.28 -43.92 -15.65
N GLY G 22 -40.43 -44.66 -16.35
CA GLY G 22 -39.86 -45.86 -15.74
C GLY G 22 -40.12 -47.15 -16.49
N LYS G 23 -40.70 -47.06 -17.68
CA LYS G 23 -40.98 -48.26 -18.45
C LYS G 23 -39.76 -49.17 -18.62
N THR G 24 -38.63 -48.62 -19.06
CA THR G 24 -37.42 -49.40 -19.27
C THR G 24 -36.77 -49.89 -17.99
N THR G 25 -36.71 -49.02 -16.98
CA THR G 25 -36.13 -49.37 -15.70
C THR G 25 -36.90 -50.53 -15.10
N PHE G 26 -38.20 -50.54 -15.35
CA PHE G 26 -39.08 -51.58 -14.83
C PHE G 26 -38.69 -52.91 -15.45
N VAL G 27 -38.67 -52.96 -16.78
CA VAL G 27 -38.32 -54.19 -17.48
C VAL G 27 -36.91 -54.67 -17.08
N LYS G 28 -35.98 -53.74 -16.97
CA LYS G 28 -34.61 -54.07 -16.62
C LYS G 28 -34.54 -54.84 -15.31
N ARG G 29 -35.26 -54.35 -14.30
CA ARG G 29 -35.27 -55.01 -13.00
C ARG G 29 -35.76 -56.45 -13.08
N HIS G 30 -36.79 -56.68 -13.88
CA HIS G 30 -37.35 -58.00 -14.01
C HIS G 30 -36.46 -58.99 -14.74
N LEU G 31 -35.60 -58.51 -15.63
CA LEU G 31 -34.76 -59.49 -16.33
C LEU G 31 -33.31 -59.47 -15.91
N THR G 32 -33.01 -58.76 -14.85
CA THR G 32 -31.64 -58.66 -14.38
C THR G 32 -31.52 -58.54 -12.86
N GLY G 33 -32.40 -57.74 -12.29
CA GLY G 33 -32.37 -57.54 -10.85
C GLY G 33 -31.77 -56.20 -10.53
N GLU G 34 -31.08 -55.62 -11.52
CA GLU G 34 -30.45 -54.32 -11.33
C GLU G 34 -31.47 -53.20 -11.35
N PHE G 35 -31.04 -52.02 -10.90
CA PHE G 35 -31.88 -50.84 -10.90
C PHE G 35 -31.11 -49.76 -11.64
N GLU G 36 -31.38 -49.60 -12.93
CA GLU G 36 -30.70 -48.59 -13.74
C GLU G 36 -31.11 -47.17 -13.33
N LYS G 37 -30.12 -46.36 -12.93
CA LYS G 37 -30.40 -45.01 -12.53
C LYS G 37 -30.11 -43.93 -13.59
N LYS G 38 -29.64 -44.35 -14.76
CA LYS G 38 -29.36 -43.40 -15.83
C LYS G 38 -30.49 -43.43 -16.82
N TYR G 39 -31.07 -42.27 -17.11
CA TYR G 39 -32.14 -42.22 -18.08
C TYR G 39 -31.52 -42.21 -19.48
N VAL G 40 -31.81 -43.24 -20.25
CA VAL G 40 -31.34 -43.36 -21.63
C VAL G 40 -32.54 -43.70 -22.46
N ALA G 41 -33.14 -42.68 -23.07
CA ALA G 41 -34.33 -42.84 -23.90
C ALA G 41 -34.28 -44.03 -24.86
N THR G 42 -35.44 -44.62 -25.08
CA THR G 42 -35.61 -45.79 -25.95
C THR G 42 -36.05 -45.30 -27.33
N LEU G 43 -35.43 -45.81 -28.38
CA LEU G 43 -35.79 -45.38 -29.72
C LEU G 43 -36.67 -46.41 -30.41
N GLY G 44 -37.91 -46.02 -30.69
CA GLY G 44 -38.83 -46.93 -31.34
C GLY G 44 -39.38 -47.94 -30.35
N VAL G 45 -38.89 -49.17 -30.43
CA VAL G 45 -39.34 -50.22 -29.53
C VAL G 45 -38.29 -51.29 -29.38
N GLU G 46 -38.20 -51.85 -28.17
CA GLU G 46 -37.26 -52.92 -27.86
C GLU G 46 -38.01 -54.08 -27.23
N VAL G 47 -38.01 -55.21 -27.89
CA VAL G 47 -38.69 -56.41 -27.40
C VAL G 47 -37.83 -57.20 -26.40
N HIS G 48 -38.33 -57.39 -25.18
CA HIS G 48 -37.59 -58.15 -24.15
C HIS G 48 -38.45 -59.30 -23.61
N PRO G 49 -37.93 -60.53 -23.66
CA PRO G 49 -38.65 -61.72 -23.17
C PRO G 49 -38.47 -61.99 -21.67
N LEU G 50 -39.57 -62.20 -20.97
CA LEU G 50 -39.53 -62.50 -19.54
C LEU G 50 -40.38 -63.76 -19.27
N VAL G 51 -39.81 -64.77 -18.61
CA VAL G 51 -40.60 -65.94 -18.30
C VAL G 51 -40.78 -66.05 -16.79
N PHE G 52 -41.91 -66.66 -16.40
CA PHE G 52 -42.27 -66.88 -15.00
C PHE G 52 -42.80 -68.29 -14.88
N HIS G 53 -42.53 -68.93 -13.74
CA HIS G 53 -43.03 -70.28 -13.50
C HIS G 53 -44.23 -70.21 -12.58
N THR G 54 -45.33 -70.83 -13.02
CA THR G 54 -46.57 -70.84 -12.26
C THR G 54 -47.02 -72.26 -11.98
N ASN G 55 -48.03 -72.39 -11.13
CA ASN G 55 -48.57 -73.70 -10.79
C ASN G 55 -49.18 -74.37 -12.02
N ARG G 56 -49.28 -73.65 -13.13
CA ARG G 56 -49.82 -74.23 -14.35
C ARG G 56 -48.77 -74.27 -15.46
N GLY G 57 -47.50 -74.18 -15.04
CA GLY G 57 -46.41 -74.22 -15.99
C GLY G 57 -45.72 -72.89 -16.25
N PRO G 58 -44.65 -72.91 -17.05
CA PRO G 58 -43.93 -71.69 -17.36
C PRO G 58 -44.61 -70.90 -18.48
N ILE G 59 -44.70 -69.58 -18.31
CA ILE G 59 -45.30 -68.73 -19.33
C ILE G 59 -44.31 -67.62 -19.68
N LYS G 60 -44.33 -67.18 -20.94
CA LYS G 60 -43.43 -66.13 -21.35
C LYS G 60 -44.12 -64.87 -21.86
N PHE G 61 -43.74 -63.73 -21.31
CA PHE G 61 -44.28 -62.43 -21.75
C PHE G 61 -43.24 -61.77 -22.67
N ASN G 62 -43.60 -61.52 -23.92
CA ASN G 62 -42.68 -60.81 -24.80
C ASN G 62 -43.04 -59.35 -24.64
N VAL G 63 -42.32 -58.65 -23.78
CA VAL G 63 -42.59 -57.24 -23.54
C VAL G 63 -42.07 -56.29 -24.63
N TRP G 64 -42.97 -55.46 -25.14
CA TRP G 64 -42.63 -54.48 -26.16
C TRP G 64 -42.51 -53.12 -25.51
N ASP G 65 -41.30 -52.79 -25.05
CA ASP G 65 -41.03 -51.51 -24.41
C ASP G 65 -41.01 -50.45 -25.52
N THR G 66 -41.98 -49.55 -25.52
CA THR G 66 -42.04 -48.53 -26.56
C THR G 66 -41.51 -47.18 -26.11
N ALA G 67 -41.31 -46.29 -27.07
CA ALA G 67 -40.79 -44.95 -26.81
C ALA G 67 -41.90 -43.94 -26.49
N GLY G 68 -41.70 -43.18 -25.41
CA GLY G 68 -42.69 -42.21 -24.99
C GLY G 68 -42.70 -40.86 -25.66
N GLN G 69 -41.84 -40.68 -26.67
CA GLN G 69 -41.79 -39.39 -27.37
C GLN G 69 -42.63 -39.41 -28.63
N GLU G 70 -42.85 -40.60 -29.18
CA GLU G 70 -43.65 -40.76 -30.39
C GLU G 70 -45.11 -40.35 -30.16
N LYS G 71 -45.66 -39.51 -31.05
CA LYS G 71 -47.05 -39.07 -30.90
C LYS G 71 -48.01 -40.24 -31.06
N PHE G 72 -49.17 -40.13 -30.44
CA PHE G 72 -50.18 -41.17 -30.54
C PHE G 72 -50.59 -41.15 -31.99
N GLY G 73 -50.87 -42.31 -32.57
CA GLY G 73 -51.27 -42.33 -33.97
C GLY G 73 -51.16 -43.65 -34.70
N GLY G 74 -51.60 -43.65 -35.96
CA GLY G 74 -51.57 -44.86 -36.77
C GLY G 74 -50.17 -45.31 -37.11
N LEU G 75 -49.21 -44.42 -36.96
CA LEU G 75 -47.83 -44.76 -37.23
C LEU G 75 -47.33 -45.78 -36.21
N ARG G 76 -47.92 -45.81 -35.02
CA ARG G 76 -47.46 -46.80 -34.07
C ARG G 76 -48.44 -47.94 -33.86
N ASP G 77 -49.01 -48.44 -34.96
CA ASP G 77 -49.95 -49.55 -34.89
C ASP G 77 -49.25 -50.89 -34.81
N GLY G 78 -48.09 -50.98 -35.44
CA GLY G 78 -47.34 -52.23 -35.42
C GLY G 78 -47.06 -52.73 -34.02
N TYR G 79 -46.86 -51.82 -33.06
CA TYR G 79 -46.60 -52.22 -31.69
C TYR G 79 -47.86 -52.88 -31.11
N TYR G 80 -49.01 -52.29 -31.38
CA TYR G 80 -50.26 -52.77 -30.86
C TYR G 80 -50.85 -54.01 -31.55
N ILE G 81 -50.77 -54.06 -32.88
CA ILE G 81 -51.34 -55.18 -33.61
C ILE G 81 -51.05 -56.54 -32.93
N GLN G 82 -52.10 -57.35 -32.79
CA GLN G 82 -52.02 -58.67 -32.15
C GLN G 82 -51.49 -58.72 -30.71
N ALA G 83 -51.58 -57.60 -29.99
CA ALA G 83 -51.15 -57.60 -28.59
C ALA G 83 -52.19 -58.42 -27.83
N GLN G 84 -51.89 -58.80 -26.60
CA GLN G 84 -52.82 -59.60 -25.82
C GLN G 84 -53.02 -59.07 -24.42
N CYS G 85 -52.24 -58.05 -24.08
CA CYS G 85 -52.32 -57.40 -22.79
C CYS G 85 -51.42 -56.18 -22.91
N ALA G 86 -51.42 -55.32 -21.90
CA ALA G 86 -50.63 -54.11 -21.96
C ALA G 86 -50.50 -53.49 -20.59
N ILE G 87 -49.53 -52.58 -20.45
CA ILE G 87 -49.28 -51.86 -19.22
C ILE G 87 -49.11 -50.40 -19.59
N ILE G 88 -49.86 -49.52 -18.93
CA ILE G 88 -49.75 -48.10 -19.19
C ILE G 88 -49.06 -47.50 -17.98
N MET G 89 -47.95 -46.82 -18.17
CA MET G 89 -47.25 -46.27 -17.01
C MET G 89 -47.24 -44.75 -16.91
N PHE G 90 -47.16 -44.24 -15.68
CA PHE G 90 -47.10 -42.82 -15.44
C PHE G 90 -46.32 -42.59 -14.15
N ASP G 91 -45.86 -41.36 -13.96
CA ASP G 91 -45.06 -41.01 -12.80
C ASP G 91 -45.87 -40.20 -11.79
N VAL G 92 -46.03 -40.79 -10.62
CA VAL G 92 -46.77 -40.19 -9.52
C VAL G 92 -46.26 -38.81 -9.09
N THR G 93 -45.08 -38.41 -9.56
CA THR G 93 -44.55 -37.10 -9.21
C THR G 93 -44.73 -36.09 -10.34
N SER G 94 -45.44 -36.50 -11.38
CA SER G 94 -45.71 -35.63 -12.53
C SER G 94 -47.18 -35.67 -12.97
N ARG G 95 -47.94 -34.62 -12.64
CA ARG G 95 -49.33 -34.57 -13.04
C ARG G 95 -49.51 -34.64 -14.56
N VAL G 96 -48.62 -33.98 -15.29
CA VAL G 96 -48.68 -34.00 -16.75
C VAL G 96 -48.66 -35.43 -17.26
N THR G 97 -47.78 -36.21 -16.65
CA THR G 97 -47.62 -37.61 -17.01
C THR G 97 -48.93 -38.40 -16.85
N TYR G 98 -49.69 -38.05 -15.81
CA TYR G 98 -50.96 -38.68 -15.50
C TYR G 98 -52.05 -38.21 -16.49
N LYS G 99 -52.08 -36.91 -16.75
CA LYS G 99 -53.05 -36.35 -17.68
C LYS G 99 -52.96 -37.02 -19.04
N ASN G 100 -51.83 -37.63 -19.34
CA ASN G 100 -51.69 -38.28 -20.65
C ASN G 100 -52.22 -39.68 -20.75
N VAL G 101 -52.48 -40.33 -19.61
CA VAL G 101 -52.98 -41.72 -19.60
C VAL G 101 -54.16 -41.95 -20.55
N PRO G 102 -55.16 -41.07 -20.50
CA PRO G 102 -56.30 -41.24 -21.38
C PRO G 102 -55.90 -41.30 -22.85
N ASN G 103 -54.83 -40.60 -23.23
CA ASN G 103 -54.40 -40.64 -24.63
C ASN G 103 -53.74 -41.98 -25.00
N TRP G 104 -52.97 -42.53 -24.06
CA TRP G 104 -52.30 -43.81 -24.29
C TRP G 104 -53.41 -44.87 -24.28
N HIS G 105 -54.34 -44.76 -23.34
CA HIS G 105 -55.44 -45.71 -23.31
C HIS G 105 -56.50 -45.14 -24.21
N ARG G 106 -56.42 -45.47 -25.48
CA ARG G 106 -57.37 -44.98 -26.48
C ARG G 106 -56.69 -45.31 -27.76
N ASP G 107 -55.42 -44.97 -27.82
CA ASP G 107 -54.60 -45.28 -28.98
C ASP G 107 -54.57 -46.81 -28.93
N LEU G 108 -54.42 -47.33 -27.70
CA LEU G 108 -54.37 -48.77 -27.47
C LEU G 108 -55.65 -49.51 -27.87
N VAL G 109 -56.75 -49.19 -27.20
CA VAL G 109 -58.03 -49.84 -27.50
C VAL G 109 -58.53 -49.61 -28.92
N ARG G 110 -57.96 -48.62 -29.60
CA ARG G 110 -58.38 -48.35 -30.96
C ARG G 110 -58.06 -49.54 -31.86
N VAL G 111 -57.02 -50.30 -31.53
CA VAL G 111 -56.69 -51.43 -32.36
C VAL G 111 -56.77 -52.77 -31.62
N CYS G 112 -56.69 -52.73 -30.30
CA CYS G 112 -56.75 -53.95 -29.51
C CYS G 112 -58.13 -54.26 -28.95
N GLU G 113 -58.90 -53.19 -28.73
CA GLU G 113 -60.25 -53.31 -28.19
C GLU G 113 -60.24 -53.88 -26.78
N ASN G 114 -60.89 -55.01 -26.58
CA ASN G 114 -60.96 -55.59 -25.24
C ASN G 114 -59.82 -56.54 -24.88
N ILE G 115 -58.87 -56.04 -24.08
CA ILE G 115 -57.73 -56.82 -23.62
C ILE G 115 -57.33 -56.30 -22.25
N PRO G 116 -56.85 -57.19 -21.36
CA PRO G 116 -56.44 -56.82 -20.00
C PRO G 116 -55.39 -55.72 -20.02
N ILE G 117 -55.62 -54.67 -19.24
CA ILE G 117 -54.69 -53.56 -19.19
C ILE G 117 -54.54 -53.12 -17.74
N VAL G 118 -53.30 -52.97 -17.29
CA VAL G 118 -53.09 -52.50 -15.92
C VAL G 118 -52.37 -51.16 -15.95
N LEU G 119 -52.82 -50.24 -15.11
CA LEU G 119 -52.25 -48.91 -15.02
C LEU G 119 -51.33 -48.85 -13.81
N CYS G 120 -50.08 -48.43 -14.01
CA CYS G 120 -49.11 -48.34 -12.92
C CYS G 120 -48.63 -46.95 -12.56
N GLY G 121 -48.73 -46.60 -11.28
CA GLY G 121 -48.25 -45.31 -10.83
C GLY G 121 -46.86 -45.57 -10.28
N ASN G 122 -45.82 -45.25 -11.04
CA ASN G 122 -44.46 -45.51 -10.61
C ASN G 122 -43.85 -44.39 -9.79
N LYS G 123 -42.74 -44.72 -9.12
CA LYS G 123 -42.00 -43.78 -8.28
C LYS G 123 -42.67 -43.42 -6.96
N VAL G 124 -43.47 -44.33 -6.41
CA VAL G 124 -44.15 -44.05 -5.14
C VAL G 124 -43.13 -43.92 -4.00
N ASP G 125 -41.88 -44.26 -4.27
CA ASP G 125 -40.84 -44.11 -3.26
C ASP G 125 -40.48 -42.63 -3.01
N ILE G 126 -40.66 -41.78 -4.03
CA ILE G 126 -40.33 -40.36 -3.89
C ILE G 126 -41.28 -39.66 -2.93
N LYS G 127 -40.70 -38.84 -2.06
CA LYS G 127 -41.42 -38.10 -1.05
C LYS G 127 -42.52 -37.12 -1.54
N ASP G 128 -42.14 -36.15 -2.36
CA ASP G 128 -43.08 -35.13 -2.86
C ASP G 128 -44.07 -35.63 -3.91
N ARG G 129 -44.99 -36.48 -3.49
CA ARG G 129 -45.99 -37.05 -4.40
C ARG G 129 -47.07 -36.07 -4.82
N LYS G 130 -47.47 -36.13 -6.10
CA LYS G 130 -48.49 -35.21 -6.63
C LYS G 130 -49.84 -35.89 -6.89
N VAL G 131 -49.81 -37.02 -7.56
CA VAL G 131 -51.03 -37.77 -7.87
C VAL G 131 -51.24 -38.83 -6.78
N LYS G 132 -52.09 -38.50 -5.81
CA LYS G 132 -52.38 -39.40 -4.69
C LYS G 132 -53.30 -40.54 -5.11
N ALA G 133 -53.13 -41.70 -4.50
CA ALA G 133 -53.93 -42.88 -4.83
C ALA G 133 -55.44 -42.62 -4.81
N LYS G 134 -55.87 -41.66 -3.99
CA LYS G 134 -57.28 -41.29 -3.91
C LYS G 134 -57.74 -40.81 -5.28
N SER G 135 -57.10 -39.75 -5.77
CA SER G 135 -57.42 -39.14 -7.06
C SER G 135 -57.65 -40.11 -8.23
N ILE G 136 -56.85 -41.16 -8.30
CA ILE G 136 -56.96 -42.15 -9.37
C ILE G 136 -58.37 -42.73 -9.50
N VAL G 137 -58.99 -42.50 -10.65
CA VAL G 137 -60.34 -43.00 -10.90
C VAL G 137 -60.47 -43.56 -12.31
N PHE G 138 -59.59 -43.13 -13.20
CA PHE G 138 -59.61 -43.57 -14.60
C PHE G 138 -59.83 -45.06 -14.78
N HIS G 139 -59.24 -45.88 -13.92
CA HIS G 139 -59.39 -47.33 -14.04
C HIS G 139 -60.84 -47.77 -13.84
N ARG G 140 -61.64 -46.91 -13.22
CA ARG G 140 -63.05 -47.23 -12.99
C ARG G 140 -63.86 -47.06 -14.27
N LYS G 141 -63.59 -45.97 -14.98
CA LYS G 141 -64.30 -45.69 -16.23
C LYS G 141 -63.86 -46.63 -17.35
N LYS G 142 -62.59 -47.01 -17.35
CA LYS G 142 -62.06 -47.87 -18.40
C LYS G 142 -61.82 -49.36 -18.10
N ASN G 143 -62.34 -49.86 -16.99
CA ASN G 143 -62.19 -51.28 -16.62
C ASN G 143 -60.73 -51.76 -16.66
N LEU G 144 -59.88 -51.03 -15.94
CA LEU G 144 -58.45 -51.34 -15.83
C LEU G 144 -58.11 -51.67 -14.40
N GLN G 145 -56.99 -52.36 -14.21
CA GLN G 145 -56.51 -52.68 -12.87
C GLN G 145 -55.46 -51.62 -12.54
N TYR G 146 -55.41 -51.19 -11.30
CA TYR G 146 -54.43 -50.18 -10.94
C TYR G 146 -53.44 -50.66 -9.87
N TYR G 147 -52.23 -50.11 -9.89
CA TYR G 147 -51.22 -50.48 -8.91
C TYR G 147 -50.20 -49.39 -8.66
N ASP G 148 -49.85 -49.19 -7.41
CA ASP G 148 -48.80 -48.23 -7.05
C ASP G 148 -47.58 -49.13 -7.17
N ILE G 149 -46.50 -48.64 -7.76
CA ILE G 149 -45.29 -49.47 -7.83
C ILE G 149 -44.07 -48.58 -7.70
N SER G 150 -42.92 -49.20 -7.54
CA SER G 150 -41.66 -48.50 -7.45
C SER G 150 -40.57 -49.41 -7.94
N ALA G 151 -40.14 -49.18 -9.18
CA ALA G 151 -39.08 -50.00 -9.73
C ALA G 151 -37.86 -49.92 -8.81
N LYS G 152 -37.74 -48.81 -8.09
CA LYS G 152 -36.60 -48.61 -7.21
C LYS G 152 -36.62 -49.40 -5.90
N SER G 153 -37.79 -49.50 -5.28
CA SER G 153 -37.89 -50.21 -4.01
C SER G 153 -38.48 -51.59 -4.23
N ASN G 154 -39.02 -51.81 -5.42
CA ASN G 154 -39.67 -53.07 -5.79
C ASN G 154 -41.12 -53.19 -5.30
N TYR G 155 -41.60 -52.17 -4.59
CA TYR G 155 -42.96 -52.17 -4.11
C TYR G 155 -43.96 -52.62 -5.19
N ASN G 156 -44.61 -53.76 -4.99
CA ASN G 156 -45.58 -54.29 -5.93
C ASN G 156 -45.03 -54.55 -7.32
N PHE G 157 -43.72 -54.58 -7.46
CA PHE G 157 -43.16 -54.75 -8.78
C PHE G 157 -43.62 -55.99 -9.52
N GLU G 158 -44.10 -57.01 -8.81
CA GLU G 158 -44.56 -58.23 -9.51
C GLU G 158 -46.05 -58.34 -9.75
N LYS G 159 -46.81 -57.41 -9.21
CA LYS G 159 -48.26 -57.46 -9.39
C LYS G 159 -48.77 -57.39 -10.84
N PRO G 160 -48.31 -56.42 -11.64
CA PRO G 160 -48.79 -56.33 -13.02
C PRO G 160 -48.76 -57.64 -13.81
N PHE G 161 -47.62 -58.32 -13.77
CA PHE G 161 -47.47 -59.58 -14.51
C PHE G 161 -48.34 -60.69 -13.94
N LEU G 162 -48.52 -60.67 -12.63
CA LEU G 162 -49.33 -61.67 -11.96
C LEU G 162 -50.81 -61.51 -12.31
N TRP G 163 -51.31 -60.27 -12.20
CA TRP G 163 -52.70 -60.00 -12.51
C TRP G 163 -52.98 -60.40 -13.94
N LEU G 164 -52.18 -59.90 -14.87
CA LEU G 164 -52.36 -60.21 -16.29
C LEU G 164 -52.39 -61.71 -16.56
N ALA G 165 -51.52 -62.46 -15.87
CA ALA G 165 -51.47 -63.90 -16.07
C ALA G 165 -52.78 -64.57 -15.70
N ARG G 166 -53.34 -64.14 -14.57
CA ARG G 166 -54.60 -64.67 -14.08
C ARG G 166 -55.77 -64.39 -15.03
N LYS G 167 -55.78 -63.21 -15.64
CA LYS G 167 -56.86 -62.88 -16.56
C LYS G 167 -56.69 -63.66 -17.85
N LEU G 168 -55.46 -63.73 -18.35
CA LEU G 168 -55.21 -64.44 -19.59
C LEU G 168 -55.39 -65.95 -19.45
N ILE G 169 -54.82 -66.53 -18.39
CA ILE G 169 -54.90 -67.98 -18.14
C ILE G 169 -56.29 -68.40 -17.65
N GLY G 170 -56.95 -67.51 -16.91
CA GLY G 170 -58.28 -67.81 -16.41
C GLY G 170 -58.31 -68.50 -15.06
N ASP G 171 -57.29 -68.27 -14.23
CA ASP G 171 -57.22 -68.87 -12.90
C ASP G 171 -57.00 -67.78 -11.87
N PRO G 172 -58.07 -67.36 -11.18
CA PRO G 172 -57.97 -66.29 -10.17
C PRO G 172 -56.95 -66.58 -9.08
N ASN G 173 -56.51 -67.84 -8.99
CA ASN G 173 -55.57 -68.23 -7.95
C ASN G 173 -54.20 -68.69 -8.45
N LEU G 174 -53.87 -68.34 -9.68
CA LEU G 174 -52.57 -68.71 -10.24
C LEU G 174 -51.51 -67.99 -9.41
N GLU G 175 -50.38 -68.64 -9.19
CA GLU G 175 -49.30 -68.00 -8.41
C GLU G 175 -47.92 -68.39 -8.92
N PHE G 176 -46.93 -67.54 -8.65
CA PHE G 176 -45.57 -67.81 -9.07
C PHE G 176 -44.96 -68.89 -8.17
N VAL G 177 -44.14 -69.75 -8.75
CA VAL G 177 -43.52 -70.82 -7.97
C VAL G 177 -42.08 -71.16 -8.36
N ALA G 178 -41.32 -71.58 -7.36
CA ALA G 178 -39.93 -71.99 -7.50
C ALA G 178 -39.23 -71.52 -8.76
N MET G 179 -38.83 -72.49 -9.57
CA MET G 179 -38.11 -72.32 -10.83
C MET G 179 -37.11 -73.45 -10.82
N PRO G 180 -37.19 -74.35 -11.79
CA PRO G 180 -36.24 -75.46 -11.81
C PRO G 180 -34.80 -74.96 -11.68
N ALA G 181 -34.05 -75.54 -10.75
CA ALA G 181 -32.65 -75.14 -10.52
C ALA G 181 -31.67 -76.14 -11.13
N LEU G 182 -31.56 -76.12 -12.46
CA LEU G 182 -30.67 -77.03 -13.17
C LEU G 182 -29.26 -76.98 -12.61
N ALA G 183 -28.48 -78.01 -12.94
CA ALA G 183 -27.10 -78.11 -12.46
C ALA G 183 -26.18 -77.20 -13.26
N PRO G 184 -25.26 -76.50 -12.57
CA PRO G 184 -24.29 -75.58 -13.19
C PRO G 184 -23.25 -76.37 -13.97
N PRO G 185 -22.51 -75.69 -14.86
CA PRO G 185 -21.47 -76.35 -15.66
C PRO G 185 -20.30 -76.86 -14.83
N GLU G 186 -19.55 -77.78 -15.42
CA GLU G 186 -18.38 -78.42 -14.83
C GLU G 186 -17.45 -77.55 -13.98
N VAL G 187 -16.66 -76.72 -14.65
CA VAL G 187 -15.70 -75.82 -14.02
C VAL G 187 -14.43 -76.56 -13.61
N VAL G 188 -13.52 -76.70 -14.55
CA VAL G 188 -12.25 -77.37 -14.33
C VAL G 188 -11.15 -76.35 -14.61
N MET G 189 -10.41 -76.55 -15.70
CA MET G 189 -9.35 -75.64 -16.12
C MET G 189 -8.49 -75.07 -14.99
N ASP G 190 -7.52 -74.22 -15.34
CA ASP G 190 -6.62 -73.59 -14.37
C ASP G 190 -5.31 -73.06 -14.98
N PRO G 191 -4.71 -73.82 -15.92
CA PRO G 191 -3.46 -73.42 -16.58
C PRO G 191 -3.28 -71.94 -16.88
N ALA G 192 -3.36 -71.58 -18.16
CA ALA G 192 -3.21 -70.20 -18.60
C ALA G 192 -4.40 -69.36 -18.15
N LEU G 193 -5.45 -70.04 -17.69
CA LEU G 193 -6.66 -69.39 -17.23
C LEU G 193 -6.49 -68.71 -15.86
N ALA G 194 -5.72 -69.33 -14.98
CA ALA G 194 -5.48 -68.79 -13.64
C ALA G 194 -4.72 -67.47 -13.67
N ALA G 195 -4.19 -67.09 -12.51
CA ALA G 195 -3.40 -65.87 -12.36
C ALA G 195 -4.18 -64.56 -12.47
N GLN G 196 -4.26 -64.01 -13.68
CA GLN G 196 -4.94 -62.74 -13.95
C GLN G 196 -6.35 -62.59 -13.36
N TYR G 197 -6.84 -63.65 -12.72
CA TYR G 197 -8.16 -63.61 -12.10
C TYR G 197 -8.10 -62.71 -10.87
N GLU G 198 -7.21 -63.06 -9.95
CA GLU G 198 -7.03 -62.32 -8.70
C GLU G 198 -6.87 -60.83 -8.96
N HIS G 199 -6.41 -60.48 -10.16
CA HIS G 199 -6.22 -59.09 -10.54
C HIS G 199 -7.54 -58.33 -10.43
N ASP G 200 -8.62 -58.96 -10.86
CA ASP G 200 -9.94 -58.36 -10.83
C ASP G 200 -10.56 -58.47 -9.44
N LEU G 201 -10.41 -59.64 -8.84
CA LEU G 201 -10.94 -59.92 -7.50
C LEU G 201 -10.59 -58.84 -6.48
N GLU G 202 -9.47 -58.17 -6.69
CA GLU G 202 -9.03 -57.10 -5.80
C GLU G 202 -9.79 -55.84 -6.16
N VAL G 203 -9.83 -55.54 -7.45
CA VAL G 203 -10.53 -54.37 -7.99
C VAL G 203 -11.98 -54.39 -7.54
N ALA G 204 -12.37 -55.48 -6.88
CA ALA G 204 -13.74 -55.65 -6.42
C ALA G 204 -13.83 -55.62 -4.90
N GLN G 205 -12.89 -56.25 -4.22
CA GLN G 205 -12.91 -56.27 -2.76
C GLN G 205 -12.57 -54.89 -2.22
N THR G 206 -12.26 -53.97 -3.13
CA THR G 206 -11.91 -52.59 -2.77
C THR G 206 -13.07 -51.64 -3.03
N THR G 207 -13.69 -51.76 -4.21
CA THR G 207 -14.81 -50.91 -4.59
C THR G 207 -16.00 -51.12 -3.65
N ALA G 208 -16.28 -50.12 -2.81
CA ALA G 208 -17.39 -50.22 -1.86
C ALA G 208 -18.75 -50.51 -2.51
N LEU G 209 -19.69 -50.99 -1.71
CA LEU G 209 -21.03 -51.34 -2.18
C LEU G 209 -22.03 -50.25 -1.83
N PRO G 210 -22.89 -49.89 -2.78
CA PRO G 210 -23.91 -48.85 -2.57
C PRO G 210 -24.75 -49.12 -1.34
N ASP G 211 -24.42 -48.47 -0.23
CA ASP G 211 -25.15 -48.65 1.01
C ASP G 211 -26.57 -48.08 0.92
N GLU G 212 -27.51 -48.94 0.54
CA GLU G 212 -28.91 -48.53 0.41
C GLU G 212 -29.76 -49.15 1.51
N ASP G 213 -29.21 -50.17 2.18
CA ASP G 213 -29.91 -50.85 3.26
C ASP G 213 -29.85 -50.03 4.56
N ASN H 22 -61.58 -51.13 -12.24
CA ASN H 22 -62.88 -51.36 -11.54
C ASN H 22 -62.72 -52.27 -10.32
N HIS H 23 -63.84 -52.85 -9.87
CA HIS H 23 -63.83 -53.75 -8.73
C HIS H 23 -63.10 -55.02 -9.13
N ASP H 24 -63.33 -55.46 -10.37
CA ASP H 24 -62.67 -56.64 -10.91
C ASP H 24 -63.07 -56.88 -12.37
N PRO H 25 -62.29 -56.32 -13.31
CA PRO H 25 -62.58 -56.50 -14.74
C PRO H 25 -62.69 -57.97 -15.12
N GLN H 26 -63.62 -58.30 -15.99
CA GLN H 26 -63.84 -59.68 -16.41
C GLN H 26 -63.46 -59.88 -17.89
N PHE H 27 -62.72 -60.94 -18.16
CA PHE H 27 -62.30 -61.26 -19.53
C PHE H 27 -62.39 -62.76 -19.77
N GLU H 28 -62.43 -63.15 -21.03
CA GLU H 28 -62.47 -64.56 -21.39
C GLU H 28 -61.03 -65.02 -21.58
N PRO H 29 -60.65 -66.17 -21.01
CA PRO H 29 -59.29 -66.67 -21.13
C PRO H 29 -58.85 -66.83 -22.58
N ILE H 30 -57.56 -66.65 -22.84
CA ILE H 30 -57.01 -66.77 -24.18
C ILE H 30 -56.47 -68.19 -24.38
N VAL H 31 -56.14 -68.84 -23.27
CA VAL H 31 -55.63 -70.21 -23.30
C VAL H 31 -56.11 -70.99 -22.09
N SER H 32 -56.00 -72.31 -22.20
CA SER H 32 -56.40 -73.21 -21.14
C SER H 32 -55.19 -74.08 -20.78
N LEU H 33 -54.70 -73.94 -19.56
CA LEU H 33 -53.54 -74.70 -19.15
C LEU H 33 -53.82 -75.61 -17.95
N PRO H 34 -53.51 -76.91 -18.09
CA PRO H 34 -53.71 -77.90 -17.04
C PRO H 34 -52.88 -77.62 -15.80
N GLU H 35 -53.37 -78.10 -14.66
CA GLU H 35 -52.68 -77.96 -13.40
C GLU H 35 -51.39 -78.72 -13.62
N GLN H 36 -50.28 -78.24 -13.07
CA GLN H 36 -49.00 -78.90 -13.30
C GLN H 36 -48.10 -78.95 -12.07
N GLU H 37 -47.28 -79.99 -11.98
CA GLU H 37 -46.37 -80.16 -10.86
C GLU H 37 -44.91 -79.96 -11.30
N ILE H 38 -44.32 -78.83 -10.91
CA ILE H 38 -42.94 -78.56 -11.27
C ILE H 38 -41.97 -78.99 -10.17
N LYS H 39 -40.84 -79.54 -10.61
CA LYS H 39 -39.80 -80.00 -9.70
C LYS H 39 -38.83 -78.84 -9.45
N THR H 40 -38.27 -78.81 -8.25
CA THR H 40 -37.32 -77.76 -7.90
C THR H 40 -35.95 -78.13 -8.45
N LEU H 41 -35.76 -79.42 -8.73
CA LEU H 41 -34.48 -79.96 -9.20
C LEU H 41 -33.52 -79.68 -8.05
N GLU H 42 -34.04 -79.93 -6.86
CA GLU H 42 -33.33 -79.70 -5.61
C GLU H 42 -33.85 -80.74 -4.60
N GLU H 43 -34.44 -81.82 -5.11
CA GLU H 43 -35.01 -82.88 -4.26
C GLU H 43 -33.94 -83.87 -3.77
N ASP H 44 -32.95 -84.14 -4.62
CA ASP H 44 -31.85 -85.04 -4.29
C ASP H 44 -30.86 -84.17 -3.52
N GLU H 45 -31.41 -83.06 -3.03
CA GLU H 45 -30.78 -81.99 -2.27
C GLU H 45 -29.76 -82.30 -1.18
N GLU H 46 -29.92 -81.53 -0.10
CA GLU H 46 -29.09 -81.59 1.10
C GLU H 46 -29.56 -80.37 1.89
N GLU H 47 -28.91 -79.24 1.65
CA GLU H 47 -29.21 -77.97 2.31
C GLU H 47 -28.50 -77.83 3.64
N LEU H 48 -27.23 -77.44 3.55
CA LEU H 48 -26.37 -77.25 4.70
C LEU H 48 -26.58 -75.86 5.32
N PHE H 49 -26.88 -74.89 4.47
CA PHE H 49 -27.08 -73.52 4.93
C PHE H 49 -28.19 -72.80 4.17
N LYS H 50 -28.95 -71.99 4.90
CA LYS H 50 -30.04 -71.19 4.33
C LYS H 50 -30.17 -69.89 5.10
N MET H 51 -30.16 -68.76 4.40
CA MET H 51 -30.26 -67.48 5.09
C MET H 51 -30.54 -66.28 4.17
N ARG H 52 -31.41 -65.38 4.63
CA ARG H 52 -31.79 -64.17 3.89
C ARG H 52 -30.55 -63.33 3.58
N ALA H 53 -30.54 -62.64 2.44
CA ALA H 53 -29.40 -61.79 2.05
C ALA H 53 -29.63 -61.04 0.74
N LYS H 54 -28.74 -60.10 0.42
CA LYS H 54 -28.81 -59.32 -0.81
C LYS H 54 -27.54 -59.55 -1.62
N LEU H 55 -27.71 -59.98 -2.87
CA LEU H 55 -26.58 -60.28 -3.74
C LEU H 55 -26.25 -59.16 -4.71
N PHE H 56 -24.97 -59.04 -5.07
CA PHE H 56 -24.53 -58.02 -6.01
C PHE H 56 -23.67 -58.57 -7.13
N ARG H 57 -23.91 -58.08 -8.34
CA ARG H 57 -23.19 -58.46 -9.55
C ARG H 57 -22.15 -57.35 -9.67
N PHE H 58 -21.03 -57.61 -10.32
CA PHE H 58 -20.05 -56.53 -10.45
C PHE H 58 -19.82 -56.07 -11.87
N ALA H 59 -19.81 -54.75 -12.04
CA ALA H 59 -19.61 -54.07 -13.32
C ALA H 59 -19.82 -54.98 -14.52
N SER H 60 -18.88 -54.94 -15.45
CA SER H 60 -18.94 -55.74 -16.66
C SER H 60 -18.04 -55.10 -17.71
N GLU H 61 -18.53 -55.05 -18.93
CA GLU H 61 -17.78 -54.45 -20.03
C GLU H 61 -18.12 -52.96 -20.05
N ASN H 62 -18.59 -52.46 -18.91
CA ASN H 62 -18.97 -51.05 -18.79
C ASN H 62 -17.77 -50.12 -18.67
N ASP H 63 -16.67 -50.65 -18.14
CA ASP H 63 -15.46 -49.86 -17.93
C ASP H 63 -15.71 -48.89 -16.79
N LEU H 64 -16.90 -48.94 -16.23
CA LEU H 64 -17.26 -48.10 -15.11
C LEU H 64 -17.54 -49.05 -13.95
N PRO H 65 -16.48 -49.66 -13.41
CA PRO H 65 -16.60 -50.60 -12.29
C PRO H 65 -17.65 -50.17 -11.26
N GLU H 66 -18.77 -50.88 -11.25
CA GLU H 66 -19.86 -50.58 -10.32
C GLU H 66 -20.58 -51.85 -9.87
N TRP H 67 -21.20 -51.76 -8.69
CA TRP H 67 -21.93 -52.88 -8.15
C TRP H 67 -23.42 -52.76 -8.45
N LYS H 68 -23.93 -53.68 -9.27
CA LYS H 68 -25.33 -53.69 -9.62
C LYS H 68 -26.01 -54.76 -8.78
N GLU H 69 -27.20 -54.46 -8.27
CA GLU H 69 -27.93 -55.43 -7.46
C GLU H 69 -28.32 -56.62 -8.35
N ARG H 70 -28.21 -57.84 -7.82
CA ARG H 70 -28.58 -59.02 -8.60
C ARG H 70 -29.80 -59.74 -8.00
N GLY H 71 -30.09 -59.45 -6.74
CA GLY H 71 -31.24 -60.06 -6.10
C GLY H 71 -31.20 -60.09 -4.58
N THR H 72 -32.38 -60.16 -3.98
CA THR H 72 -32.54 -60.24 -2.54
C THR H 72 -33.35 -61.49 -2.17
N GLY H 73 -32.78 -62.34 -1.33
CA GLY H 73 -33.51 -63.54 -0.95
C GLY H 73 -32.70 -64.49 -0.09
N ASP H 74 -33.08 -65.76 -0.12
CA ASP H 74 -32.38 -66.78 0.67
C ASP H 74 -31.25 -67.44 -0.09
N VAL H 75 -30.06 -67.37 0.47
CA VAL H 75 -28.90 -68.02 -0.13
C VAL H 75 -28.95 -69.42 0.47
N LYS H 76 -28.49 -70.41 -0.28
CA LYS H 76 -28.49 -71.77 0.23
C LYS H 76 -27.32 -72.56 -0.28
N LEU H 77 -26.76 -73.38 0.60
CA LEU H 77 -25.66 -74.25 0.24
C LEU H 77 -26.26 -75.64 0.11
N LEU H 78 -25.87 -76.36 -0.95
CA LEU H 78 -26.41 -77.68 -1.18
C LEU H 78 -25.36 -78.66 -1.62
N LYS H 79 -25.36 -79.85 -1.00
CA LYS H 79 -24.42 -80.91 -1.38
C LYS H 79 -25.24 -82.06 -1.94
N HIS H 80 -24.75 -82.70 -2.99
CA HIS H 80 -25.50 -83.80 -3.59
C HIS H 80 -25.28 -85.09 -2.80
N LYS H 81 -26.32 -85.88 -2.69
CA LYS H 81 -26.25 -87.14 -1.98
C LYS H 81 -25.59 -88.20 -2.86
N GLU H 82 -26.03 -88.29 -4.11
CA GLU H 82 -25.50 -89.26 -5.07
C GLU H 82 -24.05 -88.98 -5.41
N LYS H 83 -23.61 -87.75 -5.15
CA LYS H 83 -22.24 -87.36 -5.43
C LYS H 83 -21.76 -86.51 -4.27
N GLY H 84 -20.73 -85.70 -4.50
CA GLY H 84 -20.22 -84.87 -3.42
C GLY H 84 -20.39 -83.39 -3.68
N ALA H 85 -20.63 -83.06 -4.94
CA ALA H 85 -20.79 -81.67 -5.39
C ALA H 85 -21.57 -80.78 -4.43
N ILE H 86 -21.08 -79.57 -4.22
CA ILE H 86 -21.75 -78.58 -3.36
C ILE H 86 -21.89 -77.30 -4.18
N ARG H 87 -23.01 -76.61 -4.04
CA ARG H 87 -23.23 -75.39 -4.81
C ARG H 87 -23.94 -74.30 -4.03
N LEU H 88 -23.90 -73.09 -4.58
CA LEU H 88 -24.57 -71.94 -3.98
C LEU H 88 -25.79 -71.69 -4.86
N LEU H 89 -26.95 -71.46 -4.23
CA LEU H 89 -28.19 -71.24 -4.94
C LEU H 89 -29.05 -70.19 -4.26
N MET H 90 -29.43 -69.16 -5.00
CA MET H 90 -30.25 -68.08 -4.45
C MET H 90 -31.44 -67.73 -5.37
N ARG H 91 -32.57 -67.39 -4.76
CA ARG H 91 -33.78 -67.02 -5.52
C ARG H 91 -34.37 -65.69 -5.03
N ARG H 92 -34.86 -64.87 -5.94
CA ARG H 92 -35.44 -63.57 -5.58
C ARG H 92 -36.81 -63.67 -4.92
N ASP H 93 -37.08 -62.73 -4.03
CA ASP H 93 -38.38 -62.68 -3.36
C ASP H 93 -39.50 -62.45 -4.36
N LYS H 94 -40.70 -62.86 -4.00
CA LYS H 94 -41.89 -62.69 -4.83
C LYS H 94 -41.87 -63.31 -6.22
N THR H 95 -40.82 -63.04 -6.97
CA THR H 95 -40.73 -63.57 -8.32
C THR H 95 -40.16 -64.99 -8.34
N LEU H 96 -39.33 -65.29 -7.35
CA LEU H 96 -38.71 -66.62 -7.22
C LEU H 96 -37.74 -67.00 -8.33
N LYS H 97 -37.27 -66.04 -9.12
CA LYS H 97 -36.31 -66.33 -10.19
C LYS H 97 -34.96 -66.60 -9.52
N ILE H 98 -34.15 -67.48 -10.13
CA ILE H 98 -32.82 -67.79 -9.59
C ILE H 98 -31.89 -66.65 -9.92
N CYS H 99 -31.12 -66.17 -8.94
CA CYS H 99 -30.19 -65.07 -9.20
C CYS H 99 -28.73 -65.44 -8.92
N ALA H 100 -28.49 -66.72 -8.66
CA ALA H 100 -27.15 -67.23 -8.39
C ALA H 100 -27.23 -68.75 -8.28
N ASN H 101 -26.40 -69.43 -9.05
CA ASN H 101 -26.38 -70.89 -9.05
C ASN H 101 -25.08 -71.39 -9.64
N HIS H 102 -24.12 -71.73 -8.78
CA HIS H 102 -22.81 -72.24 -9.24
C HIS H 102 -22.19 -73.17 -8.20
N TYR H 103 -21.27 -74.02 -8.65
CA TYR H 103 -20.60 -74.96 -7.75
C TYR H 103 -19.52 -74.27 -6.95
N ILE H 104 -19.22 -74.81 -5.78
CA ILE H 104 -18.16 -74.26 -4.94
C ILE H 104 -16.89 -75.04 -5.23
N THR H 105 -15.93 -74.40 -5.87
CA THR H 105 -14.67 -75.05 -6.21
C THR H 105 -13.66 -74.93 -5.09
N PRO H 106 -12.54 -75.68 -5.18
CA PRO H 106 -11.48 -75.67 -4.17
C PRO H 106 -10.87 -74.29 -3.99
N MET H 107 -10.57 -73.66 -5.12
CA MET H 107 -9.96 -72.33 -5.16
C MET H 107 -11.02 -71.23 -5.09
N MET H 108 -11.75 -71.15 -3.97
CA MET H 108 -12.80 -70.17 -3.81
C MET H 108 -12.92 -69.79 -2.33
N GLU H 109 -12.87 -68.51 -2.02
CA GLU H 109 -12.95 -68.04 -0.64
C GLU H 109 -14.02 -66.97 -0.44
N LEU H 110 -13.77 -66.04 0.47
CA LEU H 110 -14.71 -64.96 0.76
C LEU H 110 -14.02 -63.68 1.23
N LYS H 111 -13.04 -63.20 0.47
CA LYS H 111 -12.31 -61.98 0.81
C LYS H 111 -13.28 -60.85 1.15
N PRO H 112 -13.09 -60.18 2.29
CA PRO H 112 -13.96 -59.07 2.72
C PRO H 112 -14.02 -57.91 1.72
N ASN H 113 -15.05 -57.07 1.87
CA ASN H 113 -15.24 -55.93 0.98
C ASN H 113 -14.93 -54.59 1.64
N ALA H 114 -13.78 -54.02 1.28
CA ALA H 114 -13.37 -52.73 1.83
C ALA H 114 -13.82 -52.60 3.30
N GLY H 115 -14.76 -51.69 3.54
CA GLY H 115 -15.26 -51.52 4.89
C GLY H 115 -16.20 -52.66 5.19
N SER H 116 -17.37 -52.32 5.76
CA SER H 116 -18.37 -53.33 6.08
C SER H 116 -17.85 -54.49 6.92
N ASP H 117 -18.77 -55.29 7.43
CA ASP H 117 -18.45 -56.44 8.25
C ASP H 117 -19.50 -57.53 8.03
N ARG H 118 -20.38 -57.28 7.06
CA ARG H 118 -21.45 -58.21 6.72
C ARG H 118 -21.39 -58.54 5.24
N ALA H 119 -20.27 -58.22 4.60
CA ALA H 119 -20.15 -58.47 3.17
C ALA H 119 -18.93 -59.28 2.76
N TRP H 120 -19.15 -60.22 1.85
CA TRP H 120 -18.08 -61.07 1.33
C TRP H 120 -18.11 -60.91 -0.19
N VAL H 121 -16.98 -61.12 -0.83
CA VAL H 121 -16.90 -61.03 -2.28
C VAL H 121 -16.09 -62.21 -2.79
N TRP H 122 -16.52 -62.82 -3.89
CA TRP H 122 -15.80 -63.94 -4.45
C TRP H 122 -15.91 -64.00 -5.96
N ASN H 123 -15.32 -65.03 -6.55
CA ASN H 123 -15.32 -65.20 -8.00
C ASN H 123 -15.92 -66.58 -8.34
N THR H 124 -16.40 -66.72 -9.57
CA THR H 124 -16.96 -67.99 -10.07
C THR H 124 -16.69 -68.00 -11.55
N HIS H 125 -16.17 -69.11 -12.05
CA HIS H 125 -15.87 -69.21 -13.47
C HIS H 125 -17.10 -69.54 -14.29
N ALA H 126 -18.20 -69.89 -13.61
CA ALA H 126 -19.42 -70.24 -14.31
C ALA H 126 -20.70 -70.20 -13.48
N ASP H 127 -21.36 -69.05 -13.46
CA ASP H 127 -22.62 -68.93 -12.74
C ASP H 127 -23.63 -69.35 -13.81
N PHE H 128 -24.76 -69.92 -13.39
CA PHE H 128 -25.75 -70.40 -14.34
C PHE H 128 -27.13 -69.86 -14.01
N ALA H 129 -27.15 -68.66 -13.43
CA ALA H 129 -28.41 -68.01 -13.05
C ALA H 129 -29.29 -67.79 -14.26
N ASP H 130 -28.67 -67.53 -15.41
CA ASP H 130 -29.44 -67.31 -16.61
C ASP H 130 -29.44 -68.53 -17.51
N GLU H 131 -29.14 -69.68 -16.92
CA GLU H 131 -29.08 -70.95 -17.66
C GLU H 131 -28.16 -70.79 -18.89
N CYS H 132 -27.13 -69.98 -18.70
CA CYS H 132 -26.12 -69.67 -19.71
C CYS H 132 -24.83 -69.51 -18.91
N PRO H 133 -23.79 -70.27 -19.27
CA PRO H 133 -22.49 -70.22 -18.58
C PRO H 133 -21.86 -68.82 -18.60
N LYS H 134 -21.71 -68.22 -17.42
CA LYS H 134 -21.13 -66.89 -17.35
C LYS H 134 -20.25 -66.62 -16.13
N PRO H 135 -19.01 -66.14 -16.36
CA PRO H 135 -18.10 -65.84 -15.26
C PRO H 135 -18.78 -64.76 -14.44
N GLU H 136 -18.53 -64.71 -13.14
CA GLU H 136 -19.18 -63.70 -12.34
C GLU H 136 -18.34 -63.33 -11.14
N LEU H 137 -18.44 -62.07 -10.75
CA LEU H 137 -17.70 -61.58 -9.60
C LEU H 137 -18.80 -61.06 -8.68
N LEU H 138 -19.25 -61.94 -7.78
CA LEU H 138 -20.34 -61.63 -6.86
C LEU H 138 -19.94 -60.94 -5.57
N ALA H 139 -20.93 -60.71 -4.72
CA ALA H 139 -20.74 -60.08 -3.43
C ALA H 139 -22.08 -60.16 -2.73
N ILE H 140 -22.09 -60.71 -1.53
CA ILE H 140 -23.34 -60.86 -0.78
C ILE H 140 -23.27 -60.20 0.60
N ARG H 141 -24.34 -59.52 0.97
CA ARG H 141 -24.41 -58.81 2.25
C ARG H 141 -25.45 -59.45 3.15
N PHE H 142 -25.24 -59.39 4.45
CA PHE H 142 -26.18 -59.95 5.42
C PHE H 142 -26.63 -58.89 6.42
N LEU H 143 -27.68 -59.17 7.18
CA LEU H 143 -28.17 -58.21 8.15
C LEU H 143 -27.15 -57.88 9.24
N ASN H 144 -26.61 -58.91 9.88
CA ASN H 144 -25.62 -58.72 10.94
C ASN H 144 -24.27 -59.27 10.53
N ALA H 145 -23.21 -58.76 11.13
CA ALA H 145 -21.87 -59.22 10.82
C ALA H 145 -21.70 -60.60 11.43
N GLU H 146 -22.62 -60.96 12.31
CA GLU H 146 -22.60 -62.26 12.97
C GLU H 146 -23.15 -63.30 12.00
N ASN H 147 -24.06 -62.87 11.13
CA ASN H 147 -24.65 -63.76 10.14
C ASN H 147 -23.63 -63.98 9.04
N ALA H 148 -22.91 -62.91 8.70
CA ALA H 148 -21.88 -62.98 7.67
C ALA H 148 -20.88 -64.06 8.06
N GLN H 149 -20.65 -64.21 9.37
CA GLN H 149 -19.72 -65.21 9.87
C GLN H 149 -20.31 -66.61 9.78
N LYS H 150 -21.58 -66.74 10.17
CA LYS H 150 -22.27 -68.03 10.12
C LYS H 150 -22.27 -68.55 8.68
N PHE H 151 -22.40 -67.65 7.71
CA PHE H 151 -22.39 -68.03 6.31
C PHE H 151 -20.94 -68.31 5.89
N LYS H 152 -20.03 -67.42 6.28
CA LYS H 152 -18.61 -67.56 5.96
C LYS H 152 -18.04 -68.88 6.47
N THR H 153 -18.30 -69.16 7.75
CA THR H 153 -17.81 -70.39 8.37
C THR H 153 -18.33 -71.60 7.62
N LYS H 154 -19.64 -71.63 7.38
CA LYS H 154 -20.28 -72.73 6.66
C LYS H 154 -19.68 -72.88 5.28
N PHE H 155 -19.48 -71.74 4.60
CA PHE H 155 -18.91 -71.73 3.25
C PHE H 155 -17.51 -72.33 3.29
N GLU H 156 -16.71 -71.88 4.24
CA GLU H 156 -15.33 -72.35 4.37
C GLU H 156 -15.23 -73.87 4.45
N GLU H 157 -15.95 -74.47 5.39
CA GLU H 157 -15.92 -75.93 5.56
C GLU H 157 -16.44 -76.69 4.33
N CYS H 158 -17.49 -76.17 3.70
CA CYS H 158 -18.04 -76.80 2.49
C CYS H 158 -16.93 -76.78 1.47
N ARG H 159 -16.27 -75.63 1.41
CA ARG H 159 -15.16 -75.41 0.50
C ARG H 159 -13.99 -76.32 0.89
N LYS H 160 -13.92 -76.69 2.16
CA LYS H 160 -12.85 -77.56 2.64
C LYS H 160 -13.14 -78.99 2.18
N GLU H 161 -14.34 -79.47 2.51
CA GLU H 161 -14.79 -80.81 2.15
C GLU H 161 -14.61 -81.09 0.67
N ILE H 162 -14.98 -80.11 -0.16
CA ILE H 162 -14.87 -80.24 -1.59
C ILE H 162 -13.41 -80.38 -2.05
N GLU H 163 -12.52 -79.59 -1.47
CA GLU H 163 -11.13 -79.68 -1.86
C GLU H 163 -10.65 -81.09 -1.51
N GLU H 164 -10.92 -81.51 -0.27
CA GLU H 164 -10.52 -82.84 0.18
C GLU H 164 -10.94 -83.86 -0.86
N ARG H 165 -12.19 -83.75 -1.30
CA ARG H 165 -12.77 -84.63 -2.29
C ARG H 165 -11.74 -85.09 -3.33
N GLU H 166 -11.60 -84.35 -4.43
CA GLU H 166 -10.67 -84.74 -5.48
C GLU H 166 -9.26 -85.03 -4.99
N LYS H 167 -8.81 -86.25 -5.28
CA LYS H 167 -7.49 -86.73 -4.90
C LYS H 167 -7.06 -86.17 -3.55
N ALA I 2 -44.12 -20.10 -51.40
CA ALA I 2 -42.83 -20.55 -50.81
C ALA I 2 -43.11 -21.43 -49.60
N ARG I 3 -43.85 -22.53 -49.81
CA ARG I 3 -44.18 -23.43 -48.71
C ARG I 3 -44.38 -24.89 -49.09
N PHE I 4 -43.52 -25.78 -48.58
CA PHE I 4 -43.67 -27.20 -48.86
C PHE I 4 -44.13 -27.93 -47.58
N SER I 5 -45.09 -28.83 -47.72
CA SER I 5 -45.59 -29.56 -46.56
C SER I 5 -46.23 -30.91 -46.89
N ILE I 6 -45.96 -31.91 -46.04
CA ILE I 6 -46.58 -33.22 -46.18
C ILE I 6 -47.05 -33.58 -44.79
N GLU I 7 -47.46 -32.55 -44.04
CA GLU I 7 -47.94 -32.72 -42.69
C GLU I 7 -49.00 -33.81 -42.54
N GLY I 8 -48.92 -34.54 -41.44
CA GLY I 8 -49.87 -35.59 -41.15
C GLY I 8 -50.25 -36.58 -42.22
N LYS I 9 -49.38 -36.85 -43.19
CA LYS I 9 -49.74 -37.81 -44.22
C LYS I 9 -49.42 -39.26 -43.85
N SER I 10 -48.87 -39.46 -42.66
CA SER I 10 -48.54 -40.81 -42.21
C SER I 10 -47.81 -41.66 -43.24
N LEU I 11 -46.83 -41.07 -43.90
CA LEU I 11 -46.07 -41.79 -44.90
C LEU I 11 -44.92 -42.55 -44.25
N LYS I 12 -44.67 -43.77 -44.73
CA LYS I 12 -43.56 -44.55 -44.22
C LYS I 12 -42.44 -44.37 -45.28
N LEU I 13 -41.65 -43.33 -45.09
CA LEU I 13 -40.58 -42.99 -46.02
C LEU I 13 -39.26 -43.69 -45.82
N ASP I 14 -39.07 -44.81 -46.50
CA ASP I 14 -37.81 -45.54 -46.38
C ASP I 14 -36.71 -45.13 -47.36
N ALA I 15 -37.03 -44.93 -48.64
CA ALA I 15 -35.98 -44.59 -49.59
C ALA I 15 -36.18 -43.44 -50.59
N ILE I 16 -37.39 -43.21 -51.08
CA ILE I 16 -37.60 -42.16 -52.08
C ILE I 16 -36.73 -42.45 -53.30
N THR I 17 -37.13 -43.44 -54.10
CA THR I 17 -36.38 -43.81 -55.31
C THR I 17 -37.28 -44.03 -56.52
N THR I 18 -38.46 -44.60 -56.31
CA THR I 18 -39.37 -44.83 -57.43
C THR I 18 -39.81 -43.48 -58.03
N GLU I 19 -40.41 -43.53 -59.22
CA GLU I 19 -40.91 -42.32 -59.87
C GLU I 19 -41.96 -41.77 -58.91
N ASP I 20 -42.78 -42.65 -58.36
CA ASP I 20 -43.78 -42.26 -57.38
C ASP I 20 -42.85 -41.89 -56.24
N GLU I 21 -43.36 -41.69 -55.03
CA GLU I 21 -42.45 -41.34 -53.94
C GLU I 21 -41.82 -39.98 -54.27
N LYS I 22 -40.96 -39.94 -55.27
CA LYS I 22 -40.31 -38.70 -55.68
C LYS I 22 -41.37 -37.66 -56.03
N SER I 23 -42.45 -38.09 -56.66
CA SER I 23 -43.54 -37.19 -57.02
C SER I 23 -44.03 -36.46 -55.77
N VAL I 24 -44.05 -37.17 -54.64
CA VAL I 24 -44.51 -36.61 -53.36
C VAL I 24 -43.79 -35.32 -53.01
N PHE I 25 -42.52 -35.26 -53.39
CA PHE I 25 -41.69 -34.10 -53.11
C PHE I 25 -41.46 -33.25 -54.36
N ALA I 26 -42.37 -33.35 -55.33
CA ALA I 26 -42.24 -32.59 -56.55
C ALA I 26 -42.14 -31.08 -56.29
N VAL I 27 -43.06 -30.52 -55.51
CA VAL I 27 -43.01 -29.10 -55.21
C VAL I 27 -41.68 -28.72 -54.55
N LEU I 28 -41.18 -29.57 -53.66
CA LEU I 28 -39.92 -29.30 -52.98
C LEU I 28 -38.76 -29.26 -53.97
N LEU I 29 -38.93 -29.91 -55.11
CA LEU I 29 -37.87 -29.93 -56.13
C LEU I 29 -37.88 -28.78 -57.12
N GLU I 30 -39.06 -28.40 -57.62
CA GLU I 30 -39.13 -27.34 -58.60
C GLU I 30 -39.10 -25.93 -58.00
N ASP I 31 -39.27 -25.81 -56.70
CA ASP I 31 -39.29 -24.49 -56.08
C ASP I 31 -38.17 -24.25 -55.08
N ASP I 32 -37.09 -23.59 -55.52
CA ASP I 32 -36.00 -23.27 -54.60
C ASP I 32 -36.29 -22.03 -53.75
N SER I 33 -37.46 -21.42 -53.93
CA SER I 33 -37.86 -20.23 -53.16
C SER I 33 -38.56 -20.53 -51.82
N VAL I 34 -38.77 -21.80 -51.54
CA VAL I 34 -39.44 -22.26 -50.32
C VAL I 34 -38.92 -21.58 -49.06
N LYS I 35 -39.82 -21.09 -48.22
CA LYS I 35 -39.42 -20.43 -46.97
C LYS I 35 -39.68 -21.31 -45.76
N GLU I 36 -40.57 -22.29 -45.93
CA GLU I 36 -40.94 -23.19 -44.85
C GLU I 36 -41.09 -24.62 -45.35
N ILE I 37 -40.55 -25.56 -44.58
CA ILE I 37 -40.66 -26.98 -44.91
C ILE I 37 -41.21 -27.68 -43.67
N VAL I 38 -42.27 -28.46 -43.87
CA VAL I 38 -42.92 -29.19 -42.78
C VAL I 38 -42.92 -30.68 -43.09
N LEU I 39 -42.29 -31.47 -42.24
CA LEU I 39 -42.24 -32.91 -42.46
C LEU I 39 -42.97 -33.75 -41.42
N SER I 40 -43.47 -33.08 -40.37
CA SER I 40 -44.21 -33.76 -39.29
C SER I 40 -45.31 -34.73 -39.72
N GLY I 41 -45.48 -35.80 -38.93
CA GLY I 41 -46.50 -36.78 -39.21
C GLY I 41 -46.12 -37.91 -40.13
N ASN I 42 -44.82 -38.16 -40.26
CA ASN I 42 -44.34 -39.23 -41.13
C ASN I 42 -43.11 -39.90 -40.51
N THR I 43 -42.63 -40.99 -41.10
CA THR I 43 -41.44 -41.68 -40.58
C THR I 43 -40.36 -41.71 -41.64
N ILE I 44 -39.30 -40.96 -41.36
CA ILE I 44 -38.18 -40.86 -42.28
C ILE I 44 -37.04 -41.82 -41.99
N GLY I 45 -36.73 -42.65 -42.97
CA GLY I 45 -35.64 -43.60 -42.84
C GLY I 45 -34.31 -42.95 -43.21
N THR I 46 -33.22 -43.68 -43.09
CA THR I 46 -31.93 -43.08 -43.40
C THR I 46 -31.77 -42.67 -44.86
N GLU I 47 -32.05 -43.59 -45.77
CA GLU I 47 -31.91 -43.30 -47.17
C GLU I 47 -32.74 -42.12 -47.62
N ALA I 48 -33.97 -42.06 -47.15
CA ALA I 48 -34.84 -40.96 -47.51
C ALA I 48 -34.27 -39.66 -46.95
N ALA I 49 -33.67 -39.75 -45.76
CA ALA I 49 -33.10 -38.57 -45.13
C ALA I 49 -32.01 -38.03 -46.03
N ARG I 50 -31.18 -38.94 -46.53
CA ARG I 50 -30.07 -38.60 -47.41
C ARG I 50 -30.55 -37.87 -48.68
N TRP I 51 -31.62 -38.37 -49.28
CA TRP I 51 -32.15 -37.75 -50.47
C TRP I 51 -32.72 -36.37 -50.12
N LEU I 52 -33.32 -36.23 -48.95
CA LEU I 52 -33.90 -34.96 -48.56
C LEU I 52 -32.83 -33.93 -48.25
N SER I 53 -31.74 -34.36 -47.63
CA SER I 53 -30.65 -33.45 -47.28
C SER I 53 -30.15 -32.70 -48.51
N GLU I 54 -29.89 -33.46 -49.56
CA GLU I 54 -29.40 -32.93 -50.81
C GLU I 54 -30.33 -31.83 -51.30
N ASN I 55 -31.63 -32.11 -51.28
CA ASN I 55 -32.64 -31.16 -51.73
C ASN I 55 -33.01 -30.03 -50.76
N ILE I 56 -32.62 -30.15 -49.50
CA ILE I 56 -32.94 -29.12 -48.53
C ILE I 56 -31.85 -28.07 -48.45
N ALA I 57 -30.61 -28.48 -48.70
CA ALA I 57 -29.49 -27.55 -48.63
C ALA I 57 -29.55 -26.51 -49.76
N SER I 58 -30.34 -26.80 -50.79
CA SER I 58 -30.47 -25.89 -51.93
C SER I 58 -31.43 -24.74 -51.62
N LYS I 59 -32.26 -24.92 -50.59
CA LYS I 59 -33.23 -23.89 -50.24
C LYS I 59 -32.54 -22.82 -49.42
N LYS I 60 -31.92 -21.87 -50.11
CA LYS I 60 -31.18 -20.79 -49.45
C LYS I 60 -32.04 -19.71 -48.80
N ASP I 61 -33.33 -19.71 -49.07
CA ASP I 61 -34.18 -18.69 -48.43
C ASP I 61 -35.08 -19.24 -47.31
N LEU I 62 -34.83 -20.50 -46.96
CA LEU I 62 -35.58 -21.20 -45.92
C LEU I 62 -35.48 -20.47 -44.60
N GLU I 63 -36.63 -20.23 -43.97
CA GLU I 63 -36.71 -19.53 -42.69
C GLU I 63 -37.20 -20.43 -41.55
N ILE I 64 -38.11 -21.35 -41.87
CA ILE I 64 -38.66 -22.27 -40.87
C ILE I 64 -38.56 -23.73 -41.25
N ALA I 65 -38.17 -24.57 -40.28
CA ALA I 65 -38.09 -26.01 -40.51
C ALA I 65 -38.83 -26.75 -39.40
N GLU I 66 -39.93 -27.42 -39.77
CA GLU I 66 -40.73 -28.17 -38.81
C GLU I 66 -40.40 -29.65 -38.96
N PHE I 67 -39.47 -30.14 -38.15
CA PHE I 67 -39.06 -31.53 -38.21
C PHE I 67 -39.53 -32.31 -36.99
N SER I 68 -40.58 -31.79 -36.33
CA SER I 68 -41.14 -32.45 -35.15
C SER I 68 -41.86 -33.73 -35.57
N ASP I 69 -41.77 -34.75 -34.74
CA ASP I 69 -42.46 -35.99 -35.04
C ASP I 69 -42.18 -36.55 -36.43
N ILE I 70 -40.97 -37.05 -36.68
CA ILE I 70 -40.66 -37.61 -37.99
C ILE I 70 -39.90 -38.94 -37.91
N PHE I 71 -39.78 -39.51 -36.72
CA PHE I 71 -39.06 -40.77 -36.56
C PHE I 71 -39.79 -41.90 -35.82
N THR I 72 -41.12 -41.88 -35.78
CA THR I 72 -41.80 -42.92 -35.04
C THR I 72 -41.58 -44.30 -35.64
N GLY I 73 -41.17 -45.23 -34.78
CA GLY I 73 -40.92 -46.59 -35.25
C GLY I 73 -39.45 -46.80 -35.61
N ARG I 74 -38.67 -45.73 -35.64
CA ARG I 74 -37.27 -45.84 -36.01
C ARG I 74 -36.43 -46.21 -34.81
N VAL I 75 -35.56 -47.19 -34.98
CA VAL I 75 -34.72 -47.68 -33.90
C VAL I 75 -33.38 -46.96 -33.77
N LYS I 76 -32.63 -47.26 -32.72
CA LYS I 76 -31.35 -46.58 -32.52
C LYS I 76 -30.39 -46.82 -33.67
N ASP I 77 -30.79 -47.70 -34.57
CA ASP I 77 -30.01 -48.06 -35.74
C ASP I 77 -30.06 -46.99 -36.83
N GLU I 78 -31.18 -46.27 -36.88
CA GLU I 78 -31.41 -45.26 -37.92
C GLU I 78 -31.46 -43.80 -37.52
N ILE I 79 -32.18 -43.46 -36.47
CA ILE I 79 -32.30 -42.06 -36.08
C ILE I 79 -31.02 -41.23 -35.99
N PRO I 80 -29.96 -41.77 -35.37
CA PRO I 80 -28.77 -40.93 -35.31
C PRO I 80 -28.18 -40.55 -36.67
N GLU I 81 -28.17 -41.50 -37.59
CA GLU I 81 -27.65 -41.29 -38.94
C GLU I 81 -28.50 -40.25 -39.67
N ALA I 82 -29.79 -40.56 -39.81
CA ALA I 82 -30.73 -39.67 -40.49
C ALA I 82 -30.70 -38.23 -39.96
N LEU I 83 -30.68 -38.09 -38.64
CA LEU I 83 -30.67 -36.78 -38.01
C LEU I 83 -29.43 -36.00 -38.41
N ARG I 84 -28.30 -36.71 -38.49
CA ARG I 84 -27.05 -36.08 -38.86
C ARG I 84 -27.18 -35.52 -40.27
N LEU I 85 -27.73 -36.30 -41.19
CA LEU I 85 -27.90 -35.87 -42.56
C LEU I 85 -28.79 -34.63 -42.67
N LEU I 86 -29.93 -34.66 -41.99
CA LEU I 86 -30.83 -33.53 -42.04
C LEU I 86 -30.24 -32.26 -41.46
N LEU I 87 -29.71 -32.34 -40.24
CA LEU I 87 -29.15 -31.14 -39.63
C LEU I 87 -27.91 -30.64 -40.36
N GLN I 88 -27.30 -31.49 -41.15
CA GLN I 88 -26.12 -31.09 -41.90
C GLN I 88 -26.57 -30.15 -43.01
N ALA I 89 -27.72 -30.47 -43.59
CA ALA I 89 -28.28 -29.64 -44.65
C ALA I 89 -28.76 -28.31 -44.10
N LEU I 90 -29.35 -28.33 -42.91
CA LEU I 90 -29.86 -27.10 -42.31
C LEU I 90 -28.79 -26.08 -42.00
N LEU I 91 -27.57 -26.54 -41.70
CA LEU I 91 -26.49 -25.60 -41.37
C LEU I 91 -26.19 -24.71 -42.55
N LYS I 92 -26.51 -25.21 -43.75
CA LYS I 92 -26.28 -24.48 -44.98
C LYS I 92 -27.37 -23.48 -45.39
N CYS I 93 -28.31 -23.21 -44.48
CA CYS I 93 -29.38 -22.26 -44.76
C CYS I 93 -29.13 -21.01 -43.92
N PRO I 94 -28.73 -19.91 -44.54
CA PRO I 94 -28.44 -18.64 -43.88
C PRO I 94 -29.60 -17.88 -43.23
N LYS I 95 -30.84 -18.11 -43.68
CA LYS I 95 -31.98 -17.38 -43.10
C LYS I 95 -32.86 -18.16 -42.10
N LEU I 96 -32.51 -19.42 -41.85
CA LEU I 96 -33.24 -20.31 -40.95
C LEU I 96 -33.19 -19.86 -39.51
N HIS I 97 -34.18 -19.09 -39.07
CA HIS I 97 -34.26 -18.58 -37.70
C HIS I 97 -35.08 -19.45 -36.72
N THR I 98 -35.90 -20.35 -37.26
CA THR I 98 -36.73 -21.22 -36.43
C THR I 98 -36.63 -22.70 -36.78
N VAL I 99 -36.28 -23.52 -35.79
CA VAL I 99 -36.20 -24.96 -36.02
C VAL I 99 -36.90 -25.73 -34.91
N ARG I 100 -37.75 -26.67 -35.32
CA ARG I 100 -38.51 -27.47 -34.38
C ARG I 100 -38.09 -28.92 -34.54
N LEU I 101 -37.67 -29.54 -33.44
CA LEU I 101 -37.26 -30.93 -33.49
C LEU I 101 -37.97 -31.81 -32.47
N SER I 102 -39.07 -31.28 -31.94
CA SER I 102 -39.85 -31.96 -30.92
C SER I 102 -40.47 -33.32 -31.25
N ASP I 103 -40.77 -34.05 -30.18
CA ASP I 103 -41.43 -35.36 -30.25
C ASP I 103 -40.70 -36.38 -31.07
N ASN I 104 -39.40 -36.52 -30.78
CA ASN I 104 -38.53 -37.48 -31.47
C ASN I 104 -37.70 -38.14 -30.37
N ALA I 105 -37.65 -39.46 -30.37
CA ALA I 105 -36.88 -40.17 -29.35
C ALA I 105 -35.40 -39.92 -29.60
N PHE I 106 -34.77 -39.08 -28.80
CA PHE I 106 -33.35 -38.80 -28.99
C PHE I 106 -32.46 -39.33 -27.88
N GLY I 107 -32.54 -38.72 -26.72
CA GLY I 107 -31.70 -39.18 -25.63
C GLY I 107 -30.23 -39.10 -26.01
N PRO I 108 -29.30 -39.56 -25.15
CA PRO I 108 -27.88 -39.51 -25.45
C PRO I 108 -27.50 -40.17 -26.77
N THR I 109 -28.15 -41.28 -27.07
CA THR I 109 -27.84 -42.01 -28.28
C THR I 109 -27.96 -41.22 -29.59
N ALA I 110 -28.41 -39.97 -29.51
CA ALA I 110 -28.52 -39.18 -30.74
C ALA I 110 -28.12 -37.74 -30.48
N GLN I 111 -27.32 -37.54 -29.44
CA GLN I 111 -26.86 -36.22 -29.08
C GLN I 111 -25.80 -35.64 -30.00
N GLU I 112 -25.11 -36.50 -30.75
CA GLU I 112 -24.05 -36.03 -31.62
C GLU I 112 -24.50 -34.94 -32.59
N PRO I 113 -25.41 -35.26 -33.53
CA PRO I 113 -25.89 -34.28 -34.50
C PRO I 113 -26.42 -33.01 -33.83
N LEU I 114 -27.17 -33.19 -32.75
CA LEU I 114 -27.73 -32.06 -32.02
C LEU I 114 -26.65 -31.10 -31.54
N ILE I 115 -25.75 -31.62 -30.72
CA ILE I 115 -24.66 -30.81 -30.19
C ILE I 115 -23.91 -30.07 -31.29
N ASP I 116 -23.65 -30.78 -32.38
CA ASP I 116 -22.96 -30.20 -33.51
C ASP I 116 -23.72 -28.97 -34.00
N PHE I 117 -24.95 -29.21 -34.47
CA PHE I 117 -25.84 -28.17 -35.00
C PHE I 117 -26.05 -26.95 -34.10
N LEU I 118 -26.59 -27.18 -32.90
CA LEU I 118 -26.90 -26.10 -31.98
C LEU I 118 -25.74 -25.20 -31.59
N SER I 119 -24.52 -25.62 -31.87
CA SER I 119 -23.40 -24.78 -31.50
C SER I 119 -22.85 -23.99 -32.67
N LYS I 120 -23.26 -24.34 -33.88
CA LYS I 120 -22.73 -23.63 -35.04
C LYS I 120 -23.74 -22.90 -35.92
N HIS I 121 -25.02 -23.04 -35.63
CA HIS I 121 -26.04 -22.38 -36.42
C HIS I 121 -26.39 -21.00 -35.89
N THR I 122 -25.54 -20.03 -36.21
CA THR I 122 -25.70 -18.64 -35.77
C THR I 122 -27.03 -17.92 -36.11
N PRO I 123 -27.70 -18.34 -37.20
CA PRO I 123 -28.97 -17.69 -37.57
C PRO I 123 -30.16 -17.97 -36.64
N LEU I 124 -30.05 -19.06 -35.86
CA LEU I 124 -31.10 -19.50 -34.93
C LEU I 124 -31.66 -18.44 -33.98
N GLU I 125 -32.99 -18.36 -33.93
CA GLU I 125 -33.68 -17.41 -33.04
C GLU I 125 -34.78 -18.06 -32.17
N HIS I 126 -35.40 -19.11 -32.69
CA HIS I 126 -36.46 -19.83 -31.99
C HIS I 126 -36.20 -21.34 -32.02
N LEU I 127 -35.87 -21.90 -30.85
CA LEU I 127 -35.57 -23.32 -30.72
C LEU I 127 -36.64 -24.15 -30.03
N TYR I 128 -37.13 -25.19 -30.71
CA TYR I 128 -38.13 -26.07 -30.12
C TYR I 128 -37.53 -27.44 -29.94
N LEU I 129 -37.14 -27.78 -28.72
CA LEU I 129 -36.55 -29.09 -28.44
C LEU I 129 -37.35 -29.67 -27.29
N HIS I 130 -38.64 -29.87 -27.57
CA HIS I 130 -39.60 -30.35 -26.59
C HIS I 130 -39.90 -31.84 -26.72
N ASN I 131 -39.98 -32.50 -25.57
CA ASN I 131 -40.31 -33.92 -25.52
C ASN I 131 -39.34 -34.72 -26.36
N ASN I 132 -38.07 -34.72 -25.99
CA ASN I 132 -37.10 -35.48 -26.76
C ASN I 132 -36.34 -36.54 -25.95
N GLY I 133 -36.66 -36.63 -24.65
CA GLY I 133 -36.02 -37.60 -23.80
C GLY I 133 -34.52 -37.39 -23.66
N LEU I 134 -34.09 -36.13 -23.65
CA LEU I 134 -32.68 -35.85 -23.54
C LEU I 134 -32.04 -36.54 -22.33
N GLY I 135 -32.42 -36.14 -21.12
CA GLY I 135 -31.83 -36.73 -19.93
C GLY I 135 -30.91 -35.69 -19.35
N PRO I 136 -30.44 -35.83 -18.10
CA PRO I 136 -29.55 -34.82 -17.52
C PRO I 136 -28.14 -34.80 -18.12
N GLN I 137 -27.72 -35.92 -18.69
CA GLN I 137 -26.40 -35.98 -19.28
C GLN I 137 -26.38 -35.20 -20.58
N ALA I 138 -27.15 -35.65 -21.56
CA ALA I 138 -27.21 -34.98 -22.84
C ALA I 138 -27.77 -33.58 -22.65
N GLY I 139 -28.62 -33.42 -21.66
CA GLY I 139 -29.20 -32.12 -21.42
C GLY I 139 -28.14 -31.12 -21.04
N ALA I 140 -27.15 -31.57 -20.29
CA ALA I 140 -26.10 -30.66 -19.89
C ALA I 140 -25.25 -30.34 -21.11
N LYS I 141 -25.08 -31.33 -21.98
CA LYS I 141 -24.29 -31.15 -23.19
C LYS I 141 -24.96 -30.20 -24.17
N ILE I 142 -26.28 -30.25 -24.27
CA ILE I 142 -27.02 -29.37 -25.16
C ILE I 142 -26.86 -27.97 -24.61
N ALA I 143 -26.93 -27.85 -23.29
CA ALA I 143 -26.78 -26.55 -22.67
C ALA I 143 -25.40 -25.93 -22.96
N ARG I 144 -24.36 -26.75 -22.98
CA ARG I 144 -23.02 -26.26 -23.24
C ARG I 144 -22.90 -25.87 -24.70
N ALA I 145 -23.46 -26.69 -25.58
CA ALA I 145 -23.44 -26.42 -27.00
C ALA I 145 -24.02 -25.04 -27.26
N LEU I 146 -25.10 -24.71 -26.54
CA LEU I 146 -25.77 -23.43 -26.69
C LEU I 146 -24.91 -22.27 -26.19
N GLN I 147 -24.00 -22.54 -25.25
CA GLN I 147 -23.10 -21.51 -24.75
C GLN I 147 -22.14 -21.17 -25.89
N GLU I 148 -21.71 -22.21 -26.61
CA GLU I 148 -20.83 -22.03 -27.73
C GLU I 148 -21.52 -21.09 -28.71
N LEU I 149 -22.76 -21.43 -29.07
CA LEU I 149 -23.55 -20.66 -30.00
C LEU I 149 -23.49 -19.17 -29.71
N ALA I 150 -23.56 -18.79 -28.44
CA ALA I 150 -23.52 -17.39 -28.09
C ALA I 150 -22.20 -16.78 -28.55
N VAL I 151 -21.11 -17.53 -28.39
CA VAL I 151 -19.79 -17.05 -28.77
C VAL I 151 -19.67 -16.90 -30.29
N ASN I 152 -20.13 -17.90 -31.02
CA ASN I 152 -20.08 -17.85 -32.47
C ASN I 152 -21.02 -16.80 -33.04
N LYS I 153 -22.08 -16.48 -32.28
CA LYS I 153 -23.03 -15.49 -32.73
C LYS I 153 -22.40 -14.11 -32.63
N LYS I 154 -21.72 -13.87 -31.50
CA LYS I 154 -21.07 -12.58 -31.25
C LYS I 154 -19.98 -12.28 -32.28
N ALA I 155 -19.33 -13.33 -32.76
CA ALA I 155 -18.28 -13.19 -33.73
C ALA I 155 -18.80 -12.92 -35.13
N LYS I 156 -20.12 -12.94 -35.31
CA LYS I 156 -20.70 -12.69 -36.63
C LYS I 156 -21.86 -11.72 -36.58
N ASN I 157 -21.92 -10.93 -35.52
CA ASN I 157 -23.01 -9.95 -35.34
C ASN I 157 -24.35 -10.56 -35.77
N ALA I 158 -24.66 -11.71 -35.19
CA ALA I 158 -25.90 -12.40 -35.51
C ALA I 158 -27.01 -11.97 -34.56
N PRO I 159 -28.27 -12.20 -34.96
CA PRO I 159 -29.42 -11.83 -34.11
C PRO I 159 -29.42 -12.68 -32.84
N PRO I 160 -29.92 -12.11 -31.73
CA PRO I 160 -29.97 -12.83 -30.44
C PRO I 160 -30.91 -14.04 -30.51
N LEU I 161 -30.74 -14.98 -29.59
CA LEU I 161 -31.62 -16.13 -29.53
C LEU I 161 -32.81 -15.55 -28.76
N ARG I 162 -34.02 -15.88 -29.20
CA ARG I 162 -35.21 -15.35 -28.54
C ARG I 162 -36.05 -16.37 -27.79
N SER I 163 -36.11 -17.59 -28.33
CA SER I 163 -36.93 -18.63 -27.73
C SER I 163 -36.28 -20.01 -27.51
N ILE I 164 -36.52 -20.56 -26.32
CA ILE I 164 -36.05 -21.90 -25.99
C ILE I 164 -37.21 -22.65 -25.33
N ILE I 165 -37.76 -23.62 -26.06
CA ILE I 165 -38.86 -24.46 -25.59
C ILE I 165 -38.24 -25.86 -25.38
N CYS I 166 -37.96 -26.20 -24.13
CA CYS I 166 -37.29 -27.45 -23.85
C CYS I 166 -37.84 -28.22 -22.65
N GLY I 167 -39.03 -28.76 -22.78
CA GLY I 167 -39.63 -29.48 -21.67
C GLY I 167 -39.86 -30.95 -21.92
N ARG I 168 -40.20 -31.64 -20.84
CA ARG I 168 -40.47 -33.07 -20.88
C ARG I 168 -39.23 -33.81 -21.33
N ASN I 169 -38.07 -33.37 -20.84
CA ASN I 169 -36.78 -34.00 -21.16
C ASN I 169 -36.02 -34.50 -19.92
N ARG I 170 -36.62 -34.43 -18.74
CA ARG I 170 -35.92 -34.87 -17.53
C ARG I 170 -34.55 -34.24 -17.39
N LEU I 171 -34.49 -32.92 -17.57
CA LEU I 171 -33.23 -32.20 -17.42
C LEU I 171 -32.77 -32.38 -15.99
N GLU I 172 -33.73 -32.55 -15.08
CA GLU I 172 -33.48 -32.76 -13.65
C GLU I 172 -32.52 -31.74 -13.06
N ASN I 173 -32.18 -31.94 -11.79
CA ASN I 173 -31.27 -31.06 -11.08
C ASN I 173 -29.87 -31.15 -11.69
N GLY I 174 -29.54 -32.33 -12.21
CA GLY I 174 -28.24 -32.56 -12.79
C GLY I 174 -27.67 -31.59 -13.79
N SER I 175 -28.51 -31.01 -14.64
CA SER I 175 -28.01 -30.10 -15.67
C SER I 175 -28.28 -28.64 -15.43
N MET I 176 -28.71 -28.27 -14.23
CA MET I 176 -29.02 -26.88 -13.96
C MET I 176 -27.83 -25.93 -13.79
N LYS I 177 -26.66 -26.45 -13.45
CA LYS I 177 -25.50 -25.58 -13.31
C LYS I 177 -25.13 -25.08 -14.70
N GLU I 178 -25.22 -26.00 -15.64
CA GLU I 178 -24.90 -25.69 -17.01
C GLU I 178 -25.98 -24.84 -17.67
N TRP I 179 -27.26 -25.13 -17.39
CA TRP I 179 -28.35 -24.35 -17.99
C TRP I 179 -28.38 -22.92 -17.45
N ALA I 180 -27.99 -22.77 -16.19
CA ALA I 180 -27.95 -21.44 -15.62
C ALA I 180 -26.94 -20.65 -16.45
N LYS I 181 -25.84 -21.31 -16.80
CA LYS I 181 -24.79 -20.66 -17.57
C LYS I 181 -25.26 -20.33 -18.99
N THR I 182 -26.16 -21.13 -19.52
CA THR I 182 -26.69 -20.87 -20.84
C THR I 182 -27.51 -19.59 -20.84
N PHE I 183 -28.38 -19.44 -19.86
CA PHE I 183 -29.21 -18.25 -19.76
C PHE I 183 -28.34 -17.02 -19.50
N GLN I 184 -27.12 -17.23 -19.02
CA GLN I 184 -26.22 -16.12 -18.77
C GLN I 184 -25.64 -15.68 -20.11
N SER I 185 -25.61 -16.62 -21.05
CA SER I 185 -25.09 -16.40 -22.38
C SER I 185 -26.08 -15.76 -23.32
N HIS I 186 -27.37 -15.88 -23.03
CA HIS I 186 -28.38 -15.28 -23.89
C HIS I 186 -29.33 -14.44 -23.05
N ARG I 187 -28.92 -13.22 -22.74
CA ARG I 187 -29.73 -12.35 -21.91
C ARG I 187 -30.78 -11.54 -22.62
N LEU I 188 -31.08 -11.90 -23.86
CA LEU I 188 -32.11 -11.18 -24.61
C LEU I 188 -33.27 -12.09 -25.01
N LEU I 189 -33.39 -13.20 -24.28
CA LEU I 189 -34.46 -14.18 -24.51
C LEU I 189 -35.82 -13.58 -24.17
N HIS I 190 -36.83 -13.95 -24.95
CA HIS I 190 -38.19 -13.47 -24.73
C HIS I 190 -39.09 -14.57 -24.15
N THR I 191 -38.93 -15.78 -24.67
CA THR I 191 -39.72 -16.92 -24.24
C THR I 191 -38.89 -18.12 -23.84
N VAL I 192 -39.18 -18.66 -22.65
CA VAL I 192 -38.51 -19.86 -22.18
C VAL I 192 -39.49 -20.72 -21.41
N LYS I 193 -39.56 -21.97 -21.82
CA LYS I 193 -40.44 -22.95 -21.20
C LYS I 193 -39.67 -24.24 -20.93
N MET I 194 -39.47 -24.57 -19.66
CA MET I 194 -38.78 -25.77 -19.27
C MET I 194 -39.70 -26.61 -18.41
N VAL I 195 -40.85 -26.89 -19.00
CA VAL I 195 -41.93 -27.64 -18.39
C VAL I 195 -41.64 -29.11 -18.15
N GLN I 196 -42.15 -29.62 -17.02
CA GLN I 196 -42.04 -31.04 -16.67
C GLN I 196 -40.66 -31.69 -16.87
N ASN I 197 -39.62 -31.21 -16.20
CA ASN I 197 -38.27 -31.77 -16.35
C ASN I 197 -37.70 -32.44 -15.10
N GLY I 198 -38.56 -32.78 -14.13
CA GLY I 198 -38.05 -33.43 -12.93
C GLY I 198 -37.12 -32.56 -12.11
N ILE I 199 -37.12 -31.26 -12.38
CA ILE I 199 -36.25 -30.36 -11.66
C ILE I 199 -36.82 -30.21 -10.25
N ARG I 200 -35.97 -30.31 -9.22
CA ARG I 200 -36.41 -30.19 -7.83
C ARG I 200 -36.02 -28.86 -7.19
N PRO I 201 -36.43 -28.60 -5.94
CA PRO I 201 -36.10 -27.35 -5.25
C PRO I 201 -34.72 -26.73 -5.44
N GLU I 202 -33.65 -27.45 -5.14
CA GLU I 202 -32.31 -26.87 -5.32
C GLU I 202 -32.11 -26.49 -6.79
N GLY I 203 -32.67 -27.30 -7.67
CA GLY I 203 -32.57 -27.04 -9.09
C GLY I 203 -33.25 -25.73 -9.47
N ILE I 204 -34.53 -25.60 -9.16
CA ILE I 204 -35.27 -24.39 -9.46
C ILE I 204 -34.60 -23.17 -8.81
N GLU I 205 -34.11 -23.32 -7.59
CA GLU I 205 -33.46 -22.21 -6.90
C GLU I 205 -32.28 -21.70 -7.72
N HIS I 206 -31.42 -22.62 -8.18
CA HIS I 206 -30.26 -22.24 -8.95
C HIS I 206 -30.68 -21.64 -10.29
N LEU I 207 -31.48 -22.39 -11.03
CA LEU I 207 -31.95 -21.93 -12.33
C LEU I 207 -32.46 -20.49 -12.27
N LEU I 208 -33.28 -20.17 -11.27
CA LEU I 208 -33.81 -18.82 -11.16
C LEU I 208 -32.78 -17.76 -10.83
N LEU I 209 -32.15 -17.87 -9.66
CA LEU I 209 -31.16 -16.88 -9.19
C LEU I 209 -29.84 -16.80 -9.95
N GLU I 210 -29.49 -17.87 -10.65
CA GLU I 210 -28.25 -17.92 -11.40
C GLU I 210 -28.48 -17.93 -12.92
N GLY I 211 -29.72 -18.14 -13.34
CA GLY I 211 -30.03 -18.19 -14.74
C GLY I 211 -31.04 -17.16 -15.23
N LEU I 212 -32.31 -17.54 -15.26
CA LEU I 212 -33.35 -16.64 -15.74
C LEU I 212 -33.29 -15.22 -15.15
N ALA I 213 -32.74 -15.08 -13.96
CA ALA I 213 -32.66 -13.76 -13.35
C ALA I 213 -31.85 -12.74 -14.16
N TYR I 214 -31.05 -13.21 -15.12
CA TYR I 214 -30.23 -12.31 -15.93
C TYR I 214 -30.90 -11.89 -17.23
N CYS I 215 -32.02 -12.55 -17.56
CA CYS I 215 -32.79 -12.28 -18.77
C CYS I 215 -33.83 -11.18 -18.53
N GLN I 216 -33.36 -9.94 -18.46
CA GLN I 216 -34.22 -8.79 -18.18
C GLN I 216 -35.34 -8.51 -19.20
N GLU I 217 -35.30 -9.15 -20.36
CA GLU I 217 -36.30 -8.92 -21.41
C GLU I 217 -37.39 -9.99 -21.50
N LEU I 218 -37.33 -10.96 -20.59
CA LEU I 218 -38.25 -12.08 -20.56
C LEU I 218 -39.72 -11.70 -20.64
N LYS I 219 -40.47 -12.37 -21.50
CA LYS I 219 -41.89 -12.08 -21.63
C LYS I 219 -42.77 -13.26 -21.19
N VAL I 220 -42.36 -14.47 -21.56
CA VAL I 220 -43.11 -15.66 -21.21
C VAL I 220 -42.22 -16.65 -20.45
N LEU I 221 -42.73 -17.16 -19.33
CA LEU I 221 -41.97 -18.11 -18.52
C LEU I 221 -42.89 -19.20 -17.99
N ASP I 222 -42.63 -20.45 -18.36
CA ASP I 222 -43.45 -21.57 -17.90
C ASP I 222 -42.59 -22.70 -17.33
N LEU I 223 -42.71 -22.95 -16.02
CA LEU I 223 -41.96 -24.00 -15.33
C LEU I 223 -42.93 -25.06 -14.77
N GLN I 224 -44.09 -25.18 -15.39
CA GLN I 224 -45.11 -26.10 -14.94
C GLN I 224 -44.62 -27.52 -14.66
N ASP I 225 -45.16 -28.09 -13.60
CA ASP I 225 -44.90 -29.47 -13.15
C ASP I 225 -43.51 -29.86 -12.69
N ASN I 226 -42.81 -28.95 -12.01
CA ASN I 226 -41.51 -29.28 -11.46
C ASN I 226 -41.79 -29.24 -9.96
N THR I 227 -40.79 -29.09 -9.11
CA THR I 227 -41.09 -29.05 -7.70
C THR I 227 -40.38 -27.88 -7.04
N PHE I 228 -41.15 -26.87 -6.65
CA PHE I 228 -40.57 -25.68 -6.02
C PHE I 228 -40.44 -25.77 -4.51
N THR I 229 -41.57 -25.99 -3.82
CA THR I 229 -41.65 -26.02 -2.35
C THR I 229 -41.14 -24.66 -1.87
N HIS I 230 -40.85 -24.51 -0.58
CA HIS I 230 -40.41 -23.21 -0.10
C HIS I 230 -39.12 -22.70 -0.72
N LEU I 231 -38.17 -23.60 -0.94
CA LEU I 231 -36.89 -23.22 -1.50
C LEU I 231 -37.00 -22.54 -2.87
N GLY I 232 -37.66 -23.21 -3.81
CA GLY I 232 -37.84 -22.64 -5.13
C GLY I 232 -38.74 -21.42 -5.09
N SER I 233 -39.72 -21.43 -4.20
CA SER I 233 -40.67 -20.33 -4.09
C SER I 233 -40.00 -19.03 -3.67
N SER I 234 -39.05 -19.12 -2.74
CA SER I 234 -38.33 -17.95 -2.28
C SER I 234 -37.46 -17.41 -3.42
N ALA I 235 -36.93 -18.32 -4.22
CA ALA I 235 -36.09 -17.96 -5.34
C ALA I 235 -36.94 -17.21 -6.35
N LEU I 236 -38.17 -17.68 -6.56
CA LEU I 236 -39.08 -17.04 -7.49
C LEU I 236 -39.46 -15.65 -6.97
N ALA I 237 -39.67 -15.56 -5.66
CA ALA I 237 -40.05 -14.29 -5.08
C ALA I 237 -38.96 -13.25 -5.26
N ILE I 238 -37.71 -13.67 -5.13
CA ILE I 238 -36.58 -12.75 -5.26
C ILE I 238 -36.32 -12.34 -6.72
N ALA I 239 -36.62 -13.24 -7.63
CA ALA I 239 -36.37 -13.01 -9.03
C ALA I 239 -37.39 -12.16 -9.81
N LEU I 240 -38.67 -12.18 -9.41
CA LEU I 240 -39.70 -11.43 -10.13
C LEU I 240 -39.38 -9.99 -10.49
N LYS I 241 -38.66 -9.29 -9.61
CA LYS I 241 -38.32 -7.90 -9.88
C LYS I 241 -37.33 -7.73 -11.04
N SER I 242 -36.87 -8.84 -11.62
CA SER I 242 -35.92 -8.78 -12.72
C SER I 242 -36.59 -8.87 -14.08
N TRP I 243 -37.89 -9.14 -14.11
CA TRP I 243 -38.60 -9.28 -15.39
C TRP I 243 -39.71 -8.22 -15.55
N PRO I 244 -39.31 -6.94 -15.73
CA PRO I 244 -40.17 -5.77 -15.91
C PRO I 244 -41.26 -5.91 -16.97
N ASN I 245 -41.01 -6.75 -17.97
CA ASN I 245 -41.97 -6.96 -19.05
C ASN I 245 -42.58 -8.35 -19.02
N LEU I 246 -42.65 -8.99 -17.86
CA LEU I 246 -43.22 -10.33 -17.81
C LEU I 246 -44.71 -10.25 -18.20
N ARG I 247 -45.18 -11.16 -19.05
CA ARG I 247 -46.59 -11.15 -19.44
C ARG I 247 -47.33 -12.44 -19.11
N GLU I 248 -46.58 -13.55 -19.07
CA GLU I 248 -47.19 -14.85 -18.78
C GLU I 248 -46.32 -15.61 -17.80
N LEU I 249 -46.93 -15.99 -16.68
CA LEU I 249 -46.22 -16.76 -15.65
C LEU I 249 -46.95 -18.06 -15.38
N GLY I 250 -46.40 -19.17 -15.88
CA GLY I 250 -47.03 -20.46 -15.69
C GLY I 250 -46.39 -21.29 -14.59
N LEU I 251 -47.12 -21.49 -13.49
CA LEU I 251 -46.63 -22.26 -12.36
C LEU I 251 -47.56 -23.39 -11.94
N ASN I 252 -48.33 -23.92 -12.87
CA ASN I 252 -49.26 -25.01 -12.55
C ASN I 252 -48.49 -26.25 -12.12
N ASP I 253 -49.07 -27.02 -11.19
CA ASP I 253 -48.48 -28.28 -10.73
C ASP I 253 -47.10 -28.15 -10.10
N CYS I 254 -46.80 -27.00 -9.52
CA CYS I 254 -45.48 -26.81 -8.94
C CYS I 254 -45.33 -27.04 -7.46
N LEU I 255 -46.41 -27.41 -6.78
CA LEU I 255 -46.34 -27.63 -5.34
C LEU I 255 -45.63 -26.44 -4.69
N LEU I 256 -46.08 -25.23 -5.01
CA LEU I 256 -45.44 -24.06 -4.43
C LEU I 256 -45.47 -24.14 -2.92
N SER I 257 -46.47 -24.82 -2.38
CA SER I 257 -46.66 -24.96 -0.92
C SER I 257 -47.39 -23.69 -0.44
N ALA I 258 -48.08 -23.79 0.68
CA ALA I 258 -48.84 -22.66 1.18
C ALA I 258 -47.99 -21.46 1.54
N ARG I 259 -46.89 -21.69 2.25
CA ARG I 259 -46.00 -20.62 2.67
C ARG I 259 -45.26 -20.01 1.48
N GLY I 260 -44.95 -20.86 0.49
CA GLY I 260 -44.26 -20.39 -0.70
C GLY I 260 -45.15 -19.46 -1.52
N ALA I 261 -46.38 -19.88 -1.71
CA ALA I 261 -47.37 -19.11 -2.47
C ALA I 261 -47.57 -17.75 -1.85
N ALA I 262 -47.64 -17.72 -0.52
CA ALA I 262 -47.83 -16.47 0.19
C ALA I 262 -46.66 -15.54 -0.11
N ALA I 263 -45.47 -16.10 -0.16
CA ALA I 263 -44.26 -15.34 -0.43
C ALA I 263 -44.25 -14.74 -1.83
N VAL I 264 -44.75 -15.51 -2.80
CA VAL I 264 -44.80 -15.05 -4.18
C VAL I 264 -45.85 -13.96 -4.31
N VAL I 265 -47.02 -14.19 -3.74
CA VAL I 265 -48.08 -13.21 -3.81
C VAL I 265 -47.59 -11.92 -3.17
N ASP I 266 -46.77 -12.06 -2.13
CA ASP I 266 -46.23 -10.88 -1.45
C ASP I 266 -45.27 -10.14 -2.38
N ALA I 267 -44.53 -10.90 -3.17
CA ALA I 267 -43.60 -10.29 -4.11
C ALA I 267 -44.34 -9.44 -5.13
N PHE I 268 -45.34 -10.02 -5.79
CA PHE I 268 -46.11 -9.29 -6.79
C PHE I 268 -46.58 -7.98 -6.18
N SER I 269 -46.95 -8.05 -4.91
CA SER I 269 -47.44 -6.89 -4.19
C SER I 269 -46.49 -5.70 -4.19
N LYS I 270 -45.20 -5.96 -4.22
CA LYS I 270 -44.20 -4.90 -4.20
C LYS I 270 -43.79 -4.40 -5.58
N LEU I 271 -44.19 -5.10 -6.64
CA LEU I 271 -43.82 -4.70 -7.99
C LEU I 271 -44.65 -3.49 -8.43
N GLU I 272 -44.13 -2.75 -9.40
CA GLU I 272 -44.83 -1.61 -9.93
C GLU I 272 -45.00 -1.82 -11.43
N ASN I 273 -45.96 -1.11 -12.01
CA ASN I 273 -46.23 -1.20 -13.44
C ASN I 273 -46.30 -2.65 -13.89
N ILE I 274 -47.11 -3.45 -13.21
CA ILE I 274 -47.26 -4.85 -13.60
C ILE I 274 -48.11 -4.96 -14.86
N GLY I 275 -47.56 -5.59 -15.90
CA GLY I 275 -48.28 -5.77 -17.14
C GLY I 275 -48.58 -7.23 -17.36
N LEU I 276 -48.50 -8.01 -16.28
CA LEU I 276 -48.78 -9.44 -16.33
C LEU I 276 -50.17 -9.67 -16.97
N GLN I 277 -50.27 -10.63 -17.89
CA GLN I 277 -51.54 -10.89 -18.55
C GLN I 277 -52.15 -12.24 -18.27
N THR I 278 -51.32 -13.22 -17.91
CA THR I 278 -51.84 -14.53 -17.60
C THR I 278 -51.03 -15.12 -16.46
N LEU I 279 -51.73 -15.54 -15.41
CA LEU I 279 -51.12 -16.10 -14.21
C LEU I 279 -51.69 -17.49 -13.91
N ARG I 280 -50.88 -18.52 -14.05
CA ARG I 280 -51.31 -19.89 -13.81
C ARG I 280 -50.80 -20.44 -12.49
N LEU I 281 -51.70 -20.65 -11.53
CA LEU I 281 -51.31 -21.14 -10.21
C LEU I 281 -52.04 -22.39 -9.70
N GLN I 282 -52.47 -23.26 -10.60
CA GLN I 282 -53.17 -24.49 -10.21
C GLN I 282 -52.33 -25.43 -9.34
N TYR I 283 -53.02 -26.33 -8.66
CA TYR I 283 -52.40 -27.35 -7.78
C TYR I 283 -51.13 -26.96 -7.07
N ASN I 284 -51.20 -25.92 -6.24
CA ASN I 284 -50.02 -25.47 -5.52
C ASN I 284 -50.17 -25.47 -4.01
N GLU I 285 -51.28 -26.03 -3.52
CA GLU I 285 -51.55 -26.08 -2.09
C GLU I 285 -51.73 -24.69 -1.54
N ILE I 286 -52.16 -23.77 -2.40
CA ILE I 286 -52.35 -22.40 -1.97
C ILE I 286 -53.58 -22.35 -1.04
N GLU I 287 -53.46 -21.58 0.05
CA GLU I 287 -54.54 -21.44 1.01
C GLU I 287 -55.29 -20.13 0.93
N LEU I 288 -56.55 -20.19 1.36
CA LEU I 288 -57.48 -19.07 1.36
C LEU I 288 -56.86 -17.72 1.69
N ASP I 289 -56.05 -17.67 2.75
CA ASP I 289 -55.40 -16.42 3.15
C ASP I 289 -54.59 -15.77 2.02
N ALA I 290 -53.75 -16.57 1.35
CA ALA I 290 -52.95 -16.05 0.26
C ALA I 290 -53.85 -15.63 -0.90
N VAL I 291 -54.89 -16.42 -1.16
CA VAL I 291 -55.83 -16.11 -2.25
C VAL I 291 -56.52 -14.78 -1.99
N ARG I 292 -56.77 -14.46 -0.72
CA ARG I 292 -57.42 -13.21 -0.37
C ARG I 292 -56.55 -12.05 -0.86
N THR I 293 -55.31 -12.00 -0.37
CA THR I 293 -54.37 -10.95 -0.76
C THR I 293 -54.13 -10.93 -2.28
N LEU I 294 -54.07 -12.09 -2.91
CA LEU I 294 -53.87 -12.12 -4.34
C LEU I 294 -55.01 -11.38 -5.01
N LYS I 295 -56.22 -11.60 -4.52
CA LYS I 295 -57.38 -10.96 -5.11
C LYS I 295 -57.22 -9.45 -5.12
N THR I 296 -56.86 -8.89 -3.98
CA THR I 296 -56.69 -7.46 -3.89
C THR I 296 -55.46 -6.94 -4.64
N VAL I 297 -54.43 -7.77 -4.78
CA VAL I 297 -53.25 -7.34 -5.52
C VAL I 297 -53.66 -7.27 -7.00
N ILE I 298 -54.50 -8.20 -7.42
CA ILE I 298 -54.96 -8.22 -8.80
C ILE I 298 -55.86 -7.03 -9.09
N ASP I 299 -56.63 -6.63 -8.09
CA ASP I 299 -57.56 -5.54 -8.24
C ASP I 299 -56.84 -4.21 -8.37
N GLU I 300 -55.95 -3.92 -7.43
CA GLU I 300 -55.22 -2.66 -7.45
C GLU I 300 -53.99 -2.59 -8.35
N LYS I 301 -53.31 -3.71 -8.58
CA LYS I 301 -52.08 -3.66 -9.37
C LYS I 301 -51.90 -4.45 -10.66
N MET I 302 -52.86 -5.30 -11.05
CA MET I 302 -52.71 -6.06 -12.28
C MET I 302 -53.85 -5.74 -13.25
N PRO I 303 -53.88 -4.50 -13.73
CA PRO I 303 -54.91 -4.03 -14.66
C PRO I 303 -55.01 -4.71 -16.02
N ASP I 304 -54.02 -5.53 -16.39
CA ASP I 304 -54.07 -6.21 -17.69
C ASP I 304 -54.35 -7.70 -17.60
N LEU I 305 -54.52 -8.21 -16.38
CA LEU I 305 -54.77 -9.62 -16.20
C LEU I 305 -56.00 -10.12 -16.98
N LEU I 306 -55.80 -11.07 -17.87
CA LEU I 306 -56.89 -11.64 -18.67
C LEU I 306 -57.21 -13.09 -18.31
N PHE I 307 -56.32 -13.75 -17.58
CA PHE I 307 -56.53 -15.13 -17.19
C PHE I 307 -55.92 -15.45 -15.85
N LEU I 308 -56.68 -16.12 -15.00
CA LEU I 308 -56.20 -16.52 -13.69
C LEU I 308 -56.57 -17.98 -13.58
N GLU I 309 -55.76 -18.76 -12.88
CA GLU I 309 -56.03 -20.18 -12.73
C GLU I 309 -55.69 -20.62 -11.32
N LEU I 310 -56.70 -20.99 -10.55
CA LEU I 310 -56.50 -21.41 -9.17
C LEU I 310 -57.04 -22.81 -8.82
N ASN I 311 -57.52 -23.55 -9.82
CA ASN I 311 -58.05 -24.88 -9.55
C ASN I 311 -57.04 -25.82 -8.89
N GLY I 312 -57.54 -26.73 -8.06
CA GLY I 312 -56.68 -27.70 -7.38
C GLY I 312 -55.99 -27.24 -6.11
N ASN I 313 -56.24 -26.00 -5.66
CA ASN I 313 -55.58 -25.53 -4.44
C ASN I 313 -56.33 -25.90 -3.15
N ARG I 314 -55.83 -25.42 -2.01
CA ARG I 314 -56.42 -25.74 -0.71
C ARG I 314 -57.42 -24.72 -0.17
N PHE I 315 -58.44 -24.39 -0.95
CA PHE I 315 -59.47 -23.47 -0.48
C PHE I 315 -60.79 -23.90 -1.13
N SER I 316 -61.92 -23.51 -0.52
CA SER I 316 -63.22 -23.92 -1.03
C SER I 316 -63.72 -23.18 -2.26
N GLU I 317 -64.26 -23.93 -3.21
CA GLU I 317 -64.80 -23.34 -4.42
C GLU I 317 -65.91 -22.37 -4.01
N GLU I 318 -66.41 -22.56 -2.79
CA GLU I 318 -67.51 -21.74 -2.28
C GLU I 318 -67.12 -20.49 -1.50
N ASP I 319 -65.85 -20.36 -1.14
CA ASP I 319 -65.39 -19.18 -0.38
C ASP I 319 -65.77 -17.83 -1.00
N ASP I 320 -65.76 -16.81 -0.15
CA ASP I 320 -66.12 -15.46 -0.59
C ASP I 320 -65.23 -14.88 -1.69
N VAL I 321 -63.92 -14.99 -1.51
CA VAL I 321 -62.96 -14.47 -2.48
C VAL I 321 -63.26 -14.84 -3.92
N VAL I 322 -63.76 -16.05 -4.14
CA VAL I 322 -64.07 -16.50 -5.49
C VAL I 322 -65.02 -15.53 -6.18
N ASP I 323 -66.04 -15.06 -5.46
CA ASP I 323 -66.99 -14.13 -6.04
C ASP I 323 -66.36 -12.75 -6.17
N GLU I 324 -65.56 -12.36 -5.17
CA GLU I 324 -64.90 -11.06 -5.19
C GLU I 324 -63.98 -10.98 -6.41
N ILE I 325 -63.26 -12.07 -6.71
CA ILE I 325 -62.37 -12.08 -7.86
C ILE I 325 -63.22 -11.92 -9.12
N ARG I 326 -64.28 -12.72 -9.22
CA ARG I 326 -65.17 -12.65 -10.38
C ARG I 326 -65.74 -11.24 -10.51
N GLU I 327 -65.98 -10.58 -9.38
CA GLU I 327 -66.52 -9.23 -9.38
C GLU I 327 -65.56 -8.26 -10.05
N VAL I 328 -64.27 -8.40 -9.74
CA VAL I 328 -63.25 -7.55 -10.30
C VAL I 328 -63.22 -7.63 -11.83
N PHE I 329 -63.23 -8.85 -12.35
CA PHE I 329 -63.21 -9.04 -13.79
C PHE I 329 -64.50 -8.56 -14.45
N SER I 330 -65.63 -8.68 -13.74
CA SER I 330 -66.92 -8.24 -14.26
C SER I 330 -66.93 -6.73 -14.38
N THR I 331 -66.53 -6.06 -13.31
CA THR I 331 -66.50 -4.62 -13.28
C THR I 331 -65.61 -4.04 -14.39
N ARG I 332 -64.57 -4.77 -14.77
CA ARG I 332 -63.64 -4.34 -15.80
C ARG I 332 -64.11 -4.70 -17.19
N GLY I 333 -64.94 -5.73 -17.28
CA GLY I 333 -65.41 -6.17 -18.59
C GLY I 333 -64.28 -6.92 -19.27
N ARG I 334 -63.29 -7.29 -18.47
CA ARG I 334 -62.14 -8.02 -18.96
C ARG I 334 -61.46 -8.75 -17.79
N GLY I 335 -61.26 -10.05 -17.95
CA GLY I 335 -60.65 -10.87 -16.91
C GLY I 335 -61.23 -12.26 -17.03
N GLU I 336 -60.78 -13.21 -16.20
CA GLU I 336 -61.32 -14.57 -16.31
C GLU I 336 -60.69 -15.59 -15.36
N LEU I 337 -61.52 -16.15 -14.48
CA LEU I 337 -61.06 -17.18 -13.54
C LEU I 337 -61.44 -18.53 -14.15
N ASP I 338 -60.80 -19.60 -13.71
CA ASP I 338 -61.09 -20.91 -14.26
C ASP I 338 -62.11 -21.68 -13.42
N GLU I 339 -62.52 -22.84 -13.91
CA GLU I 339 -63.49 -23.69 -13.21
C GLU I 339 -62.82 -24.34 -12.02
N LEU I 340 -63.26 -24.00 -10.81
CA LEU I 340 -62.67 -24.57 -9.59
C LEU I 340 -63.28 -25.90 -9.18
N ASP I 341 -63.39 -26.84 -10.11
CA ASP I 341 -63.99 -28.13 -9.84
C ASP I 341 -63.10 -29.26 -9.31
N ASP I 342 -62.02 -28.94 -8.58
CA ASP I 342 -61.17 -30.01 -8.07
C ASP I 342 -60.28 -29.57 -6.92
N MET I 343 -60.80 -28.71 -6.04
CA MET I 343 -60.03 -28.22 -4.92
C MET I 343 -59.46 -29.37 -4.06
N GLU I 344 -58.25 -29.17 -3.56
CA GLU I 344 -57.58 -30.18 -2.74
C GLU I 344 -58.15 -30.31 -1.33
N GLU I 345 -57.84 -31.44 -0.69
CA GLU I 345 -58.28 -31.75 0.65
C GLU I 345 -59.78 -32.02 0.72
N GLN J 8 -11.48 11.13 53.22
CA GLN J 8 -12.23 10.71 52.00
C GLN J 8 -11.61 11.29 50.73
N VAL J 9 -10.83 10.46 50.05
CA VAL J 9 -10.16 10.83 48.82
C VAL J 9 -11.11 10.80 47.62
N GLN J 10 -10.87 11.70 46.65
CA GLN J 10 -11.70 11.79 45.43
C GLN J 10 -10.87 11.92 44.15
N PHE J 11 -11.31 11.25 43.09
CA PHE J 11 -10.60 11.31 41.83
C PHE J 11 -11.53 11.58 40.67
N LYS J 12 -11.24 12.60 39.87
CA LYS J 12 -12.07 12.90 38.70
C LYS J 12 -11.64 12.02 37.53
N LEU J 13 -12.50 11.11 37.11
CA LEU J 13 -12.17 10.23 36.00
C LEU J 13 -13.04 10.54 34.78
N VAL J 14 -12.41 10.70 33.63
CA VAL J 14 -13.13 11.03 32.42
C VAL J 14 -13.37 9.76 31.63
N LEU J 15 -14.64 9.46 31.33
CA LEU J 15 -14.97 8.26 30.54
C LEU J 15 -15.28 8.76 29.11
N VAL J 16 -14.53 8.23 28.15
CA VAL J 16 -14.59 8.67 26.77
C VAL J 16 -14.62 7.53 25.76
N GLY J 17 -15.13 7.80 24.56
CA GLY J 17 -15.19 6.76 23.54
C GLY J 17 -16.31 6.98 22.54
N ASP J 18 -16.32 6.22 21.45
CA ASP J 18 -17.36 6.36 20.44
C ASP J 18 -18.77 5.96 20.95
N GLY J 19 -19.79 6.43 20.24
CA GLY J 19 -21.15 6.14 20.64
C GLY J 19 -21.51 4.69 20.50
N GLY J 20 -22.28 4.18 21.46
CA GLY J 20 -22.71 2.79 21.43
C GLY J 20 -21.65 1.79 21.85
N THR J 21 -20.57 2.26 22.43
CA THR J 21 -19.54 1.33 22.83
C THR J 21 -19.80 0.68 24.19
N GLY J 22 -20.60 1.32 25.05
CA GLY J 22 -20.89 0.73 26.35
C GLY J 22 -20.48 1.57 27.55
N LYS J 23 -20.05 2.81 27.31
CA LYS J 23 -19.62 3.68 28.38
C LYS J 23 -20.67 3.77 29.49
N THR J 24 -21.90 4.09 29.12
CA THR J 24 -22.96 4.24 30.12
C THR J 24 -23.39 2.92 30.77
N THR J 25 -23.49 1.88 29.97
CA THR J 25 -23.88 0.58 30.45
C THR J 25 -22.85 0.12 31.47
N PHE J 26 -21.61 0.50 31.24
CA PHE J 26 -20.53 0.12 32.13
C PHE J 26 -20.72 0.79 33.50
N VAL J 27 -20.90 2.10 33.50
CA VAL J 27 -21.09 2.82 34.75
C VAL J 27 -22.34 2.33 35.48
N LYS J 28 -23.40 2.07 34.74
CA LYS J 28 -24.67 1.62 35.30
C LYS J 28 -24.51 0.33 36.11
N ARG J 29 -23.77 -0.62 35.55
CA ARG J 29 -23.53 -1.87 36.25
C ARG J 29 -22.80 -1.67 37.59
N HIS J 30 -21.83 -0.75 37.61
CA HIS J 30 -21.07 -0.49 38.81
C HIS J 30 -21.81 0.22 39.90
N LEU J 31 -22.83 1.00 39.56
CA LEU J 31 -23.55 1.67 40.63
C LEU J 31 -24.94 1.12 40.89
N THR J 32 -25.25 -0.02 40.29
CA THR J 32 -26.56 -0.61 40.45
C THR J 32 -26.56 -2.12 40.40
N GLY J 33 -25.78 -2.67 39.48
CA GLY J 33 -25.70 -4.12 39.35
C GLY J 33 -26.50 -4.56 38.14
N GLU J 34 -27.35 -3.67 37.65
CA GLU J 34 -28.17 -3.97 36.50
C GLU J 34 -27.38 -3.94 35.20
N PHE J 35 -27.97 -4.49 34.14
CA PHE J 35 -27.34 -4.47 32.83
C PHE J 35 -28.34 -3.86 31.86
N GLU J 36 -28.22 -2.56 31.62
CA GLU J 36 -29.14 -1.88 30.72
C GLU J 36 -28.95 -2.35 29.28
N LYS J 37 -30.02 -2.86 28.67
CA LYS J 37 -29.93 -3.33 27.31
C LYS J 37 -30.51 -2.38 26.26
N LYS J 38 -31.02 -1.24 26.70
CA LYS J 38 -31.56 -0.24 25.77
C LYS J 38 -30.54 0.86 25.55
N TYR J 39 -30.20 1.13 24.29
CA TYR J 39 -29.26 2.18 24.00
C TYR J 39 -29.98 3.53 24.04
N VAL J 40 -29.61 4.36 25.00
CA VAL J 40 -30.18 5.69 25.14
C VAL J 40 -29.00 6.67 25.24
N ALA J 41 -28.67 7.28 24.10
CA ALA J 41 -27.55 8.22 24.01
C ALA J 41 -27.50 9.23 25.14
N THR J 42 -26.29 9.55 25.56
CA THR J 42 -26.03 10.52 26.63
C THR J 42 -25.82 11.89 26.00
N LEU J 43 -26.44 12.92 26.55
CA LEU J 43 -26.29 14.24 26.00
C LEU J 43 -25.32 15.06 26.84
N GLY J 44 -24.19 15.46 26.24
CA GLY J 44 -23.20 16.26 26.96
C GLY J 44 -22.39 15.38 27.88
N VAL J 45 -22.64 15.51 29.17
CA VAL J 45 -21.94 14.70 30.16
C VAL J 45 -22.80 14.51 31.41
N GLU J 46 -22.66 13.35 32.04
CA GLU J 46 -23.38 13.01 33.28
C GLU J 46 -22.37 12.51 34.28
N VAL J 47 -22.24 13.21 35.39
CA VAL J 47 -21.31 12.84 36.45
C VAL J 47 -21.92 11.83 37.45
N HIS J 48 -21.28 10.67 37.61
CA HIS J 48 -21.77 9.63 38.53
C HIS J 48 -20.69 9.23 39.51
N PRO J 49 -20.97 9.30 40.82
CA PRO J 49 -20.02 8.94 41.87
C PRO J 49 -20.03 7.44 42.22
N LEU J 50 -18.84 6.84 42.29
CA LEU J 50 -18.66 5.43 42.62
C LEU J 50 -17.60 5.30 43.70
N VAL J 51 -17.92 4.66 44.83
CA VAL J 51 -16.92 4.51 45.87
C VAL J 51 -16.56 3.05 46.00
N PHE J 52 -15.35 2.80 46.48
CA PHE J 52 -14.82 1.46 46.68
C PHE J 52 -14.03 1.44 47.97
N HIS J 53 -14.09 0.32 48.67
CA HIS J 53 -13.34 0.21 49.90
C HIS J 53 -12.08 -0.60 49.64
N THR J 54 -10.95 -0.03 50.06
CA THR J 54 -9.64 -0.68 49.88
C THR J 54 -8.94 -0.82 51.21
N ASN J 55 -7.84 -1.57 51.20
CA ASN J 55 -7.05 -1.79 52.40
C ASN J 55 -6.48 -0.47 52.92
N ARG J 56 -6.60 0.60 52.14
CA ARG J 56 -6.10 1.89 52.57
C ARG J 56 -7.21 2.89 52.76
N GLY J 57 -8.43 2.36 52.92
CA GLY J 57 -9.60 3.19 53.14
C GLY J 57 -10.52 3.31 51.92
N PRO J 58 -11.65 4.00 52.08
CA PRO J 58 -12.61 4.18 50.97
C PRO J 58 -12.18 5.31 50.04
N ILE J 59 -12.31 5.09 48.73
CA ILE J 59 -11.95 6.11 47.75
C ILE J 59 -13.13 6.30 46.82
N LYS J 60 -13.32 7.52 46.31
CA LYS J 60 -14.43 7.79 45.41
C LYS J 60 -14.01 8.28 44.04
N PHE J 61 -14.56 7.66 43.01
CA PHE J 61 -14.26 8.08 41.64
C PHE J 61 -15.48 8.87 41.13
N ASN J 62 -15.29 10.14 40.77
CA ASN J 62 -16.39 10.90 40.19
C ASN J 62 -16.25 10.71 38.69
N VAL J 63 -16.98 9.73 38.16
CA VAL J 63 -16.93 9.42 36.73
C VAL J 63 -17.70 10.38 35.85
N TRP J 64 -17.02 10.93 34.84
CA TRP J 64 -17.65 11.85 33.90
C TRP J 64 -17.95 11.11 32.60
N ASP J 65 -19.14 10.54 32.52
CA ASP J 65 -19.56 9.81 31.34
C ASP J 65 -19.88 10.86 30.27
N THR J 66 -19.09 10.89 29.21
CA THR J 66 -19.29 11.88 28.15
C THR J 66 -20.00 11.31 26.93
N ALA J 67 -20.44 12.19 26.04
CA ALA J 67 -21.16 11.79 24.83
C ALA J 67 -20.21 11.50 23.70
N GLY J 68 -20.44 10.40 23.00
CA GLY J 68 -19.58 9.99 21.90
C GLY J 68 -19.87 10.58 20.53
N GLN J 69 -20.84 11.50 20.45
CA GLN J 69 -21.17 12.11 19.17
C GLN J 69 -20.47 13.45 19.00
N GLU J 70 -20.07 14.06 20.12
CA GLU J 70 -19.39 15.35 20.07
C GLU J 70 -18.01 15.23 19.43
N LYS J 71 -17.72 16.09 18.45
CA LYS J 71 -16.41 16.06 17.78
C LYS J 71 -15.29 16.39 18.75
N PHE J 72 -14.11 15.85 18.49
CA PHE J 72 -12.94 16.13 19.33
C PHE J 72 -12.66 17.61 19.16
N GLY J 73 -12.29 18.29 20.24
CA GLY J 73 -12.02 19.71 20.13
C GLY J 73 -11.97 20.50 21.43
N GLY J 74 -11.69 21.79 21.30
CA GLY J 74 -11.59 22.67 22.46
C GLY J 74 -12.92 22.90 23.14
N LEU J 75 -14.00 22.63 22.41
CA LEU J 75 -15.32 22.79 23.01
C LEU J 75 -15.52 21.79 24.14
N ARG J 76 -14.86 20.65 24.10
CA ARG J 76 -15.01 19.70 25.18
C ARG J 76 -13.84 19.65 26.15
N ASP J 77 -13.31 20.82 26.51
CA ASP J 77 -12.18 20.90 27.43
C ASP J 77 -12.63 20.84 28.87
N GLY J 78 -13.83 21.36 29.12
CA GLY J 78 -14.35 21.36 30.48
C GLY J 78 -14.39 19.97 31.08
N TYR J 79 -14.65 18.96 30.26
CA TYR J 79 -14.71 17.61 30.77
C TYR J 79 -13.31 17.20 31.24
N TYR J 80 -12.31 17.52 30.43
CA TYR J 80 -10.93 17.14 30.70
C TYR J 80 -10.22 17.94 31.79
N ILE J 81 -10.41 19.25 31.79
CA ILE J 81 -9.75 20.11 32.77
C ILE J 81 -9.74 19.50 34.19
N GLN J 82 -8.55 19.46 34.80
CA GLN J 82 -8.35 18.90 36.15
C GLN J 82 -8.72 17.42 36.34
N ALA J 83 -8.73 16.65 35.26
CA ALA J 83 -9.01 15.23 35.38
C ALA J 83 -7.80 14.60 36.08
N GLN J 84 -7.93 13.36 36.56
CA GLN J 84 -6.80 12.73 37.22
C GLN J 84 -6.56 11.34 36.72
N CYS J 85 -7.44 10.88 35.84
CA CYS J 85 -7.35 9.56 35.23
C CYS J 85 -8.43 9.53 34.18
N ALA J 86 -8.51 8.46 33.41
CA ALA J 86 -9.48 8.38 32.35
C ALA J 86 -9.58 6.96 31.82
N ILE J 87 -10.65 6.70 31.09
CA ILE J 87 -10.91 5.41 30.47
C ILE J 87 -11.37 5.68 29.04
N ILE J 88 -10.73 5.04 28.08
CA ILE J 88 -11.11 5.20 26.68
C ILE J 88 -11.76 3.90 26.28
N MET J 89 -12.99 3.94 25.78
CA MET J 89 -13.65 2.70 25.42
C MET J 89 -13.91 2.49 23.93
N PHE J 90 -13.94 1.24 23.51
CA PHE J 90 -14.22 0.93 22.12
C PHE J 90 -14.89 -0.44 22.08
N ASP J 91 -15.54 -0.74 20.96
CA ASP J 91 -16.27 -1.97 20.79
C ASP J 91 -15.53 -2.95 19.91
N VAL J 92 -15.16 -4.07 20.51
CA VAL J 92 -14.43 -5.12 19.85
C VAL J 92 -15.09 -5.67 18.57
N THR J 93 -16.36 -5.34 18.35
CA THR J 93 -17.06 -5.81 17.17
C THR J 93 -17.17 -4.73 16.10
N SER J 94 -16.51 -3.60 16.34
CA SER J 94 -16.53 -2.50 15.40
C SER J 94 -15.12 -1.94 15.16
N ARG J 95 -14.54 -2.22 13.99
CA ARG J 95 -13.20 -1.71 13.70
C ARG J 95 -13.16 -0.18 13.67
N VAL J 96 -14.23 0.45 13.17
CA VAL J 96 -14.29 1.90 13.10
C VAL J 96 -14.12 2.49 14.49
N THR J 97 -14.78 1.85 15.44
CA THR J 97 -14.75 2.27 16.83
C THR J 97 -13.31 2.26 17.37
N TYR J 98 -12.54 1.27 16.93
CA TYR J 98 -11.14 1.12 17.34
C TYR J 98 -10.25 2.16 16.69
N LYS J 99 -10.43 2.34 15.38
CA LYS J 99 -9.68 3.33 14.61
C LYS J 99 -9.80 4.70 15.22
N ASN J 100 -10.86 4.95 16.01
CA ASN J 100 -11.03 6.26 16.61
C ASN J 100 -10.30 6.49 17.92
N VAL J 101 -9.79 5.42 18.54
CA VAL J 101 -9.07 5.52 19.82
C VAL J 101 -7.99 6.60 19.82
N PRO J 102 -7.12 6.60 18.79
CA PRO J 102 -6.05 7.60 18.70
C PRO J 102 -6.57 9.02 18.79
N ASN J 103 -7.76 9.28 18.25
CA ASN J 103 -8.30 10.63 18.32
C ASN J 103 -8.76 10.98 19.72
N TRP J 104 -9.34 10.01 20.43
CA TRP J 104 -9.79 10.27 21.78
C TRP J 104 -8.55 10.43 22.64
N HIS J 105 -7.56 9.57 22.43
CA HIS J 105 -6.33 9.68 23.19
C HIS J 105 -5.48 10.66 22.41
N ARG J 106 -5.62 11.92 22.73
CA ARG J 106 -4.87 12.96 22.01
C ARG J 106 -5.59 14.21 22.41
N ASP J 107 -6.91 14.13 22.27
CA ASP J 107 -7.75 15.22 22.67
C ASP J 107 -7.50 15.23 24.18
N LEU J 108 -7.46 14.04 24.77
CA LEU J 108 -7.23 13.89 26.21
C LEU J 108 -5.91 14.45 26.70
N VAL J 109 -4.81 13.88 26.21
CA VAL J 109 -3.48 14.31 26.64
C VAL J 109 -3.18 15.75 26.25
N ARG J 110 -3.95 16.30 25.31
CA ARG J 110 -3.74 17.69 24.94
C ARG J 110 -3.92 18.60 26.15
N VAL J 111 -4.81 18.25 27.06
CA VAL J 111 -5.02 19.12 28.22
C VAL J 111 -4.63 18.47 29.54
N CYS J 112 -4.60 17.15 29.57
CA CYS J 112 -4.25 16.46 30.81
C CYS J 112 -2.79 16.04 30.88
N GLU J 113 -2.20 15.81 29.71
CA GLU J 113 -0.80 15.39 29.63
C GLU J 113 -0.57 14.02 30.23
N ASN J 114 0.28 13.95 31.25
CA ASN J 114 0.58 12.66 31.86
C ASN J 114 -0.34 12.25 33.01
N ILE J 115 -1.27 11.34 32.71
CA ILE J 115 -2.21 10.81 33.70
C ILE J 115 -2.54 9.38 33.31
N PRO J 116 -2.79 8.52 34.31
CA PRO J 116 -3.11 7.10 34.07
C PRO J 116 -4.33 6.96 33.17
N ILE J 117 -4.24 6.15 32.13
CA ILE J 117 -5.34 5.97 31.20
C ILE J 117 -5.42 4.50 30.86
N VAL J 118 -6.60 3.91 30.93
CA VAL J 118 -6.72 2.51 30.57
C VAL J 118 -7.66 2.40 29.37
N LEU J 119 -7.29 1.54 28.43
CA LEU J 119 -8.06 1.32 27.21
C LEU J 119 -8.87 0.02 27.34
N CYS J 120 -10.19 0.10 27.14
CA CYS J 120 -11.06 -1.08 27.27
C CYS J 120 -11.71 -1.57 25.99
N GLY J 121 -11.57 -2.86 25.72
CA GLY J 121 -12.20 -3.43 24.55
C GLY J 121 -13.47 -4.07 25.07
N ASN J 122 -14.60 -3.41 24.89
CA ASN J 122 -15.85 -3.96 25.41
C ASN J 122 -16.56 -4.91 24.44
N LYS J 123 -17.54 -5.63 25.00
CA LYS J 123 -18.35 -6.59 24.26
C LYS J 123 -17.60 -7.84 23.83
N VAL J 124 -16.64 -8.29 24.63
CA VAL J 124 -15.89 -9.49 24.28
C VAL J 124 -16.78 -10.71 24.36
N ASP J 125 -18.00 -10.54 24.88
CA ASP J 125 -18.95 -11.65 24.96
C ASP J 125 -19.54 -12.01 23.58
N ILE J 126 -19.61 -11.03 22.67
CA ILE J 126 -20.15 -11.30 21.34
C ILE J 126 -19.23 -12.21 20.53
N LYS J 127 -19.84 -13.16 19.84
CA LYS J 127 -19.15 -14.16 19.03
C LYS J 127 -18.31 -13.64 17.86
N ASP J 128 -18.92 -12.88 16.95
CA ASP J 128 -18.23 -12.36 15.76
C ASP J 128 -17.28 -11.20 16.04
N ARG J 129 -16.18 -11.48 16.71
CA ARG J 129 -15.20 -10.47 17.07
C ARG J 129 -14.34 -10.00 15.90
N LYS J 130 -14.09 -8.70 15.81
CA LYS J 130 -13.28 -8.14 14.72
C LYS J 130 -11.87 -7.74 15.15
N VAL J 131 -11.78 -7.00 16.25
CA VAL J 131 -10.50 -6.54 16.77
C VAL J 131 -10.01 -7.55 17.81
N LYS J 132 -9.13 -8.44 17.37
CA LYS J 132 -8.57 -9.48 18.24
C LYS J 132 -7.50 -8.92 19.18
N ALA J 133 -7.42 -9.46 20.40
CA ALA J 133 -6.47 -9.00 21.41
C ALA J 133 -5.03 -8.90 20.89
N LYS J 134 -4.69 -9.71 19.90
CA LYS J 134 -3.37 -9.71 19.30
C LYS J 134 -3.13 -8.34 18.68
N SER J 135 -4.00 -7.96 17.75
CA SER J 135 -3.91 -6.69 17.03
C SER J 135 -3.62 -5.46 17.90
N ILE J 136 -4.24 -5.39 19.06
CA ILE J 136 -4.07 -4.26 19.98
C ILE J 136 -2.59 -3.97 20.30
N VAL J 137 -2.13 -2.78 19.91
CA VAL J 137 -0.75 -2.38 20.15
C VAL J 137 -0.66 -0.91 20.62
N PHE J 138 -1.70 -0.14 20.33
CA PHE J 138 -1.75 1.27 20.69
C PHE J 138 -1.28 1.56 22.11
N HIS J 139 -1.65 0.69 23.06
CA HIS J 139 -1.25 0.91 24.44
C HIS J 139 0.26 0.88 24.63
N ARG J 140 0.97 0.26 23.69
CA ARG J 140 2.42 0.18 23.76
C ARG J 140 3.05 1.53 23.40
N LYS J 141 2.55 2.14 22.31
CA LYS J 141 3.06 3.42 21.87
C LYS J 141 2.68 4.54 22.84
N LYS J 142 1.49 4.44 23.43
CA LYS J 142 1.01 5.49 24.33
C LYS J 142 1.08 5.27 25.86
N ASN J 143 1.77 4.23 26.29
CA ASN J 143 1.91 3.96 27.72
C ASN J 143 0.56 3.87 28.45
N LEU J 144 -0.32 3.03 27.92
CA LEU J 144 -1.66 2.83 28.47
C LEU J 144 -1.79 1.38 28.92
N GLN J 145 -2.75 1.13 29.79
CA GLN J 145 -3.01 -0.22 30.25
C GLN J 145 -4.19 -0.69 29.39
N TYR J 146 -4.23 -1.96 29.06
CA TYR J 146 -5.33 -2.46 28.25
C TYR J 146 -6.11 -3.58 28.94
N TYR J 147 -7.39 -3.72 28.60
CA TYR J 147 -8.22 -4.75 29.19
C TYR J 147 -9.38 -5.14 28.30
N ASP J 148 -9.63 -6.44 28.20
CA ASP J 148 -10.76 -6.93 27.46
C ASP J 148 -11.85 -6.87 28.54
N ILE J 149 -13.05 -6.40 28.22
CA ILE J 149 -14.10 -6.39 29.23
C ILE J 149 -15.43 -6.67 28.60
N SER J 150 -16.43 -6.92 29.44
CA SER J 150 -17.78 -7.17 28.99
C SER J 150 -18.75 -6.72 30.06
N ALA J 151 -19.33 -5.55 29.87
CA ALA J 151 -20.29 -5.03 30.83
C ALA J 151 -21.41 -6.06 30.99
N LYS J 152 -21.65 -6.85 29.95
CA LYS J 152 -22.72 -7.85 29.97
C LYS J 152 -22.44 -9.11 30.78
N SER J 153 -21.21 -9.63 30.70
CA SER J 153 -20.86 -10.85 31.44
C SER J 153 -20.04 -10.50 32.67
N ASN J 154 -19.60 -9.24 32.75
CA ASN J 154 -18.81 -8.74 33.86
C ASN J 154 -17.32 -9.11 33.77
N TYR J 155 -16.94 -9.80 32.70
CA TYR J 155 -15.55 -10.16 32.50
C TYR J 155 -14.64 -8.95 32.72
N ASN J 156 -13.78 -9.03 33.72
CA ASN J 156 -12.83 -7.96 34.03
C ASN J 156 -13.46 -6.62 34.33
N PHE J 157 -14.76 -6.61 34.55
CA PHE J 157 -15.42 -5.34 34.79
C PHE J 157 -14.84 -4.51 35.93
N GLU J 158 -14.10 -5.11 36.87
CA GLU J 158 -13.53 -4.31 37.97
C GLU J 158 -12.06 -3.94 37.81
N LYS J 159 -11.40 -4.44 36.77
CA LYS J 159 -9.99 -4.14 36.57
C LYS J 159 -9.64 -2.65 36.36
N PRO J 160 -10.34 -1.95 35.43
CA PRO J 160 -10.04 -0.53 35.19
C PRO J 160 -9.90 0.32 36.44
N PHE J 161 -10.90 0.25 37.32
CA PHE J 161 -10.90 1.02 38.56
C PHE J 161 -9.80 0.59 39.51
N LEU J 162 -9.48 -0.70 39.50
CA LEU J 162 -8.45 -1.22 40.39
C LEU J 162 -7.06 -0.76 39.95
N TRP J 163 -6.79 -0.91 38.66
CA TRP J 163 -5.49 -0.48 38.13
C TRP J 163 -5.31 1.00 38.43
N LEU J 164 -6.27 1.81 38.03
CA LEU J 164 -6.19 3.25 38.25
C LEU J 164 -5.91 3.61 39.70
N ALA J 165 -6.57 2.92 40.61
CA ALA J 165 -6.40 3.21 42.04
C ALA J 165 -4.95 2.98 42.48
N ARG J 166 -4.36 1.89 42.00
CA ARG J 166 -2.99 1.54 42.33
C ARG J 166 -1.99 2.59 41.83
N LYS J 167 -2.23 3.11 40.63
CA LYS J 167 -1.35 4.12 40.09
C LYS J 167 -1.51 5.43 40.83
N LEU J 168 -2.74 5.81 41.10
CA LEU J 168 -2.99 7.07 41.80
C LEU J 168 -2.53 7.01 43.26
N ILE J 169 -2.90 5.95 43.97
CA ILE J 169 -2.54 5.78 45.38
C ILE J 169 -1.07 5.45 45.57
N GLY J 170 -0.49 4.71 44.62
CA GLY J 170 0.90 4.33 44.71
C GLY J 170 1.19 3.04 45.43
N ASP J 171 0.24 2.10 45.41
CA ASP J 171 0.41 0.80 46.06
C ASP J 171 0.10 -0.28 45.05
N PRO J 172 1.14 -0.91 44.49
CA PRO J 172 0.96 -1.96 43.50
C PRO J 172 0.13 -3.13 44.00
N ASN J 173 -0.07 -3.19 45.31
CA ASN J 173 -0.83 -4.28 45.91
C ASN J 173 -2.15 -3.89 46.58
N LEU J 174 -2.66 -2.71 46.25
CA LEU J 174 -3.92 -2.26 46.83
C LEU J 174 -4.99 -3.23 46.34
N GLU J 175 -5.99 -3.51 47.17
CA GLU J 175 -7.07 -4.42 46.77
C GLU J 175 -8.41 -4.02 47.38
N PHE J 176 -9.49 -4.40 46.72
CA PHE J 176 -10.83 -4.10 47.22
C PHE J 176 -11.15 -5.00 48.42
N VAL J 177 -11.87 -4.45 49.39
CA VAL J 177 -12.21 -5.23 50.56
C VAL J 177 -13.59 -4.95 51.11
N ALA J 178 -14.17 -5.98 51.70
CA ALA J 178 -15.48 -5.95 52.35
C ALA J 178 -16.38 -4.78 51.97
N MET J 179 -16.66 -3.95 52.97
CA MET J 179 -17.53 -2.78 52.88
C MET J 179 -18.32 -2.83 54.18
N PRO J 180 -18.15 -1.83 55.04
CA PRO J 180 -18.90 -1.84 56.30
C PRO J 180 -20.39 -2.11 56.04
N ALA J 181 -20.94 -3.08 56.79
CA ALA J 181 -22.35 -3.43 56.65
C ALA J 181 -23.19 -2.85 57.78
N LEU J 182 -23.44 -1.55 57.72
CA LEU J 182 -24.24 -0.87 58.74
C LEU J 182 -25.59 -1.57 58.97
N ALA J 183 -26.22 -1.25 60.09
CA ALA J 183 -27.50 -1.84 60.44
C ALA J 183 -28.65 -1.16 59.69
N PRO J 184 -29.60 -1.97 59.17
CA PRO J 184 -30.77 -1.49 58.43
C PRO J 184 -31.73 -0.76 59.36
N PRO J 185 -32.66 0.03 58.77
CA PRO J 185 -33.63 0.77 59.58
C PRO J 185 -34.62 -0.14 60.33
N GLU J 186 -35.28 0.45 61.33
CA GLU J 186 -36.26 -0.21 62.18
C GLU J 186 -37.23 -1.19 61.52
N VAL J 187 -38.21 -0.65 60.81
CA VAL J 187 -39.24 -1.42 60.12
C VAL J 187 -40.30 -1.89 61.09
N VAL J 188 -41.28 -1.03 61.34
CA VAL J 188 -42.39 -1.32 62.24
C VAL J 188 -43.67 -1.20 61.41
N MET J 189 -44.46 -0.17 61.69
CA MET J 189 -45.70 0.10 60.97
C MET J 189 -46.53 -1.14 60.60
N ASP J 190 -47.65 -0.91 59.92
CA ASP J 190 -48.55 -1.99 59.49
C ASP J 190 -49.97 -1.52 59.17
N PRO J 191 -50.53 -0.61 59.99
CA PRO J 191 -51.90 -0.09 59.79
C PRO J 191 -52.36 0.12 58.34
N ALA J 192 -52.47 1.38 57.94
CA ALA J 192 -52.91 1.70 56.59
C ALA J 192 -51.83 1.30 55.58
N LEU J 193 -50.64 0.99 56.09
CA LEU J 193 -49.53 0.61 55.25
C LEU J 193 -49.67 -0.79 54.68
N ALA J 194 -50.23 -1.72 55.46
CA ALA J 194 -50.41 -3.10 55.01
C ALA J 194 -51.39 -3.20 53.83
N ALA J 195 -51.85 -4.42 53.60
CA ALA J 195 -52.82 -4.71 52.54
C ALA J 195 -52.28 -4.60 51.12
N GLN J 196 -52.44 -3.43 50.52
CA GLN J 196 -52.00 -3.17 49.14
C GLN J 196 -50.61 -3.64 48.78
N TYR J 197 -49.88 -4.17 49.76
CA TYR J 197 -48.53 -4.67 49.52
C TYR J 197 -48.62 -5.97 48.71
N GLU J 198 -49.37 -6.93 49.23
CA GLU J 198 -49.54 -8.23 48.58
C GLU J 198 -49.97 -8.08 47.13
N HIS J 199 -50.59 -6.95 46.82
CA HIS J 199 -51.05 -6.66 45.46
C HIS J 199 -49.87 -6.71 44.48
N ASP J 200 -48.76 -6.13 44.89
CA ASP J 200 -47.56 -6.09 44.07
C ASP J 200 -46.79 -7.41 44.15
N LEU J 201 -46.67 -7.95 45.35
CA LEU J 201 -45.97 -9.21 45.58
C LEU J 201 -46.40 -10.31 44.61
N GLU J 202 -47.64 -10.24 44.14
CA GLU J 202 -48.17 -11.22 43.20
C GLU J 202 -47.69 -10.88 41.80
N VAL J 203 -47.80 -9.60 41.46
CA VAL J 203 -47.38 -9.09 40.17
C VAL J 203 -45.90 -9.39 39.95
N ALA J 204 -45.27 -9.94 40.99
CA ALA J 204 -43.84 -10.28 40.93
C ALA J 204 -43.61 -11.79 40.93
N GLN J 205 -44.36 -12.51 41.76
CA GLN J 205 -44.21 -13.95 41.83
C GLN J 205 -44.75 -14.59 40.56
N THR J 206 -45.26 -13.76 39.66
CA THR J 206 -45.81 -14.24 38.39
C THR J 206 -44.87 -13.91 37.23
N THR J 207 -44.35 -12.69 37.20
CA THR J 207 -43.43 -12.26 36.15
C THR J 207 -42.14 -13.07 36.18
N ALA J 208 -41.95 -13.93 35.19
CA ALA J 208 -40.74 -14.78 35.14
C ALA J 208 -39.43 -13.99 35.17
N LEU J 209 -38.36 -14.69 35.50
CA LEU J 209 -37.03 -14.08 35.57
C LEU J 209 -36.20 -14.42 34.33
N PRO J 210 -35.52 -13.40 33.78
CA PRO J 210 -34.67 -13.59 32.59
C PRO J 210 -33.67 -14.72 32.76
N ASP J 211 -34.00 -15.90 32.24
CA ASP J 211 -33.13 -17.06 32.34
C ASP J 211 -31.85 -16.87 31.53
N GLU J 212 -30.81 -16.37 32.19
CA GLU J 212 -29.52 -16.13 31.54
C GLU J 212 -28.48 -17.12 32.05
N ASP J 213 -28.79 -17.78 33.16
CA ASP J 213 -27.88 -18.76 33.76
C ASP J 213 -27.95 -20.09 33.02
N ASN K 22 1.49 -0.23 27.69
CA ASN K 22 2.86 -0.81 27.67
C ASN K 22 2.96 -2.03 28.60
N HIS K 23 4.19 -2.37 28.96
CA HIS K 23 4.45 -3.50 29.85
C HIS K 23 3.93 -3.12 31.22
N ASP K 24 4.15 -1.87 31.61
CA ASP K 24 3.69 -1.35 32.89
C ASP K 24 4.00 0.15 33.04
N PRO K 25 3.04 1.01 32.64
CA PRO K 25 3.25 2.46 32.74
C PRO K 25 3.59 2.87 34.16
N GLN K 26 4.50 3.83 34.32
CA GLN K 26 4.90 4.29 35.64
C GLN K 26 4.45 5.73 35.88
N PHE K 27 3.93 5.98 37.08
CA PHE K 27 3.45 7.32 37.44
C PHE K 27 3.81 7.60 38.91
N GLU K 28 3.80 8.87 39.27
CA GLU K 28 4.09 9.26 40.64
C GLU K 28 2.75 9.33 41.36
N PRO K 29 2.65 8.77 42.57
CA PRO K 29 1.40 8.81 43.31
C PRO K 29 0.88 10.23 43.53
N ILE K 30 -0.45 10.38 43.58
CA ILE K 30 -1.11 11.68 43.80
C ILE K 30 -1.42 11.87 45.28
N VAL K 31 -1.54 10.75 46.00
CA VAL K 31 -1.79 10.79 47.44
C VAL K 31 -1.06 9.67 48.14
N SER K 32 -0.96 9.78 49.46
CA SER K 32 -0.30 8.78 50.27
C SER K 32 -1.30 8.33 51.35
N LEU K 33 -1.72 7.07 51.30
CA LEU K 33 -2.69 6.55 52.27
C LEU K 33 -2.13 5.42 53.12
N PRO K 34 -2.24 5.55 54.45
CA PRO K 34 -1.76 4.54 55.39
C PRO K 34 -2.51 3.23 55.29
N GLU K 35 -1.82 2.15 55.65
CA GLU K 35 -2.42 0.82 55.66
C GLU K 35 -3.58 0.97 56.64
N GLN K 36 -4.69 0.30 56.38
CA GLN K 36 -5.82 0.46 57.29
C GLN K 36 -6.59 -0.84 57.50
N GLU K 37 -7.20 -0.97 58.67
CA GLU K 37 -7.97 -2.16 59.01
C GLU K 37 -9.46 -1.85 59.07
N ILE K 38 -10.22 -2.33 58.08
CA ILE K 38 -11.66 -2.06 58.07
C ILE K 38 -12.43 -3.23 58.70
N LYS K 39 -13.49 -2.87 59.43
CA LYS K 39 -14.33 -3.85 60.08
C LYS K 39 -15.47 -4.22 59.14
N THR K 40 -15.93 -5.46 59.20
CA THR K 40 -17.02 -5.90 58.36
C THR K 40 -18.35 -5.45 58.96
N LEU K 41 -18.33 -5.15 60.25
CA LEU K 41 -19.52 -4.77 60.99
C LEU K 41 -20.42 -5.99 60.92
N GLU K 42 -19.77 -7.13 61.08
CA GLU K 42 -20.40 -8.42 61.00
C GLU K 42 -19.63 -9.36 61.94
N GLU K 43 -18.90 -8.79 62.89
CA GLU K 43 -18.08 -9.57 63.83
C GLU K 43 -18.90 -10.14 64.99
N ASP K 44 -19.88 -9.36 65.45
CA ASP K 44 -20.76 -9.77 66.55
C ASP K 44 -21.84 -10.64 65.87
N GLU K 45 -21.47 -11.09 64.68
CA GLU K 45 -22.23 -11.92 63.75
C GLU K 45 -23.08 -13.08 64.25
N GLU K 46 -22.98 -14.15 63.48
CA GLU K 46 -23.68 -15.42 63.69
C GLU K 46 -23.38 -16.22 62.42
N GLU K 47 -24.24 -16.03 61.42
CA GLU K 47 -24.12 -16.69 60.11
C GLU K 47 -24.73 -18.08 60.13
N LEU K 48 -26.05 -18.10 59.97
CA LEU K 48 -26.83 -19.33 59.95
C LEU K 48 -26.83 -19.95 58.56
N PHE K 49 -26.78 -19.09 57.53
CA PHE K 49 -26.81 -19.57 56.16
C PHE K 49 -25.92 -18.75 55.24
N LYS K 50 -25.26 -19.43 54.31
CA LYS K 50 -24.38 -18.79 53.32
C LYS K 50 -24.43 -19.59 52.02
N MET K 51 -24.71 -18.92 50.91
CA MET K 51 -24.78 -19.62 49.63
C MET K 51 -24.81 -18.70 48.40
N ARG K 52 -24.10 -19.11 47.35
CA ARG K 52 -24.00 -18.39 46.10
C ARG K 52 -25.40 -18.19 45.49
N ALA K 53 -25.62 -17.07 44.80
CA ALA K 53 -26.91 -16.78 44.18
C ALA K 53 -26.93 -15.48 43.38
N LYS K 54 -28.02 -15.25 42.64
CA LYS K 54 -28.18 -14.03 41.85
C LYS K 54 -29.44 -13.32 42.32
N LEU K 55 -29.30 -12.04 42.67
CA LEU K 55 -30.43 -11.26 43.17
C LEU K 55 -31.05 -10.34 42.12
N PHE K 56 -32.34 -10.06 42.24
CA PHE K 56 -33.03 -9.19 41.30
C PHE K 56 -33.86 -8.13 42.00
N ARG K 57 -33.82 -6.92 41.44
CA ARG K 57 -34.56 -5.78 41.96
C ARG K 57 -35.79 -5.77 41.06
N PHE K 58 -36.91 -5.19 41.52
CA PHE K 58 -38.07 -5.17 40.65
C PHE K 58 -38.48 -3.78 40.22
N ALA K 59 -38.75 -3.65 38.92
CA ALA K 59 -39.17 -2.40 38.28
C ALA K 59 -38.90 -1.16 39.13
N SER K 60 -39.91 -0.31 39.27
CA SER K 60 -39.79 0.92 40.05
C SER K 60 -40.89 1.87 39.57
N GLU K 61 -40.53 3.14 39.41
CA GLU K 61 -41.46 4.15 38.95
C GLU K 61 -41.41 4.17 37.43
N ASN K 62 -40.93 3.07 36.86
CA ASN K 62 -40.81 2.94 35.41
C ASN K 62 -42.15 2.71 34.72
N ASP K 63 -43.08 2.10 35.44
CA ASP K 63 -44.40 1.79 34.90
C ASP K 63 -44.26 0.65 33.90
N LEU K 64 -43.01 0.18 33.75
CA LEU K 64 -42.72 -0.93 32.85
C LEU K 64 -42.18 -2.03 33.74
N PRO K 65 -43.06 -2.65 34.55
CA PRO K 65 -42.68 -3.73 35.46
C PRO K 65 -41.65 -4.68 34.85
N GLU K 66 -40.41 -4.58 35.34
CA GLU K 66 -39.34 -5.44 34.86
C GLU K 66 -38.36 -5.81 35.97
N TRP K 67 -37.68 -6.93 35.78
CA TRP K 67 -36.71 -7.39 36.75
C TRP K 67 -35.31 -6.97 36.34
N LYS K 68 -34.71 -6.09 37.13
CA LYS K 68 -33.36 -5.63 36.88
C LYS K 68 -32.42 -6.39 37.81
N GLU K 69 -31.27 -6.83 37.31
CA GLU K 69 -30.30 -7.55 38.14
C GLU K 69 -29.79 -6.61 39.24
N ARG K 70 -29.62 -7.13 40.46
CA ARG K 70 -29.09 -6.30 41.55
C ARG K 70 -27.74 -6.79 42.03
N GLY K 71 -27.40 -8.03 41.69
CA GLY K 71 -26.11 -8.56 42.10
C GLY K 71 -26.02 -10.07 42.13
N THR K 72 -24.79 -10.57 42.01
CA THR K 72 -24.51 -12.00 42.05
C THR K 72 -23.44 -12.29 43.11
N GLY K 73 -23.76 -13.15 44.08
CA GLY K 73 -22.80 -13.45 45.12
C GLY K 73 -23.36 -14.33 46.21
N ASP K 74 -22.76 -14.25 47.39
CA ASP K 74 -23.20 -15.05 48.52
C ASP K 74 -24.25 -14.38 49.38
N VAL K 75 -25.38 -15.03 49.54
CA VAL K 75 -26.44 -14.51 50.39
C VAL K 75 -26.11 -15.06 51.76
N LYS K 76 -26.41 -14.33 52.81
CA LYS K 76 -26.14 -14.82 54.15
C LYS K 76 -27.18 -14.38 55.14
N LEU K 77 -27.49 -15.28 56.07
CA LEU K 77 -28.45 -14.99 57.11
C LEU K 77 -27.62 -14.79 58.36
N LEU K 78 -27.94 -13.77 59.14
CA LEU K 78 -27.17 -13.49 60.34
C LEU K 78 -28.08 -13.08 61.50
N LYS K 79 -27.81 -13.66 62.67
CA LYS K 79 -28.58 -13.33 63.87
C LYS K 79 -27.60 -12.67 64.83
N HIS K 80 -28.04 -11.65 65.55
CA HIS K 80 -27.14 -10.98 66.48
C HIS K 80 -27.07 -11.75 67.80
N LYS K 81 -25.88 -11.76 68.39
CA LYS K 81 -25.67 -12.46 69.65
C LYS K 81 -26.19 -11.60 70.81
N GLU K 82 -25.85 -10.31 70.79
CA GLU K 82 -26.26 -9.38 71.83
C GLU K 82 -27.78 -9.16 71.83
N LYS K 83 -28.40 -9.48 70.71
CA LYS K 83 -29.84 -9.33 70.56
C LYS K 83 -30.38 -10.55 69.83
N GLY K 84 -31.56 -10.44 69.23
CA GLY K 84 -32.11 -11.59 68.53
C GLY K 84 -32.25 -11.33 67.05
N ALA K 85 -32.20 -10.06 66.67
CA ALA K 85 -32.33 -9.62 65.28
C ALA K 85 -31.65 -10.54 64.27
N ILE K 86 -32.33 -10.80 63.15
CA ILE K 86 -31.77 -11.62 62.08
C ILE K 86 -31.93 -10.82 60.78
N ARG K 87 -30.94 -10.88 59.90
CA ARG K 87 -31.00 -10.13 58.64
C ARG K 87 -30.44 -10.86 57.44
N LEU K 88 -30.75 -10.35 56.26
CA LEU K 88 -30.26 -10.93 55.01
C LEU K 88 -29.18 -9.95 54.56
N LEU K 89 -28.04 -10.50 54.12
CA LEU K 89 -26.91 -9.69 53.66
C LEU K 89 -26.23 -10.33 52.47
N MET K 90 -26.10 -9.59 51.37
CA MET K 90 -25.47 -10.10 50.16
C MET K 90 -24.46 -9.11 49.58
N ARG K 91 -23.35 -9.62 49.04
CA ARG K 91 -22.29 -8.79 48.45
C ARG K 91 -21.92 -9.28 47.05
N ARG K 92 -21.67 -8.33 46.13
CA ARG K 92 -21.31 -8.67 44.76
C ARG K 92 -19.89 -9.21 44.62
N ASP K 93 -19.70 -10.08 43.64
CA ASP K 93 -18.39 -10.66 43.38
C ASP K 93 -17.41 -9.58 42.92
N LYS K 94 -16.13 -9.82 43.12
CA LYS K 94 -15.07 -8.91 42.72
C LYS K 94 -15.11 -7.52 43.34
N THR K 95 -16.24 -6.85 43.24
CA THR K 95 -16.36 -5.50 43.77
C THR K 95 -16.64 -5.49 45.27
N LEU K 96 -17.32 -6.54 45.74
CA LEU K 96 -17.66 -6.69 47.15
C LEU K 96 -18.62 -5.65 47.71
N LYS K 97 -19.33 -4.92 46.84
CA LYS K 97 -20.31 -3.94 47.31
C LYS K 97 -21.54 -4.70 47.82
N ILE K 98 -22.21 -4.15 48.83
CA ILE K 98 -23.40 -4.79 49.36
C ILE K 98 -24.56 -4.56 48.40
N CYS K 99 -25.32 -5.61 48.09
CA CYS K 99 -26.46 -5.44 47.19
C CYS K 99 -27.80 -5.83 47.81
N ALA K 100 -27.78 -6.08 49.12
CA ALA K 100 -28.98 -6.43 49.87
C ALA K 100 -28.62 -6.51 51.35
N ASN K 101 -29.36 -5.79 52.17
CA ASN K 101 -29.10 -5.77 53.61
C ASN K 101 -30.35 -5.24 54.34
N HIS K 102 -31.16 -6.17 54.85
CA HIS K 102 -32.38 -5.81 55.57
C HIS K 102 -32.74 -6.88 56.62
N TYR K 103 -33.50 -6.47 57.62
CA TYR K 103 -33.92 -7.39 58.67
C TYR K 103 -35.05 -8.30 58.21
N ILE K 104 -35.14 -9.49 58.81
CA ILE K 104 -36.20 -10.42 58.49
C ILE K 104 -37.33 -10.22 59.48
N THR K 105 -38.45 -9.67 59.01
CA THR K 105 -39.59 -9.41 59.87
C THR K 105 -40.51 -10.61 59.96
N PRO K 106 -41.46 -10.60 60.91
CA PRO K 106 -42.42 -11.69 61.09
C PRO K 106 -43.26 -11.93 59.84
N MET K 107 -43.78 -10.84 59.28
CA MET K 107 -44.62 -10.89 58.08
C MET K 107 -43.76 -10.89 56.81
N MET K 108 -42.98 -11.94 56.62
CA MET K 108 -42.11 -12.05 55.46
C MET K 108 -41.92 -13.53 55.07
N GLU K 109 -42.20 -13.86 53.81
CA GLU K 109 -42.11 -15.25 53.34
C GLU K 109 -41.22 -15.40 52.10
N LEU K 110 -41.59 -16.33 51.22
CA LEU K 110 -40.83 -16.57 50.00
C LEU K 110 -41.70 -17.12 48.86
N LYS K 111 -42.81 -16.44 48.59
CA LYS K 111 -43.72 -16.89 47.53
C LYS K 111 -42.95 -17.16 46.23
N PRO K 112 -43.19 -18.33 45.61
CA PRO K 112 -42.52 -18.72 44.36
C PRO K 112 -42.74 -17.74 43.21
N ASN K 113 -41.89 -17.82 42.19
CA ASN K 113 -41.96 -16.95 41.03
C ASN K 113 -42.45 -17.65 39.75
N ALA K 114 -43.71 -17.44 39.41
CA ALA K 114 -44.32 -18.03 38.22
C ALA K 114 -43.78 -19.44 38.03
N GLY K 115 -43.00 -19.64 36.97
CA GLY K 115 -42.43 -20.94 36.72
C GLY K 115 -41.25 -21.13 37.66
N SER K 116 -40.15 -21.63 37.13
CA SER K 116 -38.95 -21.85 37.93
C SER K 116 -39.19 -22.69 39.18
N ASP K 117 -38.10 -23.11 39.80
CA ASP K 117 -38.13 -23.93 41.00
C ASP K 117 -36.92 -23.61 41.87
N ARG K 118 -36.17 -22.59 41.47
CA ARG K 118 -34.98 -22.15 42.17
C ARG K 118 -35.10 -20.66 42.50
N ALA K 119 -36.30 -20.10 42.38
CA ALA K 119 -36.51 -18.68 42.63
C ALA K 119 -37.60 -18.35 43.65
N TRP K 120 -37.28 -17.42 44.55
CA TRP K 120 -38.21 -16.97 45.57
C TRP K 120 -38.34 -15.47 45.41
N VAL K 121 -39.48 -14.91 45.82
CA VAL K 121 -39.69 -13.46 45.73
C VAL K 121 -40.31 -12.99 47.04
N TRP K 122 -39.85 -11.85 47.54
CA TRP K 122 -40.39 -11.31 48.78
C TRP K 122 -40.39 -9.81 48.79
N ASN K 123 -40.82 -9.24 49.92
CA ASN K 123 -40.90 -7.80 50.07
C ASN K 123 -40.10 -7.37 51.30
N THR K 124 -39.68 -6.11 51.34
CA THR K 124 -38.95 -5.52 52.46
C THR K 124 -39.33 -4.07 52.53
N HIS K 125 -39.67 -3.59 53.72
CA HIS K 125 -40.07 -2.20 53.86
C HIS K 125 -38.86 -1.28 53.95
N ALA K 126 -37.68 -1.87 54.11
CA ALA K 126 -36.47 -1.06 54.23
C ALA K 126 -35.17 -1.79 53.96
N ASP K 127 -34.73 -1.78 52.70
CA ASP K 127 -33.45 -2.41 52.35
C ASP K 127 -32.47 -1.27 52.58
N PHE K 128 -31.23 -1.59 52.92
CA PHE K 128 -30.23 -0.56 53.21
C PHE K 128 -28.94 -0.78 52.41
N ALA K 129 -29.10 -1.40 51.25
CA ALA K 129 -27.96 -1.68 50.38
C ALA K 129 -27.23 -0.40 49.98
N ASP K 130 -27.98 0.69 49.85
CA ASP K 130 -27.38 1.95 49.47
C ASP K 130 -27.23 2.87 50.68
N GLU K 131 -27.26 2.28 51.86
CA GLU K 131 -27.15 3.05 53.09
C GLU K 131 -28.17 4.19 53.09
N CYS K 132 -29.32 3.90 52.49
CA CYS K 132 -30.44 4.83 52.37
C CYS K 132 -31.67 3.93 52.47
N PRO K 133 -32.60 4.22 53.41
CA PRO K 133 -33.82 3.43 53.61
C PRO K 133 -34.70 3.37 52.36
N LYS K 134 -34.87 2.17 51.79
CA LYS K 134 -35.67 2.02 50.59
C LYS K 134 -36.47 0.73 50.48
N PRO K 135 -37.80 0.85 50.26
CA PRO K 135 -38.66 -0.31 50.13
C PRO K 135 -38.11 -1.10 48.96
N GLU K 136 -38.27 -2.41 48.97
CA GLU K 136 -37.76 -3.19 47.86
C GLU K 136 -38.55 -4.46 47.66
N LEU K 137 -38.64 -4.88 46.41
CA LEU K 137 -39.37 -6.08 46.06
C LEU K 137 -38.32 -6.95 45.36
N LEU K 138 -37.63 -7.78 46.15
CA LEU K 138 -36.55 -8.60 45.63
C LEU K 138 -36.96 -9.92 45.02
N ALA K 139 -35.96 -10.70 44.66
CA ALA K 139 -36.15 -12.01 44.06
C ALA K 139 -34.76 -12.62 43.91
N ILE K 140 -34.56 -13.80 44.45
CA ILE K 140 -33.26 -14.45 44.37
C ILE K 140 -33.36 -15.83 43.75
N ARG K 141 -32.41 -16.14 42.87
CA ARG K 141 -32.35 -17.42 42.17
C ARG K 141 -31.13 -18.21 42.62
N PHE K 142 -31.23 -19.55 42.60
CA PHE K 142 -30.14 -20.44 43.00
C PHE K 142 -29.82 -21.42 41.88
N LEU K 143 -28.67 -22.08 41.97
CA LEU K 143 -28.28 -23.03 40.94
C LEU K 143 -29.26 -24.20 40.80
N ASN K 144 -29.55 -24.87 41.91
CA ASN K 144 -30.48 -26.00 41.90
C ASN K 144 -31.74 -25.67 42.70
N ALA K 145 -32.82 -26.38 42.39
CA ALA K 145 -34.08 -26.17 43.10
C ALA K 145 -33.94 -26.75 44.51
N GLU K 146 -32.90 -27.57 44.69
CA GLU K 146 -32.64 -28.19 45.99
C GLU K 146 -31.98 -27.15 46.90
N ASN K 147 -31.23 -26.22 46.30
CA ASN K 147 -30.57 -25.17 47.06
C ASN K 147 -31.63 -24.15 47.44
N ALA K 148 -32.55 -23.91 46.52
CA ALA K 148 -33.63 -22.95 46.77
C ALA K 148 -34.39 -23.40 48.01
N GLN K 149 -34.47 -24.70 48.22
CA GLN K 149 -35.15 -25.25 49.39
C GLN K 149 -34.31 -25.08 50.65
N LYS K 150 -33.01 -25.37 50.54
CA LYS K 150 -32.11 -25.24 51.68
C LYS K 150 -32.13 -23.80 52.19
N PHE K 151 -32.25 -22.85 51.26
CA PHE K 151 -32.31 -21.43 51.63
C PHE K 151 -33.71 -21.11 52.17
N LYS K 152 -34.73 -21.61 51.46
CA LYS K 152 -36.13 -21.40 51.86
C LYS K 152 -36.40 -21.93 53.26
N THR K 153 -35.99 -23.18 53.51
CA THR K 153 -36.19 -23.80 54.81
C THR K 153 -35.52 -22.98 55.91
N LYS K 154 -34.25 -22.64 55.69
CA LYS K 154 -33.47 -21.85 56.65
C LYS K 154 -34.15 -20.50 56.90
N PHE K 155 -34.60 -19.87 55.81
CA PHE K 155 -35.27 -18.57 55.89
C PHE K 155 -36.53 -18.69 56.76
N GLU K 156 -37.34 -19.71 56.45
CA GLU K 156 -38.58 -19.95 57.18
C GLU K 156 -38.42 -20.00 58.70
N GLU K 157 -37.56 -20.89 59.18
CA GLU K 157 -37.32 -21.04 60.61
C GLU K 157 -36.84 -19.75 61.27
N CYS K 158 -36.10 -18.95 60.51
CA CYS K 158 -35.59 -17.69 61.03
C CYS K 158 -36.70 -16.67 61.22
N ARG K 159 -37.60 -16.63 60.25
CA ARG K 159 -38.74 -15.70 60.29
C ARG K 159 -39.63 -16.06 61.48
N LYS K 160 -39.90 -17.35 61.63
CA LYS K 160 -40.71 -17.86 62.73
C LYS K 160 -40.07 -17.50 64.07
N GLU K 161 -38.76 -17.69 64.17
CA GLU K 161 -38.01 -17.39 65.39
C GLU K 161 -38.17 -15.92 65.79
N ILE K 162 -38.39 -15.07 64.79
CA ILE K 162 -38.52 -13.63 65.02
C ILE K 162 -39.93 -13.24 65.44
N GLU K 163 -40.93 -13.89 64.84
CA GLU K 163 -42.32 -13.63 65.19
C GLU K 163 -42.49 -13.96 66.67
N GLU K 164 -41.89 -15.09 67.07
CA GLU K 164 -41.94 -15.55 68.44
C GLU K 164 -41.25 -14.53 69.34
N ARG K 165 -40.10 -14.04 68.89
CA ARG K 165 -39.31 -13.07 69.64
C ARG K 165 -40.11 -12.11 70.50
N GLU K 166 -40.41 -10.94 69.94
CA GLU K 166 -41.17 -9.93 70.67
C GLU K 166 -42.55 -10.43 71.07
N LYS K 167 -42.85 -10.38 72.36
CA LYS K 167 -44.13 -10.84 72.89
C LYS K 167 -44.52 -12.17 72.26
N ALA L 2 -24.28 35.08 -1.18
CA ALA L 2 -25.43 34.40 -0.50
C ALA L 2 -24.90 33.26 0.36
N ARG L 3 -24.06 33.60 1.34
CA ARG L 3 -23.48 32.57 2.21
C ARG L 3 -23.06 33.04 3.59
N PHE L 4 -23.71 32.50 4.62
CA PHE L 4 -23.37 32.87 5.98
C PHE L 4 -22.69 31.70 6.68
N SER L 5 -21.61 31.99 7.40
CA SER L 5 -20.89 30.94 8.10
C SER L 5 -20.08 31.40 9.30
N ILE L 6 -20.12 30.61 10.37
CA ILE L 6 -19.35 30.89 11.58
C ILE L 6 -18.67 29.56 11.91
N GLU L 7 -18.38 28.80 10.87
CA GLU L 7 -17.74 27.51 11.04
C GLU L 7 -16.50 27.52 11.92
N GLY L 8 -16.37 26.48 12.73
CA GLY L 8 -15.23 26.33 13.62
C GLY L 8 -14.82 27.50 14.49
N LYS L 9 -15.73 28.39 14.86
CA LYS L 9 -15.33 29.51 15.71
C LYS L 9 -15.37 29.19 17.19
N SER L 10 -15.78 27.98 17.54
CA SER L 10 -15.86 27.56 18.94
C SER L 10 -16.56 28.57 19.84
N LEU L 11 -17.69 29.10 19.37
CA LEU L 11 -18.43 30.06 20.17
C LEU L 11 -19.39 29.37 21.13
N LYS L 12 -19.48 29.87 22.35
CA LYS L 12 -20.41 29.31 23.33
C LYS L 12 -21.62 30.25 23.28
N LEU L 13 -22.55 29.95 22.37
CA LEU L 13 -23.74 30.76 22.15
C LEU L 13 -24.91 30.45 23.07
N ASP L 14 -25.01 31.19 24.18
CA ASP L 14 -26.12 30.97 25.10
C ASP L 14 -27.36 31.81 24.81
N ALA L 15 -27.21 33.10 24.54
CA ALA L 15 -28.39 33.92 24.32
C ALA L 15 -28.48 34.87 23.12
N ILE L 16 -27.37 35.44 22.66
CA ILE L 16 -27.43 36.40 21.56
C ILE L 16 -28.37 37.56 21.91
N THR L 17 -27.92 38.45 22.80
CA THR L 17 -28.72 39.59 23.23
C THR L 17 -27.94 40.89 23.25
N THR L 18 -26.67 40.83 23.65
CA THR L 18 -25.85 42.04 23.70
C THR L 18 -25.67 42.61 22.29
N GLU L 19 -25.20 43.86 22.20
CA GLU L 19 -24.97 44.48 20.89
C GLU L 19 -23.92 43.61 20.20
N ASP L 20 -22.93 43.17 20.98
CA ASP L 20 -21.91 42.27 20.46
C ASP L 20 -22.76 41.01 20.30
N GLU L 21 -22.16 39.85 20.09
CA GLU L 21 -22.98 38.65 19.92
C GLU L 21 -23.84 38.85 18.66
N LYS L 22 -24.78 39.79 18.73
CA LYS L 22 -25.65 40.07 17.59
C LYS L 22 -24.82 40.45 16.37
N SER L 23 -23.75 41.19 16.61
CA SER L 23 -22.85 41.59 15.54
C SER L 23 -22.37 40.36 14.78
N VAL L 24 -22.07 39.28 15.52
CA VAL L 24 -21.59 38.03 14.93
C VAL L 24 -22.47 37.54 13.78
N PHE L 25 -23.77 37.79 13.92
CA PHE L 25 -24.71 37.35 12.90
C PHE L 25 -25.19 38.49 12.04
N ALA L 26 -24.38 39.54 11.96
CA ALA L 26 -24.75 40.72 11.18
C ALA L 26 -25.07 40.36 9.74
N VAL L 27 -24.18 39.64 9.09
CA VAL L 27 -24.43 39.26 7.70
C VAL L 27 -25.72 38.46 7.57
N LEU L 28 -26.00 37.59 8.53
CA LEU L 28 -27.20 36.77 8.49
C LEU L 28 -28.45 37.65 8.59
N LEU L 29 -28.31 38.84 9.16
CA LEU L 29 -29.45 39.74 9.30
C LEU L 29 -29.72 40.68 8.13
N GLU L 30 -28.68 41.24 7.54
CA GLU L 30 -28.87 42.18 6.44
C GLU L 30 -29.06 41.51 5.08
N ASP L 31 -28.74 40.22 4.98
CA ASP L 31 -28.85 39.52 3.69
C ASP L 31 -29.88 38.41 3.67
N ASP L 32 -31.07 38.71 3.15
CA ASP L 32 -32.13 37.69 3.06
C ASP L 32 -31.95 36.78 1.84
N SER L 33 -30.89 37.03 1.06
CA SER L 33 -30.60 36.25 -0.14
C SER L 33 -29.73 35.01 0.09
N VAL L 34 -29.29 34.82 1.33
CA VAL L 34 -28.45 33.69 1.71
C VAL L 34 -28.96 32.35 1.18
N LYS L 35 -28.06 31.57 0.58
CA LYS L 35 -28.42 30.25 0.05
C LYS L 35 -27.87 29.10 0.91
N GLU L 36 -26.90 29.41 1.75
CA GLU L 36 -26.28 28.43 2.62
C GLU L 36 -25.97 29.01 3.99
N ILE L 37 -26.25 28.24 5.04
CA ILE L 37 -25.97 28.67 6.40
C ILE L 37 -25.20 27.54 7.06
N VAL L 38 -24.05 27.88 7.66
CA VAL L 38 -23.21 26.90 8.32
C VAL L 38 -22.98 27.30 9.77
N LEU L 39 -23.40 26.45 10.71
CA LEU L 39 -23.26 26.76 12.12
C LEU L 39 -22.31 25.83 12.85
N SER L 40 -21.80 24.82 12.16
CA SER L 40 -20.87 23.84 12.77
C SER L 40 -19.69 24.42 13.55
N GLY L 41 -19.26 23.68 14.59
CA GLY L 41 -18.14 24.12 15.40
C GLY L 41 -18.47 25.08 16.56
N ASN L 42 -19.73 25.14 16.98
CA ASN L 42 -20.12 26.02 18.09
C ASN L 42 -21.18 25.33 18.95
N THR L 43 -21.53 25.91 20.11
CA THR L 43 -22.55 25.30 20.97
C THR L 43 -23.74 26.24 21.16
N ILE L 44 -24.85 25.85 20.56
CA ILE L 44 -26.06 26.67 20.60
C ILE L 44 -27.00 26.32 21.74
N GLY L 45 -27.27 27.31 22.59
CA GLY L 45 -28.18 27.12 23.72
C GLY L 45 -29.60 27.32 23.23
N THR L 46 -30.59 27.14 24.12
CA THR L 46 -32.00 27.29 23.72
C THR L 46 -32.37 28.71 23.29
N GLU L 47 -32.04 29.69 24.11
CA GLU L 47 -32.36 31.08 23.79
C GLU L 47 -31.75 31.53 22.46
N ALA L 48 -30.50 31.17 22.23
CA ALA L 48 -29.84 31.54 20.99
C ALA L 48 -30.54 30.83 19.83
N ALA L 49 -31.00 29.61 20.07
CA ALA L 49 -31.69 28.85 19.03
C ALA L 49 -32.94 29.61 18.64
N ARG L 50 -33.67 30.08 19.65
CA ARG L 50 -34.89 30.84 19.44
C ARG L 50 -34.66 32.12 18.60
N TRP L 51 -33.59 32.83 18.90
CA TRP L 51 -33.26 34.02 18.15
C TRP L 51 -32.87 33.67 16.70
N LEU L 52 -32.18 32.55 16.53
CA LEU L 52 -31.79 32.15 15.19
C LEU L 52 -32.96 31.66 14.36
N SER L 53 -33.92 30.99 15.00
CA SER L 53 -35.09 30.47 14.27
C SER L 53 -35.81 31.61 13.58
N GLU L 54 -36.06 32.68 14.32
CA GLU L 54 -36.75 33.84 13.80
C GLU L 54 -36.04 34.32 12.54
N ASN L 55 -34.73 34.46 12.63
CA ASN L 55 -33.93 34.94 11.51
C ASN L 55 -33.65 33.96 10.40
N ILE L 56 -33.86 32.68 10.63
CA ILE L 56 -33.61 31.67 9.59
C ILE L 56 -34.85 31.43 8.74
N ALA L 57 -36.04 31.56 9.32
CA ALA L 57 -37.28 31.36 8.58
C ALA L 57 -37.48 32.42 7.49
N SER L 58 -36.77 33.54 7.63
CA SER L 58 -36.90 34.63 6.67
C SER L 58 -36.11 34.34 5.40
N LYS L 59 -35.15 33.43 5.48
CA LYS L 59 -34.32 33.10 4.33
C LYS L 59 -35.07 32.16 3.40
N LYS L 60 -35.92 32.73 2.55
CA LYS L 60 -36.73 31.96 1.61
C LYS L 60 -35.99 31.34 0.44
N ASP L 61 -34.73 31.70 0.23
CA ASP L 61 -33.98 31.12 -0.88
C ASP L 61 -32.89 30.13 -0.44
N LEU L 62 -32.90 29.84 0.86
CA LEU L 62 -31.95 28.91 1.47
C LEU L 62 -32.04 27.55 0.82
N GLU L 63 -30.88 27.01 0.43
CA GLU L 63 -30.78 25.69 -0.21
C GLU L 63 -30.05 24.63 0.64
N ILE L 64 -29.07 25.07 1.43
CA ILE L 64 -28.29 24.16 2.27
C ILE L 64 -28.19 24.65 3.70
N ALA L 65 -28.31 23.71 4.64
CA ALA L 65 -28.21 24.03 6.06
C ALA L 65 -27.27 23.03 6.71
N GLU L 66 -26.14 23.53 7.19
CA GLU L 66 -25.14 22.70 7.84
C GLU L 66 -25.27 22.90 9.34
N PHE L 67 -26.02 22.02 10.00
CA PHE L 67 -26.22 22.12 11.43
C PHE L 67 -25.50 21.02 12.19
N SER L 68 -24.50 20.43 11.53
CA SER L 68 -23.70 19.36 12.14
C SER L 68 -22.84 19.91 13.28
N ASP L 69 -22.67 19.13 14.33
CA ASP L 69 -21.83 19.56 15.45
C ASP L 69 -22.16 20.95 15.97
N ILE L 70 -23.31 21.12 16.64
CA ILE L 70 -23.68 22.43 17.19
C ILE L 70 -24.18 22.38 18.63
N PHE L 71 -24.10 21.20 19.26
CA PHE L 71 -24.60 21.03 20.62
C PHE L 71 -23.61 20.44 21.65
N THR L 72 -22.31 20.50 21.40
CA THR L 72 -21.43 19.88 22.36
C THR L 72 -21.49 20.55 23.72
N GLY L 73 -21.67 19.73 24.76
CA GLY L 73 -21.77 20.23 26.11
C GLY L 73 -23.20 20.50 26.54
N ARG L 74 -24.12 20.38 25.60
CA ARG L 74 -25.53 20.62 25.92
C ARG L 74 -26.18 19.35 26.50
N VAL L 75 -26.92 19.52 27.58
CA VAL L 75 -27.55 18.39 28.26
C VAL L 75 -28.96 18.11 27.76
N LYS L 76 -29.54 16.99 28.19
CA LYS L 76 -30.89 16.63 27.74
C LYS L 76 -31.93 17.70 28.08
N ASP L 77 -31.51 18.65 28.88
CA ASP L 77 -32.35 19.76 29.30
C ASP L 77 -32.56 20.79 28.17
N GLU L 78 -31.57 20.91 27.27
CA GLU L 78 -31.59 21.91 26.21
C GLU L 78 -31.71 21.45 24.75
N ILE L 79 -30.94 20.45 24.37
CA ILE L 79 -30.98 19.98 22.99
C ILE L 79 -32.36 19.75 22.37
N PRO L 80 -33.26 19.03 23.07
CA PRO L 80 -34.57 18.82 22.44
C PRO L 80 -35.34 20.09 22.11
N GLU L 81 -35.30 21.06 23.03
CA GLU L 81 -35.98 22.35 22.83
C GLU L 81 -35.37 23.10 21.63
N ALA L 82 -34.07 23.37 21.72
CA ALA L 82 -33.36 24.07 20.68
C ALA L 82 -33.55 23.45 19.31
N LEU L 83 -33.45 22.14 19.23
CA LEU L 83 -33.59 21.45 17.96
C LEU L 83 -34.98 21.67 17.36
N ARG L 84 -35.99 21.72 18.23
CA ARG L 84 -37.36 21.93 17.78
C ARG L 84 -37.47 23.33 17.15
N LEU L 85 -36.91 24.33 17.81
CA LEU L 85 -36.95 25.69 17.29
C LEU L 85 -36.27 25.82 15.94
N LEU L 86 -35.08 25.25 15.80
CA LEU L 86 -34.35 25.31 14.55
C LEU L 86 -35.07 24.58 13.43
N LEU L 87 -35.43 23.32 13.61
CA LEU L 87 -36.11 22.60 12.54
C LEU L 87 -37.49 23.19 12.20
N GLN L 88 -38.05 23.96 13.12
CA GLN L 88 -39.34 24.57 12.89
C GLN L 88 -39.16 25.67 11.85
N ALA L 89 -38.06 26.38 11.94
CA ALA L 89 -37.77 27.44 11.01
C ALA L 89 -37.44 26.85 9.63
N LEU L 90 -36.71 25.73 9.60
CA LEU L 90 -36.34 25.09 8.33
C LEU L 90 -37.52 24.62 7.50
N LEU L 91 -38.60 24.22 8.15
CA LEU L 91 -39.77 23.74 7.41
C LEU L 91 -40.33 24.85 6.55
N LYS L 92 -40.05 26.08 6.92
CA LYS L 92 -40.52 27.26 6.21
C LYS L 92 -39.65 27.72 5.03
N CYS L 93 -38.67 26.90 4.66
CA CYS L 93 -37.79 27.22 3.54
C CYS L 93 -38.12 26.28 2.39
N PRO L 94 -38.77 26.80 1.33
CA PRO L 94 -39.17 26.03 0.14
C PRO L 94 -38.09 25.48 -0.76
N LYS L 95 -36.88 26.03 -0.74
CA LYS L 95 -35.83 25.51 -1.63
C LYS L 95 -34.75 24.65 -0.95
N LEU L 96 -34.87 24.44 0.35
CA LEU L 96 -33.92 23.68 1.16
C LEU L 96 -33.86 22.20 0.79
N HIS L 97 -32.95 21.83 -0.12
CA HIS L 97 -32.81 20.44 -0.56
C HIS L 97 -31.76 19.61 0.21
N THR L 98 -30.92 20.28 1.00
CA THR L 98 -29.90 19.55 1.73
C THR L 98 -29.82 19.96 3.19
N VAL L 99 -29.90 18.99 4.09
CA VAL L 99 -29.79 19.30 5.51
C VAL L 99 -28.87 18.31 6.22
N ARG L 100 -27.94 18.85 6.99
CA ARG L 100 -26.96 18.04 7.70
C ARG L 100 -27.14 18.26 9.20
N LEU L 101 -27.38 17.17 9.91
CA LEU L 101 -27.58 17.24 11.35
C LEU L 101 -26.63 16.33 12.13
N SER L 102 -25.55 15.94 11.47
CA SER L 102 -24.57 15.04 12.04
C SER L 102 -23.78 15.47 13.27
N ASP L 103 -23.28 14.48 14.00
CA ASP L 103 -22.46 14.69 15.18
C ASP L 103 -23.11 15.46 16.28
N ASN L 104 -24.35 15.10 16.59
CA ASN L 104 -25.10 15.74 17.67
C ASN L 104 -25.72 14.60 18.48
N ALA L 105 -25.58 14.67 19.79
CA ALA L 105 -26.13 13.63 20.66
C ALA L 105 -27.63 13.74 20.66
N PHE L 106 -28.30 12.85 19.95
CA PHE L 106 -29.76 12.90 19.91
C PHE L 106 -30.43 11.75 20.63
N GLY L 107 -30.32 10.54 20.08
CA GLY L 107 -30.96 9.40 20.71
C GLY L 107 -32.46 9.63 20.82
N PRO L 108 -33.20 8.72 21.48
CA PRO L 108 -34.65 8.86 21.62
C PRO L 108 -35.05 10.16 22.27
N THR L 109 -34.24 10.62 23.22
CA THR L 109 -34.56 11.83 23.93
C THR L 109 -34.69 13.08 23.11
N ALA L 110 -34.46 12.99 21.81
CA ALA L 110 -34.62 14.17 20.95
C ALA L 110 -35.24 13.79 19.61
N GLN L 111 -35.93 12.67 19.58
CA GLN L 111 -36.54 12.18 18.36
C GLN L 111 -37.78 12.96 17.93
N GLU L 112 -38.38 13.69 18.86
CA GLU L 112 -39.59 14.44 18.52
C GLU L 112 -39.41 15.37 17.33
N PRO L 113 -38.57 16.42 17.46
CA PRO L 113 -38.33 17.38 16.38
C PRO L 113 -37.95 16.70 15.09
N LEU L 114 -37.07 15.70 15.18
CA LEU L 114 -36.62 14.96 14.02
C LEU L 114 -37.79 14.34 13.26
N ILE L 115 -38.51 13.45 13.94
CA ILE L 115 -39.65 12.76 13.34
C ILE L 115 -40.62 13.75 12.69
N ASP L 116 -40.87 14.84 13.39
CA ASP L 116 -41.77 15.87 12.88
C ASP L 116 -41.24 16.36 11.51
N PHE L 117 -40.04 16.95 11.53
CA PHE L 117 -39.37 17.48 10.34
C PHE L 117 -39.25 16.53 9.16
N LEU L 118 -38.56 15.42 9.36
CA LEU L 118 -38.34 14.47 8.27
C LEU L 118 -39.56 13.91 7.61
N SER L 119 -40.74 14.17 8.15
CA SER L 119 -41.94 13.62 7.53
C SER L 119 -42.74 14.68 6.79
N LYS L 120 -42.40 15.95 6.98
CA LYS L 120 -43.14 17.02 6.34
C LYS L 120 -42.34 17.93 5.43
N HIS L 121 -41.02 17.76 5.38
CA HIS L 121 -40.20 18.61 4.52
C HIS L 121 -40.01 18.04 3.13
N THR L 122 -41.02 18.24 2.29
CA THR L 122 -41.03 17.72 0.93
C THR L 122 -39.86 18.15 -0.01
N PRO L 123 -39.26 19.32 0.23
CA PRO L 123 -38.14 19.77 -0.62
C PRO L 123 -36.86 18.94 -0.49
N LEU L 124 -36.71 18.27 0.66
CA LEU L 124 -35.53 17.45 0.97
C LEU L 124 -35.05 16.51 -0.13
N GLU L 125 -33.74 16.55 -0.41
CA GLU L 125 -33.11 15.67 -1.42
C GLU L 125 -31.85 14.96 -0.90
N HIS L 126 -31.13 15.59 0.02
CA HIS L 126 -29.91 15.01 0.58
C HIS L 126 -29.92 15.09 2.11
N LEU L 127 -30.02 13.94 2.74
CA LEU L 127 -30.08 13.88 4.21
C LEU L 127 -28.83 13.34 4.89
N TYR L 128 -28.28 14.11 5.82
CA TYR L 128 -27.09 13.69 6.55
C TYR L 128 -27.43 13.55 8.02
N LEU L 129 -27.66 12.31 8.46
CA LEU L 129 -28.02 12.07 9.85
C LEU L 129 -27.03 11.02 10.33
N HIS L 130 -25.77 11.42 10.34
CA HIS L 130 -24.63 10.59 10.69
C HIS L 130 -24.12 10.83 12.09
N ASN L 131 -23.83 9.73 12.79
CA ASN L 131 -23.29 9.79 14.14
C ASN L 131 -24.21 10.57 15.05
N ASN L 132 -25.42 10.09 15.26
CA ASN L 132 -26.35 10.81 16.12
C ASN L 132 -26.84 10.01 17.32
N GLY L 133 -26.40 8.76 17.41
CA GLY L 133 -26.79 7.90 18.52
C GLY L 133 -28.27 7.60 18.55
N LEU L 134 -28.89 7.48 17.39
CA LEU L 134 -30.31 7.21 17.32
C LEU L 134 -30.71 5.97 18.14
N GLY L 135 -30.25 4.80 17.72
CA GLY L 135 -30.61 3.59 18.43
C GLY L 135 -31.65 2.86 17.60
N PRO L 136 -31.95 1.59 17.89
CA PRO L 136 -32.94 0.85 17.09
C PRO L 136 -34.38 1.36 17.24
N GLN L 137 -34.69 1.90 18.40
CA GLN L 137 -36.04 2.40 18.64
C GLN L 137 -36.29 3.65 17.82
N ALA L 138 -35.59 4.73 18.13
CA ALA L 138 -35.75 5.96 17.36
C ALA L 138 -35.40 5.72 15.89
N GLY L 139 -34.46 4.81 15.63
CA GLY L 139 -34.07 4.54 14.28
C GLY L 139 -35.24 4.01 13.48
N ALA L 140 -36.05 3.17 14.11
CA ALA L 140 -37.20 2.64 13.39
C ALA L 140 -38.20 3.77 13.16
N LYS L 141 -38.33 4.66 14.14
CA LYS L 141 -39.25 5.78 14.03
C LYS L 141 -38.83 6.76 12.93
N ILE L 142 -37.52 7.02 12.80
CA ILE L 142 -37.01 7.92 11.77
C ILE L 142 -37.33 7.28 10.42
N ALA L 143 -37.13 5.97 10.35
CA ALA L 143 -37.42 5.24 9.12
C ALA L 143 -38.89 5.36 8.73
N ARG L 144 -39.79 5.37 9.70
CA ARG L 144 -41.22 5.46 9.41
C ARG L 144 -41.57 6.87 8.98
N ALA L 145 -40.97 7.85 9.65
CA ALA L 145 -41.18 9.24 9.32
C ALA L 145 -40.84 9.46 7.86
N LEU L 146 -39.76 8.85 7.41
CA LEU L 146 -39.31 8.98 6.03
C LEU L 146 -40.30 8.34 5.04
N GLN L 147 -41.05 7.32 5.50
CA GLN L 147 -42.04 6.67 4.64
C GLN L 147 -43.16 7.69 4.42
N GLU L 148 -43.47 8.44 5.48
CA GLU L 148 -44.49 9.46 5.38
C GLU L 148 -44.06 10.45 4.32
N LEU L 149 -42.82 10.93 4.44
CA LEU L 149 -42.26 11.89 3.49
C LEU L 149 -42.53 11.49 2.05
N ALA L 150 -42.37 10.22 1.73
CA ALA L 150 -42.60 9.78 0.37
C ALA L 150 -44.02 10.07 -0.05
N VAL L 151 -44.96 9.86 0.86
CA VAL L 151 -46.39 10.10 0.58
C VAL L 151 -46.67 11.59 0.39
N ASN L 152 -46.14 12.41 1.27
CA ASN L 152 -46.35 13.85 1.16
C ASN L 152 -45.65 14.44 -0.06
N LYS L 153 -44.58 13.78 -0.49
CA LYS L 153 -43.83 14.26 -1.65
C LYS L 153 -44.67 14.01 -2.89
N LYS L 154 -45.23 12.81 -2.97
CA LYS L 154 -46.06 12.42 -4.11
C LYS L 154 -47.29 13.31 -4.29
N ALA L 155 -47.80 13.80 -3.17
CA ALA L 155 -48.96 14.67 -3.20
C ALA L 155 -48.62 16.11 -3.62
N LYS L 156 -47.34 16.40 -3.80
CA LYS L 156 -46.94 17.75 -4.18
C LYS L 156 -45.96 17.74 -5.34
N ASN L 157 -45.89 16.63 -6.07
CA ASN L 157 -44.98 16.51 -7.20
C ASN L 157 -43.63 17.10 -6.84
N ALA L 158 -43.06 16.62 -5.73
CA ALA L 158 -41.78 17.10 -5.24
C ALA L 158 -40.64 16.24 -5.79
N PRO L 159 -39.42 16.78 -5.79
CA PRO L 159 -38.27 16.03 -6.29
C PRO L 159 -38.02 14.79 -5.40
N PRO L 160 -37.52 13.69 -6.00
CA PRO L 160 -37.25 12.46 -5.24
C PRO L 160 -36.18 12.68 -4.19
N LEU L 161 -36.06 11.78 -3.24
CA LEU L 161 -35.02 11.89 -2.23
C LEU L 161 -33.84 11.21 -2.94
N ARG L 162 -32.65 11.80 -2.84
CA ARG L 162 -31.47 11.25 -3.52
C ARG L 162 -30.41 10.64 -2.62
N SER L 163 -30.21 11.23 -1.44
CA SER L 163 -29.19 10.75 -0.54
C SER L 163 -29.59 10.56 0.92
N ILE L 164 -29.15 9.45 1.48
CA ILE L 164 -29.37 9.15 2.89
C ILE L 164 -28.04 8.69 3.49
N ILE L 165 -27.47 9.51 4.36
CA ILE L 165 -26.21 9.19 5.03
C ILE L 165 -26.58 9.00 6.50
N CYS L 166 -26.71 7.75 6.92
CA CYS L 166 -27.12 7.48 8.29
C CYS L 166 -26.35 6.37 9.00
N GLY L 167 -25.11 6.65 9.40
CA GLY L 167 -24.31 5.63 10.04
C GLY L 167 -23.84 6.00 11.43
N ARG L 168 -23.29 4.99 12.11
CA ARG L 168 -22.79 5.15 13.47
C ARG L 168 -23.97 5.51 14.38
N ASN L 169 -25.12 4.87 14.14
CA ASN L 169 -26.32 5.10 14.93
C ASN L 169 -26.86 3.84 15.59
N ARG L 170 -26.14 2.73 15.50
CA ARG L 170 -26.65 1.49 16.10
C ARG L 170 -28.11 1.17 15.71
N LEU L 171 -28.41 1.29 14.42
CA LEU L 171 -29.75 0.98 13.92
C LEU L 171 -30.01 -0.50 14.22
N GLU L 172 -28.93 -1.29 14.29
CA GLU L 172 -29.00 -2.71 14.57
C GLU L 172 -30.01 -3.48 13.74
N ASN L 173 -30.18 -4.76 14.05
CA ASN L 173 -31.13 -5.61 13.34
C ASN L 173 -32.56 -5.14 13.61
N GLY L 174 -32.77 -4.61 14.81
CA GLY L 174 -34.07 -4.13 15.22
C GLY L 174 -34.87 -3.22 14.31
N SER L 175 -34.21 -2.32 13.57
CA SER L 175 -34.95 -1.40 12.71
C SER L 175 -34.91 -1.71 11.23
N MET L 176 -34.38 -2.86 10.86
CA MET L 176 -34.29 -3.19 9.45
C MET L 176 -35.58 -3.51 8.70
N LYS L 177 -36.62 -3.93 9.40
CA LYS L 177 -37.88 -4.25 8.73
C LYS L 177 -38.48 -2.93 8.24
N GLU L 178 -38.34 -1.92 9.09
CA GLU L 178 -38.84 -0.60 8.78
C GLU L 178 -37.96 0.11 7.74
N TRP L 179 -36.62 -0.03 7.84
CA TRP L 179 -35.73 0.63 6.88
C TRP L 179 -35.91 0.02 5.49
N ALA L 180 -36.12 -1.29 5.44
CA ALA L 180 -36.34 -1.93 4.16
C ALA L 180 -37.54 -1.25 3.51
N LYS L 181 -38.56 -0.98 4.31
CA LYS L 181 -39.76 -0.35 3.80
C LYS L 181 -39.50 1.09 3.37
N THR L 182 -38.54 1.75 3.99
CA THR L 182 -38.21 3.11 3.61
C THR L 182 -37.60 3.12 2.20
N PHE L 183 -36.67 2.20 1.97
CA PHE L 183 -36.02 2.10 0.67
C PHE L 183 -37.02 1.68 -0.40
N GLN L 184 -38.13 1.09 0.03
CA GLN L 184 -39.15 0.71 -0.94
C GLN L 184 -39.92 1.98 -1.33
N SER L 185 -39.94 2.95 -0.43
CA SER L 185 -40.63 4.21 -0.63
C SER L 185 -39.83 5.22 -1.45
N HIS L 186 -38.51 5.05 -1.52
CA HIS L 186 -37.70 5.95 -2.30
C HIS L 186 -36.81 5.15 -3.23
N ARG L 187 -37.35 4.77 -4.38
CA ARG L 187 -36.62 3.97 -5.34
C ARG L 187 -35.79 4.73 -6.33
N LEU L 188 -35.55 6.01 -6.08
CA LEU L 188 -34.74 6.79 -6.98
C LEU L 188 -33.52 7.35 -6.26
N LEU L 189 -33.12 6.68 -5.19
CA LEU L 189 -31.97 7.08 -4.39
C LEU L 189 -30.69 6.83 -5.17
N HIS L 190 -29.71 7.73 -5.01
CA HIS L 190 -28.42 7.60 -5.69
C HIS L 190 -27.33 7.21 -4.71
N THR L 191 -27.38 7.76 -3.51
CA THR L 191 -26.38 7.48 -2.49
C THR L 191 -26.97 7.05 -1.17
N VAL L 192 -26.47 5.93 -0.64
CA VAL L 192 -26.90 5.49 0.68
C VAL L 192 -25.73 4.86 1.41
N LYS L 193 -25.50 5.35 2.62
CA LYS L 193 -24.43 4.86 3.46
C LYS L 193 -24.95 4.61 4.88
N MET L 194 -24.93 3.34 5.28
CA MET L 194 -25.40 2.96 6.60
C MET L 194 -24.29 2.24 7.33
N VAL L 195 -23.18 2.96 7.38
CA VAL L 195 -21.96 2.51 8.00
C VAL L 195 -22.00 2.32 9.51
N GLN L 196 -21.32 1.28 9.97
CA GLN L 196 -21.16 0.99 11.41
C GLN L 196 -22.41 1.11 12.26
N ASN L 197 -23.43 0.31 11.97
CA ASN L 197 -24.68 0.35 12.72
C ASN L 197 -25.01 -0.91 13.53
N GLY L 198 -24.01 -1.76 13.77
CA GLY L 198 -24.28 -2.96 14.53
C GLY L 198 -25.26 -3.91 13.86
N ILE L 199 -25.54 -3.69 12.58
CA ILE L 199 -26.46 -4.56 11.86
C ILE L 199 -25.77 -5.93 11.67
N ARG L 200 -26.49 -7.02 11.94
CA ARG L 200 -25.92 -8.36 11.81
C ARG L 200 -26.43 -9.11 10.57
N PRO L 201 -25.93 -10.34 10.30
CA PRO L 201 -26.35 -11.12 9.14
C PRO L 201 -27.81 -11.12 8.74
N GLU L 202 -28.73 -11.46 9.65
CA GLU L 202 -30.15 -11.46 9.28
C GLU L 202 -30.55 -10.03 8.89
N GLY L 203 -29.98 -9.04 9.57
CA GLY L 203 -30.27 -7.65 9.26
C GLY L 203 -29.84 -7.31 7.84
N ILE L 204 -28.57 -7.50 7.55
CA ILE L 204 -28.07 -7.20 6.21
C ILE L 204 -28.86 -7.95 5.13
N GLU L 205 -29.16 -9.22 5.39
CA GLU L 205 -29.91 -10.02 4.42
C GLU L 205 -31.24 -9.37 4.07
N HIS L 206 -31.96 -8.93 5.09
CA HIS L 206 -33.25 -8.31 4.88
C HIS L 206 -33.06 -6.97 4.16
N LEU L 207 -32.24 -6.10 4.74
CA LEU L 207 -31.96 -4.80 4.16
C LEU L 207 -31.67 -4.91 2.66
N LEU L 208 -30.81 -5.84 2.28
CA LEU L 208 -30.49 -5.98 0.87
C LEU L 208 -31.64 -6.45 0.00
N LEU L 209 -32.13 -7.66 0.24
CA LEU L 209 -33.20 -8.26 -0.55
C LEU L 209 -34.59 -7.63 -0.46
N GLU L 210 -34.85 -6.92 0.63
CA GLU L 210 -36.15 -6.29 0.84
C GLU L 210 -36.06 -4.77 0.72
N GLY L 211 -34.84 -4.24 0.75
CA GLY L 211 -34.67 -2.81 0.67
C GLY L 211 -33.89 -2.29 -0.53
N LEU L 212 -32.58 -2.10 -0.37
CA LEU L 212 -31.75 -1.56 -1.43
C LEU L 212 -31.99 -2.22 -2.78
N ALA L 213 -32.38 -3.48 -2.77
CA ALA L 213 -32.61 -4.18 -4.03
C ALA L 213 -33.65 -3.52 -4.94
N TYR L 214 -34.46 -2.61 -4.41
CA TYR L 214 -35.50 -1.92 -5.19
C TYR L 214 -35.05 -0.59 -5.76
N CYS L 215 -33.88 -0.14 -5.32
CA CYS L 215 -33.28 1.12 -5.76
C CYS L 215 -32.41 0.91 -6.99
N GLN L 216 -33.05 0.73 -8.14
CA GLN L 216 -32.35 0.48 -9.39
C GLN L 216 -31.42 1.58 -9.89
N GLU L 217 -31.48 2.77 -9.30
CA GLU L 217 -30.63 3.89 -9.73
C GLU L 217 -29.40 4.13 -8.84
N LEU L 218 -29.24 3.28 -7.84
CA LEU L 218 -28.16 3.40 -6.88
C LEU L 218 -26.77 3.61 -7.51
N LYS L 219 -26.00 4.55 -6.98
CA LYS L 219 -24.67 4.83 -7.50
C LYS L 219 -23.60 4.56 -6.46
N VAL L 220 -23.85 4.96 -5.22
CA VAL L 220 -22.90 4.75 -4.14
C VAL L 220 -23.54 3.96 -3.01
N LEU L 221 -22.85 2.92 -2.53
CA LEU L 221 -23.37 2.12 -1.43
C LEU L 221 -22.24 1.73 -0.48
N ASP L 222 -22.35 2.13 0.78
CA ASP L 222 -21.31 1.83 1.78
C ASP L 222 -21.95 1.21 3.03
N LEU L 223 -21.60 -0.04 3.34
CA LEU L 223 -22.13 -0.73 4.52
C LEU L 223 -20.97 -1.15 5.42
N GLN L 224 -19.86 -0.43 5.33
CA GLN L 224 -18.68 -0.72 6.11
C GLN L 224 -18.91 -0.99 7.59
N ASP L 225 -18.16 -1.95 8.11
CA ASP L 225 -18.18 -2.33 9.53
C ASP L 225 -19.45 -2.90 10.16
N ASN L 226 -20.22 -3.67 9.40
CA ASN L 226 -21.39 -4.31 9.96
C ASN L 226 -20.97 -5.79 9.95
N THR L 227 -21.90 -6.73 9.97
CA THR L 227 -21.46 -8.11 9.96
C THR L 227 -22.25 -8.90 8.94
N PHE L 228 -21.61 -9.26 7.84
CA PHE L 228 -22.29 -10.03 6.80
C PHE L 228 -22.26 -11.55 6.98
N THR L 229 -21.06 -12.12 7.01
CA THR L 229 -20.82 -13.57 7.11
C THR L 229 -21.46 -14.17 5.86
N HIS L 230 -21.64 -15.48 5.82
CA HIS L 230 -22.21 -16.06 4.62
C HIS L 230 -23.63 -15.61 4.30
N LEU L 231 -24.45 -15.44 5.32
CA LEU L 231 -25.82 -15.01 5.11
C LEU L 231 -25.94 -13.68 4.36
N GLY L 232 -25.30 -12.63 4.88
CA GLY L 232 -25.35 -11.34 4.23
C GLY L 232 -24.65 -11.37 2.89
N SER L 233 -23.58 -12.16 2.78
CA SER L 233 -22.81 -12.25 1.55
C SER L 233 -23.64 -12.81 0.41
N SER L 234 -24.46 -13.80 0.70
CA SER L 234 -25.29 -14.39 -0.33
C SER L 234 -26.36 -13.40 -0.77
N ALA L 235 -26.81 -12.59 0.18
CA ALA L 235 -27.80 -11.57 -0.10
C ALA L 235 -27.19 -10.52 -1.02
N LEU L 236 -25.92 -10.17 -0.76
CA LEU L 236 -25.22 -9.20 -1.58
C LEU L 236 -25.00 -9.77 -2.98
N ALA L 237 -24.63 -11.04 -3.04
CA ALA L 237 -24.40 -11.65 -4.33
C ALA L 237 -25.66 -11.63 -5.19
N ILE L 238 -26.83 -11.87 -4.58
CA ILE L 238 -28.08 -11.87 -5.34
C ILE L 238 -28.55 -10.49 -5.76
N ALA L 239 -28.22 -9.50 -4.94
CA ALA L 239 -28.64 -8.13 -5.19
C ALA L 239 -27.85 -7.30 -6.21
N LEU L 240 -26.56 -7.56 -6.34
CA LEU L 240 -25.74 -6.79 -7.28
C LEU L 240 -26.33 -6.57 -8.66
N LYS L 241 -27.01 -7.56 -9.20
CA LYS L 241 -27.59 -7.41 -10.55
C LYS L 241 -28.70 -6.36 -10.62
N SER L 242 -29.03 -5.75 -9.48
CA SER L 242 -30.09 -4.77 -9.44
C SER L 242 -29.57 -3.34 -9.52
N TRP L 243 -28.26 -3.17 -9.45
CA TRP L 243 -27.68 -1.83 -9.49
C TRP L 243 -26.76 -1.63 -10.72
N PRO L 244 -27.37 -1.54 -11.91
CA PRO L 244 -26.72 -1.36 -13.21
C PRO L 244 -25.71 -0.20 -13.30
N ASN L 245 -25.93 0.83 -12.50
CA ASN L 245 -25.04 1.98 -12.50
C ASN L 245 -24.25 2.07 -11.22
N LEU L 246 -23.97 0.96 -10.56
CA LEU L 246 -23.20 1.08 -9.32
C LEU L 246 -21.80 1.62 -9.64
N ARG L 247 -21.28 2.54 -8.83
CA ARG L 247 -19.94 3.09 -9.06
C ARG L 247 -18.99 2.91 -7.88
N GLU L 248 -19.55 2.84 -6.67
CA GLU L 248 -18.74 2.68 -5.48
C GLU L 248 -19.38 1.66 -4.55
N LEU L 249 -18.61 0.64 -4.19
CA LEU L 249 -19.08 -0.41 -3.31
C LEU L 249 -18.13 -0.53 -2.13
N GLY L 250 -18.54 -0.04 -0.97
CA GLY L 250 -17.69 -0.10 0.20
C GLY L 250 -18.08 -1.21 1.17
N LEU L 251 -17.24 -2.23 1.29
CA LEU L 251 -17.52 -3.32 2.19
C LEU L 251 -16.38 -3.59 3.17
N ASN L 252 -15.65 -2.54 3.56
CA ASN L 252 -14.55 -2.73 4.50
C ASN L 252 -15.07 -3.16 5.86
N ASP L 253 -14.27 -3.97 6.57
CA ASP L 253 -14.61 -4.42 7.92
C ASP L 253 -15.94 -5.18 8.02
N CYS L 254 -16.34 -5.86 6.97
CA CYS L 254 -17.61 -6.57 7.01
C CYS L 254 -17.56 -8.06 7.31
N LEU L 255 -16.36 -8.60 7.56
CA LEU L 255 -16.26 -10.04 7.83
C LEU L 255 -17.08 -10.80 6.80
N LEU L 256 -16.85 -10.53 5.52
CA LEU L 256 -17.58 -11.23 4.48
C LEU L 256 -17.41 -12.73 4.62
N SER L 257 -16.25 -13.14 5.14
CA SER L 257 -15.90 -14.56 5.32
C SER L 257 -15.32 -15.04 3.99
N ALA L 258 -14.50 -16.08 4.03
CA ALA L 258 -13.88 -16.58 2.79
C ALA L 258 -14.87 -17.08 1.77
N ARG L 259 -15.83 -17.88 2.20
CA ARG L 259 -16.82 -18.44 1.30
C ARG L 259 -17.77 -17.35 0.77
N GLY L 260 -18.05 -16.35 1.61
CA GLY L 260 -18.92 -15.27 1.20
C GLY L 260 -18.26 -14.42 0.13
N ALA L 261 -16.99 -14.08 0.34
CA ALA L 261 -16.25 -13.26 -0.61
C ALA L 261 -16.19 -13.96 -1.96
N ALA L 262 -15.96 -15.26 -1.94
CA ALA L 262 -15.89 -16.02 -3.18
C ALA L 262 -17.22 -15.88 -3.93
N ALA L 263 -18.32 -15.94 -3.19
CA ALA L 263 -19.65 -15.82 -3.77
C ALA L 263 -19.90 -14.45 -4.40
N VAL L 264 -19.39 -13.40 -3.75
CA VAL L 264 -19.55 -12.05 -4.28
C VAL L 264 -18.68 -11.86 -5.52
N VAL L 265 -17.44 -12.33 -5.47
CA VAL L 265 -16.56 -12.22 -6.62
C VAL L 265 -17.18 -12.96 -7.79
N ASP L 266 -17.83 -14.08 -7.48
CA ASP L 266 -18.47 -14.87 -8.53
C ASP L 266 -19.63 -14.05 -9.13
N ALA L 267 -20.33 -13.30 -8.30
CA ALA L 267 -21.44 -12.49 -8.75
C ALA L 267 -20.95 -11.43 -9.75
N PHE L 268 -19.91 -10.68 -9.38
CA PHE L 268 -19.37 -9.67 -10.26
C PHE L 268 -19.02 -10.29 -11.60
N SER L 269 -18.52 -11.52 -11.56
CA SER L 269 -18.15 -12.24 -12.76
C SER L 269 -19.29 -12.41 -13.78
N LYS L 270 -20.54 -12.47 -13.29
CA LYS L 270 -21.68 -12.64 -14.19
C LYS L 270 -22.31 -11.34 -14.64
N LEU L 271 -21.89 -10.22 -14.06
CA LEU L 271 -22.42 -8.92 -14.47
C LEU L 271 -21.86 -8.47 -15.81
N GLU L 272 -22.61 -7.63 -16.52
CA GLU L 272 -22.14 -7.11 -17.80
C GLU L 272 -22.11 -5.59 -17.67
N ASN L 273 -21.36 -4.95 -18.56
CA ASN L 273 -21.24 -3.50 -18.56
C ASN L 273 -20.98 -2.95 -17.16
N ILE L 274 -19.98 -3.50 -16.47
CA ILE L 274 -19.65 -3.03 -15.13
C ILE L 274 -18.91 -1.69 -15.19
N GLY L 275 -19.48 -0.68 -14.56
CA GLY L 275 -18.87 0.65 -14.52
C GLY L 275 -18.37 0.96 -13.12
N LEU L 276 -18.21 -0.09 -12.31
CA LEU L 276 -17.73 0.08 -10.94
C LEU L 276 -16.41 0.86 -10.97
N GLN L 277 -16.27 1.84 -10.09
CA GLN L 277 -15.04 2.65 -10.05
C GLN L 277 -14.21 2.52 -8.79
N THR L 278 -14.82 2.13 -7.68
CA THR L 278 -14.07 1.95 -6.46
C THR L 278 -14.66 0.77 -5.71
N LEU L 279 -13.80 -0.18 -5.35
CA LEU L 279 -14.20 -1.39 -4.67
C LEU L 279 -13.39 -1.54 -3.38
N ARG L 280 -14.07 -1.46 -2.23
CA ARG L 280 -13.41 -1.59 -0.93
C ARG L 280 -13.73 -2.92 -0.25
N LEU L 281 -12.72 -3.79 -0.12
CA LEU L 281 -12.89 -5.10 0.48
C LEU L 281 -11.91 -5.46 1.60
N GLN L 282 -11.46 -4.47 2.37
CA GLN L 282 -10.52 -4.74 3.46
C GLN L 282 -11.09 -5.64 4.55
N TYR L 283 -10.20 -6.18 5.38
CA TYR L 283 -10.57 -7.05 6.50
C TYR L 283 -11.81 -7.91 6.33
N ASN L 284 -11.84 -8.79 5.34
CA ASN L 284 -12.99 -9.64 5.12
C ASN L 284 -12.69 -11.13 5.15
N GLU L 285 -11.48 -11.47 5.56
CA GLU L 285 -11.03 -12.86 5.63
C GLU L 285 -11.02 -13.48 4.24
N ILE L 286 -10.85 -12.65 3.23
CA ILE L 286 -10.80 -13.12 1.85
C ILE L 286 -9.51 -13.91 1.65
N GLU L 287 -9.62 -15.05 0.98
CA GLU L 287 -8.47 -15.91 0.71
C GLU L 287 -7.93 -15.84 -0.71
N LEU L 288 -6.63 -16.14 -0.83
CA LEU L 288 -5.90 -16.13 -2.09
C LEU L 288 -6.69 -16.59 -3.31
N ASP L 289 -7.39 -17.71 -3.17
CA ASP L 289 -8.17 -18.25 -4.29
C ASP L 289 -9.18 -17.23 -4.86
N ALA L 290 -9.96 -16.60 -3.97
CA ALA L 290 -10.94 -15.62 -4.41
C ALA L 290 -10.25 -14.40 -5.00
N VAL L 291 -9.11 -14.00 -4.40
CA VAL L 291 -8.36 -12.85 -4.89
C VAL L 291 -7.85 -13.12 -6.31
N ARG L 292 -7.52 -14.38 -6.60
CA ARG L 292 -7.03 -14.73 -7.93
C ARG L 292 -8.11 -14.41 -8.96
N THR L 293 -9.30 -15.00 -8.79
CA THR L 293 -10.41 -14.77 -9.70
C THR L 293 -10.80 -13.29 -9.74
N LEU L 294 -10.74 -12.60 -8.61
CA LEU L 294 -11.07 -11.19 -8.61
C LEU L 294 -10.12 -10.43 -9.50
N LYS L 295 -8.86 -10.80 -9.48
CA LYS L 295 -7.89 -10.13 -10.33
C LYS L 295 -8.28 -10.23 -11.80
N THR L 296 -8.62 -11.43 -12.25
CA THR L 296 -8.98 -11.61 -13.63
C THR L 296 -10.33 -11.01 -13.98
N VAL L 297 -11.25 -10.94 -13.01
CA VAL L 297 -12.55 -10.34 -13.28
C VAL L 297 -12.32 -8.85 -13.47
N ILE L 298 -11.38 -8.29 -12.71
CA ILE L 298 -11.08 -6.86 -12.81
C ILE L 298 -10.41 -6.57 -14.14
N ASP L 299 -9.59 -7.51 -14.59
CA ASP L 299 -8.86 -7.34 -15.83
C ASP L 299 -9.79 -7.35 -17.03
N GLU L 300 -10.60 -8.39 -17.15
CA GLU L 300 -11.51 -8.50 -18.28
C GLU L 300 -12.81 -7.71 -18.20
N LYS L 301 -13.35 -7.50 -17.00
CA LYS L 301 -14.65 -6.84 -16.90
C LYS L 301 -14.84 -5.53 -16.14
N MET L 302 -13.81 -5.04 -15.46
CA MET L 302 -13.95 -3.78 -14.72
C MET L 302 -13.00 -2.72 -15.26
N PRO L 303 -13.21 -2.30 -16.52
CA PRO L 303 -12.38 -1.30 -17.20
C PRO L 303 -12.32 0.10 -16.60
N ASP L 304 -13.17 0.42 -15.63
CA ASP L 304 -13.16 1.76 -15.03
C ASP L 304 -12.64 1.79 -13.60
N LEU L 305 -12.26 0.62 -13.08
CA LEU L 305 -11.79 0.54 -11.72
C LEU L 305 -10.59 1.46 -11.46
N LEU L 306 -10.74 2.38 -10.51
CA LEU L 306 -9.67 3.32 -10.14
C LEU L 306 -9.11 3.07 -8.74
N PHE L 307 -9.80 2.28 -7.94
CA PHE L 307 -9.33 2.00 -6.59
C PHE L 307 -9.75 0.62 -6.13
N LEU L 308 -8.82 -0.11 -5.54
CA LEU L 308 -9.09 -1.42 -5.01
C LEU L 308 -8.49 -1.39 -3.62
N GLU L 309 -9.08 -2.15 -2.70
CA GLU L 309 -8.59 -2.19 -1.33
C GLU L 309 -8.73 -3.59 -0.78
N LEU L 310 -7.60 -4.23 -0.52
CA LEU L 310 -7.60 -5.61 -0.04
C LEU L 310 -6.83 -5.83 1.26
N ASN L 311 -6.35 -4.75 1.88
CA ASN L 311 -5.59 -4.88 3.12
C ASN L 311 -6.38 -5.58 4.23
N GLY L 312 -5.68 -6.32 5.07
CA GLY L 312 -6.33 -7.01 6.18
C GLY L 312 -6.93 -8.38 5.88
N ASN L 313 -6.83 -8.87 4.65
CA ASN L 313 -7.41 -10.17 4.34
C ASN L 313 -6.50 -11.37 4.66
N ARG L 314 -6.94 -12.57 4.29
CA ARG L 314 -6.17 -13.78 4.55
C ARG L 314 -5.28 -14.29 3.41
N PHE L 315 -4.38 -13.44 2.92
CA PHE L 315 -3.46 -13.85 1.87
C PHE L 315 -2.17 -13.05 2.05
N SER L 316 -1.06 -13.58 1.54
CA SER L 316 0.23 -12.91 1.71
C SER L 316 0.47 -11.69 0.85
N GLU L 317 1.03 -10.66 1.46
CA GLU L 317 1.33 -9.43 0.73
C GLU L 317 2.32 -9.79 -0.38
N GLU L 318 2.98 -10.93 -0.23
CA GLU L 318 3.99 -11.39 -1.17
C GLU L 318 3.48 -12.26 -2.32
N ASP L 319 2.25 -12.75 -2.24
CA ASP L 319 1.71 -13.62 -3.29
C ASP L 319 1.79 -13.05 -4.70
N ASP L 320 1.71 -13.94 -5.68
CA ASP L 320 1.82 -13.56 -7.08
C ASP L 320 0.75 -12.59 -7.55
N VAL L 321 -0.50 -12.89 -7.23
CA VAL L 321 -1.62 -12.06 -7.62
C VAL L 321 -1.41 -10.57 -7.35
N VAL L 322 -0.75 -10.24 -6.26
CA VAL L 322 -0.53 -8.84 -5.93
C VAL L 322 0.18 -8.12 -7.07
N ASP L 323 1.19 -8.76 -7.65
CA ASP L 323 1.91 -8.13 -8.75
C ASP L 323 1.06 -8.15 -10.01
N GLU L 324 0.33 -9.24 -10.21
CA GLU L 324 -0.51 -9.35 -11.39
C GLU L 324 -1.55 -8.23 -11.40
N ILE L 325 -2.11 -7.93 -10.23
CA ILE L 325 -3.11 -6.87 -10.11
C ILE L 325 -2.45 -5.55 -10.46
N ARG L 326 -1.28 -5.30 -9.85
CA ARG L 326 -0.55 -4.07 -10.11
C ARG L 326 -0.20 -3.97 -11.59
N GLU L 327 0.05 -5.11 -12.22
CA GLU L 327 0.39 -5.13 -13.64
C GLU L 327 -0.78 -4.61 -14.49
N VAL L 328 -2.00 -5.01 -14.11
CA VAL L 328 -3.20 -4.61 -14.82
C VAL L 328 -3.36 -3.10 -14.82
N PHE L 329 -3.22 -2.52 -13.63
CA PHE L 329 -3.35 -1.07 -13.50
C PHE L 329 -2.23 -0.33 -14.21
N SER L 330 -1.04 -0.92 -14.23
CA SER L 330 0.12 -0.31 -14.90
C SER L 330 -0.12 -0.26 -16.40
N THR L 331 -0.50 -1.41 -16.95
CA THR L 331 -0.76 -1.53 -18.37
C THR L 331 -1.83 -0.55 -18.84
N ARG L 332 -2.77 -0.23 -17.96
CA ARG L 332 -3.86 0.69 -18.30
C ARG L 332 -3.49 2.14 -18.07
N GLY L 333 -2.52 2.37 -17.21
CA GLY L 333 -2.12 3.72 -16.90
C GLY L 333 -3.17 4.34 -15.99
N ARG L 334 -4.02 3.47 -15.43
CA ARG L 334 -5.10 3.90 -14.57
C ARG L 334 -5.54 2.71 -13.68
N GLY L 335 -5.54 2.93 -12.37
CA GLY L 335 -5.91 1.88 -11.44
C GLY L 335 -5.16 2.13 -10.14
N GLU L 336 -5.35 1.30 -9.12
CA GLU L 336 -4.64 1.55 -7.86
C GLU L 336 -5.00 0.61 -6.70
N LEU L 337 -4.01 -0.15 -6.23
CA LEU L 337 -4.21 -1.06 -5.12
C LEU L 337 -3.70 -0.34 -3.89
N ASP L 338 -4.11 -0.78 -2.71
CA ASP L 338 -3.70 -0.14 -1.46
C ASP L 338 -2.50 -0.85 -0.81
N GLU L 339 -1.97 -0.25 0.24
CA GLU L 339 -0.84 -0.81 0.97
C GLU L 339 -1.27 -2.03 1.78
N LEU L 340 -0.79 -3.21 1.40
CA LEU L 340 -1.16 -4.45 2.09
C LEU L 340 -0.31 -4.72 3.34
N ASP L 341 -0.13 -3.70 4.17
CA ASP L 341 0.69 -3.85 5.38
C ASP L 341 0.05 -4.41 6.65
N ASP L 342 -0.96 -5.25 6.53
CA ASP L 342 -1.59 -5.77 7.74
C ASP L 342 -2.40 -7.04 7.49
N MET L 343 -1.93 -7.91 6.60
CA MET L 343 -2.67 -9.13 6.29
C MET L 343 -2.96 -9.96 7.53
N GLU L 344 -4.13 -10.60 7.56
CA GLU L 344 -4.55 -11.40 8.69
C GLU L 344 -3.83 -12.74 8.79
N GLU L 345 -3.89 -13.34 9.97
CA GLU L 345 -3.27 -14.62 10.27
C GLU L 345 -1.75 -14.53 10.31
#